data_8OXO
#
_entry.id   8OXO
#
_cell.length_a   1.00
_cell.length_b   1.00
_cell.length_c   1.00
_cell.angle_alpha   90.00
_cell.angle_beta   90.00
_cell.angle_gamma   90.00
#
_symmetry.space_group_name_H-M   'P 1'
#
loop_
_entity.id
_entity.type
_entity.pdbx_description
1 polymer 'Cellular tumor antigen p53'
2 polymer 'Serine-protein kinase ATM'
3 non-polymer 'PHOSPHOAMINOPHOSPHONIC ACID-ADENYLATE ESTER'
4 non-polymer 'MAGNESIUM ION'
5 non-polymer 'ZINC ION'
#
loop_
_entity_poly.entity_id
_entity_poly.type
_entity_poly.pdbx_seq_one_letter_code
_entity_poly.pdbx_strand_id
1 'polypeptide(L)' EPPLSQETFSDL E,F
2 'polypeptide(L)'
;MDYKDDDDKHMGVQVETISPGDGRTFPKRGQTCVVHYTGMLEDGKKFDSSRDRNKPFKFMLGKQEVIRGWEEGVAQMSVG
QRAKLTISPDYAYGATGHPGIIPPHATLVFDVELLKLEGGSAGSGSASMSLVLNDLLICCRQLEHDRATERKKEVEKFKR
LIRDPETIKHLDRHSDSKQGKYLNWDAVFRFLQKYIQKETECLRIAKPNVSASTQASRQKKMQEISSLVKYFIKCANRRA
PRLKCQELLNYIMDTVKDSSNGAIYGADCSNILLKDILSVRKYWCEISQQQWLELFSVYFRLYLKPSQDVHRVLVARIIH
AVTKGCCSQTDGLNSKFLDFFSKAIQCARQEKSSSGLNHILAALTIFLKTLAVNFRIRVCELGDEILPTLLYIWTQHRLN
DSLKEVIIELFQLQIYIHHPKGAKTQEKGAYESTKWRSILYNLYDLLVNEISHIGSRGKYSSGFRNIAVKENLIELMADI
CHQVFNEDTRSLEISQSYTTTQRESSDYSVPCKRKKIELGWEVIKDHLQKSQNDFDLVPWLQIATQLISKYPASLPNCEL
SPLLMILSQLLPQQRHGERTPYVLRCLTEVALCQDKRSNLESSQKSDLLKLWNKIWCITFRGISSEQIQAENFGLLGAII
QGSLVEVDREFWKLFTGSACRPSCPAVCCLTLALTTSIVPGTVKMGIEQNMCEVNRSFSLKESIMKWLLFYQLEGDLENS
TEVPPILHSNFPHLVLEKILVSLTMKNCKAAMNFFQSVPECEHHQKDKEELSFSEVEELFLQTTFDKMDFLTIVRECGIE
KHQSSIGFSVHQNLKESLDRCLLGLSEQLLNNYSSEITNSETLVRCSRLLVGVLGCYCYMGVIAEEEAYKSELFQKAKSL
MQCAGESITLFKNKTNEEFRIGSLRNMMQLCTRCLSNCTKKSPNKIASGFFLRLLTSKLMNDIADICKSLASFIKKPFDR
GEVESMEDDTNGNLMEVEDQSSMNLFNDYPDSSVSDANEPGESQSTIGAINPLAEEYLSKQDLLFLDMLKFLCLCVTTAQ
TNTVSFRAADIRRKLLMLIDSSTLEPTKSLHLHMYLMLLKELPGEEYPLPMEDVLELLKPLSNVCSLYRRDQDVCKTILN
HVLHVVKNLGQSNMDSENTRDAQGQFLTVIGAFWHLTKERKYIFSVRMALVNCLKTLLEADPYSKWAILNVMGKDFPVNE
VFTQFLADNHHQVRMLAAESINRLFQDTKGDSSRLLKALPLKLQQTAFENAYLKAQEGMREMSHSAENPETLDEIYNRKS
VLLTLIAVVLSCSPICEKQALFALCKSVKENGLEPHLVKKVLEKVSETFGYRRLEDFMASHLDYLVLEWLNLQDTEYNLS
SFPFILLNYTNIEDFYRSCYKVLIPHLVIRSHFDEVKSIANQIQEDWKSLLTDCFPKILVNILPYFAYEGTRDSGMAQQR
ETATKVYDMLKSENLLGKQIDHLFISNLPEIVVELLMTLHEPANSSASQSTDLCDFSGDLDPAPNPPHFPSHVIKATFAY
ISNCHKTKLKSILEILSKSPDSYQKILLAICEQAAETNNVYKKHRILKIYHLFVSLLLKDIKSGLGGAWAFVLRDVIYTL
IHYINQRPSCIMDVSLRSFSLCCDLLSQVCQTAVTYCKDALENHLHVIVGTLIPLVYEQVEVQKQVLDLLKYLVIDNKDN
ENLYITIKLLDPFPDHVVFKDLRITQQKIKYSRGPFSLLEEINHFLSVSVYDALPLTRLEGLKDLRRQLELHKDQMVDIM
RASQDNPQDGIMVKLVVNLLQLSKMAINHTGEKEVLEAVGSCLGEVGPIDFSTIAIQHSKDASYTKALKLFEDKELQWTF
IMLTYLNNTLVEDCVKVRSAAVTCLKNILATKTGHSFWEIYKMTTDPMLAYLQPFRTSRKKFLEVPRFDKENPFEGLDDI
NLWIPLSENHDIWIKTLTCAFLDSGGTKCEILQLLKPMCEVKTDFCQTVLPYLIHDILLQDTNESWRNLLSTHVQGFFTS
CLRHFSQTSRSTTPANLDSESEHFFRCCLDKKSQRTMLAVVDYMRRQKRPSSGTIFNDAFWLDLNYLEVAKVAQSCAAHF
TALLYAEIYADKKSMDDQEKRSLAFEEGSQSTTISSLSEKSKEETGISLQDLLLEIYRSIGEPDSLYGCGGGKMLQPITR
LRTYEHEAMWGKALVTYDLETAIPSSTRQAGIIQALQNLGLCHILSVYLKGLDYENKDWCPELEELHYQAAWRNMQWDHC
TSVSKEVEGTSYHESLYNALQSLRDREFSTFYESLKYARVKEVEEMCKRSLESVYSLYPTLSRLQAIGELESIGELFSRS
VTHRQLSEVYIKWQKHSQLLKDSDFSFQEPIMALRTVILEILMEKEMDNSQRECIKDILTKHLVELSILARTFKNTQLPE
RAIFQIKQYNSVSCGVSEWQLEEAQVFWAKKEQSLALSILKQMIKKLDASCAANNPSLKLTYTECLRVCGNWLAETCLEN
PAVIMQTYLEKAVEVAGNYDGESSDELRNGKMKAFLSLARFSDTQYQRIENYMKSSEFENKQALLKRAKEEVGLLREHKI
QTNRYTVKVQRELELDELALRALKEDRKRFLCKAVENYINCLLSGEEHDMWVFRLCSLWLENSGVSEVNGMMKRDGMKIP
TYKFLPLMYQLAARMGTKMMGGLGFHEVLNNLISRISMDHPHHTLFIILALANANRDEFLTKPEVARRSRITKNVPKQSS
QLDEDRTEAANRIICTIRSRRPQMVRSVEALCDAYIILANLDATQWKTQRKGINIPADQPITKLKNLEDVVVPTMEIKVD
HTGEYGNLVTIQSFKAEFRLAGGVNLPKIIDCVGSDGKERRQLVKGRDDLRQDAVMQQVFQMCNTLLQRNTETRKRKLTI
CTYKVVPLSQRSGVLEWCTGTVPIGEFLVNNEDGAHKRYRPNDFSAFQCQKKMMEVQKKSFEEKYEVFMDVCQNFQPVFR
YFCMEKFLDPAIWFEKRLAYTRSVATSSIVGYILGLGDRHVQNILINEQSAELVHIDLGVAFEQGKILPTPETVPFRLTR
DIVDGMGITGVEGVFRRCCEKTMEVMRNSQETLLTIVEVLLYDPLFDWTMNPLKALYLAQRPEDETELHPTLNADDQECK
RNLSDIDQSFNKVAERVLMRLQEKLKGVEEGTVLSVGGQVNLLIQQAIDPKNLSRLFPGWKAWV
;
A,B
#
loop_
_chem_comp.id
_chem_comp.type
_chem_comp.name
_chem_comp.formula
ANP non-polymer 'PHOSPHOAMINOPHOSPHONIC ACID-ADENYLATE ESTER' 'C10 H17 N6 O12 P3'
MG non-polymer 'MAGNESIUM ION' 'Mg 2'
ZN non-polymer 'ZINC ION' 'Zn 2'
#
# COMPACT_ATOMS: atom_id res chain seq x y z
N PRO A 2 1.09 33.30 47.05
CA PRO A 2 1.68 31.96 47.06
C PRO A 2 2.50 31.67 45.81
N PRO A 3 3.67 31.05 45.99
CA PRO A 3 4.49 30.69 44.83
C PRO A 3 3.75 29.74 43.89
N LEU A 4 3.98 29.92 42.59
CA LEU A 4 3.31 29.08 41.60
C LEU A 4 4.04 27.76 41.42
N SER A 5 5.36 27.81 41.27
CA SER A 5 6.13 26.59 41.04
C SER A 5 6.22 25.78 42.33
N GLN A 6 6.40 24.46 42.16
CA GLN A 6 6.56 23.55 43.28
C GLN A 6 8.04 23.52 43.68
N GLU A 7 8.45 24.56 44.40
CA GLU A 7 9.84 24.71 44.81
C GLU A 7 10.34 23.46 45.54
N THR A 8 11.46 22.93 45.07
CA THR A 8 12.09 21.73 45.61
C THR A 8 11.11 20.67 46.13
CA ALA B 1590 -5.20 76.03 -3.49
C ALA B 1590 -6.45 75.26 -3.89
N PHE B 1591 -7.54 75.47 -3.14
CA PHE B 1591 -8.79 74.79 -3.45
C PHE B 1591 -9.33 75.23 -4.81
N VAL B 1592 -9.26 76.52 -5.11
CA VAL B 1592 -9.74 76.99 -6.41
C VAL B 1592 -8.84 76.46 -7.51
N LEU B 1593 -7.53 76.37 -7.25
CA LEU B 1593 -6.61 75.86 -8.25
C LEU B 1593 -6.91 74.40 -8.57
N ARG B 1594 -7.19 73.60 -7.54
CA ARG B 1594 -7.47 72.20 -7.79
C ARG B 1594 -8.83 72.02 -8.44
N ASP B 1595 -9.80 72.88 -8.08
CA ASP B 1595 -11.12 72.77 -8.68
C ASP B 1595 -11.04 73.10 -10.17
N VAL B 1596 -10.31 74.15 -10.54
CA VAL B 1596 -10.25 74.54 -11.94
C VAL B 1596 -9.43 73.51 -12.72
N ILE B 1597 -8.34 73.00 -12.14
CA ILE B 1597 -7.52 72.07 -12.90
C ILE B 1597 -8.26 70.75 -13.10
N TYR B 1598 -9.06 70.32 -12.11
CA TYR B 1598 -9.81 69.08 -12.28
C TYR B 1598 -10.98 69.27 -13.22
N THR B 1599 -11.62 70.45 -13.21
CA THR B 1599 -12.67 70.71 -14.17
C THR B 1599 -12.12 70.71 -15.59
N LEU B 1600 -10.96 71.34 -15.78
CA LEU B 1600 -10.35 71.39 -17.10
C LEU B 1600 -9.93 70.00 -17.57
N ILE B 1601 -9.36 69.20 -16.67
CA ILE B 1601 -8.94 67.86 -17.07
C ILE B 1601 -10.16 66.98 -17.33
N HIS B 1602 -11.30 67.27 -16.67
CA HIS B 1602 -12.52 66.54 -16.96
C HIS B 1602 -13.04 66.90 -18.36
N TYR B 1603 -12.96 68.18 -18.72
CA TYR B 1603 -13.36 68.59 -20.06
C TYR B 1603 -12.45 67.97 -21.12
N ILE B 1604 -11.15 67.87 -20.83
CA ILE B 1604 -10.24 67.20 -21.75
C ILE B 1604 -10.58 65.72 -21.87
N ASN B 1605 -10.86 65.06 -20.75
CA ASN B 1605 -11.13 63.63 -20.75
C ASN B 1605 -12.51 63.29 -21.31
N GLN B 1606 -13.42 64.26 -21.40
CA GLN B 1606 -14.75 63.97 -21.90
C GLN B 1606 -14.78 63.71 -23.41
N ARG B 1607 -13.70 64.03 -24.12
CA ARG B 1607 -13.65 63.80 -25.56
C ARG B 1607 -13.47 62.32 -25.87
N SER B 1618 -12.22 74.02 -28.68
CA SER B 1618 -12.11 74.47 -27.29
C SER B 1618 -10.97 73.77 -26.58
N PHE B 1619 -10.45 72.70 -27.20
CA PHE B 1619 -9.34 71.96 -26.60
C PHE B 1619 -8.09 72.82 -26.51
N SER B 1620 -7.83 73.64 -27.53
CA SER B 1620 -6.68 74.54 -27.48
C SER B 1620 -6.83 75.56 -26.37
N LEU B 1621 -8.05 76.10 -26.20
CA LEU B 1621 -8.29 77.04 -25.12
C LEU B 1621 -8.10 76.39 -23.76
N CYS B 1622 -8.58 75.14 -23.61
CA CYS B 1622 -8.39 74.43 -22.35
C CYS B 1622 -6.92 74.19 -22.07
N CYS B 1623 -6.15 73.81 -23.09
CA CYS B 1623 -4.72 73.61 -22.90
C CYS B 1623 -4.02 74.90 -22.53
N ASP B 1624 -4.42 76.02 -23.14
CA ASP B 1624 -3.82 77.30 -22.80
C ASP B 1624 -4.15 77.69 -21.37
N LEU B 1625 -5.39 77.47 -20.94
CA LEU B 1625 -5.77 77.81 -19.57
C LEU B 1625 -5.02 76.96 -18.56
N LEU B 1626 -4.90 75.65 -18.81
CA LEU B 1626 -4.17 74.81 -17.85
C LEU B 1626 -2.68 75.14 -17.86
N SER B 1627 -2.14 75.57 -19.01
CA SER B 1627 -0.74 75.99 -19.03
C SER B 1627 -0.55 77.27 -18.24
N GLN B 1628 -1.53 78.17 -18.31
CA GLN B 1628 -1.40 79.43 -17.58
C GLN B 1628 -1.53 79.18 -16.09
N VAL B 1629 -2.46 78.32 -15.68
CA VAL B 1629 -2.65 78.09 -14.25
C VAL B 1629 -1.45 77.36 -13.66
N CYS B 1630 -0.86 76.42 -14.41
CA CYS B 1630 0.31 75.73 -13.86
C CYS B 1630 1.53 76.64 -13.87
N GLN B 1631 1.65 77.53 -14.86
CA GLN B 1631 2.74 78.49 -14.86
C GLN B 1631 2.63 79.43 -13.66
N THR B 1632 1.41 79.88 -13.35
CA THR B 1632 1.25 80.75 -12.19
C THR B 1632 1.48 80.00 -10.90
N ALA B 1633 1.08 78.72 -10.83
CA ALA B 1633 1.31 77.94 -9.62
C ALA B 1633 2.79 77.75 -9.36
N VAL B 1634 3.56 77.44 -10.42
CA VAL B 1634 5.00 77.22 -10.26
C VAL B 1634 5.78 78.52 -10.18
N THR B 1635 5.15 79.65 -10.47
CA THR B 1635 5.83 80.93 -10.37
C THR B 1635 5.59 81.58 -9.01
N TYR B 1636 4.34 81.61 -8.56
CA TYR B 1636 3.97 82.20 -7.28
C TYR B 1636 4.01 81.22 -6.12
N CYS B 1637 4.33 79.95 -6.35
CA CYS B 1637 4.36 78.98 -5.26
C CYS B 1637 5.36 77.88 -5.59
N LYS B 1638 5.78 77.16 -4.54
CA LYS B 1638 6.71 76.06 -4.67
C LYS B 1638 6.10 74.71 -4.34
N ASP B 1639 4.90 74.68 -3.77
CA ASP B 1639 4.24 73.42 -3.42
C ASP B 1639 2.78 73.38 -3.85
N ALA B 1640 2.35 74.29 -4.73
CA ALA B 1640 0.98 74.27 -5.22
C ALA B 1640 0.71 73.02 -6.05
N LEU B 1641 1.69 72.62 -6.87
CA LEU B 1641 1.57 71.46 -7.74
C LEU B 1641 2.29 70.24 -7.19
N GLU B 1642 2.51 70.20 -5.87
CA GLU B 1642 3.26 69.08 -5.29
C GLU B 1642 2.44 67.79 -5.23
N ASN B 1643 1.12 67.88 -5.20
CA ASN B 1643 0.26 66.71 -5.09
C ASN B 1643 -0.66 66.53 -6.28
N HIS B 1644 -1.36 67.58 -6.71
CA HIS B 1644 -2.30 67.48 -7.83
C HIS B 1644 -1.60 67.83 -9.15
N LEU B 1645 -0.59 67.03 -9.48
CA LEU B 1645 0.14 67.18 -10.73
C LEU B 1645 0.25 65.85 -11.47
N HIS B 1646 0.25 64.75 -10.72
CA HIS B 1646 0.47 63.44 -11.33
C HIS B 1646 -0.65 63.10 -12.31
N VAL B 1647 -1.89 63.46 -11.97
CA VAL B 1647 -3.00 63.26 -12.91
C VAL B 1647 -2.72 64.02 -14.21
N ILE B 1648 -2.51 65.34 -14.10
CA ILE B 1648 -2.26 66.15 -15.29
C ILE B 1648 -1.20 65.47 -16.16
N VAL B 1649 -0.03 65.23 -15.58
CA VAL B 1649 1.09 64.63 -16.33
C VAL B 1649 0.64 63.36 -17.01
N GLY B 1650 0.11 62.41 -16.24
CA GLY B 1650 -0.21 61.12 -16.82
C GLY B 1650 -1.47 61.08 -17.67
N THR B 1651 -2.14 62.21 -17.86
CA THR B 1651 -3.39 62.22 -18.61
C THR B 1651 -3.18 62.54 -20.09
N LEU B 1652 -2.31 63.50 -20.41
CA LEU B 1652 -2.16 63.94 -21.80
C LEU B 1652 -1.21 63.05 -22.60
N ILE B 1653 -0.58 62.06 -21.97
CA ILE B 1653 0.33 61.17 -22.70
C ILE B 1653 -0.39 60.39 -23.80
N PRO B 1654 -1.56 59.77 -23.57
CA PRO B 1654 -2.25 59.09 -24.68
C PRO B 1654 -2.80 60.04 -25.73
N LEU B 1655 -2.72 61.36 -25.50
CA LEU B 1655 -3.22 62.35 -26.46
C LEU B 1655 -2.19 62.67 -27.54
N VAL B 1656 -1.02 62.03 -27.52
CA VAL B 1656 -0.02 62.27 -28.55
C VAL B 1656 -0.52 61.81 -29.91
N TYR B 1657 -1.31 60.74 -29.97
CA TYR B 1657 -1.86 60.24 -31.23
C TYR B 1657 -3.15 61.00 -31.55
N GLU B 1658 -2.98 62.29 -31.80
CA GLU B 1658 -4.07 63.21 -32.07
C GLU B 1658 -3.61 64.18 -33.16
N GLN B 1659 -4.35 65.27 -33.33
CA GLN B 1659 -4.02 66.27 -34.33
C GLN B 1659 -2.63 66.86 -34.04
N VAL B 1660 -2.04 67.48 -35.07
CA VAL B 1660 -0.69 68.01 -34.94
C VAL B 1660 -0.65 69.14 -33.92
N GLU B 1661 -1.70 69.95 -33.84
CA GLU B 1661 -1.75 71.01 -32.84
C GLU B 1661 -1.79 70.43 -31.43
N VAL B 1662 -2.58 69.36 -31.23
CA VAL B 1662 -2.65 68.73 -29.92
C VAL B 1662 -1.30 68.12 -29.56
N GLN B 1663 -0.66 67.44 -30.51
CA GLN B 1663 0.62 66.80 -30.23
C GLN B 1663 1.68 67.83 -29.90
N LYS B 1664 1.70 68.95 -30.64
CA LYS B 1664 2.65 70.01 -30.35
C LYS B 1664 2.42 70.61 -28.98
N GLN B 1665 1.16 70.84 -28.60
CA GLN B 1665 0.90 71.40 -27.28
C GLN B 1665 1.26 70.40 -26.18
N VAL B 1666 1.02 69.12 -26.41
CA VAL B 1666 1.36 68.09 -25.43
C VAL B 1666 2.87 68.06 -25.20
N LEU B 1667 3.64 68.07 -26.29
CA LEU B 1667 5.09 68.06 -26.15
C LEU B 1667 5.60 69.37 -25.54
N ASP B 1668 4.96 70.50 -25.85
CA ASP B 1668 5.39 71.76 -25.28
C ASP B 1668 5.19 71.75 -23.77
N LEU B 1669 4.05 71.25 -23.31
CA LEU B 1669 3.81 71.20 -21.87
C LEU B 1669 4.73 70.19 -21.20
N LEU B 1670 4.98 69.04 -21.85
CA LEU B 1670 5.85 68.05 -21.25
C LEU B 1670 7.28 68.58 -21.11
N LYS B 1671 7.79 69.23 -22.16
CA LYS B 1671 9.14 69.77 -22.06
C LYS B 1671 9.20 70.95 -21.10
N TYR B 1672 8.09 71.67 -20.94
CA TYR B 1672 8.05 72.74 -19.94
C TYR B 1672 8.15 72.15 -18.53
N LEU B 1673 7.43 71.07 -18.28
CA LEU B 1673 7.38 70.50 -16.93
C LEU B 1673 8.66 69.72 -16.59
N VAL B 1674 9.29 69.08 -17.56
CA VAL B 1674 10.44 68.22 -17.26
C VAL B 1674 11.78 68.92 -17.40
N ILE B 1675 11.81 70.17 -17.89
CA ILE B 1675 13.04 70.91 -18.09
C ILE B 1675 13.05 72.21 -17.28
N ASP B 1676 12.02 73.04 -17.45
CA ASP B 1676 11.97 74.33 -16.78
C ASP B 1676 11.60 74.23 -15.31
N ASN B 1677 11.10 73.08 -14.85
CA ASN B 1677 10.73 72.90 -13.46
C ASN B 1677 11.49 71.75 -12.79
N LYS B 1678 12.52 71.21 -13.44
CA LYS B 1678 13.29 70.13 -12.84
C LYS B 1678 14.25 70.61 -11.76
N ASP B 1679 14.52 71.92 -11.70
CA ASP B 1679 15.44 72.46 -10.70
C ASP B 1679 14.77 72.80 -9.38
N ASN B 1680 13.44 72.70 -9.29
CA ASN B 1680 12.75 73.02 -8.05
C ASN B 1680 13.04 71.97 -6.98
N GLU B 1681 13.44 72.43 -5.80
CA GLU B 1681 13.74 71.52 -4.71
C GLU B 1681 12.51 70.76 -4.25
N ASN B 1682 11.36 71.44 -4.16
CA ASN B 1682 10.14 70.78 -3.72
C ASN B 1682 9.57 69.88 -4.81
N LEU B 1683 9.72 70.26 -6.07
CA LEU B 1683 9.22 69.47 -7.18
C LEU B 1683 10.18 68.37 -7.61
N TYR B 1684 11.37 68.29 -7.00
CA TYR B 1684 12.32 67.24 -7.37
C TYR B 1684 11.76 65.85 -7.06
N ILE B 1685 11.11 65.71 -5.91
CA ILE B 1685 10.53 64.42 -5.56
C ILE B 1685 9.37 64.09 -6.50
N THR B 1686 8.55 65.08 -6.84
CA THR B 1686 7.40 64.84 -7.70
C THR B 1686 7.86 64.42 -9.09
N ILE B 1687 8.87 65.09 -9.65
CA ILE B 1687 9.36 64.72 -10.97
C ILE B 1687 10.08 63.38 -10.92
N LYS B 1688 10.71 63.05 -9.78
CA LYS B 1688 11.36 61.75 -9.67
C LYS B 1688 10.35 60.62 -9.58
N LEU B 1689 9.18 60.89 -9.00
CA LEU B 1689 8.16 59.88 -8.76
C LEU B 1689 7.02 60.11 -9.76
N LEU B 1690 7.14 59.52 -10.95
CA LEU B 1690 6.08 59.55 -11.94
C LEU B 1690 6.33 58.43 -12.95
N ASP B 1691 5.28 58.09 -13.69
CA ASP B 1691 5.36 56.97 -14.61
C ASP B 1691 6.24 57.31 -15.81
N PRO B 1692 7.00 56.35 -16.32
CA PRO B 1692 7.80 56.60 -17.53
C PRO B 1692 6.90 56.64 -18.77
N PHE B 1693 7.50 57.09 -19.87
CA PHE B 1693 6.77 57.33 -21.13
C PHE B 1693 7.45 56.57 -22.26
N PRO B 1694 7.31 55.24 -22.32
CA PRO B 1694 7.88 54.47 -23.43
C PRO B 1694 7.07 54.49 -24.71
N ASP B 1695 6.07 55.38 -24.82
CA ASP B 1695 5.09 55.28 -25.91
C ASP B 1695 5.74 55.45 -27.28
N HIS B 1696 6.31 56.63 -27.55
CA HIS B 1696 6.76 56.99 -28.88
C HIS B 1696 8.24 57.34 -28.88
N VAL B 1697 8.85 57.18 -30.05
CA VAL B 1697 10.27 57.51 -30.21
C VAL B 1697 10.50 59.01 -30.06
N VAL B 1698 9.52 59.83 -30.44
CA VAL B 1698 9.67 61.28 -30.40
C VAL B 1698 9.86 61.81 -28.98
N PHE B 1699 9.74 60.95 -27.97
CA PHE B 1699 9.96 61.33 -26.57
C PHE B 1699 11.37 61.04 -26.10
N LYS B 1700 12.36 61.12 -27.01
CA LYS B 1700 13.74 60.85 -26.62
C LYS B 1700 14.23 61.86 -25.58
N ASP B 1701 13.89 63.13 -25.75
CA ASP B 1701 14.28 64.14 -24.77
C ASP B 1701 13.65 63.86 -23.41
N LEU B 1702 12.38 63.46 -23.40
CA LEU B 1702 11.74 63.12 -22.13
C LEU B 1702 12.38 61.90 -21.49
N ARG B 1703 12.74 60.90 -22.29
CA ARG B 1703 13.36 59.70 -21.74
C ARG B 1703 14.71 60.02 -21.14
N ILE B 1704 15.53 60.82 -21.84
CA ILE B 1704 16.87 61.10 -21.36
C ILE B 1704 16.81 61.98 -20.12
N THR B 1705 15.90 62.96 -20.09
CA THR B 1705 15.83 63.79 -18.89
C THR B 1705 15.17 63.06 -17.72
N GLN B 1706 14.34 62.06 -17.99
CA GLN B 1706 13.70 61.30 -16.92
C GLN B 1706 14.68 60.31 -16.29
N GLN B 1707 15.51 59.65 -17.11
CA GLN B 1707 16.40 58.63 -16.57
C GLN B 1707 17.56 59.22 -15.77
N LYS B 1708 17.78 60.53 -15.84
CA LYS B 1708 18.84 61.14 -15.05
C LYS B 1708 18.40 61.26 -13.60
N ILE B 1709 17.25 61.91 -13.38
CA ILE B 1709 16.74 62.04 -12.03
C ILE B 1709 16.35 60.67 -11.48
N LYS B 1710 15.70 59.83 -12.30
CA LYS B 1710 15.27 58.52 -11.83
C LYS B 1710 16.46 57.64 -11.46
N TYR B 1711 17.51 57.63 -12.27
CA TYR B 1711 18.70 56.82 -12.03
C TYR B 1711 19.88 57.66 -11.56
N SER B 1712 19.61 58.68 -10.76
CA SER B 1712 20.69 59.53 -10.25
C SER B 1712 21.62 58.73 -9.33
N ARG B 1713 21.06 57.91 -8.46
CA ARG B 1713 21.86 57.10 -7.54
C ARG B 1713 22.40 55.83 -8.18
N GLY B 1714 21.97 55.50 -9.40
CA GLY B 1714 22.41 54.30 -10.07
C GLY B 1714 21.26 53.57 -10.74
N PRO B 1715 21.53 52.39 -11.28
CA PRO B 1715 20.46 51.62 -11.94
C PRO B 1715 19.63 50.86 -10.92
N PHE B 1716 18.33 51.12 -10.91
CA PHE B 1716 17.45 50.46 -9.96
C PHE B 1716 17.34 48.97 -10.24
N SER B 1717 17.36 48.18 -9.18
CA SER B 1717 17.19 46.74 -9.29
C SER B 1717 15.69 46.41 -9.34
N LEU B 1718 15.39 45.11 -9.35
CA LEU B 1718 13.99 44.68 -9.36
C LEU B 1718 13.27 45.11 -8.10
N LEU B 1719 13.93 44.95 -6.93
CA LEU B 1719 13.31 45.34 -5.67
C LEU B 1719 13.06 46.85 -5.63
N GLU B 1720 14.03 47.63 -6.14
CA GLU B 1720 13.85 49.07 -6.18
C GLU B 1720 12.71 49.46 -7.12
N GLU B 1721 12.58 48.73 -8.24
CA GLU B 1721 11.47 49.00 -9.15
C GLU B 1721 10.13 48.70 -8.49
N ILE B 1722 10.06 47.59 -7.74
CA ILE B 1722 8.82 47.26 -7.04
C ILE B 1722 8.49 48.33 -6.00
N ASN B 1723 9.49 48.78 -5.25
CA ASN B 1723 9.25 49.81 -4.23
C ASN B 1723 8.79 51.11 -4.87
N HIS B 1724 9.41 51.49 -6.00
CA HIS B 1724 9.00 52.70 -6.69
C HIS B 1724 7.58 52.58 -7.22
N PHE B 1725 7.23 51.39 -7.75
CA PHE B 1725 5.88 51.19 -8.26
C PHE B 1725 4.85 51.25 -7.15
N LEU B 1726 5.16 50.70 -5.97
CA LEU B 1726 4.21 50.77 -4.86
C LEU B 1726 4.10 52.19 -4.34
N SER B 1727 5.23 52.93 -4.32
CA SER B 1727 5.21 54.31 -3.84
C SER B 1727 4.33 55.18 -4.75
N VAL B 1728 4.45 55.00 -6.05
CA VAL B 1728 3.60 55.79 -6.94
C VAL B 1728 2.18 55.25 -6.96
N SER B 1729 2.00 53.96 -6.67
CA SER B 1729 0.66 53.37 -6.62
C SER B 1729 -0.16 53.98 -5.49
N VAL B 1730 0.46 54.15 -4.32
CA VAL B 1730 -0.26 54.76 -3.21
C VAL B 1730 -0.33 56.28 -3.35
N TYR B 1731 0.59 56.88 -4.10
CA TYR B 1731 0.61 58.33 -4.26
C TYR B 1731 -0.51 58.83 -5.17
N ASP B 1732 -1.01 57.99 -6.07
CA ASP B 1732 -2.07 58.38 -7.00
C ASP B 1732 -3.26 57.44 -6.87
N ALA B 1733 -4.46 58.01 -6.96
CA ALA B 1733 -5.70 57.25 -6.81
C ALA B 1733 -6.37 56.94 -8.15
N LEU B 1734 -5.74 57.29 -9.27
CA LEU B 1734 -6.34 57.04 -10.58
C LEU B 1734 -5.57 55.93 -11.30
N PRO B 1735 -6.14 54.74 -11.43
CA PRO B 1735 -5.41 53.65 -12.10
C PRO B 1735 -5.23 53.86 -13.59
N LEU B 1736 -6.04 54.69 -14.24
CA LEU B 1736 -5.94 54.88 -15.68
C LEU B 1736 -4.60 55.51 -16.06
N THR B 1737 -4.14 56.49 -15.28
CA THR B 1737 -2.86 57.15 -15.56
C THR B 1737 -1.66 56.26 -15.29
N ARG B 1738 -1.85 55.09 -14.68
CA ARG B 1738 -0.75 54.20 -14.32
C ARG B 1738 -0.52 53.09 -15.33
N LEU B 1739 -1.13 53.18 -16.53
CA LEU B 1739 -0.97 52.10 -17.50
C LEU B 1739 0.48 51.94 -17.92
N GLU B 1740 1.19 53.06 -18.11
CA GLU B 1740 2.60 52.98 -18.48
C GLU B 1740 3.42 52.39 -17.35
N GLY B 1741 3.06 52.72 -16.11
CA GLY B 1741 3.75 52.11 -14.98
C GLY B 1741 3.54 50.62 -14.91
N LEU B 1742 2.33 50.16 -15.23
CA LEU B 1742 2.08 48.72 -15.28
C LEU B 1742 2.88 48.07 -16.41
N LYS B 1743 2.98 48.74 -17.55
CA LYS B 1743 3.74 48.18 -18.66
C LYS B 1743 5.22 48.04 -18.30
N ASP B 1744 5.78 49.08 -17.67
CA ASP B 1744 7.18 48.99 -17.27
C ASP B 1744 7.38 47.98 -16.15
N LEU B 1745 6.38 47.82 -15.27
CA LEU B 1745 6.48 46.78 -14.26
C LEU B 1745 6.49 45.41 -14.90
N ARG B 1746 5.67 45.22 -15.94
CA ARG B 1746 5.65 43.96 -16.66
C ARG B 1746 7.00 43.67 -17.30
N ARG B 1747 7.61 44.68 -17.92
CA ARG B 1747 8.92 44.48 -18.52
C ARG B 1747 9.97 44.17 -17.46
N GLN B 1748 9.90 44.86 -16.32
CA GLN B 1748 10.87 44.61 -15.25
C GLN B 1748 10.76 43.19 -14.71
N LEU B 1749 9.53 42.72 -14.50
CA LEU B 1749 9.35 41.35 -14.00
C LEU B 1749 9.79 40.33 -15.05
N GLU B 1750 9.43 40.54 -16.32
CA GLU B 1750 9.78 39.57 -17.35
C GLU B 1750 11.29 39.48 -17.55
N LEU B 1751 11.98 40.63 -17.59
CA LEU B 1751 13.41 40.62 -17.83
C LEU B 1751 14.22 40.19 -16.62
N HIS B 1752 13.73 40.48 -15.41
CA HIS B 1752 14.47 40.22 -14.18
C HIS B 1752 13.82 39.10 -13.36
N LYS B 1753 13.36 38.05 -14.02
CA LYS B 1753 12.77 36.91 -13.32
C LYS B 1753 13.77 36.22 -12.40
N ASP B 1754 15.07 36.37 -12.67
CA ASP B 1754 16.08 35.74 -11.81
C ASP B 1754 16.15 36.37 -10.43
N GLN B 1755 15.77 37.64 -10.31
CA GLN B 1755 15.91 38.35 -9.05
C GLN B 1755 14.77 38.09 -8.07
N MET B 1756 13.72 37.36 -8.47
CA MET B 1756 12.65 37.05 -7.55
C MET B 1756 12.96 35.87 -6.65
N VAL B 1757 14.08 35.18 -6.86
CA VAL B 1757 14.41 34.02 -6.03
C VAL B 1757 15.01 34.46 -4.71
N ASP B 1758 16.04 35.31 -4.75
CA ASP B 1758 16.69 35.72 -3.51
C ASP B 1758 15.85 36.70 -2.72
N ILE B 1759 14.95 37.44 -3.38
CA ILE B 1759 14.05 38.34 -2.67
C ILE B 1759 13.14 37.53 -1.74
N MET B 1760 12.55 36.46 -2.28
CA MET B 1760 11.69 35.63 -1.45
C MET B 1760 12.49 34.79 -0.48
N ARG B 1761 13.74 34.43 -0.83
CA ARG B 1761 14.58 33.73 0.12
C ARG B 1761 14.87 34.59 1.34
N ALA B 1762 15.16 35.88 1.12
CA ALA B 1762 15.38 36.82 2.22
C ALA B 1762 14.07 37.20 2.91
N SER B 1763 12.93 36.99 2.26
CA SER B 1763 11.64 37.32 2.86
C SER B 1763 11.01 36.14 3.60
N GLN B 1764 11.70 35.00 3.69
CA GLN B 1764 11.15 33.85 4.39
C GLN B 1764 11.05 34.11 5.90
N ASP B 1765 11.94 34.93 6.45
CA ASP B 1765 11.90 35.22 7.88
C ASP B 1765 10.62 35.97 8.27
N ASN B 1766 10.15 36.87 7.41
CA ASN B 1766 8.95 37.66 7.67
C ASN B 1766 7.99 37.51 6.50
N PRO B 1767 7.31 36.36 6.40
CA PRO B 1767 6.41 36.15 5.25
C PRO B 1767 5.18 37.05 5.26
N GLN B 1768 4.77 37.57 6.41
CA GLN B 1768 3.58 38.42 6.48
C GLN B 1768 3.79 39.80 5.89
N ASP B 1769 5.03 40.17 5.57
CA ASP B 1769 5.35 41.44 4.93
C ASP B 1769 5.96 41.21 3.55
N GLY B 1770 5.47 40.20 2.85
CA GLY B 1770 5.97 39.87 1.53
C GLY B 1770 5.80 40.97 0.50
N ILE B 1771 6.89 41.24 -0.23
CA ILE B 1771 6.85 42.28 -1.27
C ILE B 1771 5.99 41.83 -2.43
N MET B 1772 6.13 40.57 -2.85
CA MET B 1772 5.37 40.09 -4.00
C MET B 1772 3.87 40.06 -3.68
N VAL B 1773 3.50 39.58 -2.49
CA VAL B 1773 2.08 39.57 -2.14
C VAL B 1773 1.58 40.99 -1.94
N LYS B 1774 2.43 41.91 -1.48
CA LYS B 1774 2.01 43.30 -1.36
C LYS B 1774 1.72 43.89 -2.74
N LEU B 1775 2.54 43.55 -3.73
CA LEU B 1775 2.29 44.02 -5.09
C LEU B 1775 1.02 43.39 -5.65
N VAL B 1776 0.79 42.12 -5.33
CA VAL B 1776 -0.41 41.43 -5.85
C VAL B 1776 -1.67 42.09 -5.30
N VAL B 1777 -1.69 42.35 -3.99
CA VAL B 1777 -2.86 42.99 -3.40
C VAL B 1777 -2.97 44.45 -3.86
N ASN B 1778 -1.84 45.11 -4.13
CA ASN B 1778 -1.90 46.47 -4.64
C ASN B 1778 -2.54 46.52 -6.02
N LEU B 1779 -2.16 45.59 -6.90
CA LEU B 1779 -2.79 45.50 -8.22
C LEU B 1779 -4.26 45.13 -8.11
N LEU B 1780 -4.59 44.24 -7.17
CA LEU B 1780 -6.00 43.88 -6.96
C LEU B 1780 -6.81 45.09 -6.51
N GLN B 1781 -6.25 45.89 -5.60
CA GLN B 1781 -6.93 47.10 -5.14
C GLN B 1781 -7.09 48.09 -6.28
N LEU B 1782 -6.06 48.23 -7.12
CA LEU B 1782 -6.16 49.15 -8.25
C LEU B 1782 -7.25 48.70 -9.23
N SER B 1783 -7.35 47.39 -9.45
CA SER B 1783 -8.39 46.87 -10.33
C SER B 1783 -9.76 47.13 -9.73
N LYS B 1784 -9.90 46.96 -8.41
CA LYS B 1784 -11.18 47.22 -7.78
C LYS B 1784 -11.55 48.69 -7.88
N MET B 1785 -10.55 49.58 -7.82
CA MET B 1785 -10.82 51.00 -8.00
C MET B 1785 -11.29 51.30 -9.41
N ALA B 1786 -10.64 50.68 -10.41
CA ALA B 1786 -10.98 50.92 -11.81
C ALA B 1786 -11.98 49.91 -12.36
N ILE B 1787 -12.77 49.27 -11.50
CA ILE B 1787 -13.77 48.32 -11.98
C ILE B 1787 -14.97 49.00 -12.62
N ASN B 1788 -15.22 50.28 -12.31
CA ASN B 1788 -16.36 51.01 -12.84
C ASN B 1788 -15.95 52.37 -13.35
N HIS B 1789 -14.88 52.42 -14.13
CA HIS B 1789 -14.35 53.65 -14.68
C HIS B 1789 -14.11 53.47 -16.17
N THR B 1790 -14.01 54.61 -16.87
CA THR B 1790 -13.81 54.58 -18.32
C THR B 1790 -12.43 54.01 -18.64
N GLY B 1791 -12.32 53.42 -19.83
CA GLY B 1791 -11.07 52.81 -20.24
C GLY B 1791 -10.66 51.65 -19.35
N GLU B 1792 -11.65 50.89 -18.87
CA GLU B 1792 -11.37 49.77 -17.98
C GLU B 1792 -10.79 48.57 -18.71
N LYS B 1793 -11.12 48.39 -19.99
CA LYS B 1793 -10.63 47.23 -20.73
C LYS B 1793 -9.13 47.25 -20.93
N GLU B 1794 -8.50 48.42 -20.84
CA GLU B 1794 -7.05 48.51 -20.98
C GLU B 1794 -6.34 48.31 -19.65
N VAL B 1795 -6.85 48.92 -18.58
CA VAL B 1795 -6.21 48.78 -17.28
C VAL B 1795 -6.39 47.36 -16.75
N LEU B 1796 -7.55 46.75 -17.00
CA LEU B 1796 -7.76 45.37 -16.55
C LEU B 1796 -6.84 44.43 -17.30
N GLU B 1797 -6.66 44.65 -18.60
CA GLU B 1797 -5.72 43.82 -19.37
C GLU B 1797 -4.29 44.01 -18.87
N ALA B 1798 -3.92 45.25 -18.54
CA ALA B 1798 -2.56 45.51 -18.09
C ALA B 1798 -2.29 44.83 -16.76
N VAL B 1799 -3.22 44.95 -15.80
CA VAL B 1799 -3.01 44.31 -14.51
C VAL B 1799 -3.07 42.79 -14.64
N GLY B 1800 -3.94 42.29 -15.52
CA GLY B 1800 -3.97 40.86 -15.75
C GLY B 1800 -2.68 40.32 -16.32
N SER B 1801 -2.08 41.06 -17.28
CA SER B 1801 -0.79 40.65 -17.81
C SER B 1801 0.31 40.72 -16.76
N CYS B 1802 0.26 41.75 -15.90
CA CYS B 1802 1.24 41.85 -14.82
C CYS B 1802 1.13 40.67 -13.86
N LEU B 1803 -0.09 40.28 -13.49
CA LEU B 1803 -0.27 39.08 -12.69
C LEU B 1803 0.00 37.80 -13.47
N GLY B 1804 -0.07 37.84 -14.81
CA GLY B 1804 0.29 36.72 -15.64
C GLY B 1804 1.78 36.51 -15.79
N GLU B 1805 2.56 37.55 -15.52
CA GLU B 1805 4.01 37.41 -15.59
C GLU B 1805 4.57 36.69 -14.37
N VAL B 1806 3.78 36.51 -13.32
CA VAL B 1806 4.18 35.80 -12.10
C VAL B 1806 3.19 34.67 -11.88
N GLY B 1807 3.71 33.47 -11.61
CA GLY B 1807 2.85 32.32 -11.41
C GLY B 1807 2.27 32.28 -10.01
N PRO B 1808 1.48 31.24 -9.75
CA PRO B 1808 0.89 31.07 -8.42
C PRO B 1808 1.92 30.64 -7.39
N ILE B 1809 2.84 31.54 -7.05
CA ILE B 1809 3.91 31.19 -6.11
C ILE B 1809 3.32 31.11 -4.70
N ASP B 1810 3.66 30.04 -3.99
CA ASP B 1810 3.20 29.86 -2.61
C ASP B 1810 3.85 30.92 -1.72
N PHE B 1811 3.05 31.88 -1.28
CA PHE B 1811 3.53 32.97 -0.43
C PHE B 1811 3.58 32.60 1.04
N SER B 1812 3.14 31.39 1.40
CA SER B 1812 3.12 30.93 2.79
C SER B 1812 2.27 31.82 3.68
N THR B 1813 1.26 32.48 3.09
CA THR B 1813 0.33 33.31 3.83
C THR B 1813 -1.08 33.02 3.36
N ILE B 1814 -2.05 33.24 4.23
CA ILE B 1814 -3.44 32.94 3.94
C ILE B 1814 -4.27 34.20 4.03
N ALA B 1815 -3.84 35.15 4.86
CA ALA B 1815 -4.59 36.38 5.09
C ALA B 1815 -4.17 37.47 4.11
N ILE B 1816 -5.14 38.31 3.74
CA ILE B 1816 -4.91 39.46 2.86
C ILE B 1816 -5.06 40.72 3.71
N GLN B 1817 -4.01 41.55 3.71
CA GLN B 1817 -4.02 42.81 4.43
C GLN B 1817 -4.15 43.96 3.44
N HIS B 1818 -5.15 44.81 3.65
CA HIS B 1818 -5.40 45.97 2.79
C HIS B 1818 -4.63 47.16 3.33
N SER B 1819 -3.57 47.56 2.63
CA SER B 1819 -2.77 48.70 3.06
C SER B 1819 -3.57 49.99 2.97
N LYS B 1820 -3.41 50.84 3.99
CA LYS B 1820 -4.11 52.11 4.07
C LYS B 1820 -3.10 53.23 4.30
N ASP B 1821 -3.45 54.43 3.85
CA ASP B 1821 -2.57 55.58 4.04
C ASP B 1821 -2.41 55.89 5.52
N ALA B 1822 -1.17 56.23 5.91
CA ALA B 1822 -0.88 56.46 7.32
C ALA B 1822 -1.52 57.73 7.85
N SER B 1823 -1.77 58.72 6.98
CA SER B 1823 -2.37 59.96 7.45
C SER B 1823 -3.77 59.74 8.01
N TYR B 1824 -4.59 58.94 7.31
CA TYR B 1824 -5.94 58.66 7.79
C TYR B 1824 -5.91 57.90 9.10
N THR B 1825 -4.99 56.93 9.23
CA THR B 1825 -4.93 56.12 10.44
C THR B 1825 -4.46 56.96 11.62
N LYS B 1826 -3.46 57.82 11.41
CA LYS B 1826 -2.97 58.64 12.51
C LYS B 1826 -4.02 59.70 12.90
N ALA B 1827 -4.77 60.21 11.92
CA ALA B 1827 -5.83 61.17 12.25
C ALA B 1827 -6.91 60.52 13.08
N LEU B 1828 -7.30 59.28 12.73
CA LEU B 1828 -8.31 58.63 13.55
C LEU B 1828 -7.73 58.20 14.89
N LYS B 1829 -6.42 57.94 14.93
CA LYS B 1829 -5.80 57.57 16.20
C LYS B 1829 -5.82 58.75 17.16
N LEU B 1830 -5.54 59.95 16.65
CA LEU B 1830 -5.50 61.13 17.51
C LEU B 1830 -6.88 61.75 17.70
N PHE B 1831 -7.91 61.24 17.02
CA PHE B 1831 -9.29 61.68 17.26
C PHE B 1831 -9.87 60.81 18.36
N GLU B 1832 -9.99 61.37 19.56
CA GLU B 1832 -10.48 60.63 20.72
C GLU B 1832 -12.00 60.59 20.84
N ASP B 1833 -12.74 61.28 19.98
CA ASP B 1833 -14.19 61.31 20.04
C ASP B 1833 -14.79 60.66 18.81
N LYS B 1834 -15.86 59.89 19.02
CA LYS B 1834 -16.56 59.27 17.90
C LYS B 1834 -17.21 60.32 17.01
N GLU B 1835 -17.68 61.42 17.60
CA GLU B 1835 -18.24 62.50 16.80
C GLU B 1835 -17.17 63.11 15.90
N LEU B 1836 -15.97 63.32 16.45
CA LEU B 1836 -14.89 63.87 15.65
C LEU B 1836 -14.48 62.91 14.54
N GLN B 1837 -14.46 61.60 14.84
CA GLN B 1837 -14.13 60.62 13.82
C GLN B 1837 -15.17 60.61 12.70
N TRP B 1838 -16.45 60.71 13.06
CA TRP B 1838 -17.50 60.72 12.05
C TRP B 1838 -17.40 61.97 11.20
N THR B 1839 -17.14 63.12 11.82
CA THR B 1839 -17.01 64.35 11.05
C THR B 1839 -15.82 64.27 10.11
N PHE B 1840 -14.70 63.70 10.57
CA PHE B 1840 -13.52 63.62 9.73
C PHE B 1840 -13.75 62.71 8.54
N ILE B 1841 -14.34 61.52 8.77
CA ILE B 1841 -14.52 60.58 7.66
C ILE B 1841 -15.55 61.13 6.67
N MET B 1842 -16.58 61.80 7.17
CA MET B 1842 -17.58 62.38 6.27
C MET B 1842 -16.98 63.51 5.44
N LEU B 1843 -16.26 64.44 6.09
CA LEU B 1843 -15.70 65.56 5.35
C LEU B 1843 -14.67 65.09 4.35
N THR B 1844 -13.89 64.07 4.72
CA THR B 1844 -12.90 63.53 3.79
C THR B 1844 -13.58 62.91 2.57
N TYR B 1845 -14.66 62.16 2.79
CA TYR B 1845 -15.31 61.54 1.65
C TYR B 1845 -16.01 62.59 0.78
N LEU B 1846 -16.57 63.62 1.41
CA LEU B 1846 -17.14 64.74 0.65
C LEU B 1846 -16.08 65.42 -0.21
N ASN B 1847 -14.87 65.59 0.32
CA ASN B 1847 -13.78 66.13 -0.49
C ASN B 1847 -13.45 65.19 -1.65
N ASN B 1848 -13.46 63.88 -1.40
CA ASN B 1848 -13.15 62.94 -2.47
C ASN B 1848 -14.23 62.97 -3.55
N THR B 1849 -15.48 63.12 -3.16
CA THR B 1849 -16.60 63.12 -4.11
C THR B 1849 -16.89 64.51 -4.67
N LEU B 1850 -16.11 65.52 -4.27
CA LEU B 1850 -16.28 66.88 -4.76
C LEU B 1850 -15.49 67.15 -6.04
N VAL B 1851 -14.65 66.21 -6.48
CA VAL B 1851 -13.74 66.46 -7.59
C VAL B 1851 -14.09 65.57 -8.77
N GLU B 1852 -15.38 65.24 -8.91
CA GLU B 1852 -15.87 64.46 -10.04
C GLU B 1852 -16.47 65.36 -11.11
N ASP B 1853 -16.70 64.78 -12.29
CA ASP B 1853 -17.19 65.55 -13.43
C ASP B 1853 -18.64 65.97 -13.26
N CYS B 1854 -19.46 65.15 -12.58
CA CYS B 1854 -20.87 65.47 -12.43
C CYS B 1854 -21.06 66.74 -11.61
N VAL B 1855 -21.98 67.59 -12.07
CA VAL B 1855 -22.21 68.86 -11.41
C VAL B 1855 -23.15 68.72 -10.21
N LYS B 1856 -24.12 67.81 -10.28
CA LYS B 1856 -25.08 67.65 -9.19
C LYS B 1856 -24.38 67.16 -7.93
N VAL B 1857 -23.45 66.21 -8.08
CA VAL B 1857 -22.78 65.64 -6.92
C VAL B 1857 -21.89 66.68 -6.26
N ARG B 1858 -21.23 67.53 -7.06
CA ARG B 1858 -20.36 68.53 -6.46
C ARG B 1858 -21.16 69.68 -5.86
N SER B 1859 -22.31 70.02 -6.44
CA SER B 1859 -23.17 71.03 -5.83
C SER B 1859 -23.71 70.55 -4.49
N ALA B 1860 -24.11 69.28 -4.42
CA ALA B 1860 -24.56 68.75 -3.14
C ALA B 1860 -23.41 68.64 -2.16
N ALA B 1861 -22.21 68.34 -2.66
CA ALA B 1861 -21.06 68.22 -1.77
C ALA B 1861 -20.70 69.57 -1.17
N VAL B 1862 -20.64 70.61 -2.01
CA VAL B 1862 -20.28 71.94 -1.50
C VAL B 1862 -21.35 72.45 -0.54
N THR B 1863 -22.62 72.09 -0.78
CA THR B 1863 -23.64 72.47 0.20
C THR B 1863 -23.43 71.71 1.51
N CYS B 1864 -23.01 70.45 1.43
CA CYS B 1864 -22.75 69.71 2.67
C CYS B 1864 -21.56 70.31 3.40
N LEU B 1865 -20.52 70.72 2.67
CA LEU B 1865 -19.37 71.35 3.29
C LEU B 1865 -19.78 72.61 4.04
N LYS B 1866 -20.69 73.40 3.45
CA LYS B 1866 -21.14 74.59 4.17
C LYS B 1866 -22.03 74.21 5.35
N ASN B 1867 -22.79 73.13 5.23
CA ASN B 1867 -23.71 72.75 6.31
C ASN B 1867 -22.94 72.31 7.54
N ILE B 1868 -21.98 71.39 7.38
CA ILE B 1868 -21.21 70.93 8.53
C ILE B 1868 -20.25 72.02 9.02
N LEU B 1869 -19.57 72.71 8.11
CA LEU B 1869 -18.62 73.72 8.55
C LEU B 1869 -19.29 74.90 9.25
N ALA B 1870 -20.58 75.12 9.00
CA ALA B 1870 -21.29 76.22 9.66
C ALA B 1870 -21.78 75.87 11.06
N THR B 1871 -21.74 74.60 11.46
CA THR B 1871 -22.23 74.22 12.78
C THR B 1871 -21.10 74.16 13.82
N LYS B 1872 -21.52 74.09 15.09
CA LYS B 1872 -20.56 74.01 16.18
C LYS B 1872 -19.77 72.71 16.13
N THR B 1873 -20.33 71.66 15.54
CA THR B 1873 -19.56 70.43 15.35
C THR B 1873 -18.39 70.69 14.40
N GLY B 1874 -18.64 71.44 13.33
CA GLY B 1874 -17.57 71.80 12.42
C GLY B 1874 -16.55 72.70 13.08
N HIS B 1875 -17.01 73.65 13.90
CA HIS B 1875 -16.07 74.53 14.59
C HIS B 1875 -15.17 73.75 15.55
N SER B 1876 -15.76 72.81 16.31
CA SER B 1876 -14.95 71.98 17.20
C SER B 1876 -13.99 71.09 16.40
N PHE B 1877 -14.46 70.60 15.25
CA PHE B 1877 -13.59 69.80 14.42
C PHE B 1877 -12.40 70.61 13.96
N TRP B 1878 -12.62 71.86 13.56
CA TRP B 1878 -11.47 72.66 13.13
C TRP B 1878 -10.57 73.00 14.30
N GLU B 1879 -11.14 73.21 15.50
CA GLU B 1879 -10.30 73.43 16.67
C GLU B 1879 -9.31 72.29 16.82
N ILE B 1880 -9.82 71.06 16.81
CA ILE B 1880 -8.95 69.91 17.06
C ILE B 1880 -7.98 69.73 15.89
N TYR B 1881 -8.53 69.81 14.67
CA TYR B 1881 -7.87 69.56 13.39
C TYR B 1881 -6.84 70.62 13.02
N LYS B 1882 -6.70 71.69 13.81
CA LYS B 1882 -5.82 72.81 13.48
C LYS B 1882 -4.35 72.59 13.79
N MET B 1883 -3.97 71.47 14.40
CA MET B 1883 -2.57 71.18 14.62
C MET B 1883 -1.93 70.26 13.57
N THR B 1884 -2.72 69.42 12.90
CA THR B 1884 -2.12 68.49 11.93
C THR B 1884 -1.66 69.23 10.67
N THR B 1885 -0.71 68.61 9.97
CA THR B 1885 -0.16 69.15 8.73
C THR B 1885 -0.81 68.46 7.52
N ASP B 1886 -2.00 68.95 7.15
CA ASP B 1886 -2.80 68.38 6.07
C ASP B 1886 -3.31 69.53 5.21
N PRO B 1887 -3.10 69.49 3.88
CA PRO B 1887 -3.63 70.55 3.00
C PRO B 1887 -5.16 70.63 2.99
N MET B 1888 -5.81 69.71 3.69
CA MET B 1888 -7.27 69.75 3.79
C MET B 1888 -7.71 71.06 4.44
N LEU B 1889 -6.88 71.62 5.33
CA LEU B 1889 -7.19 72.89 5.95
C LEU B 1889 -7.28 73.98 4.90
N ALA B 1890 -6.32 74.00 3.97
CA ALA B 1890 -6.33 75.00 2.91
C ALA B 1890 -7.53 74.77 1.98
N TYR B 1891 -7.85 73.51 1.70
CA TYR B 1891 -8.97 73.23 0.81
C TYR B 1891 -10.29 73.68 1.43
N LEU B 1892 -10.48 73.44 2.72
CA LEU B 1892 -11.71 73.79 3.42
C LEU B 1892 -11.66 75.16 4.09
N GLN B 1893 -10.55 75.90 3.96
CA GLN B 1893 -10.46 77.22 4.57
C GLN B 1893 -11.51 78.20 4.05
N PRO B 1894 -11.74 78.35 2.74
CA PRO B 1894 -12.75 79.31 2.28
C PRO B 1894 -14.17 78.98 2.72
N PHE B 1895 -14.44 77.74 3.11
CA PHE B 1895 -15.78 77.33 3.48
C PHE B 1895 -16.11 77.56 4.96
N ARG B 1896 -15.41 78.49 5.61
CA ARG B 1896 -15.68 78.80 7.00
C ARG B 1896 -16.24 80.20 7.16
N PRO B 1913 -41.96 57.49 15.37
CA PRO B 1913 -40.81 57.26 14.51
C PRO B 1913 -40.73 55.82 14.01
N PHE B 1914 -41.26 54.88 14.79
CA PHE B 1914 -41.23 53.48 14.40
C PHE B 1914 -42.22 53.17 13.28
N GLU B 1915 -43.20 54.05 13.05
CA GLU B 1915 -44.22 53.78 12.03
C GLU B 1915 -43.61 53.73 10.63
N GLY B 1916 -42.65 54.60 10.35
CA GLY B 1916 -42.06 54.69 9.03
C GLY B 1916 -41.00 53.68 8.71
N LEU B 1917 -40.66 52.78 9.63
CA LEU B 1917 -39.61 51.79 9.39
C LEU B 1917 -40.10 50.36 9.33
N ASP B 1918 -41.30 50.06 9.86
CA ASP B 1918 -41.80 48.69 9.84
C ASP B 1918 -42.48 48.44 8.48
N ASP B 1919 -41.80 47.69 7.62
CA ASP B 1919 -42.33 47.36 6.30
C ASP B 1919 -41.56 46.17 5.77
N ILE B 1920 -42.25 45.04 5.56
CA ILE B 1920 -41.59 43.84 5.06
C ILE B 1920 -41.07 44.06 3.65
N ASN B 1921 -41.79 44.82 2.83
CA ASN B 1921 -41.36 45.06 1.45
C ASN B 1921 -40.19 46.03 1.38
N LEU B 1922 -40.06 46.92 2.37
CA LEU B 1922 -38.98 47.90 2.33
C LEU B 1922 -37.61 47.23 2.47
N TRP B 1923 -37.51 46.21 3.33
CA TRP B 1923 -36.24 45.54 3.55
C TRP B 1923 -35.86 44.61 2.39
N ILE B 1924 -36.83 44.03 1.70
CA ILE B 1924 -36.53 43.14 0.58
C ILE B 1924 -37.34 43.51 -0.65
N PRO B 1925 -37.11 44.70 -1.25
CA PRO B 1925 -37.71 44.99 -2.56
C PRO B 1925 -36.75 44.65 -3.68
N LEU B 1926 -35.73 43.86 -3.37
CA LEU B 1926 -34.58 43.68 -4.25
C LEU B 1926 -34.91 42.79 -5.45
N SER B 1927 -35.28 43.41 -6.57
CA SER B 1927 -35.39 42.76 -7.87
C SER B 1927 -34.61 43.66 -8.85
N GLU B 1928 -33.29 43.46 -8.87
CA GLU B 1928 -32.39 44.29 -9.67
C GLU B 1928 -32.57 45.78 -9.35
N ASN B 1929 -32.81 46.09 -8.07
CA ASN B 1929 -33.06 47.44 -7.60
C ASN B 1929 -32.24 47.73 -6.34
N HIS B 1930 -30.96 47.39 -6.37
CA HIS B 1930 -30.10 47.58 -5.21
C HIS B 1930 -29.94 49.06 -4.88
N ASP B 1931 -29.75 49.89 -5.91
CA ASP B 1931 -29.53 51.32 -5.67
C ASP B 1931 -30.79 51.95 -5.06
N ILE B 1932 -31.95 51.57 -5.56
CA ILE B 1932 -33.20 52.12 -5.03
C ILE B 1932 -33.40 51.62 -3.61
N TRP B 1933 -33.07 50.35 -3.35
CA TRP B 1933 -33.28 49.78 -2.03
C TRP B 1933 -32.42 50.47 -0.99
N ILE B 1934 -31.15 50.71 -1.29
CA ILE B 1934 -30.29 51.40 -0.33
C ILE B 1934 -30.72 52.85 -0.18
N LYS B 1935 -31.14 53.49 -1.28
CA LYS B 1935 -31.53 54.89 -1.20
C LYS B 1935 -32.77 55.03 -0.32
N THR B 1936 -33.75 54.14 -0.50
CA THR B 1936 -34.97 54.26 0.30
C THR B 1936 -34.74 53.85 1.74
N LEU B 1937 -33.74 52.99 2.00
CA LEU B 1937 -33.43 52.67 3.39
C LEU B 1937 -32.80 53.87 4.07
N THR B 1938 -31.83 54.50 3.41
CA THR B 1938 -31.20 55.67 4.00
C THR B 1938 -32.19 56.80 4.22
N CYS B 1939 -33.07 57.05 3.24
CA CYS B 1939 -34.07 58.09 3.41
C CYS B 1939 -35.03 57.76 4.55
N ALA B 1940 -35.47 56.51 4.65
CA ALA B 1940 -36.40 56.14 5.71
C ALA B 1940 -35.75 56.22 7.08
N PHE B 1941 -34.45 55.95 7.15
CA PHE B 1941 -33.77 56.04 8.44
C PHE B 1941 -33.50 57.50 8.81
N LEU B 1942 -33.20 58.34 7.84
CA LEU B 1942 -32.86 59.73 8.16
C LEU B 1942 -34.11 60.55 8.48
N ASP B 1943 -35.23 60.29 7.82
CA ASP B 1943 -36.42 61.10 8.07
C ASP B 1943 -37.03 60.81 9.44
N SER B 1944 -36.71 59.66 10.04
CA SER B 1944 -37.22 59.32 11.35
C SER B 1944 -36.49 60.13 12.42
N GLY B 1945 -37.04 60.09 13.64
CA GLY B 1945 -36.47 60.81 14.76
C GLY B 1945 -35.29 60.15 15.44
N GLY B 1946 -34.89 58.97 14.97
CA GLY B 1946 -33.75 58.30 15.57
C GLY B 1946 -32.46 59.06 15.39
N THR B 1947 -32.25 59.64 14.21
CA THR B 1947 -31.04 60.41 13.95
C THR B 1947 -31.04 61.68 14.81
N LYS B 1948 -29.88 61.98 15.39
CA LYS B 1948 -29.73 63.14 16.26
C LYS B 1948 -28.65 64.11 15.80
N CYS B 1949 -27.51 63.62 15.32
CA CYS B 1949 -26.43 64.48 14.92
C CYS B 1949 -26.76 65.29 13.68
N GLU B 1950 -26.30 66.55 13.66
CA GLU B 1950 -26.55 67.41 12.52
C GLU B 1950 -25.89 66.86 11.26
N ILE B 1951 -24.64 66.37 11.39
CA ILE B 1951 -23.98 65.77 10.25
C ILE B 1951 -24.68 64.48 9.84
N LEU B 1952 -25.28 63.78 10.79
CA LEU B 1952 -26.06 62.57 10.52
C LEU B 1952 -27.52 62.89 10.18
N GLN B 1953 -27.84 64.15 9.90
CA GLN B 1953 -29.21 64.51 9.57
C GLN B 1953 -29.27 65.33 8.29
N LEU B 1954 -28.22 66.10 8.01
CA LEU B 1954 -28.16 67.01 6.88
C LEU B 1954 -27.51 66.38 5.65
N LEU B 1955 -27.24 65.09 5.67
CA LEU B 1955 -26.63 64.38 4.55
C LEU B 1955 -27.64 63.89 3.52
N LYS B 1956 -28.92 64.15 3.73
CA LYS B 1956 -29.96 63.65 2.82
C LYS B 1956 -29.81 64.15 1.40
N PRO B 1957 -29.66 65.47 1.14
CA PRO B 1957 -29.64 65.93 -0.26
C PRO B 1957 -28.50 65.32 -1.06
N MET B 1958 -27.35 65.09 -0.43
CA MET B 1958 -26.21 64.55 -1.18
C MET B 1958 -26.31 63.03 -1.29
N CYS B 1959 -26.76 62.36 -0.22
CA CYS B 1959 -26.83 60.90 -0.29
C CYS B 1959 -27.95 60.45 -1.22
N GLU B 1960 -28.87 61.36 -1.57
CA GLU B 1960 -29.96 60.95 -2.47
C GLU B 1960 -29.46 60.64 -3.87
N VAL B 1961 -28.32 61.20 -4.28
CA VAL B 1961 -27.79 61.01 -5.62
C VAL B 1961 -26.53 60.16 -5.66
N LYS B 1962 -25.87 59.94 -4.54
CA LYS B 1962 -24.63 59.17 -4.50
C LYS B 1962 -24.93 57.76 -3.99
N THR B 1963 -24.59 56.75 -4.79
CA THR B 1963 -24.86 55.37 -4.40
C THR B 1963 -23.88 54.90 -3.33
N ASP B 1964 -22.60 55.23 -3.46
CA ASP B 1964 -21.60 54.75 -2.51
C ASP B 1964 -21.78 55.36 -1.13
N PHE B 1965 -22.29 56.59 -1.07
CA PHE B 1965 -22.49 57.24 0.22
C PHE B 1965 -23.51 56.49 1.06
N CYS B 1966 -24.60 56.01 0.45
CA CYS B 1966 -25.60 55.28 1.21
C CYS B 1966 -25.01 54.01 1.80
N GLN B 1967 -24.19 53.31 1.00
CA GLN B 1967 -23.56 52.08 1.48
C GLN B 1967 -22.60 52.36 2.61
N THR B 1968 -21.84 53.45 2.51
CA THR B 1968 -20.79 53.68 3.50
C THR B 1968 -21.33 54.34 4.77
N VAL B 1969 -22.48 55.02 4.71
CA VAL B 1969 -23.04 55.67 5.89
C VAL B 1969 -24.17 54.89 6.53
N LEU B 1970 -24.67 53.82 5.91
CA LEU B 1970 -25.71 53.04 6.55
C LEU B 1970 -25.28 52.47 7.91
N PRO B 1971 -24.10 51.86 8.05
CA PRO B 1971 -23.69 51.43 9.40
C PRO B 1971 -23.54 52.59 10.37
N TYR B 1972 -23.12 53.76 9.89
CA TYR B 1972 -22.96 54.91 10.78
C TYR B 1972 -24.30 55.38 11.31
N LEU B 1973 -25.32 55.48 10.44
CA LEU B 1973 -26.63 55.91 10.91
C LEU B 1973 -27.28 54.85 11.78
N ILE B 1974 -27.01 53.56 11.51
CA ILE B 1974 -27.53 52.52 12.37
C ILE B 1974 -26.93 52.63 13.77
N HIS B 1975 -25.62 52.85 13.84
CA HIS B 1975 -24.98 52.99 15.15
C HIS B 1975 -25.47 54.24 15.86
N ASP B 1976 -25.66 55.33 15.12
CA ASP B 1976 -26.15 56.57 15.73
C ASP B 1976 -27.54 56.37 16.31
N ILE B 1977 -28.42 55.69 15.58
CA ILE B 1977 -29.76 55.46 16.08
C ILE B 1977 -29.73 54.55 17.30
N LEU B 1978 -28.93 53.48 17.24
CA LEU B 1978 -28.87 52.53 18.33
C LEU B 1978 -28.24 53.12 19.59
N LEU B 1979 -27.40 54.14 19.47
CA LEU B 1979 -26.82 54.75 20.66
C LEU B 1979 -27.89 55.40 21.54
N GLN B 1980 -28.85 56.06 20.93
CA GLN B 1980 -29.92 56.72 21.67
C GLN B 1980 -31.12 55.82 21.92
N ASP B 1981 -31.04 54.54 21.55
CA ASP B 1981 -32.15 53.62 21.77
C ASP B 1981 -32.41 53.42 23.25
N THR B 1982 -33.68 53.33 23.61
CA THR B 1982 -34.10 53.15 25.00
C THR B 1982 -34.95 51.89 25.10
N ASN B 1983 -34.64 51.05 26.09
CA ASN B 1983 -35.36 49.80 26.34
C ASN B 1983 -35.31 48.87 25.14
N GLU B 1984 -34.24 48.98 24.35
CA GLU B 1984 -34.01 48.15 23.16
C GLU B 1984 -35.20 48.22 22.20
N SER B 1985 -35.81 49.41 22.12
CA SER B 1985 -36.95 49.60 21.23
C SER B 1985 -36.53 49.51 19.78
N TRP B 1986 -35.46 50.23 19.42
CA TRP B 1986 -34.94 50.12 18.06
C TRP B 1986 -34.16 48.83 17.89
N ARG B 1987 -33.57 48.33 18.97
CA ARG B 1987 -32.74 47.13 18.89
C ARG B 1987 -33.55 45.91 18.47
N ASN B 1988 -34.74 45.72 19.07
CA ASN B 1988 -35.53 44.55 18.73
C ASN B 1988 -36.04 44.63 17.29
N LEU B 1989 -36.50 45.81 16.87
CA LEU B 1989 -37.05 45.95 15.53
C LEU B 1989 -35.96 45.76 14.49
N LEU B 1990 -34.78 46.36 14.71
CA LEU B 1990 -33.70 46.21 13.74
C LEU B 1990 -33.21 44.77 13.70
N SER B 1991 -33.09 44.12 14.85
CA SER B 1991 -32.62 42.75 14.87
C SER B 1991 -33.58 41.83 14.13
N THR B 1992 -34.88 42.00 14.35
CA THR B 1992 -35.87 41.18 13.66
C THR B 1992 -35.84 41.43 12.16
N HIS B 1993 -35.70 42.70 11.75
CA HIS B 1993 -35.68 43.00 10.32
C HIS B 1993 -34.43 42.46 9.65
N VAL B 1994 -33.28 42.55 10.33
CA VAL B 1994 -32.04 42.02 9.79
C VAL B 1994 -32.11 40.50 9.66
N GLN B 1995 -32.65 39.82 10.67
CA GLN B 1995 -32.81 38.38 10.57
C GLN B 1995 -33.75 38.01 9.43
N GLY B 1996 -34.83 38.78 9.24
CA GLY B 1996 -35.72 38.51 8.14
C GLY B 1996 -35.05 38.72 6.79
N PHE B 1997 -34.17 39.73 6.71
CA PHE B 1997 -33.45 39.96 5.47
C PHE B 1997 -32.52 38.80 5.15
N PHE B 1998 -31.79 38.31 6.16
CA PHE B 1998 -30.90 37.18 5.89
C PHE B 1998 -31.68 35.91 5.56
N THR B 1999 -32.85 35.70 6.17
CA THR B 1999 -33.67 34.56 5.78
C THR B 1999 -34.14 34.69 4.34
N SER B 2000 -34.47 35.91 3.91
CA SER B 2000 -34.85 36.12 2.52
C SER B 2000 -33.68 35.85 1.59
N CYS B 2001 -32.47 36.27 1.99
CA CYS B 2001 -31.30 35.99 1.16
C CYS B 2001 -30.99 34.49 1.11
N LEU B 2002 -31.29 33.76 2.17
CA LEU B 2002 -31.04 32.32 2.19
C LEU B 2002 -32.21 31.50 1.66
N ARG B 2003 -33.29 32.13 1.24
CA ARG B 2003 -34.41 31.39 0.67
C ARG B 2003 -33.94 30.64 -0.57
N HIS B 2004 -34.29 29.35 -0.65
CA HIS B 2004 -33.90 28.44 -1.72
C HIS B 2004 -32.47 28.67 -2.22
N CYS B 2027 -34.58 36.28 -2.47
CA CYS B 2027 -34.60 35.34 -3.57
C CYS B 2027 -33.56 35.68 -4.63
N CYS B 2028 -32.41 35.02 -4.56
CA CYS B 2028 -31.32 35.22 -5.52
C CYS B 2028 -30.89 36.68 -5.58
N LEU B 2029 -30.83 37.33 -4.42
CA LEU B 2029 -30.48 38.74 -4.34
C LEU B 2029 -29.05 38.97 -4.78
N ASP B 2030 -28.81 40.13 -5.39
CA ASP B 2030 -27.48 40.44 -5.92
C ASP B 2030 -26.46 40.53 -4.79
N LYS B 2031 -25.21 40.20 -5.13
CA LYS B 2031 -24.14 40.08 -4.14
C LYS B 2031 -23.81 41.41 -3.46
N LYS B 2032 -24.11 42.54 -4.08
CA LYS B 2032 -23.81 43.82 -3.43
C LYS B 2032 -24.65 44.02 -2.18
N SER B 2033 -25.84 43.44 -2.12
CA SER B 2033 -26.69 43.63 -0.95
C SER B 2033 -26.09 42.87 0.23
N GLN B 2034 -25.69 41.61 0.00
CA GLN B 2034 -25.11 40.84 1.07
C GLN B 2034 -23.78 41.43 1.51
N ARG B 2035 -22.94 41.88 0.56
CA ARG B 2035 -21.67 42.48 0.98
C ARG B 2035 -21.91 43.78 1.74
N THR B 2036 -23.00 44.49 1.43
CA THR B 2036 -23.33 45.71 2.16
C THR B 2036 -23.69 45.39 3.60
N MET B 2037 -24.56 44.39 3.80
CA MET B 2037 -24.93 44.05 5.17
C MET B 2037 -23.78 43.40 5.92
N LEU B 2038 -22.94 42.63 5.24
CA LEU B 2038 -21.75 42.07 5.90
C LEU B 2038 -20.80 43.18 6.36
N ALA B 2039 -20.64 44.22 5.53
CA ALA B 2039 -19.85 45.38 5.96
C ALA B 2039 -20.49 46.09 7.14
N VAL B 2040 -21.82 46.20 7.15
CA VAL B 2040 -22.51 46.83 8.27
C VAL B 2040 -22.27 46.04 9.54
N VAL B 2041 -22.42 44.71 9.46
CA VAL B 2041 -22.22 43.85 10.63
C VAL B 2041 -20.78 43.94 11.11
N ASP B 2042 -19.82 43.95 10.19
CA ASP B 2042 -18.42 44.05 10.57
C ASP B 2042 -18.14 45.37 11.28
N TYR B 2043 -18.71 46.47 10.78
CA TYR B 2043 -18.50 47.75 11.44
C TYR B 2043 -19.14 47.78 12.82
N MET B 2044 -20.38 47.28 12.93
CA MET B 2044 -21.09 47.31 14.20
C MET B 2044 -20.46 46.37 15.23
N ARG B 2045 -19.73 45.34 14.78
CA ARG B 2045 -19.06 44.45 15.71
C ARG B 2045 -17.92 45.16 16.45
N ARG B 2046 -17.31 46.15 15.82
CA ARG B 2046 -16.17 46.86 16.40
C ARG B 2046 -16.58 48.05 17.25
N GLN B 2047 -17.88 48.31 17.40
CA GLN B 2047 -18.36 49.44 18.19
C GLN B 2047 -18.51 49.03 19.65
N LYS B 2048 -17.93 49.82 20.54
CA LYS B 2048 -17.98 49.51 21.97
C LYS B 2048 -19.36 49.75 22.53
N ARG B 2049 -19.85 48.81 23.33
CA ARG B 2049 -21.14 48.96 23.98
C ARG B 2049 -21.05 50.07 25.04
N PRO B 2050 -22.05 50.96 25.10
CA PRO B 2050 -22.02 52.00 26.15
C PRO B 2050 -21.95 51.45 27.55
N SER B 2051 -22.63 50.33 27.82
CA SER B 2051 -22.56 49.71 29.12
C SER B 2051 -21.28 48.86 29.23
N SER B 2052 -20.97 48.45 30.45
CA SER B 2052 -19.80 47.62 30.68
C SER B 2052 -19.97 46.26 30.02
N GLY B 2053 -18.92 45.81 29.34
CA GLY B 2053 -18.96 44.54 28.64
C GLY B 2053 -17.64 44.25 27.98
N THR B 2054 -17.59 43.10 27.30
CA THR B 2054 -16.40 42.62 26.62
C THR B 2054 -16.65 42.61 25.11
N ILE B 2055 -15.67 42.08 24.37
CA ILE B 2055 -15.80 41.98 22.92
C ILE B 2055 -16.92 41.02 22.55
N PHE B 2056 -17.18 40.02 23.39
CA PHE B 2056 -18.29 39.10 23.12
C PHE B 2056 -19.62 39.84 23.15
N ASN B 2057 -19.82 40.73 24.12
CA ASN B 2057 -21.01 41.56 24.14
C ASN B 2057 -20.99 42.57 23.00
N ASP B 2058 -19.80 43.03 22.60
CA ASP B 2058 -19.70 43.97 21.49
C ASP B 2058 -20.19 43.33 20.19
N ALA B 2059 -19.85 42.07 19.96
CA ALA B 2059 -20.28 41.35 18.77
C ALA B 2059 -21.78 41.09 18.73
N PHE B 2060 -22.47 41.25 19.84
CA PHE B 2060 -23.92 41.05 19.92
C PHE B 2060 -24.65 42.37 20.12
N TRP B 2061 -24.20 43.40 19.39
CA TRP B 2061 -24.88 44.69 19.42
C TRP B 2061 -26.34 44.56 19.05
N LEU B 2062 -26.66 43.72 18.06
CA LEU B 2062 -28.03 43.42 17.68
C LEU B 2062 -28.32 41.94 17.93
N ASP B 2063 -29.57 41.65 18.26
CA ASP B 2063 -29.98 40.27 18.53
C ASP B 2063 -30.05 39.48 17.23
N LEU B 2064 -28.96 38.81 16.88
CA LEU B 2064 -28.85 38.09 15.62
C LEU B 2064 -28.34 36.67 15.85
N ASN B 2065 -28.73 35.78 14.95
CA ASN B 2065 -28.17 34.43 14.89
C ASN B 2065 -27.10 34.44 13.80
N TYR B 2066 -25.86 34.14 14.19
CA TYR B 2066 -24.72 34.32 13.29
C TYR B 2066 -24.53 33.19 12.31
N LEU B 2067 -25.25 32.07 12.46
CA LEU B 2067 -25.11 30.99 11.48
C LEU B 2067 -25.61 31.42 10.11
N GLU B 2068 -26.73 32.13 10.06
CA GLU B 2068 -27.25 32.61 8.78
C GLU B 2068 -26.29 33.62 8.15
N VAL B 2069 -25.70 34.50 8.97
CA VAL B 2069 -24.74 35.46 8.44
C VAL B 2069 -23.50 34.73 7.94
N ALA B 2070 -23.10 33.67 8.63
CA ALA B 2070 -21.95 32.88 8.21
C ALA B 2070 -22.22 32.22 6.86
N LYS B 2071 -23.42 31.67 6.67
CA LYS B 2071 -23.74 31.09 5.37
C LYS B 2071 -23.78 32.15 4.28
N VAL B 2072 -24.27 33.35 4.61
CA VAL B 2072 -24.25 34.44 3.64
C VAL B 2072 -22.82 34.79 3.25
N ALA B 2073 -21.93 34.87 4.24
CA ALA B 2073 -20.52 35.15 3.93
C ALA B 2073 -19.89 34.01 3.14
N GLN B 2074 -20.36 32.77 3.37
CA GLN B 2074 -19.88 31.65 2.57
C GLN B 2074 -20.29 31.83 1.11
N SER B 2075 -21.55 32.23 0.89
CA SER B 2075 -22.02 32.49 -0.47
C SER B 2075 -21.34 33.71 -1.07
N CYS B 2076 -20.75 34.56 -0.24
CA CYS B 2076 -20.04 35.75 -0.70
C CYS B 2076 -18.53 35.56 -0.72
N ALA B 2077 -18.06 34.32 -0.58
CA ALA B 2077 -16.63 33.98 -0.58
C ALA B 2077 -15.86 34.63 0.57
N ALA B 2078 -16.56 35.09 1.60
CA ALA B 2078 -15.91 35.64 2.79
C ALA B 2078 -15.80 34.56 3.86
N HIS B 2079 -14.85 33.65 3.61
CA HIS B 2079 -14.70 32.48 4.46
C HIS B 2079 -14.23 32.85 5.87
N PHE B 2080 -13.33 33.81 5.99
CA PHE B 2080 -12.82 34.17 7.31
C PHE B 2080 -13.92 34.75 8.19
N THR B 2081 -14.73 35.65 7.62
CA THR B 2081 -15.85 36.22 8.35
C THR B 2081 -16.88 35.15 8.68
N ALA B 2082 -17.13 34.24 7.73
CA ALA B 2082 -18.10 33.17 7.99
C ALA B 2082 -17.64 32.28 9.12
N LEU B 2083 -16.36 31.93 9.15
CA LEU B 2083 -15.83 31.10 10.23
C LEU B 2083 -15.91 31.82 11.57
N LEU B 2084 -15.59 33.12 11.59
CA LEU B 2084 -15.67 33.88 12.84
C LEU B 2084 -17.11 33.95 13.33
N TYR B 2085 -18.05 34.16 12.41
CA TYR B 2085 -19.46 34.22 12.79
C TYR B 2085 -19.96 32.87 13.29
N ALA B 2086 -19.49 31.78 12.66
CA ALA B 2086 -19.88 30.45 13.12
C ALA B 2086 -19.36 30.18 14.53
N GLU B 2087 -18.12 30.60 14.81
CA GLU B 2087 -17.59 30.45 16.15
C GLU B 2087 -18.38 31.29 17.15
N ILE B 2088 -18.77 32.49 16.75
CA ILE B 2088 -19.56 33.36 17.64
C ILE B 2088 -20.91 32.73 17.94
N TYR B 2089 -21.56 32.18 16.91
CA TYR B 2089 -22.86 31.54 17.11
C TYR B 2089 -22.73 30.31 18.00
N ALA B 2090 -21.68 29.52 17.80
CA ALA B 2090 -21.48 28.34 18.65
C ALA B 2090 -21.24 28.75 20.10
N ASP B 2091 -20.48 29.83 20.31
CA ASP B 2091 -20.26 30.32 21.67
C ASP B 2091 -21.57 30.80 22.29
N LYS B 2092 -22.40 31.48 21.50
CA LYS B 2092 -23.69 31.96 22.00
C LYS B 2092 -24.58 30.79 22.39
N LYS B 2093 -24.61 29.75 21.55
CA LYS B 2093 -25.42 28.58 21.86
C LYS B 2093 -24.92 27.89 23.13
N SER B 2094 -23.60 27.78 23.28
CA SER B 2094 -23.05 27.17 24.50
C SER B 2094 -23.40 27.98 25.73
N MET B 2095 -23.30 29.32 25.63
CA MET B 2095 -23.66 30.17 26.77
C MET B 2095 -25.14 30.04 27.11
N ASP B 2096 -26.00 29.99 26.09
CA ASP B 2096 -27.43 29.83 26.33
C ASP B 2096 -27.74 28.50 26.99
N ASP B 2097 -27.07 27.43 26.55
CA ASP B 2097 -27.28 26.13 27.19
C ASP B 2097 -26.78 26.15 28.63
N GLN B 2098 -25.65 26.80 28.88
CA GLN B 2098 -25.10 26.86 30.23
C GLN B 2098 -26.04 27.62 31.16
N GLU B 2099 -26.59 28.75 30.70
CA GLU B 2099 -27.49 29.50 31.56
C GLU B 2099 -28.84 28.80 31.70
N LYS B 2100 -29.26 28.03 30.71
CA LYS B 2100 -30.48 27.26 30.86
C LYS B 2100 -30.28 26.16 31.91
N ARG B 2101 -29.12 25.51 31.90
CA ARG B 2101 -28.84 24.50 32.90
C ARG B 2101 -28.69 25.11 34.28
N SER B 2102 -28.23 26.36 34.36
CA SER B 2102 -28.06 27.04 35.64
C SER B 2102 -29.36 27.69 36.08
N THR B 2112 -22.78 18.50 24.39
CA THR B 2112 -22.68 19.69 23.56
C THR B 2112 -21.56 19.54 22.54
N THR B 2113 -21.53 18.41 21.85
CA THR B 2113 -20.51 18.14 20.85
C THR B 2113 -20.85 18.85 19.54
N ILE B 2114 -19.95 18.73 18.56
CA ILE B 2114 -20.19 19.36 17.27
C ILE B 2114 -21.38 18.72 16.57
N SER B 2115 -21.56 17.40 16.75
CA SER B 2115 -22.71 16.73 16.16
C SER B 2115 -24.01 17.23 16.80
N SER B 2116 -24.00 17.42 18.12
CA SER B 2116 -25.18 17.94 18.81
C SER B 2116 -25.51 19.35 18.35
N LEU B 2117 -24.49 20.20 18.19
CA LEU B 2117 -24.75 21.55 17.71
C LEU B 2117 -25.25 21.54 16.28
N SER B 2118 -24.70 20.65 15.44
CA SER B 2118 -25.12 20.57 14.04
C SER B 2118 -26.58 20.13 13.95
N GLU B 2119 -26.96 19.12 14.72
CA GLU B 2119 -28.35 18.66 14.66
C GLU B 2119 -29.31 19.68 15.27
N LYS B 2120 -28.88 20.39 16.31
CA LYS B 2120 -29.73 21.44 16.87
C LYS B 2120 -29.94 22.57 15.88
N SER B 2121 -28.88 22.97 15.18
CA SER B 2121 -29.01 24.00 14.15
C SER B 2121 -29.88 23.52 12.99
N LYS B 2122 -29.73 22.25 12.61
CA LYS B 2122 -30.57 21.70 11.54
C LYS B 2122 -32.04 21.70 11.94
N GLU B 2123 -32.33 21.38 13.21
CA GLU B 2123 -33.71 21.33 13.67
C GLU B 2123 -34.31 22.72 13.76
N GLU B 2124 -33.59 23.67 14.37
CA GLU B 2124 -34.16 24.99 14.57
C GLU B 2124 -34.00 25.88 13.33
N THR B 2125 -32.76 26.18 12.95
CA THR B 2125 -32.51 27.09 11.84
C THR B 2125 -32.77 26.41 10.50
N GLY B 2126 -32.38 25.14 10.36
CA GLY B 2126 -32.50 24.44 9.10
C GLY B 2126 -31.22 24.30 8.31
N ILE B 2127 -30.10 24.81 8.84
CA ILE B 2127 -28.80 24.73 8.18
C ILE B 2127 -27.84 24.06 9.14
N SER B 2128 -27.11 23.05 8.66
CA SER B 2128 -26.19 22.32 9.51
C SER B 2128 -24.86 23.04 9.69
N LEU B 2129 -24.48 23.22 10.96
CA LEU B 2129 -23.23 23.90 11.28
C LEU B 2129 -22.03 23.06 10.90
N GLN B 2130 -22.13 21.73 11.04
CA GLN B 2130 -20.99 20.88 10.71
C GLN B 2130 -20.66 20.97 9.23
N ASP B 2131 -21.70 20.93 8.37
CA ASP B 2131 -21.48 21.06 6.94
C ASP B 2131 -20.96 22.45 6.60
N LEU B 2132 -21.50 23.49 7.25
CA LEU B 2132 -21.01 24.84 6.95
C LEU B 2132 -19.54 24.98 7.33
N LEU B 2133 -19.15 24.44 8.48
CA LEU B 2133 -17.74 24.50 8.90
C LEU B 2133 -16.86 23.69 7.97
N LEU B 2134 -17.34 22.53 7.51
CA LEU B 2134 -16.56 21.73 6.58
C LEU B 2134 -16.35 22.47 5.26
N GLU B 2135 -17.39 23.15 4.78
CA GLU B 2135 -17.26 23.92 3.55
C GLU B 2135 -16.26 25.07 3.73
N ILE B 2136 -16.32 25.73 4.89
CA ILE B 2136 -15.38 26.83 5.14
C ILE B 2136 -13.96 26.30 5.20
N TYR B 2137 -13.75 25.20 5.93
CA TYR B 2137 -12.42 24.65 6.10
C TYR B 2137 -11.88 24.01 4.83
N ARG B 2138 -12.76 23.76 3.85
CA ARG B 2138 -12.30 23.22 2.58
C ARG B 2138 -11.96 24.34 1.62
N SER B 2139 -12.88 25.30 1.45
CA SER B 2139 -12.64 26.42 0.55
C SER B 2139 -11.54 27.35 1.04
N ILE B 2140 -11.20 27.32 2.33
CA ILE B 2140 -10.15 28.19 2.82
C ILE B 2140 -8.77 27.71 2.40
N GLY B 2141 -8.62 26.43 2.09
CA GLY B 2141 -7.34 25.90 1.63
C GLY B 2141 -6.35 25.55 2.71
N GLU B 2142 -6.74 25.62 3.98
CA GLU B 2142 -5.84 25.25 5.05
C GLU B 2142 -5.53 23.76 4.98
N PRO B 2143 -4.27 23.36 5.20
CA PRO B 2143 -3.88 21.95 5.00
C PRO B 2143 -4.69 20.95 5.80
N ASP B 2144 -4.69 21.05 7.13
CA ASP B 2144 -5.32 20.05 7.99
C ASP B 2144 -6.36 20.75 8.87
N SER B 2145 -7.54 20.95 8.30
CA SER B 2145 -8.66 21.53 9.04
C SER B 2145 -9.98 20.80 8.86
N LEU B 2146 -10.14 20.03 7.79
CA LEU B 2146 -11.39 19.30 7.56
C LEU B 2146 -11.52 18.09 8.48
N TYR B 2147 -10.40 17.55 8.96
CA TYR B 2147 -10.46 16.37 9.83
C TYR B 2147 -11.08 16.69 11.18
N GLY B 2148 -10.96 17.94 11.64
CA GLY B 2148 -11.54 18.30 12.92
C GLY B 2148 -13.06 18.25 12.92
N CYS B 2149 -13.68 18.64 11.81
CA CYS B 2149 -15.14 18.66 11.72
C CYS B 2149 -15.73 17.28 11.45
N GLY B 2150 -14.91 16.27 11.20
CA GLY B 2150 -15.43 14.93 10.95
C GLY B 2150 -14.75 14.24 9.79
N GLY B 2151 -13.73 14.89 9.22
CA GLY B 2151 -12.98 14.31 8.12
C GLY B 2151 -12.28 13.01 8.48
N GLY B 2152 -12.55 11.95 7.71
CA GLY B 2152 -12.00 10.64 7.98
C GLY B 2152 -12.73 9.86 9.05
N LYS B 2153 -13.80 10.41 9.63
CA LYS B 2153 -14.57 9.71 10.65
C LYS B 2153 -16.07 9.84 10.44
N MET B 2154 -16.52 10.40 9.32
CA MET B 2154 -17.93 10.64 9.05
C MET B 2154 -18.40 9.70 7.95
N LEU B 2155 -19.53 9.02 8.20
CA LEU B 2155 -20.07 8.03 7.27
C LEU B 2155 -20.76 8.66 6.06
N GLN B 2156 -21.17 9.92 6.14
CA GLN B 2156 -21.92 10.53 5.06
C GLN B 2156 -21.09 10.59 3.78
N PRO B 2157 -21.69 10.26 2.63
CA PRO B 2157 -20.93 10.25 1.37
C PRO B 2157 -20.38 11.61 1.01
N ILE B 2158 -21.05 12.70 1.39
CA ILE B 2158 -20.55 14.03 1.05
C ILE B 2158 -19.19 14.25 1.72
N THR B 2159 -19.11 13.93 3.01
CA THR B 2159 -17.85 14.07 3.73
C THR B 2159 -16.81 13.10 3.18
N ARG B 2160 -17.22 11.88 2.83
CA ARG B 2160 -16.26 10.93 2.30
C ARG B 2160 -15.67 11.43 0.98
N LEU B 2161 -16.50 12.00 0.11
CA LEU B 2161 -16.02 12.56 -1.14
C LEU B 2161 -15.10 13.75 -0.90
N ARG B 2162 -15.44 14.61 0.07
CA ARG B 2162 -14.59 15.75 0.35
C ARG B 2162 -13.22 15.30 0.85
N THR B 2163 -13.19 14.30 1.73
CA THR B 2163 -11.91 13.79 2.21
C THR B 2163 -11.12 13.14 1.08
N TYR B 2164 -11.80 12.40 0.20
CA TYR B 2164 -11.11 11.76 -0.91
C TYR B 2164 -10.49 12.79 -1.84
N GLU B 2165 -11.21 13.87 -2.14
CA GLU B 2165 -10.67 14.91 -2.99
C GLU B 2165 -9.54 15.67 -2.28
N HIS B 2166 -9.67 15.86 -0.97
CA HIS B 2166 -8.63 16.56 -0.21
C HIS B 2166 -7.33 15.77 -0.20
N GLU B 2167 -7.42 14.44 -0.08
CA GLU B 2167 -6.23 13.60 -0.02
C GLU B 2167 -5.74 13.16 -1.38
N ALA B 2168 -6.32 13.68 -2.46
CA ALA B 2168 -5.95 13.34 -3.83
C ALA B 2168 -6.11 11.85 -4.12
N MET B 2169 -7.04 11.20 -3.42
CA MET B 2169 -7.33 9.78 -3.64
C MET B 2169 -8.40 9.67 -4.74
N TRP B 2170 -7.97 9.99 -5.96
CA TRP B 2170 -8.92 10.09 -7.07
C TRP B 2170 -9.44 8.73 -7.50
N GLY B 2171 -8.66 7.67 -7.29
CA GLY B 2171 -9.10 6.35 -7.69
C GLY B 2171 -10.34 5.91 -6.94
N LYS B 2172 -10.33 6.09 -5.61
CA LYS B 2172 -11.51 5.78 -4.81
C LYS B 2172 -12.56 6.89 -4.92
N ALA B 2173 -12.13 8.13 -5.19
CA ALA B 2173 -13.10 9.21 -5.33
C ALA B 2173 -14.02 8.99 -6.53
N LEU B 2174 -13.46 8.54 -7.66
CA LEU B 2174 -14.28 8.26 -8.83
C LEU B 2174 -15.25 7.13 -8.55
N VAL B 2175 -14.78 6.08 -7.85
CA VAL B 2175 -15.64 4.96 -7.52
C VAL B 2175 -16.79 5.42 -6.64
N THR B 2176 -16.49 6.24 -5.63
CA THR B 2176 -17.54 6.72 -4.74
C THR B 2176 -18.52 7.63 -5.47
N TYR B 2177 -18.00 8.46 -6.40
CA TYR B 2177 -18.86 9.34 -7.17
C TYR B 2177 -19.85 8.54 -8.02
N ASP B 2178 -19.36 7.48 -8.68
CA ASP B 2178 -20.27 6.64 -9.45
C ASP B 2178 -21.23 5.89 -8.54
N LEU B 2179 -20.72 5.34 -7.44
CA LEU B 2179 -21.52 4.48 -6.57
C LEU B 2179 -22.65 5.24 -5.90
N GLU B 2180 -22.39 6.47 -5.45
CA GLU B 2180 -23.41 7.28 -4.80
C GLU B 2180 -24.18 8.09 -5.84
N THR B 2181 -25.50 8.10 -5.71
CA THR B 2181 -26.37 8.82 -6.64
C THR B 2181 -27.17 9.93 -5.96
N ALA B 2182 -27.07 10.09 -4.64
CA ALA B 2182 -27.79 11.15 -3.95
C ALA B 2182 -27.22 12.52 -4.26
N ILE B 2183 -25.96 12.60 -4.67
CA ILE B 2183 -25.35 13.89 -5.00
C ILE B 2183 -26.03 14.46 -6.24
N PRO B 2184 -26.39 15.74 -6.25
CA PRO B 2184 -27.00 16.32 -7.45
C PRO B 2184 -26.05 16.25 -8.65
N SER B 2185 -26.65 16.08 -9.83
CA SER B 2185 -25.87 15.94 -11.06
C SER B 2185 -25.14 17.22 -11.43
N SER B 2186 -25.47 18.36 -10.80
CA SER B 2186 -24.78 19.59 -11.11
C SER B 2186 -23.30 19.50 -10.74
N THR B 2187 -22.99 18.91 -9.57
CA THR B 2187 -21.62 18.74 -9.15
C THR B 2187 -21.12 17.30 -9.21
N ARG B 2188 -22.03 16.31 -9.32
CA ARG B 2188 -21.58 14.93 -9.44
C ARG B 2188 -20.83 14.71 -10.74
N GLN B 2189 -21.34 15.27 -11.85
CA GLN B 2189 -20.65 15.11 -13.12
C GLN B 2189 -19.32 15.85 -13.11
N ALA B 2190 -19.28 17.02 -12.48
CA ALA B 2190 -18.03 17.76 -12.39
C ALA B 2190 -17.00 16.98 -11.59
N GLY B 2191 -17.42 16.36 -10.49
CA GLY B 2191 -16.49 15.56 -9.70
C GLY B 2191 -16.00 14.34 -10.46
N ILE B 2192 -16.89 13.70 -11.21
CA ILE B 2192 -16.50 12.54 -12.01
C ILE B 2192 -15.48 12.94 -13.06
N ILE B 2193 -15.75 14.05 -13.76
CA ILE B 2193 -14.84 14.51 -14.81
C ILE B 2193 -13.49 14.89 -14.22
N GLN B 2194 -13.50 15.58 -13.08
CA GLN B 2194 -12.24 15.95 -12.43
C GLN B 2194 -11.46 14.73 -12.00
N ALA B 2195 -12.14 13.72 -11.46
CA ALA B 2195 -11.45 12.49 -11.07
C ALA B 2195 -10.85 11.79 -12.28
N LEU B 2196 -11.59 11.74 -13.38
CA LEU B 2196 -11.05 11.13 -14.59
C LEU B 2196 -9.85 11.91 -15.13
N GLN B 2197 -9.91 13.23 -15.07
CA GLN B 2197 -8.79 14.06 -15.51
C GLN B 2197 -7.55 13.80 -14.65
N ASN B 2198 -7.73 13.70 -13.34
CA ASN B 2198 -6.61 13.46 -12.44
C ASN B 2198 -6.16 12.00 -12.44
N LEU B 2199 -6.95 11.09 -13.02
CA LEU B 2199 -6.59 9.69 -13.10
C LEU B 2199 -5.86 9.34 -14.41
N GLY B 2200 -5.59 10.32 -15.26
CA GLY B 2200 -4.90 10.06 -16.50
C GLY B 2200 -5.75 9.50 -17.61
N LEU B 2201 -7.06 9.39 -17.41
CA LEU B 2201 -7.96 8.85 -18.42
C LEU B 2201 -8.47 9.98 -19.31
N CYS B 2202 -8.04 9.98 -20.57
CA CYS B 2202 -8.42 11.01 -21.53
C CYS B 2202 -9.44 10.52 -22.54
N HIS B 2203 -9.15 9.42 -23.24
CA HIS B 2203 -10.11 8.88 -24.20
C HIS B 2203 -11.38 8.39 -23.51
N ILE B 2204 -11.23 7.79 -22.32
CA ILE B 2204 -12.40 7.36 -21.56
C ILE B 2204 -13.25 8.55 -21.17
N LEU B 2205 -12.61 9.64 -20.73
CA LEU B 2205 -13.35 10.85 -20.39
C LEU B 2205 -14.05 11.42 -21.63
N SER B 2206 -13.36 11.42 -22.77
CA SER B 2206 -13.97 11.96 -23.99
C SER B 2206 -15.20 11.17 -24.40
N VAL B 2207 -15.13 9.84 -24.30
CA VAL B 2207 -16.29 9.01 -24.65
C VAL B 2207 -17.40 9.18 -23.62
N TYR B 2208 -17.05 9.27 -22.34
CA TYR B 2208 -18.05 9.48 -21.30
C TYR B 2208 -18.77 10.81 -21.50
N LEU B 2209 -18.03 11.86 -21.83
CA LEU B 2209 -18.64 13.15 -22.10
C LEU B 2209 -19.48 13.13 -23.37
N LYS B 2210 -19.08 12.33 -24.36
CA LYS B 2210 -19.92 12.16 -25.54
C LYS B 2210 -21.24 11.48 -25.17
N GLY B 2211 -21.18 10.49 -24.28
CA GLY B 2211 -22.40 9.87 -23.81
C GLY B 2211 -23.27 10.83 -23.02
N LEU B 2212 -22.64 11.74 -22.27
CA LEU B 2212 -23.39 12.79 -21.59
C LEU B 2212 -24.08 13.70 -22.59
N ASP B 2213 -23.39 14.03 -23.69
CA ASP B 2213 -24.00 14.86 -24.72
C ASP B 2213 -25.16 14.14 -25.38
N TYR B 2214 -25.04 12.82 -25.55
CA TYR B 2214 -26.11 12.05 -26.17
C TYR B 2214 -27.33 11.97 -25.27
N GLU B 2215 -27.13 11.65 -23.99
CA GLU B 2215 -28.27 11.47 -23.09
C GLU B 2215 -28.88 12.79 -22.64
N ASN B 2216 -28.08 13.85 -22.55
CA ASN B 2216 -28.56 15.17 -22.10
C ASN B 2216 -28.27 16.18 -23.19
N LYS B 2217 -29.31 16.89 -23.64
CA LYS B 2217 -29.17 17.79 -24.78
C LYS B 2217 -28.54 19.12 -24.37
N ASP B 2218 -29.19 19.85 -23.48
CA ASP B 2218 -28.68 21.16 -23.08
C ASP B 2218 -27.43 21.03 -22.21
N TRP B 2219 -26.57 22.04 -22.28
CA TRP B 2219 -25.31 22.06 -21.55
C TRP B 2219 -25.30 23.21 -20.55
N CYS B 2220 -25.02 22.89 -19.30
CA CYS B 2220 -24.83 23.91 -18.28
C CYS B 2220 -23.45 24.54 -18.43
N PRO B 2221 -23.26 25.76 -17.94
CA PRO B 2221 -21.94 26.41 -18.08
C PRO B 2221 -20.79 25.58 -17.50
N GLU B 2222 -21.00 24.89 -16.39
CA GLU B 2222 -19.91 24.14 -15.76
C GLU B 2222 -19.47 22.98 -16.65
N LEU B 2223 -20.43 22.18 -17.13
CA LEU B 2223 -20.05 21.05 -17.97
C LEU B 2223 -19.58 21.50 -19.34
N GLU B 2224 -20.08 22.63 -19.84
CA GLU B 2224 -19.57 23.15 -21.11
C GLU B 2224 -18.11 23.59 -20.96
N GLU B 2225 -17.78 24.23 -19.83
CA GLU B 2225 -16.41 24.61 -19.57
C GLU B 2225 -15.51 23.38 -19.45
N LEU B 2226 -16.00 22.34 -18.76
CA LEU B 2226 -15.21 21.11 -18.67
C LEU B 2226 -15.07 20.45 -20.04
N HIS B 2227 -16.09 20.60 -20.90
CA HIS B 2227 -16.01 20.05 -22.25
C HIS B 2227 -14.91 20.75 -23.05
N TYR B 2228 -14.83 22.07 -22.94
CA TYR B 2228 -13.79 22.77 -23.68
C TYR B 2228 -12.42 22.53 -23.08
N GLN B 2229 -12.36 22.34 -21.76
CA GLN B 2229 -11.08 22.03 -21.12
C GLN B 2229 -10.55 20.70 -21.61
N ALA B 2230 -11.42 19.69 -21.68
CA ALA B 2230 -10.99 18.39 -22.17
C ALA B 2230 -10.72 18.43 -23.66
N ALA B 2231 -11.40 19.32 -24.38
CA ALA B 2231 -11.20 19.43 -25.82
C ALA B 2231 -9.80 19.96 -26.12
N TRP B 2232 -9.40 21.04 -25.44
CA TRP B 2232 -8.06 21.57 -25.71
C TRP B 2232 -6.98 20.71 -25.08
N ARG B 2233 -7.24 20.08 -23.92
CA ARG B 2233 -6.23 19.25 -23.28
C ARG B 2233 -5.97 17.98 -24.08
N ASN B 2234 -7.01 17.39 -24.67
CA ASN B 2234 -6.86 16.17 -25.45
C ASN B 2234 -6.62 16.45 -26.93
N MET B 2235 -6.49 17.72 -27.33
CA MET B 2235 -6.29 18.09 -28.73
C MET B 2235 -7.41 17.57 -29.62
N GLN B 2236 -8.64 17.60 -29.11
CA GLN B 2236 -9.82 17.17 -29.87
C GLN B 2236 -10.31 18.35 -30.69
N TRP B 2237 -9.58 18.63 -31.78
CA TRP B 2237 -9.90 19.77 -32.64
C TRP B 2237 -11.15 19.55 -33.47
N ASP B 2238 -11.64 18.32 -33.56
CA ASP B 2238 -12.86 18.05 -34.31
C ASP B 2238 -14.06 18.75 -33.67
N HIS B 2239 -14.14 18.73 -32.35
CA HIS B 2239 -15.24 19.37 -31.64
C HIS B 2239 -15.19 20.88 -31.83
N CYS B 2240 -16.35 21.49 -31.99
CA CYS B 2240 -16.45 22.93 -32.18
C CYS B 2240 -16.16 23.67 -30.89
N GLY B 2249 -20.57 35.32 -21.54
CA GLY B 2249 -19.64 35.12 -22.63
C GLY B 2249 -18.89 33.80 -22.54
N THR B 2250 -17.86 33.65 -23.37
CA THR B 2250 -17.07 32.44 -23.37
C THR B 2250 -16.27 32.30 -22.08
N SER B 2251 -16.11 31.06 -21.63
CA SER B 2251 -15.36 30.80 -20.42
C SER B 2251 -13.86 30.83 -20.70
N TYR B 2252 -13.06 30.68 -19.64
CA TYR B 2252 -11.61 30.70 -19.80
C TYR B 2252 -11.13 29.54 -20.65
N HIS B 2253 -11.67 28.34 -20.43
CA HIS B 2253 -11.26 27.18 -21.21
C HIS B 2253 -11.72 27.31 -22.65
N GLU B 2254 -12.92 27.86 -22.87
CA GLU B 2254 -13.38 28.08 -24.23
C GLU B 2254 -12.49 29.07 -24.96
N SER B 2255 -12.10 30.15 -24.29
CA SER B 2255 -11.20 31.12 -24.90
C SER B 2255 -9.84 30.51 -25.19
N LEU B 2256 -9.33 29.68 -24.27
CA LEU B 2256 -8.03 29.04 -24.48
C LEU B 2256 -8.09 28.09 -25.67
N TYR B 2257 -9.16 27.31 -25.79
CA TYR B 2257 -9.30 26.41 -26.92
C TYR B 2257 -9.42 27.17 -28.23
N ASN B 2258 -10.19 28.27 -28.22
CA ASN B 2258 -10.33 29.08 -29.43
C ASN B 2258 -8.99 29.69 -29.83
N ALA B 2259 -8.21 30.16 -28.85
CA ALA B 2259 -6.89 30.70 -29.15
C ALA B 2259 -5.96 29.63 -29.71
N LEU B 2260 -6.02 28.42 -29.15
CA LEU B 2260 -5.20 27.32 -29.66
C LEU B 2260 -5.57 26.97 -31.09
N GLN B 2261 -6.87 26.93 -31.39
CA GLN B 2261 -7.30 26.64 -32.75
C GLN B 2261 -6.89 27.75 -33.71
N SER B 2262 -6.98 29.01 -33.27
CA SER B 2262 -6.56 30.12 -34.11
C SER B 2262 -5.07 30.06 -34.39
N LEU B 2263 -4.27 29.70 -33.38
CA LEU B 2263 -2.83 29.54 -33.58
C LEU B 2263 -2.55 28.40 -34.55
N ARG B 2264 -3.31 27.30 -34.44
CA ARG B 2264 -3.14 26.19 -35.37
C ARG B 2264 -3.57 26.57 -36.79
N ASP B 2265 -4.44 27.57 -36.94
CA ASP B 2265 -4.90 28.03 -38.23
C ASP B 2265 -4.12 29.24 -38.74
N ARG B 2266 -3.02 29.59 -38.07
CA ARG B 2266 -2.19 30.74 -38.44
C ARG B 2266 -3.00 32.04 -38.46
N GLU B 2267 -3.94 32.17 -37.52
CA GLU B 2267 -4.75 33.36 -37.36
C GLU B 2267 -4.42 33.98 -36.01
N PHE B 2268 -3.73 35.12 -36.02
CA PHE B 2268 -3.32 35.75 -34.77
C PHE B 2268 -4.24 36.86 -34.30
N SER B 2269 -5.06 37.44 -35.19
CA SER B 2269 -5.96 38.52 -34.77
C SER B 2269 -6.99 37.99 -33.77
N THR B 2270 -7.64 36.87 -34.09
CA THR B 2270 -8.61 36.31 -33.15
C THR B 2270 -7.90 35.66 -31.97
N PHE B 2271 -6.67 35.20 -32.16
CA PHE B 2271 -5.92 34.61 -31.06
C PHE B 2271 -5.64 35.66 -29.99
N TYR B 2272 -5.22 36.85 -30.43
CA TYR B 2272 -4.93 37.93 -29.47
C TYR B 2272 -6.21 38.48 -28.87
N GLU B 2273 -7.27 38.59 -29.68
CA GLU B 2273 -8.53 39.09 -29.14
C GLU B 2273 -9.09 38.12 -28.09
N SER B 2274 -9.01 36.81 -28.36
CA SER B 2274 -9.48 35.82 -27.40
C SER B 2274 -8.67 35.86 -26.11
N LEU B 2275 -7.34 35.99 -26.23
CA LEU B 2275 -6.54 36.06 -25.00
C LEU B 2275 -6.84 37.34 -24.21
N LYS B 2276 -7.03 38.47 -24.89
CA LYS B 2276 -7.38 39.70 -24.18
C LYS B 2276 -8.73 39.56 -23.49
N TYR B 2277 -9.70 38.95 -24.17
CA TYR B 2277 -11.02 38.75 -23.56
C TYR B 2277 -10.92 37.82 -22.36
N ALA B 2278 -10.11 36.77 -22.46
CA ALA B 2278 -9.95 35.85 -21.34
C ALA B 2278 -9.30 36.54 -20.15
N ARG B 2279 -8.29 37.38 -20.41
CA ARG B 2279 -7.64 38.11 -19.32
C ARG B 2279 -8.62 39.05 -18.65
N VAL B 2280 -9.42 39.78 -19.45
CA VAL B 2280 -10.37 40.72 -18.86
C VAL B 2280 -11.42 39.96 -18.04
N LYS B 2281 -11.93 38.85 -18.58
CA LYS B 2281 -12.94 38.08 -17.87
C LYS B 2281 -12.40 37.54 -16.56
N GLU B 2282 -11.18 37.00 -16.58
CA GLU B 2282 -10.60 36.44 -15.37
C GLU B 2282 -10.35 37.52 -14.33
N VAL B 2283 -9.87 38.69 -14.76
CA VAL B 2283 -9.57 39.74 -13.80
C VAL B 2283 -10.86 40.26 -13.16
N GLU B 2284 -11.89 40.51 -13.98
CA GLU B 2284 -13.13 41.04 -13.43
C GLU B 2284 -13.82 40.02 -12.54
N GLU B 2285 -13.80 38.73 -12.92
CA GLU B 2285 -14.39 37.71 -12.08
C GLU B 2285 -13.64 37.59 -10.76
N MET B 2286 -12.31 37.67 -10.80
CA MET B 2286 -11.55 37.55 -9.56
C MET B 2286 -11.82 38.74 -8.64
N CYS B 2287 -11.89 39.95 -9.20
CA CYS B 2287 -12.01 41.14 -8.36
C CYS B 2287 -13.44 41.42 -7.92
N LYS B 2288 -14.45 40.77 -8.52
CA LYS B 2288 -15.82 41.06 -8.11
C LYS B 2288 -16.16 40.46 -6.75
N ARG B 2289 -15.49 39.37 -6.36
CA ARG B 2289 -15.80 38.70 -5.11
C ARG B 2289 -15.20 39.46 -3.93
N SER B 2290 -15.40 38.92 -2.73
CA SER B 2290 -14.94 39.57 -1.50
C SER B 2290 -13.47 39.35 -1.22
N LEU B 2291 -12.83 38.41 -1.90
CA LEU B 2291 -11.40 38.13 -1.77
C LEU B 2291 -11.14 37.69 -0.33
N GLU B 2292 -10.25 38.35 0.42
CA GLU B 2292 -9.92 38.09 1.81
C GLU B 2292 -9.16 36.78 2.02
N SER B 2293 -8.94 35.98 0.98
CA SER B 2293 -8.24 34.71 1.10
C SER B 2293 -7.15 34.63 0.03
N VAL B 2294 -5.93 34.33 0.47
CA VAL B 2294 -4.81 34.22 -0.47
C VAL B 2294 -4.97 32.99 -1.36
N TYR B 2295 -5.48 31.89 -0.79
CA TYR B 2295 -5.57 30.64 -1.53
C TYR B 2295 -6.45 30.78 -2.77
N SER B 2296 -7.46 31.67 -2.73
CA SER B 2296 -8.30 31.88 -3.89
C SER B 2296 -7.57 32.55 -5.04
N LEU B 2297 -6.47 33.26 -4.75
CA LEU B 2297 -5.73 33.95 -5.80
C LEU B 2297 -4.93 32.98 -6.67
N TYR B 2298 -4.56 31.81 -6.13
CA TYR B 2298 -3.72 30.88 -6.87
C TYR B 2298 -4.33 30.38 -8.17
N PRO B 2299 -5.60 29.95 -8.23
CA PRO B 2299 -6.16 29.55 -9.53
C PRO B 2299 -6.15 30.66 -10.57
N THR B 2300 -6.42 31.90 -10.14
CA THR B 2300 -6.42 33.02 -11.07
C THR B 2300 -5.01 33.31 -11.55
N LEU B 2301 -4.04 33.26 -10.65
CA LEU B 2301 -2.66 33.50 -11.04
C LEU B 2301 -2.18 32.42 -12.00
N SER B 2302 -2.58 31.17 -11.77
CA SER B 2302 -2.20 30.09 -12.67
C SER B 2302 -2.82 30.28 -14.06
N ARG B 2303 -4.10 30.65 -14.12
CA ARG B 2303 -4.73 30.88 -15.41
C ARG B 2303 -4.09 32.05 -16.15
N LEU B 2304 -3.78 33.13 -15.43
CA LEU B 2304 -3.12 34.27 -16.05
C LEU B 2304 -1.73 33.89 -16.54
N GLN B 2305 -1.00 33.07 -15.76
CA GLN B 2305 0.32 32.62 -16.19
C GLN B 2305 0.23 31.79 -17.46
N ALA B 2306 -0.79 30.92 -17.54
CA ALA B 2306 -0.99 30.12 -18.75
C ALA B 2306 -1.29 31.02 -19.95
N ILE B 2307 -2.10 32.06 -19.74
CA ILE B 2307 -2.40 32.99 -20.82
C ILE B 2307 -1.13 33.72 -21.26
N GLY B 2308 -0.31 34.15 -20.29
CA GLY B 2308 0.91 34.85 -20.63
C GLY B 2308 1.89 33.96 -21.38
N GLU B 2309 1.97 32.69 -21.00
CA GLU B 2309 2.84 31.75 -21.71
C GLU B 2309 2.34 31.54 -23.13
N LEU B 2310 1.01 31.48 -23.31
CA LEU B 2310 0.48 31.35 -24.66
C LEU B 2310 0.76 32.60 -25.48
N GLU B 2311 0.75 33.78 -24.82
CA GLU B 2311 1.09 35.01 -25.52
C GLU B 2311 2.55 34.98 -25.98
N SER B 2312 3.45 34.49 -25.11
CA SER B 2312 4.85 34.39 -25.48
C SER B 2312 5.04 33.41 -26.63
N ILE B 2313 4.30 32.30 -26.61
CA ILE B 2313 4.39 31.34 -27.70
C ILE B 2313 3.89 31.95 -29.00
N GLY B 2314 2.79 32.69 -28.95
CA GLY B 2314 2.29 33.34 -30.15
C GLY B 2314 3.27 34.35 -30.71
N GLU B 2315 3.92 35.11 -29.83
CA GLU B 2315 4.94 36.05 -30.28
C GLU B 2315 6.12 35.32 -30.93
N LEU B 2316 6.53 34.19 -30.34
CA LEU B 2316 7.62 33.42 -30.95
C LEU B 2316 7.21 32.85 -32.30
N PHE B 2317 6.01 32.29 -32.39
CA PHE B 2317 5.51 31.67 -33.62
C PHE B 2317 4.87 32.67 -34.57
N SER B 2318 5.07 33.96 -34.36
CA SER B 2318 4.46 34.96 -35.24
C SER B 2318 5.02 34.87 -36.65
N ARG B 2319 6.34 34.81 -36.78
CA ARG B 2319 6.91 34.80 -38.14
C ARG B 2319 7.86 33.64 -38.39
N SER B 2320 8.63 33.23 -37.38
CA SER B 2320 9.60 32.15 -37.56
C SER B 2320 10.06 31.68 -36.19
N VAL B 2321 10.74 30.54 -36.16
CA VAL B 2321 11.28 29.96 -34.94
C VAL B 2321 12.76 29.68 -35.13
N THR B 2322 13.57 30.03 -34.13
CA THR B 2322 15.00 29.80 -34.17
C THR B 2322 15.43 29.02 -32.94
N HIS B 2323 16.60 28.38 -33.05
CA HIS B 2323 17.11 27.58 -31.95
C HIS B 2323 17.38 28.43 -30.72
N ARG B 2324 17.95 29.63 -30.91
CA ARG B 2324 18.24 30.49 -29.77
C ARG B 2324 16.96 30.95 -29.08
N GLN B 2325 15.92 31.27 -29.85
CA GLN B 2325 14.66 31.68 -29.25
C GLN B 2325 14.00 30.54 -28.49
N LEU B 2326 14.03 29.33 -29.06
CA LEU B 2326 13.48 28.18 -28.36
C LEU B 2326 14.26 27.89 -27.07
N SER B 2327 15.59 28.02 -27.14
CA SER B 2327 16.40 27.79 -25.94
C SER B 2327 16.11 28.82 -24.86
N GLU B 2328 15.96 30.09 -25.24
CA GLU B 2328 15.70 31.11 -24.22
C GLU B 2328 14.28 31.00 -23.68
N VAL B 2329 13.34 30.49 -24.49
CA VAL B 2329 11.99 30.26 -23.99
C VAL B 2329 12.01 29.10 -22.99
N TYR B 2330 12.73 28.03 -23.32
CA TYR B 2330 12.77 26.89 -22.41
C TYR B 2330 13.47 27.25 -21.11
N ILE B 2331 14.58 27.99 -21.18
CA ILE B 2331 15.26 28.34 -19.93
C ILE B 2331 14.41 29.29 -19.10
N LYS B 2332 13.65 30.19 -19.73
CA LYS B 2332 12.72 31.03 -18.97
C LYS B 2332 11.65 30.18 -18.29
N TRP B 2333 11.12 29.19 -19.01
CA TRP B 2333 10.12 28.30 -18.43
C TRP B 2333 10.70 27.51 -17.27
N GLN B 2334 11.91 26.99 -17.42
CA GLN B 2334 12.53 26.22 -16.35
C GLN B 2334 12.81 27.10 -15.13
N LYS B 2335 13.27 28.33 -15.35
CA LYS B 2335 13.53 29.22 -14.23
C LYS B 2335 12.24 29.55 -13.48
N HIS B 2336 11.16 29.79 -14.22
CA HIS B 2336 9.91 30.07 -13.52
C HIS B 2336 9.37 28.83 -12.83
N SER B 2337 9.54 27.64 -13.43
CA SER B 2337 9.12 26.44 -12.74
C SER B 2337 9.94 26.23 -11.47
N GLN B 2338 11.19 26.69 -11.46
CA GLN B 2338 11.96 26.66 -10.23
C GLN B 2338 11.34 27.62 -9.21
N LEU B 2339 10.81 28.74 -9.70
CA LEU B 2339 10.09 29.65 -8.80
C LEU B 2339 8.77 29.08 -8.34
N LEU B 2340 8.26 28.04 -9.01
CA LEU B 2340 7.00 27.40 -8.68
C LEU B 2340 7.17 26.08 -7.94
N LYS B 2341 8.36 25.83 -7.40
CA LYS B 2341 8.60 24.57 -6.69
C LYS B 2341 7.70 24.44 -5.47
N ASP B 2342 7.50 25.52 -4.73
CA ASP B 2342 6.66 25.47 -3.54
C ASP B 2342 5.16 25.54 -3.85
N SER B 2343 4.79 25.80 -5.10
CA SER B 2343 3.38 25.88 -5.45
C SER B 2343 2.74 24.50 -5.46
N ASP B 2344 1.41 24.47 -5.36
CA ASP B 2344 0.69 23.22 -5.35
C ASP B 2344 0.63 22.59 -6.73
N PHE B 2345 0.49 21.25 -6.75
CA PHE B 2345 0.40 20.55 -8.01
C PHE B 2345 -0.92 20.85 -8.71
N SER B 2346 -1.96 21.19 -7.94
CA SER B 2346 -3.23 21.55 -8.56
C SER B 2346 -3.09 22.83 -9.37
N PHE B 2347 -2.29 23.77 -8.87
CA PHE B 2347 -2.05 25.03 -9.58
C PHE B 2347 -0.92 24.92 -10.60
N GLN B 2348 -0.16 23.82 -10.60
CA GLN B 2348 0.91 23.67 -11.59
C GLN B 2348 0.54 22.75 -12.76
N GLU B 2349 -0.39 21.82 -12.56
CA GLU B 2349 -0.75 20.88 -13.62
C GLU B 2349 -1.30 21.55 -14.87
N PRO B 2350 -2.21 22.54 -14.81
CA PRO B 2350 -2.62 23.20 -16.05
C PRO B 2350 -1.49 23.86 -16.81
N ILE B 2351 -0.50 24.41 -16.11
CA ILE B 2351 0.64 25.04 -16.79
C ILE B 2351 1.43 23.99 -17.57
N MET B 2352 1.69 22.84 -16.95
CA MET B 2352 2.43 21.79 -17.63
C MET B 2352 1.63 21.22 -18.79
N ALA B 2353 0.32 21.08 -18.61
CA ALA B 2353 -0.52 20.56 -19.68
C ALA B 2353 -0.51 21.50 -20.88
N LEU B 2354 -0.61 22.81 -20.61
CA LEU B 2354 -0.58 23.78 -21.70
C LEU B 2354 0.78 23.77 -22.39
N ARG B 2355 1.86 23.64 -21.62
CA ARG B 2355 3.19 23.59 -22.23
C ARG B 2355 3.33 22.36 -23.12
N THR B 2356 2.80 21.22 -22.67
CA THR B 2356 2.83 20.01 -23.48
C THR B 2356 2.03 20.18 -24.76
N VAL B 2357 0.86 20.80 -24.67
CA VAL B 2357 0.04 21.03 -25.86
C VAL B 2357 0.76 21.95 -26.83
N ILE B 2358 1.40 23.01 -26.31
CA ILE B 2358 2.12 23.95 -27.15
C ILE B 2358 3.26 23.24 -27.88
N LEU B 2359 4.01 22.42 -27.15
CA LEU B 2359 5.12 21.70 -27.78
C LEU B 2359 4.62 20.72 -28.83
N GLU B 2360 3.49 20.07 -28.57
CA GLU B 2360 2.93 19.15 -29.55
C GLU B 2360 2.48 19.89 -30.80
N ILE B 2361 1.89 21.08 -30.64
CA ILE B 2361 1.51 21.89 -31.80
C ILE B 2361 2.75 22.31 -32.59
N LEU B 2362 3.81 22.72 -31.89
CA LEU B 2362 5.04 23.10 -32.58
C LEU B 2362 5.63 21.92 -33.35
N MET B 2363 5.61 20.73 -32.76
CA MET B 2363 6.09 19.55 -33.48
C MET B 2363 5.21 19.25 -34.68
N GLU B 2364 3.89 19.42 -34.53
CA GLU B 2364 2.97 19.13 -35.61
C GLU B 2364 3.18 20.07 -36.80
N LYS B 2365 3.46 21.35 -36.53
CA LYS B 2365 3.58 22.36 -37.57
C LYS B 2365 5.04 22.80 -37.76
N GLU B 2366 5.95 21.85 -37.71
CA GLU B 2366 7.37 22.11 -37.92
C GLU B 2366 7.83 21.40 -39.20
N MET B 2367 8.42 22.16 -40.11
CA MET B 2367 8.98 21.57 -41.32
C MET B 2367 10.24 20.78 -40.99
N ASP B 2368 10.50 19.74 -41.79
CA ASP B 2368 11.61 18.83 -41.54
C ASP B 2368 12.94 19.56 -41.69
N ASN B 2369 13.62 19.80 -40.58
CA ASN B 2369 14.92 20.46 -40.56
C ASN B 2369 15.58 20.18 -39.21
N SER B 2370 16.72 20.83 -38.96
CA SER B 2370 17.40 20.67 -37.68
C SER B 2370 16.60 21.27 -36.53
N GLN B 2371 15.68 22.20 -36.82
CA GLN B 2371 14.86 22.78 -35.76
C GLN B 2371 13.90 21.76 -35.18
N ARG B 2372 13.43 20.81 -35.99
CA ARG B 2372 12.53 19.78 -35.49
C ARG B 2372 13.19 18.94 -34.41
N GLU B 2373 14.46 18.59 -34.59
CA GLU B 2373 15.17 17.84 -33.56
C GLU B 2373 15.28 18.64 -32.27
N CYS B 2374 15.57 19.94 -32.38
CA CYS B 2374 15.66 20.78 -31.18
C CYS B 2374 14.32 20.85 -30.46
N ILE B 2375 13.22 21.00 -31.22
CA ILE B 2375 11.90 21.05 -30.60
C ILE B 2375 11.57 19.71 -29.95
N LYS B 2376 11.93 18.60 -30.59
CA LYS B 2376 11.68 17.29 -30.01
C LYS B 2376 12.46 17.10 -28.72
N ASP B 2377 13.72 17.54 -28.69
CA ASP B 2377 14.51 17.46 -27.46
C ASP B 2377 13.91 18.33 -26.37
N ILE B 2378 13.44 19.53 -26.72
CA ILE B 2378 12.81 20.39 -25.73
C ILE B 2378 11.53 19.75 -25.19
N LEU B 2379 10.74 19.15 -26.07
CA LEU B 2379 9.53 18.44 -25.66
C LEU B 2379 9.85 17.28 -24.71
N THR B 2380 10.89 16.51 -25.02
CA THR B 2380 11.30 15.43 -24.13
C THR B 2380 11.75 15.95 -22.78
N LYS B 2381 12.52 17.04 -22.76
CA LYS B 2381 12.96 17.60 -21.50
C LYS B 2381 11.78 18.12 -20.70
N HIS B 2382 10.79 18.73 -21.36
CA HIS B 2382 9.62 19.20 -20.66
C HIS B 2382 8.83 18.03 -20.08
N LEU B 2383 8.74 16.93 -20.84
CA LEU B 2383 7.97 15.80 -20.36
C LEU B 2383 8.66 15.14 -19.17
N VAL B 2384 9.99 15.08 -19.18
CA VAL B 2384 10.67 14.46 -18.04
C VAL B 2384 10.54 15.36 -16.81
N GLU B 2385 10.64 16.68 -16.97
CA GLU B 2385 10.44 17.54 -15.81
C GLU B 2385 9.01 17.44 -15.29
N LEU B 2386 8.04 17.22 -16.18
CA LEU B 2386 6.68 16.98 -15.72
C LEU B 2386 6.59 15.63 -15.01
N SER B 2387 7.41 14.67 -15.43
CA SER B 2387 7.39 13.35 -14.80
C SER B 2387 7.86 13.45 -13.35
N ILE B 2388 8.99 14.12 -13.13
CA ILE B 2388 9.45 14.31 -11.75
C ILE B 2388 8.47 15.17 -10.96
N LEU B 2389 7.92 16.21 -11.59
CA LEU B 2389 6.99 17.09 -10.89
C LEU B 2389 5.77 16.32 -10.39
N ALA B 2390 5.21 15.44 -11.23
CA ALA B 2390 4.07 14.63 -10.80
C ALA B 2390 4.49 13.51 -9.86
N ARG B 2391 5.71 12.98 -10.01
CA ARG B 2391 6.15 11.91 -9.13
C ARG B 2391 6.30 12.39 -7.70
N THR B 2392 6.83 13.61 -7.52
CA THR B 2392 7.01 14.11 -6.16
C THR B 2392 5.69 14.42 -5.46
N PHE B 2393 4.57 14.47 -6.20
CA PHE B 2393 3.26 14.70 -5.62
C PHE B 2393 2.43 13.42 -5.53
N LYS B 2394 3.10 12.27 -5.47
CA LYS B 2394 2.44 10.96 -5.31
C LYS B 2394 1.43 10.71 -6.43
N ASN B 2395 1.84 11.00 -7.66
CA ASN B 2395 1.01 10.75 -8.84
C ASN B 2395 1.80 9.89 -9.83
N THR B 2396 1.16 8.83 -10.33
CA THR B 2396 1.83 7.91 -11.23
C THR B 2396 1.16 7.78 -12.61
N GLN B 2397 0.00 8.40 -12.81
CA GLN B 2397 -0.70 8.29 -14.09
C GLN B 2397 -0.14 9.28 -15.11
N LEU B 2398 -0.09 10.56 -14.73
CA LEU B 2398 0.51 11.55 -15.61
C LEU B 2398 1.96 11.24 -15.96
N PRO B 2399 2.82 10.82 -15.04
CA PRO B 2399 4.19 10.46 -15.47
C PRO B 2399 4.21 9.34 -16.49
N GLU B 2400 3.31 8.36 -16.35
CA GLU B 2400 3.24 7.29 -17.34
C GLU B 2400 2.77 7.83 -18.69
N ARG B 2401 1.84 8.79 -18.67
CA ARG B 2401 1.40 9.39 -19.92
C ARG B 2401 2.55 10.16 -20.58
N ALA B 2402 3.35 10.86 -19.77
CA ALA B 2402 4.50 11.58 -20.31
C ALA B 2402 5.50 10.61 -20.92
N ILE B 2403 5.75 9.48 -20.26
CA ILE B 2403 6.67 8.50 -20.82
C ILE B 2403 6.10 7.91 -22.10
N PHE B 2404 4.78 7.74 -22.17
CA PHE B 2404 4.17 7.23 -23.39
C PHE B 2404 4.37 8.20 -24.54
N GLN B 2405 4.22 9.50 -24.28
CA GLN B 2405 4.46 10.50 -25.32
C GLN B 2405 5.94 10.52 -25.72
N ILE B 2406 6.84 10.32 -24.75
CA ILE B 2406 8.26 10.25 -25.05
C ILE B 2406 8.55 9.07 -25.97
N LYS B 2407 7.97 7.91 -25.67
CA LYS B 2407 8.18 6.76 -26.55
C LYS B 2407 7.50 6.97 -27.90
N GLN B 2408 6.43 7.76 -27.93
CA GLN B 2408 5.74 8.06 -29.18
C GLN B 2408 6.62 8.90 -30.11
N TYR B 2409 7.34 9.88 -29.56
CA TYR B 2409 8.18 10.74 -30.41
C TYR B 2409 9.60 10.22 -30.53
N ASN B 2410 10.30 10.07 -29.42
CA ASN B 2410 11.67 9.59 -29.41
C ASN B 2410 11.69 8.07 -29.64
N SER B 2411 12.84 7.58 -30.11
CA SER B 2411 13.02 6.17 -30.39
C SER B 2411 14.30 5.67 -29.74
N VAL B 2412 14.30 4.41 -29.34
CA VAL B 2412 15.46 3.81 -28.69
C VAL B 2412 16.57 3.57 -29.71
N SER B 2413 17.79 3.52 -29.19
CA SER B 2413 18.98 3.31 -30.02
C SER B 2413 20.04 2.62 -29.16
N CYS B 2414 21.26 2.57 -29.68
CA CYS B 2414 22.36 1.95 -28.94
C CYS B 2414 22.64 2.70 -27.64
N GLY B 2415 22.64 4.03 -27.68
CA GLY B 2415 22.84 4.83 -26.49
C GLY B 2415 21.54 5.29 -25.88
N VAL B 2416 21.17 4.70 -24.74
CA VAL B 2416 19.91 5.06 -24.09
C VAL B 2416 20.02 6.45 -23.49
N SER B 2417 18.94 7.22 -23.60
CA SER B 2417 18.88 8.58 -23.08
C SER B 2417 18.46 8.55 -21.61
N GLU B 2418 18.15 9.73 -21.07
CA GLU B 2418 17.76 9.84 -19.66
C GLU B 2418 16.28 9.49 -19.45
N TRP B 2419 15.48 9.41 -20.51
CA TRP B 2419 14.09 9.11 -20.30
C TRP B 2419 13.86 7.62 -20.05
N GLN B 2420 14.80 6.75 -20.41
CA GLN B 2420 14.70 5.37 -19.97
C GLN B 2420 14.86 5.29 -18.45
N LEU B 2421 15.79 6.07 -17.91
CA LEU B 2421 15.96 6.14 -16.46
C LEU B 2421 14.73 6.72 -15.80
N GLU B 2422 14.13 7.75 -16.41
CA GLU B 2422 12.91 8.31 -15.85
C GLU B 2422 11.76 7.31 -15.92
N GLU B 2423 11.72 6.48 -16.97
CA GLU B 2423 10.72 5.42 -17.05
C GLU B 2423 10.91 4.41 -15.94
N ALA B 2424 12.16 4.05 -15.66
CA ALA B 2424 12.45 3.13 -14.57
C ALA B 2424 12.03 3.73 -13.23
N GLN B 2425 12.27 5.03 -13.04
CA GLN B 2425 11.85 5.68 -11.80
C GLN B 2425 10.32 5.70 -11.68
N VAL B 2426 9.63 5.93 -12.80
CA VAL B 2426 8.17 5.91 -12.79
C VAL B 2426 7.65 4.53 -12.42
N PHE B 2427 8.24 3.49 -13.03
CA PHE B 2427 7.81 2.13 -12.71
C PHE B 2427 8.15 1.78 -11.27
N TRP B 2428 9.23 2.34 -10.73
CA TRP B 2428 9.55 2.14 -9.32
C TRP B 2428 8.50 2.77 -8.43
N ALA B 2429 8.06 3.98 -8.79
CA ALA B 2429 7.00 4.65 -8.04
C ALA B 2429 5.67 3.91 -8.17
N LYS B 2430 5.48 3.16 -9.25
CA LYS B 2430 4.28 2.36 -9.46
C LYS B 2430 4.33 1.01 -8.75
N LYS B 2431 5.25 0.85 -7.79
CA LYS B 2431 5.45 -0.39 -7.04
C LYS B 2431 5.86 -1.56 -7.93
N GLU B 2432 6.34 -1.28 -9.14
CA GLU B 2432 6.84 -2.33 -10.03
C GLU B 2432 8.36 -2.38 -9.91
N GLN B 2433 8.80 -2.85 -8.74
CA GLN B 2433 10.23 -2.89 -8.45
C GLN B 2433 10.97 -3.83 -9.38
N SER B 2434 10.39 -5.00 -9.67
CA SER B 2434 11.06 -5.97 -10.53
C SER B 2434 11.26 -5.40 -11.94
N LEU B 2435 10.23 -4.75 -12.49
CA LEU B 2435 10.35 -4.18 -13.82
C LEU B 2435 11.32 -3.01 -13.83
N ALA B 2436 11.29 -2.17 -12.79
CA ALA B 2436 12.21 -1.03 -12.75
C ALA B 2436 13.64 -1.52 -12.65
N LEU B 2437 13.89 -2.54 -11.82
CA LEU B 2437 15.25 -3.06 -11.69
C LEU B 2437 15.72 -3.71 -12.98
N SER B 2438 14.84 -4.44 -13.65
CA SER B 2438 15.23 -5.08 -14.91
C SER B 2438 15.57 -4.03 -15.97
N ILE B 2439 14.76 -2.96 -16.05
CA ILE B 2439 15.01 -1.90 -17.02
C ILE B 2439 16.32 -1.20 -16.72
N LEU B 2440 16.57 -0.90 -15.44
CA LEU B 2440 17.79 -0.17 -15.09
C LEU B 2440 19.02 -1.06 -15.30
N LYS B 2441 18.91 -2.35 -15.01
CA LYS B 2441 20.02 -3.26 -15.24
C LYS B 2441 20.31 -3.38 -16.73
N GLN B 2442 19.27 -3.40 -17.57
CA GLN B 2442 19.49 -3.42 -19.01
C GLN B 2442 20.17 -2.13 -19.46
N MET B 2443 19.79 -0.99 -18.86
CA MET B 2443 20.44 0.27 -19.19
C MET B 2443 21.91 0.23 -18.82
N ILE B 2444 22.23 -0.33 -17.65
CA ILE B 2444 23.63 -0.43 -17.22
C ILE B 2444 24.40 -1.33 -18.17
N LYS B 2445 23.79 -2.45 -18.56
CA LYS B 2445 24.45 -3.39 -19.48
C LYS B 2445 24.73 -2.74 -20.83
N LYS B 2446 23.81 -1.87 -21.29
CA LYS B 2446 24.05 -1.20 -22.56
C LYS B 2446 25.11 -0.11 -22.42
N LEU B 2447 25.09 0.62 -21.30
CA LEU B 2447 25.99 1.75 -21.14
C LEU B 2447 27.42 1.29 -20.96
N ASP B 2448 27.65 0.31 -20.08
CA ASP B 2448 29.03 -0.11 -19.83
C ASP B 2448 29.61 -0.89 -20.99
N ALA B 2449 28.78 -1.30 -21.95
CA ALA B 2449 29.24 -2.03 -23.13
C ALA B 2449 29.40 -1.14 -24.35
N SER B 2450 28.69 -0.01 -24.40
CA SER B 2450 28.79 0.89 -25.55
C SER B 2450 28.87 2.34 -25.10
N CYS B 2451 29.67 2.60 -24.06
CA CYS B 2451 29.86 3.97 -23.59
C CYS B 2451 30.78 4.75 -24.51
N ALA B 2452 32.04 4.31 -24.62
CA ALA B 2452 33.04 4.89 -25.52
C ALA B 2452 33.27 6.38 -25.25
N ALA B 2453 32.86 6.87 -24.08
CA ALA B 2453 33.01 8.28 -23.72
C ALA B 2453 32.41 9.20 -24.78
N ASN B 2454 31.24 8.81 -25.29
CA ASN B 2454 30.62 9.55 -26.39
C ASN B 2454 30.09 10.91 -25.94
N ASN B 2455 29.58 11.01 -24.71
CA ASN B 2455 28.98 12.26 -24.26
C ASN B 2455 29.05 12.42 -22.75
N PRO B 2456 29.45 13.60 -22.26
CA PRO B 2456 29.41 13.82 -20.80
C PRO B 2456 28.01 13.69 -20.23
N SER B 2457 26.98 13.99 -21.01
CA SER B 2457 25.61 13.76 -20.54
C SER B 2457 25.37 12.27 -20.33
N LEU B 2458 25.88 11.43 -21.24
CA LEU B 2458 25.78 10.00 -21.04
C LEU B 2458 26.60 9.55 -19.83
N LYS B 2459 27.73 10.20 -19.58
CA LYS B 2459 28.52 9.84 -18.40
C LYS B 2459 27.77 10.17 -17.12
N LEU B 2460 27.13 11.34 -17.06
CA LEU B 2460 26.44 11.74 -15.85
C LEU B 2460 25.18 10.91 -15.65
N THR B 2461 24.49 10.55 -16.74
CA THR B 2461 23.33 9.69 -16.56
C THR B 2461 23.73 8.26 -16.25
N TYR B 2462 24.93 7.84 -16.65
CA TYR B 2462 25.44 6.53 -16.21
C TYR B 2462 25.73 6.54 -14.72
N THR B 2463 26.32 7.63 -14.23
CA THR B 2463 26.57 7.74 -12.79
C THR B 2463 25.25 7.77 -12.02
N GLU B 2464 24.26 8.51 -12.53
CA GLU B 2464 22.96 8.57 -11.88
C GLU B 2464 22.29 7.20 -11.87
N CYS B 2465 22.37 6.47 -12.99
CA CYS B 2465 21.77 5.14 -13.06
C CYS B 2465 22.45 4.18 -12.08
N LEU B 2466 23.77 4.24 -11.99
CA LEU B 2466 24.47 3.37 -11.04
C LEU B 2466 24.09 3.71 -9.60
N ARG B 2467 23.99 5.01 -9.29
CA ARG B 2467 23.62 5.41 -7.93
C ARG B 2467 22.20 4.96 -7.60
N VAL B 2468 21.28 5.11 -8.55
CA VAL B 2468 19.89 4.70 -8.33
C VAL B 2468 19.81 3.19 -8.15
N CYS B 2469 20.55 2.42 -8.96
CA CYS B 2469 20.53 0.98 -8.83
C CYS B 2469 21.10 0.55 -7.48
N GLY B 2470 22.18 1.19 -7.03
CA GLY B 2470 22.74 0.86 -5.74
C GLY B 2470 21.78 1.17 -4.61
N ASN B 2471 21.10 2.31 -4.68
CA ASN B 2471 20.12 2.65 -3.65
C ASN B 2471 18.95 1.67 -3.64
N TRP B 2472 18.47 1.28 -4.83
CA TRP B 2472 17.36 0.35 -4.90
C TRP B 2472 17.75 -1.01 -4.35
N LEU B 2473 18.96 -1.48 -4.67
CA LEU B 2473 19.42 -2.76 -4.14
C LEU B 2473 19.58 -2.68 -2.63
N ALA B 2474 20.09 -1.55 -2.12
CA ALA B 2474 20.28 -1.40 -0.68
C ALA B 2474 18.95 -1.40 0.05
N GLU B 2475 17.95 -0.73 -0.53
CA GLU B 2475 16.65 -0.61 0.14
C GLU B 2475 15.89 -1.93 0.10
N THR B 2476 15.86 -2.61 -1.06
CA THR B 2476 15.07 -3.83 -1.17
C THR B 2476 15.77 -5.07 -0.64
N CYS B 2477 17.11 -5.07 -0.60
CA CYS B 2477 17.89 -6.17 -0.02
C CYS B 2477 17.63 -7.49 -0.75
N LEU B 2478 17.81 -7.48 -2.07
CA LEU B 2478 17.81 -8.71 -2.85
C LEU B 2478 19.20 -9.31 -2.99
N GLU B 2479 20.24 -8.59 -2.58
CA GLU B 2479 21.61 -9.09 -2.63
C GLU B 2479 22.38 -8.54 -1.45
N ASN B 2480 23.44 -9.23 -1.06
CA ASN B 2480 24.25 -8.77 0.05
C ASN B 2480 24.99 -7.48 -0.34
N PRO B 2481 25.28 -6.62 0.63
CA PRO B 2481 25.94 -5.35 0.30
C PRO B 2481 27.33 -5.52 -0.30
N ALA B 2482 27.97 -6.67 -0.12
CA ALA B 2482 29.36 -6.84 -0.54
C ALA B 2482 29.52 -6.68 -2.04
N VAL B 2483 28.58 -7.20 -2.83
CA VAL B 2483 28.74 -7.17 -4.27
C VAL B 2483 28.08 -5.94 -4.87
N ILE B 2484 26.94 -5.52 -4.34
CA ILE B 2484 26.25 -4.35 -4.90
C ILE B 2484 27.05 -3.08 -4.66
N MET B 2485 27.73 -2.98 -3.50
CA MET B 2485 28.53 -1.79 -3.22
C MET B 2485 29.63 -1.65 -4.26
N GLN B 2486 30.41 -2.71 -4.46
CA GLN B 2486 31.53 -2.64 -5.38
C GLN B 2486 31.05 -2.46 -6.81
N THR B 2487 29.94 -3.13 -7.17
CA THR B 2487 29.47 -3.09 -8.55
C THR B 2487 28.89 -1.73 -8.92
N TYR B 2488 28.26 -1.03 -8.00
CA TYR B 2488 27.55 0.19 -8.38
C TYR B 2488 28.10 1.46 -7.75
N LEU B 2489 28.37 1.45 -6.44
CA LEU B 2489 28.68 2.71 -5.76
C LEU B 2489 30.08 3.20 -6.12
N GLU B 2490 31.11 2.39 -5.85
CA GLU B 2490 32.46 2.79 -6.20
C GLU B 2490 32.62 2.93 -7.72
N LYS B 2491 31.85 2.16 -8.50
CA LYS B 2491 31.88 2.33 -9.95
C LYS B 2491 31.39 3.71 -10.35
N ALA B 2492 30.28 4.18 -9.76
CA ALA B 2492 29.77 5.50 -10.06
C ALA B 2492 30.74 6.57 -9.58
N VAL B 2493 31.35 6.36 -8.40
CA VAL B 2493 32.27 7.35 -7.86
C VAL B 2493 33.48 7.50 -8.78
N GLU B 2494 34.05 6.37 -9.22
CA GLU B 2494 35.23 6.45 -10.06
C GLU B 2494 34.88 6.99 -11.44
N VAL B 2495 33.67 6.70 -11.95
CA VAL B 2495 33.27 7.22 -13.25
C VAL B 2495 33.14 8.73 -13.18
N ALA B 2496 32.49 9.24 -12.13
CA ALA B 2496 32.33 10.69 -11.99
C ALA B 2496 33.68 11.37 -11.76
N GLY B 2497 34.54 10.76 -10.94
CA GLY B 2497 35.82 11.38 -10.62
C GLY B 2497 36.89 11.27 -11.69
N ASN B 2498 36.73 10.37 -12.65
CA ASN B 2498 37.76 10.21 -13.68
C ASN B 2498 37.62 11.22 -14.81
N TYR B 2499 36.48 11.91 -14.94
CA TYR B 2499 36.25 12.85 -16.03
C TYR B 2499 35.64 14.14 -15.51
N ASP B 2500 36.21 14.67 -14.43
CA ASP B 2500 35.74 15.90 -13.82
C ASP B 2500 36.57 17.11 -14.24
N GLY B 2501 37.07 17.12 -15.47
CA GLY B 2501 37.90 18.22 -15.93
C GLY B 2501 37.16 19.48 -16.30
N GLU B 2502 35.82 19.44 -16.35
CA GLU B 2502 35.02 20.61 -16.68
C GLU B 2502 34.48 21.33 -15.45
N SER B 2503 34.34 20.63 -14.32
CA SER B 2503 33.88 21.22 -13.07
C SER B 2503 32.53 21.91 -13.24
N SER B 2504 31.65 21.31 -14.03
CA SER B 2504 30.33 21.87 -14.25
C SER B 2504 29.44 21.60 -13.03
N ASP B 2505 28.40 22.43 -12.88
CA ASP B 2505 27.46 22.23 -11.79
C ASP B 2505 26.68 20.93 -11.96
N GLU B 2506 26.34 20.58 -13.21
CA GLU B 2506 25.60 19.36 -13.49
C GLU B 2506 26.43 18.11 -13.26
N LEU B 2507 27.74 18.25 -13.10
CA LEU B 2507 28.62 17.13 -12.79
C LEU B 2507 28.97 17.11 -11.30
N ARG B 2508 29.18 18.28 -10.70
CA ARG B 2508 29.52 18.31 -9.28
C ARG B 2508 28.33 17.89 -8.43
N ASN B 2509 27.11 18.27 -8.82
CA ASN B 2509 25.96 17.85 -8.02
C ASN B 2509 25.77 16.34 -8.10
N GLY B 2510 25.97 15.76 -9.28
CA GLY B 2510 25.89 14.31 -9.41
C GLY B 2510 26.97 13.60 -8.62
N LYS B 2511 28.19 14.14 -8.61
CA LYS B 2511 29.25 13.55 -7.80
C LYS B 2511 28.92 13.64 -6.32
N MET B 2512 28.36 14.77 -5.89
CA MET B 2512 27.96 14.93 -4.49
C MET B 2512 26.87 13.93 -4.12
N LYS B 2513 25.89 13.74 -5.00
CA LYS B 2513 24.83 12.78 -4.73
C LYS B 2513 25.37 11.35 -4.66
N ALA B 2514 26.31 11.00 -5.56
CA ALA B 2514 26.91 9.66 -5.50
C ALA B 2514 27.70 9.48 -4.20
N PHE B 2515 28.45 10.51 -3.80
CA PHE B 2515 29.19 10.44 -2.54
C PHE B 2515 28.25 10.29 -1.36
N LEU B 2516 27.14 11.04 -1.37
CA LEU B 2516 26.19 10.96 -0.26
C LEU B 2516 25.54 9.59 -0.19
N SER B 2517 25.15 9.04 -1.35
CA SER B 2517 24.51 7.72 -1.35
C SER B 2517 25.46 6.65 -0.84
N LEU B 2518 26.72 6.68 -1.30
CA LEU B 2518 27.71 5.73 -0.81
C LEU B 2518 27.95 5.89 0.69
N ALA B 2519 28.03 7.14 1.16
CA ALA B 2519 28.26 7.38 2.57
C ALA B 2519 27.09 6.90 3.41
N ARG B 2520 25.86 7.16 2.95
CA ARG B 2520 24.69 6.74 3.71
C ARG B 2520 24.58 5.23 3.76
N PHE B 2521 24.88 4.55 2.66
CA PHE B 2521 24.84 3.08 2.68
C PHE B 2521 25.91 2.52 3.61
N SER B 2522 27.12 3.08 3.58
CA SER B 2522 28.17 2.60 4.48
C SER B 2522 27.80 2.86 5.94
N ASP B 2523 27.23 4.03 6.23
CA ASP B 2523 26.82 4.35 7.60
C ASP B 2523 25.71 3.42 8.06
N THR B 2524 24.75 3.12 7.18
CA THR B 2524 23.66 2.22 7.55
C THR B 2524 24.18 0.82 7.83
N GLN B 2525 25.10 0.33 6.99
CA GLN B 2525 25.66 -1.00 7.22
C GLN B 2525 26.47 -1.04 8.52
N TYR B 2526 27.25 0.02 8.79
CA TYR B 2526 28.01 0.06 10.04
C TYR B 2526 27.09 0.09 11.25
N GLN B 2527 26.01 0.87 11.18
CA GLN B 2527 25.06 0.91 12.29
C GLN B 2527 24.38 -0.43 12.49
N ARG B 2528 24.03 -1.10 11.39
CA ARG B 2528 23.40 -2.42 11.49
C ARG B 2528 24.36 -3.43 12.13
N ILE B 2529 25.62 -3.40 11.74
CA ILE B 2529 26.60 -4.32 12.31
C ILE B 2529 26.79 -4.03 13.80
N GLU B 2530 26.90 -2.74 14.16
CA GLU B 2530 27.08 -2.39 15.56
C GLU B 2530 25.88 -2.81 16.40
N ASN B 2531 24.68 -2.61 15.89
CA ASN B 2531 23.48 -3.03 16.61
C ASN B 2531 23.44 -4.55 16.76
N TYR B 2532 23.85 -5.29 15.72
CA TYR B 2532 23.89 -6.74 15.83
C TYR B 2532 24.91 -7.18 16.88
N MET B 2533 26.07 -6.53 16.89
CA MET B 2533 27.11 -6.87 17.86
C MET B 2533 26.69 -6.51 19.28
N LYS B 2534 25.82 -5.52 19.45
CA LYS B 2534 25.35 -5.14 20.78
C LYS B 2534 24.10 -5.90 21.20
N SER B 2535 23.55 -6.75 20.34
CA SER B 2535 22.35 -7.51 20.66
C SER B 2535 22.68 -8.67 21.59
N SER B 2536 21.64 -9.22 22.22
CA SER B 2536 21.83 -10.35 23.13
C SER B 2536 22.23 -11.62 22.39
N GLU B 2537 21.82 -11.75 21.12
CA GLU B 2537 22.21 -12.92 20.34
C GLU B 2537 23.71 -12.98 20.15
N PHE B 2538 24.34 -11.83 19.90
CA PHE B 2538 25.80 -11.80 19.76
C PHE B 2538 26.47 -12.21 21.07
N GLU B 2539 25.93 -11.75 22.20
CA GLU B 2539 26.48 -12.15 23.49
C GLU B 2539 26.36 -13.65 23.72
N ASN B 2540 25.21 -14.23 23.36
CA ASN B 2540 25.05 -15.67 23.49
C ASN B 2540 26.03 -16.43 22.59
N LYS B 2541 26.22 -15.94 21.36
CA LYS B 2541 27.17 -16.57 20.46
C LYS B 2541 28.59 -16.47 21.00
N GLN B 2542 28.94 -15.32 21.59
CA GLN B 2542 30.26 -15.16 22.18
C GLN B 2542 30.46 -16.10 23.36
N ALA B 2543 29.42 -16.28 24.19
CA ALA B 2543 29.52 -17.21 25.31
C ALA B 2543 29.70 -18.64 24.82
N LEU B 2544 28.97 -19.03 23.77
CA LEU B 2544 29.14 -20.36 23.20
C LEU B 2544 30.54 -20.53 22.61
N LEU B 2545 31.05 -19.48 21.96
CA LEU B 2545 32.40 -19.53 21.42
C LEU B 2545 33.43 -19.68 22.52
N LYS B 2546 33.26 -18.96 23.63
CA LYS B 2546 34.17 -19.09 24.76
C LYS B 2546 34.13 -20.48 25.35
N ARG B 2547 32.94 -21.07 25.44
CA ARG B 2547 32.83 -22.44 25.91
C ARG B 2547 33.56 -23.40 24.98
N ALA B 2548 33.42 -23.18 23.66
CA ALA B 2548 34.11 -24.04 22.71
C ALA B 2548 35.62 -23.87 22.83
N LYS B 2549 36.09 -22.63 23.05
CA LYS B 2549 37.51 -22.38 23.17
C LYS B 2549 38.08 -23.09 24.39
N GLU B 2550 37.38 -23.02 25.52
CA GLU B 2550 37.89 -23.66 26.72
C GLU B 2550 37.82 -25.18 26.61
N GLU B 2551 36.81 -25.71 25.92
CA GLU B 2551 36.74 -27.15 25.76
C GLU B 2551 37.83 -27.66 24.83
N VAL B 2552 38.13 -26.92 23.77
CA VAL B 2552 39.24 -27.29 22.89
C VAL B 2552 40.55 -27.20 23.64
N GLY B 2553 40.72 -26.17 24.46
CA GLY B 2553 41.93 -26.06 25.25
C GLY B 2553 42.12 -27.23 26.20
N LEU B 2554 41.03 -27.67 26.84
CA LEU B 2554 41.11 -28.86 27.68
C LEU B 2554 41.40 -30.12 26.87
N LEU B 2555 40.80 -30.24 25.68
CA LEU B 2555 41.07 -31.40 24.83
C LEU B 2555 42.47 -31.39 24.25
N ARG B 2556 43.15 -30.24 24.26
CA ARG B 2556 44.53 -30.17 23.76
C ARG B 2556 45.55 -30.34 24.88
N GLU B 2557 45.28 -29.78 26.07
CA GLU B 2557 46.18 -29.99 27.20
C GLU B 2557 46.22 -31.46 27.61
N HIS B 2558 45.08 -32.12 27.60
CA HIS B 2558 44.98 -33.54 27.90
C HIS B 2558 45.01 -34.33 26.60
N LYS B 2559 45.89 -35.34 26.53
CA LYS B 2559 46.05 -36.13 25.32
C LYS B 2559 44.80 -36.97 25.10
N ILE B 2560 43.97 -36.56 24.14
CA ILE B 2560 42.72 -37.25 23.81
C ILE B 2560 42.72 -37.51 22.31
N GLN B 2561 42.39 -38.74 21.92
CA GLN B 2561 42.33 -39.07 20.51
C GLN B 2561 41.27 -38.26 19.79
N THR B 2562 41.54 -37.96 18.52
CA THR B 2562 40.65 -37.11 17.71
C THR B 2562 39.59 -37.99 17.08
N ASN B 2563 38.39 -37.97 17.67
CA ASN B 2563 37.25 -38.69 17.15
C ASN B 2563 36.39 -37.75 16.30
N ARG B 2564 35.19 -38.22 15.93
CA ARG B 2564 34.29 -37.42 15.11
C ARG B 2564 33.87 -36.14 15.81
N TYR B 2565 33.57 -36.23 17.11
CA TYR B 2565 33.12 -35.05 17.86
C TYR B 2565 34.22 -34.00 17.98
N THR B 2566 35.46 -34.44 18.22
CA THR B 2566 36.55 -33.48 18.37
C THR B 2566 36.80 -32.71 17.07
N VAL B 2567 36.79 -33.42 15.95
CA VAL B 2567 37.01 -32.76 14.66
C VAL B 2567 35.88 -31.79 14.36
N LYS B 2568 34.64 -32.20 14.65
CA LYS B 2568 33.49 -31.33 14.38
C LYS B 2568 33.57 -30.07 15.23
N VAL B 2569 33.93 -30.21 16.51
CA VAL B 2569 34.02 -29.05 17.39
C VAL B 2569 35.13 -28.12 16.92
N GLN B 2570 36.30 -28.68 16.55
CA GLN B 2570 37.40 -27.86 16.09
C GLN B 2570 37.04 -27.11 14.82
N ARG B 2571 36.36 -27.80 13.89
CA ARG B 2571 36.04 -27.16 12.61
C ARG B 2571 34.98 -26.08 12.78
N GLU B 2572 33.95 -26.35 13.58
CA GLU B 2572 32.94 -25.31 13.80
C GLU B 2572 33.53 -24.12 14.56
N LEU B 2573 34.51 -24.37 15.44
CA LEU B 2573 35.19 -23.28 16.11
C LEU B 2573 35.99 -22.44 15.10
N GLU B 2574 36.68 -23.11 14.18
CA GLU B 2574 37.45 -22.39 13.17
C GLU B 2574 36.53 -21.55 12.29
N LEU B 2575 35.39 -22.12 11.89
CA LEU B 2575 34.44 -21.37 11.08
C LEU B 2575 33.87 -20.17 11.84
N ASP B 2576 33.56 -20.36 13.13
CA ASP B 2576 33.05 -19.23 13.91
C ASP B 2576 34.09 -18.13 14.06
N GLU B 2577 35.35 -18.51 14.30
CA GLU B 2577 36.41 -17.50 14.40
C GLU B 2577 36.59 -16.76 13.08
N LEU B 2578 36.54 -17.50 11.96
CA LEU B 2578 36.68 -16.85 10.65
C LEU B 2578 35.53 -15.90 10.38
N ALA B 2579 34.31 -16.31 10.73
CA ALA B 2579 33.16 -15.43 10.53
C ALA B 2579 33.25 -14.18 11.39
N LEU B 2580 33.68 -14.33 12.65
CA LEU B 2580 33.82 -13.15 13.51
C LEU B 2580 34.89 -12.20 12.99
N ARG B 2581 36.03 -12.75 12.54
CA ARG B 2581 37.09 -11.90 12.00
C ARG B 2581 36.63 -11.19 10.73
N ALA B 2582 35.91 -11.89 9.86
CA ALA B 2582 35.41 -11.27 8.64
C ALA B 2582 34.40 -10.19 8.96
N LEU B 2583 33.53 -10.43 9.95
CA LEU B 2583 32.55 -9.41 10.33
C LEU B 2583 33.23 -8.17 10.88
N LYS B 2584 34.25 -8.35 11.72
CA LYS B 2584 34.95 -7.19 12.27
C LYS B 2584 35.68 -6.40 11.18
N GLU B 2585 36.33 -7.11 10.25
CA GLU B 2585 37.02 -6.43 9.16
C GLU B 2585 36.02 -5.68 8.26
N ASP B 2586 34.88 -6.31 7.98
CA ASP B 2586 33.88 -5.66 7.14
C ASP B 2586 33.31 -4.43 7.84
N ARG B 2587 33.09 -4.51 9.15
CA ARG B 2587 32.60 -3.35 9.89
C ARG B 2587 33.62 -2.21 9.85
N LYS B 2588 34.90 -2.54 10.00
CA LYS B 2588 35.92 -1.50 9.95
C LYS B 2588 35.98 -0.87 8.56
N ARG B 2589 35.86 -1.68 7.51
CA ARG B 2589 35.89 -1.13 6.16
C ARG B 2589 34.66 -0.28 5.87
N PHE B 2590 33.51 -0.61 6.47
CA PHE B 2590 32.35 0.25 6.30
C PHE B 2590 32.52 1.56 7.05
N LEU B 2591 33.13 1.51 8.24
CA LEU B 2591 33.35 2.73 8.99
C LEU B 2591 34.31 3.66 8.23
N CYS B 2592 35.38 3.08 7.68
CA CYS B 2592 36.34 3.88 6.92
C CYS B 2592 35.70 4.46 5.67
N LYS B 2593 34.89 3.65 4.96
CA LYS B 2593 34.25 4.16 3.75
C LYS B 2593 33.26 5.27 4.09
N ALA B 2594 32.49 5.11 5.17
CA ALA B 2594 31.51 6.12 5.53
C ALA B 2594 32.18 7.43 5.90
N VAL B 2595 33.28 7.36 6.67
CA VAL B 2595 33.95 8.59 7.08
C VAL B 2595 34.61 9.25 5.88
N GLU B 2596 35.26 8.46 5.02
CA GLU B 2596 35.92 9.03 3.85
C GLU B 2596 34.91 9.70 2.92
N ASN B 2597 33.77 9.05 2.69
CA ASN B 2597 32.78 9.64 1.80
C ASN B 2597 32.08 10.84 2.42
N TYR B 2598 31.94 10.87 3.75
CA TYR B 2598 31.47 12.10 4.39
C TYR B 2598 32.45 13.24 4.18
N ILE B 2599 33.75 12.95 4.29
CA ILE B 2599 34.76 13.98 4.07
C ILE B 2599 34.68 14.48 2.63
N ASN B 2600 34.58 13.55 1.67
CA ASN B 2600 34.54 13.94 0.27
C ASN B 2600 33.29 14.76 -0.03
N CYS B 2601 32.15 14.39 0.54
CA CYS B 2601 30.92 15.13 0.31
C CYS B 2601 30.98 16.52 0.93
N LEU B 2602 31.63 16.66 2.08
CA LEU B 2602 31.68 17.95 2.75
C LEU B 2602 32.85 18.83 2.32
N LEU B 2603 33.79 18.31 1.53
CA LEU B 2603 34.92 19.13 1.09
C LEU B 2603 34.46 20.26 0.17
N SER B 2604 33.63 19.96 -0.81
CA SER B 2604 33.15 20.94 -1.77
C SER B 2604 31.64 20.83 -1.96
N GLY B 2605 30.91 20.70 -0.85
CA GLY B 2605 29.47 20.59 -0.91
C GLY B 2605 28.81 21.58 0.04
N GLU B 2606 27.64 22.06 -0.36
CA GLU B 2606 26.88 23.02 0.42
C GLU B 2606 25.47 22.55 0.74
N GLU B 2607 24.81 21.86 -0.18
CA GLU B 2607 23.46 21.36 0.04
C GLU B 2607 23.42 20.13 0.93
N HIS B 2608 24.57 19.54 1.24
CA HIS B 2608 24.66 18.35 2.09
C HIS B 2608 25.42 18.65 3.37
N ASP B 2609 25.18 19.83 3.94
CA ASP B 2609 25.87 20.26 5.15
C ASP B 2609 25.24 19.73 6.42
N MET B 2610 24.10 19.04 6.34
CA MET B 2610 23.43 18.51 7.53
C MET B 2610 24.00 17.18 7.99
N TRP B 2611 24.95 16.61 7.27
CA TRP B 2611 25.55 15.33 7.64
C TRP B 2611 26.80 15.48 8.49
N VAL B 2612 27.15 16.71 8.86
CA VAL B 2612 28.32 16.91 9.70
C VAL B 2612 28.07 16.30 11.08
N PHE B 2613 26.81 16.25 11.52
CA PHE B 2613 26.51 15.64 12.81
C PHE B 2613 26.76 14.13 12.76
N ARG B 2614 26.37 13.48 11.68
CA ARG B 2614 26.65 12.05 11.54
C ARG B 2614 28.15 11.80 11.43
N LEU B 2615 28.87 12.66 10.68
CA LEU B 2615 30.31 12.48 10.57
C LEU B 2615 31.00 12.63 11.92
N CYS B 2616 30.60 13.64 12.71
CA CYS B 2616 31.22 13.85 14.00
C CYS B 2616 30.85 12.74 14.97
N SER B 2617 29.61 12.25 14.92
CA SER B 2617 29.22 11.14 15.79
C SER B 2617 30.02 9.90 15.47
N LEU B 2618 30.21 9.59 14.19
CA LEU B 2618 31.02 8.44 13.81
C LEU B 2618 32.47 8.61 14.23
N TRP B 2619 33.02 9.82 14.07
CA TRP B 2619 34.42 10.03 14.41
C TRP B 2619 34.64 9.97 15.91
N LEU B 2620 33.76 10.60 16.69
CA LEU B 2620 33.93 10.64 18.14
C LEU B 2620 33.66 9.28 18.78
N GLU B 2621 32.66 8.55 18.30
CA GLU B 2621 32.36 7.24 18.87
C GLU B 2621 33.41 6.19 18.52
N ASN B 2622 34.26 6.45 17.54
CA ASN B 2622 35.31 5.53 17.13
C ASN B 2622 36.67 6.21 17.17
N SER B 2623 36.91 7.00 18.22
CA SER B 2623 38.18 7.71 18.37
C SER B 2623 39.35 6.78 18.64
N GLY B 2624 39.08 5.55 19.08
CA GLY B 2624 40.17 4.62 19.36
C GLY B 2624 40.90 4.12 18.14
N VAL B 2625 40.27 4.20 16.97
CA VAL B 2625 40.90 3.76 15.74
C VAL B 2625 41.81 4.86 15.23
N SER B 2626 43.09 4.55 15.04
CA SER B 2626 44.04 5.55 14.57
C SER B 2626 43.87 5.84 13.07
N GLU B 2627 43.35 4.87 12.31
CA GLU B 2627 43.21 5.07 10.87
C GLU B 2627 42.20 6.18 10.56
N VAL B 2628 41.06 6.18 11.24
CA VAL B 2628 40.05 7.20 10.98
C VAL B 2628 40.54 8.57 11.45
N ASN B 2629 41.26 8.61 12.57
CA ASN B 2629 41.80 9.88 13.05
C ASN B 2629 42.83 10.44 12.07
N GLY B 2630 43.71 9.58 11.55
CA GLY B 2630 44.68 10.04 10.58
C GLY B 2630 44.04 10.50 9.28
N MET B 2631 43.02 9.79 8.80
CA MET B 2631 42.33 10.23 7.60
C MET B 2631 41.58 11.53 7.84
N MET B 2632 41.03 11.70 9.04
CA MET B 2632 40.35 12.96 9.38
C MET B 2632 41.33 14.12 9.39
N LYS B 2633 42.53 13.89 9.95
CA LYS B 2633 43.52 14.96 10.00
C LYS B 2633 44.25 15.16 8.68
N ARG B 2634 44.11 14.24 7.73
CA ARG B 2634 44.77 14.36 6.44
C ARG B 2634 43.86 14.94 5.37
N ASP B 2635 42.66 14.39 5.20
CA ASP B 2635 41.71 14.85 4.19
C ASP B 2635 40.68 15.82 4.74
N GLY B 2636 40.17 15.57 5.95
CA GLY B 2636 39.17 16.42 6.56
C GLY B 2636 39.70 17.66 7.24
N MET B 2637 41.02 17.86 7.23
CA MET B 2637 41.61 19.04 7.86
C MET B 2637 41.29 20.32 7.07
N LYS B 2638 40.98 20.19 5.78
CA LYS B 2638 40.66 21.33 4.94
C LYS B 2638 39.16 21.64 4.90
N ILE B 2639 38.36 20.93 5.69
CA ILE B 2639 36.91 21.17 5.70
C ILE B 2639 36.64 22.57 6.23
N PRO B 2640 35.72 23.33 5.65
CA PRO B 2640 35.43 24.67 6.18
C PRO B 2640 34.96 24.60 7.63
N THR B 2641 35.38 25.60 8.40
CA THR B 2641 35.14 25.61 9.84
C THR B 2641 33.75 26.11 10.22
N TYR B 2642 32.97 26.63 9.27
CA TYR B 2642 31.65 27.15 9.61
C TYR B 2642 30.57 26.07 9.64
N LYS B 2643 30.91 24.83 9.31
CA LYS B 2643 29.94 23.73 9.33
C LYS B 2643 29.88 23.01 10.67
N PHE B 2644 30.78 23.34 11.60
CA PHE B 2644 30.82 22.70 12.91
C PHE B 2644 30.25 23.57 14.02
N LEU B 2645 29.75 24.77 13.69
CA LEU B 2645 29.23 25.66 14.72
C LEU B 2645 28.05 25.08 15.50
N PRO B 2646 27.03 24.48 14.88
CA PRO B 2646 25.95 23.89 15.68
C PRO B 2646 26.42 22.80 16.63
N LEU B 2647 27.48 22.07 16.27
CA LEU B 2647 28.06 21.03 17.10
C LEU B 2647 29.34 21.49 17.79
N MET B 2648 29.58 22.80 17.85
CA MET B 2648 30.79 23.32 18.47
C MET B 2648 30.83 22.96 19.96
N TYR B 2649 29.68 23.04 20.63
CA TYR B 2649 29.65 22.66 22.04
C TYR B 2649 29.97 21.18 22.21
N GLN B 2650 29.47 20.34 21.30
CA GLN B 2650 29.76 18.91 21.38
C GLN B 2650 31.25 18.66 21.21
N LEU B 2651 31.89 19.36 20.28
CA LEU B 2651 33.33 19.21 20.14
C LEU B 2651 34.06 19.72 21.38
N ALA B 2652 33.59 20.84 21.94
CA ALA B 2652 34.18 21.44 23.12
C ALA B 2652 34.00 20.60 24.37
N ALA B 2653 33.13 19.60 24.34
CA ALA B 2653 32.91 18.74 25.50
C ALA B 2653 33.66 17.41 25.40
N ARG B 2654 34.58 17.28 24.43
CA ARG B 2654 35.27 16.02 24.16
C ARG B 2654 36.76 16.08 24.48
N MET B 2655 37.21 17.08 25.23
CA MET B 2655 38.62 17.13 25.62
C MET B 2655 38.94 16.28 26.84
N GLY B 2656 37.96 15.62 27.44
CA GLY B 2656 38.24 14.73 28.55
C GLY B 2656 39.05 13.52 28.11
N THR B 2657 39.81 12.97 29.05
CA THR B 2657 40.69 11.84 28.77
C THR B 2657 40.01 10.49 28.97
N LYS B 2658 38.71 10.47 29.29
CA LYS B 2658 38.01 9.21 29.46
C LYS B 2658 37.94 8.40 28.17
N MET B 2659 37.96 9.08 27.02
CA MET B 2659 37.99 8.40 25.72
C MET B 2659 39.43 8.31 25.24
N MET B 2660 40.17 7.40 25.86
CA MET B 2660 41.60 7.23 25.56
C MET B 2660 41.74 6.54 24.21
N GLY B 2661 41.93 7.35 23.16
CA GLY B 2661 42.15 6.82 21.83
C GLY B 2661 43.45 7.28 21.23
N GLY B 2662 44.44 7.54 22.09
CA GLY B 2662 45.73 8.04 21.66
C GLY B 2662 45.79 9.56 21.65
N LEU B 2663 47.02 10.07 21.69
CA LEU B 2663 47.23 11.52 21.68
C LEU B 2663 46.91 12.14 20.33
N GLY B 2664 46.83 11.34 19.26
CA GLY B 2664 46.51 11.89 17.96
C GLY B 2664 45.11 12.46 17.89
N PHE B 2665 44.14 11.77 18.49
CA PHE B 2665 42.76 12.26 18.48
C PHE B 2665 42.63 13.56 19.26
N HIS B 2666 43.34 13.66 20.40
CA HIS B 2666 43.24 14.86 21.20
C HIS B 2666 43.88 16.04 20.47
N GLU B 2667 45.03 15.82 19.83
CA GLU B 2667 45.71 16.93 19.18
C GLU B 2667 44.95 17.38 17.94
N VAL B 2668 44.35 16.44 17.18
CA VAL B 2668 43.58 16.87 16.01
C VAL B 2668 42.31 17.58 16.44
N LEU B 2669 41.68 17.12 17.53
CA LEU B 2669 40.48 17.80 18.02
C LEU B 2669 40.82 19.20 18.51
N ASN B 2670 41.93 19.36 19.23
CA ASN B 2670 42.34 20.67 19.70
C ASN B 2670 42.68 21.60 18.53
N ASN B 2671 43.38 21.07 17.51
CA ASN B 2671 43.70 21.91 16.36
C ASN B 2671 42.45 22.35 15.60
N LEU B 2672 41.49 21.43 15.43
CA LEU B 2672 40.25 21.79 14.76
C LEU B 2672 39.47 22.83 15.55
N ILE B 2673 39.41 22.66 16.88
CA ILE B 2673 38.70 23.63 17.71
C ILE B 2673 39.39 24.99 17.66
N SER B 2674 40.73 25.00 17.68
CA SER B 2674 41.47 26.25 17.62
C SER B 2674 41.22 26.97 16.30
N ARG B 2675 41.22 26.23 15.20
CA ARG B 2675 40.95 26.85 13.90
C ARG B 2675 39.52 27.38 13.83
N ILE B 2676 38.56 26.63 14.37
CA ILE B 2676 37.17 27.09 14.36
C ILE B 2676 37.03 28.37 15.18
N SER B 2677 37.67 28.39 16.36
CA SER B 2677 37.60 29.57 17.21
C SER B 2677 38.26 30.77 16.55
N MET B 2678 39.40 30.55 15.87
CA MET B 2678 40.04 31.65 15.16
C MET B 2678 39.15 32.19 14.05
N ASP B 2679 38.49 31.28 13.31
CA ASP B 2679 37.66 31.73 12.20
C ASP B 2679 36.39 32.43 12.69
N HIS B 2680 35.76 31.88 13.74
CA HIS B 2680 34.50 32.41 14.27
C HIS B 2680 34.63 32.55 15.78
N PRO B 2681 35.35 33.58 16.26
CA PRO B 2681 35.49 33.76 17.71
C PRO B 2681 34.21 34.07 18.44
N HIS B 2682 33.20 34.60 17.74
CA HIS B 2682 31.97 35.04 18.41
C HIS B 2682 31.18 33.86 18.96
N HIS B 2683 31.17 32.74 18.24
CA HIS B 2683 30.38 31.59 18.64
C HIS B 2683 31.20 30.57 19.42
N THR B 2684 32.45 30.89 19.74
CA THR B 2684 33.34 29.95 20.41
C THR B 2684 33.92 30.46 21.71
N LEU B 2685 34.25 31.76 21.80
CA LEU B 2685 34.92 32.27 22.99
C LEU B 2685 34.05 32.12 24.22
N PHE B 2686 32.75 32.39 24.09
CA PHE B 2686 31.87 32.29 25.25
C PHE B 2686 31.79 30.86 25.75
N ILE B 2687 31.78 29.89 24.83
CA ILE B 2687 31.70 28.49 25.23
C ILE B 2687 32.98 28.07 25.94
N ILE B 2688 34.13 28.45 25.38
CA ILE B 2688 35.39 28.01 25.99
C ILE B 2688 35.57 28.67 27.36
N LEU B 2689 35.27 29.97 27.47
CA LEU B 2689 35.43 30.63 28.76
C LEU B 2689 34.44 30.08 29.78
N ALA B 2690 33.21 29.74 29.35
CA ALA B 2690 32.25 29.15 30.27
C ALA B 2690 32.74 27.81 30.78
N LEU B 2691 33.33 27.00 29.88
CA LEU B 2691 33.87 25.71 30.31
C LEU B 2691 35.04 25.90 31.27
N ALA B 2692 35.91 26.87 30.98
CA ALA B 2692 37.07 27.14 31.82
C ALA B 2692 36.74 27.85 33.12
N ASN B 2693 35.52 28.36 33.26
CA ASN B 2693 35.10 29.09 34.46
C ASN B 2693 34.18 28.26 35.35
N ALA B 2694 34.44 26.95 35.43
CA ALA B 2694 33.61 26.09 36.27
C ALA B 2694 33.74 26.46 37.74
N ASN B 2695 34.95 26.77 38.19
CA ASN B 2695 35.20 27.15 39.58
C ASN B 2695 35.44 28.65 39.73
N ARG B 2696 35.06 29.45 38.73
CA ARG B 2696 35.30 30.88 38.82
C ARG B 2696 34.46 31.53 39.92
N ASP B 2697 33.26 31.02 40.17
CA ASP B 2697 32.42 31.58 41.23
C ASP B 2697 33.10 31.39 42.59
N GLU B 2698 33.64 30.19 42.82
CA GLU B 2698 34.33 29.94 44.08
C GLU B 2698 35.62 30.74 44.18
N PHE B 2699 36.33 30.88 43.06
CA PHE B 2699 37.57 31.66 43.09
C PHE B 2699 37.29 33.12 43.40
N LEU B 2700 36.25 33.70 42.80
CA LEU B 2700 35.91 35.09 43.03
C LEU B 2700 35.15 35.30 44.34
N THR B 2701 34.69 34.23 44.98
CA THR B 2701 33.97 34.37 46.24
C THR B 2701 34.69 33.63 47.37
N SER B 2719 35.32 18.67 40.33
CA SER B 2719 36.73 19.03 40.40
C SER B 2719 37.62 17.79 40.38
N SER B 2720 37.22 16.80 39.59
CA SER B 2720 37.98 15.56 39.48
C SER B 2720 39.10 15.74 38.47
N GLN B 2721 39.81 14.65 38.16
CA GLN B 2721 40.91 14.72 37.20
C GLN B 2721 40.39 15.05 35.81
N LEU B 2722 39.21 14.53 35.45
CA LEU B 2722 38.63 14.85 34.16
C LEU B 2722 38.31 16.33 34.05
N ASP B 2723 37.75 16.91 35.13
CA ASP B 2723 37.44 18.34 35.15
C ASP B 2723 38.71 19.17 35.06
N GLU B 2724 39.76 18.77 35.80
CA GLU B 2724 41.01 19.52 35.75
C GLU B 2724 41.64 19.45 34.36
N ASP B 2725 41.61 18.28 33.72
CA ASP B 2725 42.15 18.14 32.38
C ASP B 2725 41.38 18.99 31.38
N ARG B 2726 40.04 18.98 31.47
CA ARG B 2726 39.24 19.80 30.57
C ARG B 2726 39.49 21.29 30.80
N THR B 2727 39.65 21.69 32.06
CA THR B 2727 39.95 23.09 32.36
C THR B 2727 41.31 23.49 31.80
N GLU B 2728 42.31 22.62 31.93
CA GLU B 2728 43.62 22.92 31.37
C GLU B 2728 43.58 23.02 29.85
N ALA B 2729 42.82 22.12 29.20
CA ALA B 2729 42.68 22.21 27.75
C ALA B 2729 41.97 23.49 27.34
N ALA B 2730 40.95 23.89 28.09
CA ALA B 2730 40.26 25.14 27.81
C ALA B 2730 41.19 26.33 27.98
N ASN B 2731 42.04 26.29 29.02
CA ASN B 2731 42.99 27.38 29.22
C ASN B 2731 44.00 27.44 28.08
N ARG B 2732 44.41 26.28 27.56
CA ARG B 2732 45.30 26.26 26.40
C ARG B 2732 44.61 26.87 25.18
N ILE B 2733 43.33 26.57 25.00
CA ILE B 2733 42.59 27.15 23.89
C ILE B 2733 42.49 28.67 24.05
N ILE B 2734 42.21 29.12 25.28
CA ILE B 2734 42.05 30.55 25.53
C ILE B 2734 43.34 31.29 25.27
N CYS B 2735 44.47 30.76 25.76
CA CYS B 2735 45.74 31.44 25.55
C CYS B 2735 46.14 31.40 24.08
N THR B 2736 45.83 30.31 23.38
CA THR B 2736 46.13 30.26 21.95
C THR B 2736 45.33 31.31 21.18
N ILE B 2737 44.05 31.48 21.53
CA ILE B 2737 43.24 32.48 20.86
C ILE B 2737 43.73 33.89 21.22
N ARG B 2738 44.04 34.12 22.49
CA ARG B 2738 44.51 35.43 22.93
C ARG B 2738 45.86 35.78 22.35
N SER B 2739 46.61 34.78 21.86
CA SER B 2739 47.85 35.09 21.18
C SER B 2739 47.60 35.86 19.89
N ARG B 2740 46.50 35.55 19.20
CA ARG B 2740 46.16 36.25 17.96
C ARG B 2740 45.21 37.42 18.18
N ARG B 2741 44.30 37.33 19.15
CA ARG B 2741 43.33 38.41 19.42
C ARG B 2741 43.38 38.75 20.91
N PRO B 2742 44.42 39.47 21.34
CA PRO B 2742 44.57 39.77 22.77
C PRO B 2742 43.50 40.71 23.28
N GLN B 2743 43.25 41.80 22.55
CA GLN B 2743 42.27 42.78 23.00
C GLN B 2743 40.87 42.18 23.06
N MET B 2744 40.51 41.41 22.03
CA MET B 2744 39.18 40.81 22.00
C MET B 2744 39.03 39.79 23.12
N VAL B 2745 40.06 38.97 23.35
CA VAL B 2745 39.95 37.95 24.38
C VAL B 2745 39.86 38.60 25.76
N ARG B 2746 40.71 39.58 26.03
CA ARG B 2746 40.69 40.20 27.35
C ARG B 2746 39.41 40.98 27.59
N SER B 2747 38.81 41.55 26.52
CA SER B 2747 37.56 42.27 26.72
C SER B 2747 36.41 41.31 26.96
N VAL B 2748 36.39 40.18 26.24
CA VAL B 2748 35.33 39.21 26.43
C VAL B 2748 35.41 38.61 27.82
N GLU B 2749 36.62 38.24 28.27
CA GLU B 2749 36.74 37.67 29.60
C GLU B 2749 36.45 38.70 30.68
N ALA B 2750 36.77 39.99 30.44
CA ALA B 2750 36.40 41.02 31.40
C ALA B 2750 34.89 41.15 31.53
N LEU B 2751 34.18 41.11 30.40
CA LEU B 2751 32.72 41.14 30.45
C LEU B 2751 32.16 39.91 31.15
N CYS B 2752 32.76 38.75 30.88
CA CYS B 2752 32.30 37.52 31.54
C CYS B 2752 32.50 37.59 33.04
N ASP B 2753 33.66 38.10 33.49
CA ASP B 2753 33.91 38.24 34.91
C ASP B 2753 32.97 39.25 35.55
N ALA B 2754 32.62 40.32 34.82
CA ALA B 2754 31.65 41.27 35.32
C ALA B 2754 30.29 40.62 35.51
N TYR B 2755 29.89 39.77 34.55
CA TYR B 2755 28.63 39.06 34.68
C TYR B 2755 28.68 38.08 35.86
N ILE B 2756 29.82 37.42 36.06
CA ILE B 2756 29.95 36.45 37.14
C ILE B 2756 29.82 37.14 38.49
N ILE B 2757 30.54 38.25 38.68
CA ILE B 2757 30.46 38.97 39.95
C ILE B 2757 29.07 39.58 40.15
N LEU B 2758 28.43 40.03 39.08
CA LEU B 2758 27.06 40.54 39.22
C LEU B 2758 26.11 39.43 39.65
N ALA B 2759 26.27 38.23 39.08
CA ALA B 2759 25.43 37.11 39.48
C ALA B 2759 25.69 36.73 40.94
N ASN B 2760 26.95 36.73 41.35
CA ASN B 2760 27.29 36.40 42.72
C ASN B 2760 26.97 37.51 43.72
N LEU B 2761 26.58 38.69 43.23
CA LEU B 2761 26.19 39.75 44.15
C LEU B 2761 24.96 39.33 44.95
N ASP B 2762 24.99 39.63 46.25
CA ASP B 2762 23.90 39.26 47.15
C ASP B 2762 22.87 40.39 47.17
N ALA B 2763 21.66 40.10 46.66
CA ALA B 2763 20.58 41.07 46.63
C ALA B 2763 19.46 40.71 47.61
N THR B 2764 19.76 39.93 48.65
CA THR B 2764 18.74 39.52 49.60
C THR B 2764 18.20 40.69 50.42
N GLN B 2765 18.92 41.81 50.49
CA GLN B 2765 18.44 42.99 51.18
C GLN B 2765 17.51 43.85 50.34
N TRP B 2766 17.41 43.58 49.04
CA TRP B 2766 16.55 44.33 48.14
C TRP B 2766 15.32 43.54 47.71
N LYS B 2767 14.98 42.47 48.44
CA LYS B 2767 13.83 41.65 48.07
C LYS B 2767 12.51 42.40 48.22
N THR B 2768 12.46 43.46 49.01
CA THR B 2768 11.25 44.23 49.22
C THR B 2768 11.10 45.40 48.25
N GLN B 2769 12.03 45.57 47.32
CA GLN B 2769 12.01 46.66 46.36
C GLN B 2769 11.75 46.10 44.96
N ARG B 2770 10.75 46.67 44.28
CA ARG B 2770 10.40 46.24 42.94
C ARG B 2770 10.60 47.31 41.87
N LYS B 2771 10.61 48.60 42.24
CA LYS B 2771 10.78 49.65 41.25
C LYS B 2771 12.15 49.59 40.59
N GLY B 2772 13.20 49.34 41.37
CA GLY B 2772 14.54 49.28 40.85
C GLY B 2772 15.60 49.67 41.86
N ILE B 2773 16.75 49.00 41.82
CA ILE B 2773 17.85 49.25 42.74
C ILE B 2773 19.09 49.57 41.93
N ASN B 2774 19.80 50.62 42.32
CA ASN B 2774 21.01 51.01 41.62
C ASN B 2774 22.14 50.03 41.94
N ILE B 2775 22.85 49.60 40.91
CA ILE B 2775 24.00 48.70 41.10
C ILE B 2775 25.12 49.47 41.81
N PRO B 2776 25.73 48.91 42.85
CA PRO B 2776 26.84 49.61 43.52
C PRO B 2776 28.00 49.86 42.57
N ALA B 2777 28.68 50.99 42.79
CA ALA B 2777 29.76 51.40 41.91
C ALA B 2777 30.97 50.47 41.96
N ASP B 2778 31.10 49.66 43.01
CA ASP B 2778 32.25 48.77 43.12
C ASP B 2778 32.24 47.67 42.06
N GLN B 2779 31.07 47.37 41.50
CA GLN B 2779 30.98 46.33 40.48
C GLN B 2779 31.67 46.78 39.20
N PRO B 2780 32.51 45.94 38.59
CA PRO B 2780 33.20 46.36 37.34
C PRO B 2780 32.25 46.57 36.17
N ILE B 2781 31.02 46.05 36.24
CA ILE B 2781 30.09 46.19 35.12
C ILE B 2781 29.72 47.67 34.93
N THR B 2782 29.62 48.42 36.03
CA THR B 2782 29.29 49.84 35.91
C THR B 2782 30.38 50.61 35.18
N LYS B 2783 31.64 50.29 35.46
CA LYS B 2783 32.77 50.95 34.82
C LYS B 2783 33.15 50.30 33.49
N LEU B 2784 32.48 49.22 33.10
CA LEU B 2784 32.77 48.52 31.86
C LEU B 2784 31.89 49.09 30.76
N LYS B 2785 32.49 49.84 29.84
CA LYS B 2785 31.75 50.50 28.78
C LYS B 2785 32.62 50.56 27.53
N ASN B 2786 31.98 50.85 26.40
CA ASN B 2786 32.65 51.11 25.12
C ASN B 2786 33.49 49.92 24.68
N LEU B 2787 32.80 48.81 24.40
CA LEU B 2787 33.43 47.62 23.85
C LEU B 2787 33.20 47.58 22.35
N GLU B 2788 34.28 47.45 21.58
CA GLU B 2788 34.22 47.42 20.12
C GLU B 2788 34.33 46.01 19.56
N ASP B 2789 35.15 45.15 20.16
CA ASP B 2789 35.34 43.79 19.69
C ASP B 2789 34.44 42.78 20.39
N VAL B 2790 33.54 43.24 21.25
CA VAL B 2790 32.66 42.38 22.02
C VAL B 2790 31.25 42.49 21.46
N VAL B 2791 30.65 41.35 21.13
CA VAL B 2791 29.28 41.29 20.60
C VAL B 2791 28.36 40.83 21.72
N VAL B 2792 27.15 41.38 21.75
CA VAL B 2792 26.19 41.02 22.80
C VAL B 2792 25.88 39.53 22.71
N PRO B 2793 25.93 38.79 23.82
CA PRO B 2793 25.71 37.34 23.76
C PRO B 2793 24.25 36.96 23.58
N THR B 2794 23.34 37.77 24.14
CA THR B 2794 21.92 37.43 24.15
C THR B 2794 21.27 37.52 22.77
N MET B 2795 21.95 38.11 21.79
CA MET B 2795 21.41 38.24 20.44
C MET B 2795 22.11 37.28 19.51
N GLU B 2796 21.35 36.50 18.75
CA GLU B 2796 21.91 35.58 17.78
C GLU B 2796 22.59 36.35 16.65
N ILE B 2797 23.67 35.78 16.14
CA ILE B 2797 24.47 36.40 15.09
C ILE B 2797 24.37 35.54 13.83
N LYS B 2798 23.97 36.17 12.72
CA LYS B 2798 23.88 35.49 11.43
C LYS B 2798 25.31 35.26 10.92
N VAL B 2799 25.77 34.02 11.02
CA VAL B 2799 27.14 33.69 10.63
C VAL B 2799 27.24 33.66 9.11
N ASP B 2800 28.33 34.21 8.59
CA ASP B 2800 28.63 34.21 7.16
C ASP B 2800 29.80 33.27 6.88
N HIS B 2801 30.22 33.24 5.61
CA HIS B 2801 31.33 32.41 5.19
C HIS B 2801 32.67 33.14 5.24
N THR B 2802 32.68 34.39 5.68
CA THR B 2802 33.91 35.17 5.79
C THR B 2802 34.33 35.25 7.25
N GLY B 2803 35.64 35.24 7.48
CA GLY B 2803 36.20 35.28 8.81
C GLY B 2803 36.30 36.65 9.44
N GLU B 2804 35.86 37.70 8.74
CA GLU B 2804 35.93 39.07 9.23
C GLU B 2804 34.52 39.61 9.45
N TYR B 2805 34.28 40.18 10.62
CA TYR B 2805 32.99 40.76 10.97
C TYR B 2805 33.17 42.24 11.25
N GLY B 2806 32.35 43.07 10.60
CA GLY B 2806 32.44 44.51 10.78
C GLY B 2806 31.10 45.20 10.84
N ASN B 2807 30.02 44.43 10.82
CA ASN B 2807 28.66 44.96 10.84
C ASN B 2807 27.84 44.26 11.93
N LEU B 2808 28.42 44.13 13.11
CA LEU B 2808 27.78 43.48 14.24
C LEU B 2808 27.55 44.49 15.36
N VAL B 2809 26.42 44.36 16.05
CA VAL B 2809 26.11 45.25 17.15
C VAL B 2809 26.99 44.90 18.34
N THR B 2810 27.67 45.90 18.90
CA THR B 2810 28.60 45.72 20.00
C THR B 2810 27.99 46.27 21.29
N ILE B 2811 28.79 46.23 22.35
CA ILE B 2811 28.36 46.70 23.67
C ILE B 2811 28.79 48.16 23.83
N GLN B 2812 27.83 49.03 24.14
CA GLN B 2812 28.08 50.44 24.31
C GLN B 2812 28.06 50.87 25.77
N SER B 2813 27.00 50.58 26.50
CA SER B 2813 26.89 50.96 27.90
C SER B 2813 25.90 50.05 28.60
N PHE B 2814 25.98 50.06 29.93
CA PHE B 2814 25.08 49.27 30.77
C PHE B 2814 24.25 50.21 31.64
N LYS B 2815 22.99 49.86 31.83
CA LYS B 2815 22.10 50.67 32.65
C LYS B 2815 22.51 50.60 34.12
N ALA B 2816 22.19 51.66 34.86
CA ALA B 2816 22.58 51.78 36.25
C ALA B 2816 21.53 51.22 37.22
N GLU B 2817 20.45 50.64 36.71
CA GLU B 2817 19.41 50.07 37.55
C GLU B 2817 19.07 48.66 37.11
N PHE B 2818 18.75 47.80 38.07
CA PHE B 2818 18.34 46.43 37.80
C PHE B 2818 17.12 46.09 38.64
N ARG B 2819 16.33 45.14 38.15
CA ARG B 2819 15.07 44.77 38.78
C ARG B 2819 15.08 43.29 39.16
N LEU B 2820 14.29 42.95 40.17
CA LEU B 2820 14.18 41.58 40.65
C LEU B 2820 12.96 40.92 40.02
N ALA B 2821 13.13 39.70 39.53
CA ALA B 2821 12.05 38.95 38.89
C ALA B 2821 11.30 38.05 39.86
N GLY B 2822 11.70 38.00 41.13
CA GLY B 2822 11.04 37.19 42.11
C GLY B 2822 11.58 35.76 42.15
N GLY B 2823 11.28 35.07 43.24
CA GLY B 2823 11.73 33.72 43.45
C GLY B 2823 12.75 33.63 44.57
N VAL B 2824 13.04 32.38 44.96
CA VAL B 2824 13.98 32.14 46.04
C VAL B 2824 15.40 32.52 45.62
N ASN B 2825 15.75 32.31 44.35
CA ASN B 2825 17.09 32.60 43.86
C ASN B 2825 17.32 34.07 43.56
N LEU B 2826 16.26 34.88 43.47
CA LEU B 2826 16.33 36.31 43.18
C LEU B 2826 17.14 36.58 41.92
N PRO B 2827 16.63 36.23 40.74
CA PRO B 2827 17.34 36.57 39.50
C PRO B 2827 17.37 38.08 39.28
N LYS B 2828 18.43 38.53 38.60
CA LYS B 2828 18.66 39.94 38.33
C LYS B 2828 18.40 40.23 36.85
N ILE B 2829 17.62 41.26 36.59
CA ILE B 2829 17.30 41.70 35.23
C ILE B 2829 18.06 42.98 34.95
N ILE B 2830 18.88 42.97 33.90
CA ILE B 2830 19.67 44.13 33.52
C ILE B 2830 19.39 44.48 32.06
N ASP B 2831 19.63 45.74 31.72
CA ASP B 2831 19.43 46.26 30.38
C ASP B 2831 20.76 46.75 29.83
N CYS B 2832 21.08 46.36 28.61
CA CYS B 2832 22.32 46.75 27.96
C CYS B 2832 22.02 47.53 26.69
N VAL B 2833 22.79 48.60 26.46
CA VAL B 2833 22.63 49.45 25.30
C VAL B 2833 23.66 49.05 24.26
N GLY B 2834 23.21 48.74 23.05
CA GLY B 2834 24.08 48.34 21.97
C GLY B 2834 24.64 49.53 21.21
N SER B 2835 25.36 49.22 20.13
CA SER B 2835 25.93 50.26 19.29
C SER B 2835 24.84 51.09 18.63
N ASP B 2836 23.77 50.43 18.17
CA ASP B 2836 22.65 51.14 17.55
C ASP B 2836 21.82 51.95 18.54
N GLY B 2837 22.05 51.78 19.84
CA GLY B 2837 21.31 52.50 20.85
C GLY B 2837 20.04 51.84 21.32
N LYS B 2838 19.68 50.68 20.77
CA LYS B 2838 18.48 49.98 21.18
C LYS B 2838 18.75 49.19 22.46
N GLU B 2839 17.89 49.39 23.46
CA GLU B 2839 18.06 48.69 24.73
C GLU B 2839 17.64 47.23 24.58
N ARG B 2840 18.47 46.33 25.10
CA ARG B 2840 18.20 44.90 25.05
C ARG B 2840 18.21 44.36 26.48
N ARG B 2841 17.09 43.78 26.90
CA ARG B 2841 16.96 43.27 28.26
C ARG B 2841 17.64 41.91 28.40
N GLN B 2842 18.33 41.73 29.52
CA GLN B 2842 19.02 40.49 29.81
C GLN B 2842 18.67 40.02 31.22
N LEU B 2843 18.74 38.70 31.43
CA LEU B 2843 18.43 38.09 32.72
C LEU B 2843 19.67 37.32 33.18
N VAL B 2844 20.30 37.80 34.25
CA VAL B 2844 21.47 37.16 34.84
C VAL B 2844 20.96 36.28 35.97
N LYS B 2845 20.75 35.00 35.66
CA LYS B 2845 20.22 34.03 36.64
C LYS B 2845 21.38 33.49 37.46
N GLY B 2846 21.57 34.03 38.66
CA GLY B 2846 22.62 33.57 39.53
C GLY B 2846 22.22 32.38 40.37
N ARG B 2847 23.24 31.65 40.85
CA ARG B 2847 23.06 30.48 41.71
C ARG B 2847 22.21 29.40 41.03
N ASP B 2848 22.21 29.38 39.70
CA ASP B 2848 21.47 28.39 38.94
C ASP B 2848 22.34 27.87 37.80
N ASP B 2849 22.06 26.64 37.39
CA ASP B 2849 22.80 25.99 36.31
C ASP B 2849 22.01 26.15 35.02
N LEU B 2850 22.50 26.99 34.12
CA LEU B 2850 21.86 27.24 32.84
C LEU B 2850 22.39 26.35 31.72
N ARG B 2851 23.30 25.42 32.03
CA ARG B 2851 23.80 24.51 31.00
C ARG B 2851 22.69 23.61 30.49
N GLN B 2852 21.77 23.20 31.37
CA GLN B 2852 20.61 22.44 30.93
C GLN B 2852 19.75 23.26 29.99
N ASP B 2853 19.56 24.55 30.30
CA ASP B 2853 18.78 25.40 29.42
C ASP B 2853 19.46 25.59 28.08
N ALA B 2854 20.80 25.66 28.09
CA ALA B 2854 21.55 25.77 26.83
C ALA B 2854 21.35 24.52 25.98
N VAL B 2855 21.38 23.34 26.59
CA VAL B 2855 21.11 22.11 25.85
C VAL B 2855 19.68 22.10 25.33
N MET B 2856 18.73 22.56 26.15
CA MET B 2856 17.33 22.64 25.72
C MET B 2856 17.17 23.58 24.52
N GLN B 2857 17.88 24.70 24.52
CA GLN B 2857 17.78 25.63 23.40
C GLN B 2857 18.47 25.07 22.16
N GLN B 2858 19.57 24.34 22.35
CA GLN B 2858 20.25 23.74 21.21
C GLN B 2858 19.37 22.69 20.55
N VAL B 2859 18.72 21.84 21.34
CA VAL B 2859 17.82 20.86 20.76
C VAL B 2859 16.58 21.53 20.20
N PHE B 2860 16.16 22.67 20.77
CA PHE B 2860 15.05 23.42 20.19
C PHE B 2860 15.39 23.93 18.80
N GLN B 2861 16.61 24.45 18.63
CA GLN B 2861 17.06 24.89 17.31
C GLN B 2861 17.20 23.72 16.35
N MET B 2862 17.67 22.57 16.86
CA MET B 2862 17.74 21.38 16.01
C MET B 2862 16.36 20.96 15.53
N CYS B 2863 15.37 20.97 16.43
CA CYS B 2863 14.01 20.61 16.05
C CYS B 2863 13.44 21.59 15.03
N ASN B 2864 13.68 22.89 15.23
CA ASN B 2864 13.20 23.88 14.28
C ASN B 2864 13.84 23.70 12.91
N THR B 2865 15.15 23.43 12.88
CA THR B 2865 15.84 23.21 11.62
C THR B 2865 15.32 21.97 10.90
N LEU B 2866 15.10 20.88 11.67
CA LEU B 2866 14.59 19.66 11.06
C LEU B 2866 13.17 19.87 10.52
N LEU B 2867 12.34 20.60 11.26
CA LEU B 2867 10.99 20.90 10.78
C LEU B 2867 11.03 21.73 9.50
N GLN B 2868 11.94 22.71 9.44
CA GLN B 2868 12.08 23.50 8.22
C GLN B 2868 12.57 22.64 7.06
N ARG B 2869 13.49 21.71 7.32
CA ARG B 2869 14.04 20.87 6.26
C ARG B 2869 12.97 19.98 5.64
N ASN B 2870 12.11 19.38 6.47
CA ASN B 2870 11.07 18.49 5.95
C ASN B 2870 10.02 19.29 5.19
N THR B 2871 9.68 18.80 3.99
CA THR B 2871 8.73 19.52 3.14
C THR B 2871 7.31 19.46 3.69
N GLU B 2872 6.98 18.41 4.45
CA GLU B 2872 5.64 18.30 5.02
C GLU B 2872 5.40 19.37 6.07
N THR B 2873 6.38 19.62 6.93
CA THR B 2873 6.25 20.62 7.98
C THR B 2873 6.64 22.02 7.53
N ARG B 2874 7.43 22.15 6.47
CA ARG B 2874 7.78 23.47 5.96
C ARG B 2874 6.55 24.21 5.47
N LYS B 2875 5.65 23.51 4.78
CA LYS B 2875 4.40 24.12 4.33
C LYS B 2875 3.55 24.54 5.52
N ARG B 2876 3.52 23.72 6.56
CA ARG B 2876 2.75 24.04 7.76
C ARG B 2876 3.40 25.13 8.61
N LYS B 2877 4.64 25.51 8.31
CA LYS B 2877 5.34 26.56 9.03
C LYS B 2877 5.44 26.25 10.52
N LEU B 2878 5.84 25.01 10.83
CA LEU B 2878 6.00 24.58 12.22
C LEU B 2878 7.34 25.07 12.73
N THR B 2879 7.32 25.97 13.71
CA THR B 2879 8.53 26.55 14.27
C THR B 2879 8.45 26.56 15.79
N ILE B 2880 9.62 26.58 16.42
CA ILE B 2880 9.74 26.63 17.87
C ILE B 2880 10.31 27.99 18.26
N CYS B 2881 9.61 28.68 19.15
CA CYS B 2881 10.10 29.96 19.64
C CYS B 2881 11.28 29.74 20.58
N THR B 2882 12.43 30.31 20.24
CA THR B 2882 13.65 30.10 21.00
C THR B 2882 14.25 31.43 21.43
N TYR B 2883 14.89 31.42 22.59
CA TYR B 2883 15.63 32.58 23.09
C TYR B 2883 17.04 32.14 23.44
N LYS B 2884 18.00 32.99 23.11
CA LYS B 2884 19.41 32.64 23.29
C LYS B 2884 19.75 32.49 24.77
N VAL B 2885 20.49 31.42 25.09
CA VAL B 2885 21.00 31.18 26.43
C VAL B 2885 22.51 31.06 26.33
N VAL B 2886 23.23 31.88 27.10
CA VAL B 2886 24.69 31.88 27.07
C VAL B 2886 25.22 31.53 28.46
N PRO B 2887 25.53 30.27 28.73
CA PRO B 2887 26.13 29.92 30.03
C PRO B 2887 27.47 30.62 30.22
N LEU B 2888 27.73 31.02 31.47
CA LEU B 2888 28.96 31.69 31.82
C LEU B 2888 29.79 30.94 32.86
N SER B 2889 29.18 30.06 33.64
CA SER B 2889 29.89 29.28 34.65
C SER B 2889 29.04 28.07 35.00
N GLN B 2890 29.57 27.22 35.89
CA GLN B 2890 28.83 26.05 36.33
C GLN B 2890 27.60 26.45 37.13
N ARG B 2891 27.72 27.46 37.99
CA ARG B 2891 26.65 27.85 38.89
C ARG B 2891 26.01 29.18 38.52
N SER B 2892 26.32 29.73 37.35
CA SER B 2892 25.76 31.01 36.95
C SER B 2892 25.81 31.13 35.43
N GLY B 2893 25.05 32.08 34.92
CA GLY B 2893 25.00 32.32 33.48
C GLY B 2893 24.07 33.47 33.16
N VAL B 2894 23.88 33.69 31.87
CA VAL B 2894 23.01 34.74 31.36
C VAL B 2894 22.13 34.16 30.26
N LEU B 2895 20.97 34.79 30.07
CA LEU B 2895 20.03 34.36 29.04
C LEU B 2895 19.31 35.58 28.48
N GLU B 2896 18.76 35.41 27.28
CA GLU B 2896 18.07 36.50 26.59
C GLU B 2896 16.66 36.66 27.12
N TRP B 2897 16.27 37.90 27.42
CA TRP B 2897 14.91 38.19 27.85
C TRP B 2897 13.98 38.28 26.66
N CYS B 2898 12.77 37.77 26.83
CA CYS B 2898 11.77 37.77 25.77
C CYS B 2898 10.89 39.01 25.89
N THR B 2899 10.84 39.80 24.82
CA THR B 2899 10.06 41.03 24.79
C THR B 2899 8.82 40.84 23.92
N GLY B 2900 7.83 41.70 24.16
CA GLY B 2900 6.59 41.62 23.41
C GLY B 2900 5.69 40.47 23.77
N THR B 2901 5.84 39.90 24.96
CA THR B 2901 5.05 38.76 25.40
C THR B 2901 4.41 39.07 26.75
N VAL B 2902 3.27 38.42 27.00
CA VAL B 2902 2.53 38.62 28.24
C VAL B 2902 2.29 37.25 28.89
N PRO B 2903 2.43 37.13 30.21
CA PRO B 2903 2.17 35.84 30.85
C PRO B 2903 0.73 35.38 30.67
N ILE B 2904 0.57 34.06 30.53
CA ILE B 2904 -0.76 33.48 30.37
C ILE B 2904 -1.59 33.71 31.63
N GLY B 2905 -0.99 33.47 32.80
CA GLY B 2905 -1.72 33.65 34.05
C GLY B 2905 -2.12 35.09 34.28
N GLU B 2906 -1.24 36.03 33.92
CA GLU B 2906 -1.56 37.44 34.08
C GLU B 2906 -2.72 37.85 33.19
N PHE B 2907 -2.84 37.23 32.02
CA PHE B 2907 -3.95 37.54 31.12
C PHE B 2907 -5.25 36.87 31.56
N LEU B 2908 -5.17 35.68 32.17
CA LEU B 2908 -6.37 34.91 32.45
C LEU B 2908 -6.90 35.08 33.86
N VAL B 2909 -6.06 34.89 34.88
CA VAL B 2909 -6.55 34.82 36.25
C VAL B 2909 -6.03 36.00 37.07
N ASN B 2910 -5.87 37.15 36.42
CA ASN B 2910 -5.48 38.36 37.14
C ASN B 2910 -6.60 38.77 38.10
N ASN B 2911 -6.19 39.17 39.31
CA ASN B 2911 -7.17 39.57 40.31
C ASN B 2911 -7.93 40.83 39.90
N GLU B 2912 -7.25 41.78 39.29
CA GLU B 2912 -7.88 43.06 38.95
C GLU B 2912 -8.67 42.96 37.66
N ASP B 2913 -8.01 42.65 36.55
CA ASP B 2913 -8.63 42.65 35.22
C ASP B 2913 -8.40 41.32 34.53
N GLY B 2914 -8.63 40.22 35.24
CA GLY B 2914 -8.48 38.91 34.63
C GLY B 2914 -9.58 38.62 33.63
N ALA B 2915 -9.25 37.75 32.66
CA ALA B 2915 -10.23 37.38 31.64
C ALA B 2915 -11.40 36.62 32.26
N HIS B 2916 -11.11 35.72 33.20
CA HIS B 2916 -12.18 34.95 33.83
C HIS B 2916 -13.13 35.87 34.61
N LYS B 2917 -12.57 36.83 35.34
CA LYS B 2917 -13.41 37.75 36.10
C LYS B 2917 -14.21 38.66 35.15
N ARG B 2918 -13.57 39.12 34.08
CA ARG B 2918 -14.24 40.04 33.16
C ARG B 2918 -15.39 39.35 32.42
N TYR B 2919 -15.21 38.09 32.02
CA TYR B 2919 -16.22 37.45 31.19
C TYR B 2919 -17.25 36.66 31.99
N ARG B 2920 -16.85 36.02 33.10
CA ARG B 2920 -17.73 35.17 33.88
C ARG B 2920 -17.68 35.60 35.35
N PRO B 2921 -18.32 36.72 35.69
CA PRO B 2921 -18.35 37.14 37.10
C PRO B 2921 -19.05 36.15 38.02
N ASN B 2922 -20.05 35.43 37.52
CA ASN B 2922 -20.79 34.49 38.36
C ASN B 2922 -19.98 33.25 38.72
N ASP B 2923 -18.95 32.91 37.94
CA ASP B 2923 -18.16 31.74 38.23
C ASP B 2923 -17.26 31.98 39.44
N PHE B 2924 -16.69 30.89 39.97
CA PHE B 2924 -15.81 30.98 41.12
C PHE B 2924 -14.56 31.76 40.76
N SER B 2925 -14.11 32.60 41.71
CA SER B 2925 -12.91 33.39 41.50
C SER B 2925 -11.65 32.54 41.65
N ALA B 2926 -10.53 33.10 41.21
CA ALA B 2926 -9.24 32.41 41.33
C ALA B 2926 -8.88 32.23 42.79
N PHE B 2927 -9.18 33.22 43.63
CA PHE B 2927 -8.91 33.09 45.05
C PHE B 2927 -9.73 31.95 45.66
N GLN B 2928 -10.99 31.82 45.24
CA GLN B 2928 -11.83 30.74 45.76
C GLN B 2928 -11.28 29.39 45.32
N CYS B 2929 -10.85 29.27 44.06
CA CYS B 2929 -10.27 28.01 43.59
C CYS B 2929 -8.99 27.68 44.35
N GLN B 2930 -8.14 28.69 44.60
CA GLN B 2930 -6.92 28.45 45.37
C GLN B 2930 -7.25 28.01 46.79
N LYS B 2931 -8.26 28.63 47.41
CA LYS B 2931 -8.63 28.26 48.77
C LYS B 2931 -9.14 26.83 48.82
N LYS B 2932 -9.95 26.43 47.83
CA LYS B 2932 -10.45 25.06 47.79
C LYS B 2932 -9.30 24.07 47.59
N MET B 2933 -8.35 24.41 46.72
CA MET B 2933 -7.23 23.51 46.48
C MET B 2933 -6.36 23.40 47.72
N MET B 2934 -6.17 24.51 48.45
CA MET B 2934 -5.40 24.45 49.68
C MET B 2934 -6.09 23.58 50.71
N GLU B 2935 -7.42 23.70 50.80
CA GLU B 2935 -8.16 22.94 51.81
C GLU B 2935 -8.32 21.46 51.45
N VAL B 2936 -8.11 21.10 50.18
CA VAL B 2936 -8.32 19.71 49.77
C VAL B 2936 -7.03 18.91 49.65
N GLN B 2937 -5.87 19.57 49.65
CA GLN B 2937 -4.61 18.84 49.52
C GLN B 2937 -4.36 17.87 50.67
N LYS B 2938 -5.00 18.09 51.82
CA LYS B 2938 -4.89 17.17 52.94
C LYS B 2938 -5.96 16.08 52.91
N LYS B 2939 -6.82 16.06 51.89
CA LYS B 2939 -7.88 15.06 51.78
C LYS B 2939 -7.37 13.88 50.95
N SER B 2940 -8.27 12.96 50.62
CA SER B 2940 -7.90 11.77 49.89
C SER B 2940 -8.17 11.94 48.39
N PHE B 2941 -8.01 10.83 47.65
CA PHE B 2941 -8.19 10.86 46.20
C PHE B 2941 -9.63 11.18 45.82
N GLU B 2942 -10.60 10.57 46.52
CA GLU B 2942 -12.00 10.78 46.16
C GLU B 2942 -12.40 12.23 46.36
N GLU B 2943 -11.99 12.83 47.49
CA GLU B 2943 -12.33 14.22 47.75
C GLU B 2943 -11.61 15.13 46.76
N LYS B 2944 -10.36 14.83 46.43
CA LYS B 2944 -9.63 15.66 45.48
C LYS B 2944 -10.30 15.63 44.12
N TYR B 2945 -10.72 14.45 43.67
CA TYR B 2945 -11.37 14.33 42.37
C TYR B 2945 -12.71 15.04 42.37
N GLU B 2946 -13.48 14.89 43.46
CA GLU B 2946 -14.80 15.53 43.51
C GLU B 2946 -14.67 17.04 43.50
N VAL B 2947 -13.74 17.59 44.28
CA VAL B 2947 -13.60 19.05 44.31
C VAL B 2947 -13.05 19.55 42.98
N PHE B 2948 -12.16 18.79 42.33
CA PHE B 2948 -11.65 19.21 41.03
C PHE B 2948 -12.75 19.23 39.99
N MET B 2949 -13.61 18.20 39.99
CA MET B 2949 -14.73 18.17 39.05
C MET B 2949 -15.71 19.30 39.32
N ASP B 2950 -15.99 19.60 40.59
CA ASP B 2950 -16.87 20.71 40.91
C ASP B 2950 -16.28 22.04 40.46
N VAL B 2951 -14.97 22.22 40.68
CA VAL B 2951 -14.30 23.45 40.26
C VAL B 2951 -14.37 23.60 38.75
N CYS B 2952 -14.09 22.53 38.02
CA CYS B 2952 -14.18 22.61 36.56
C CYS B 2952 -15.61 22.83 36.11
N GLN B 2953 -16.58 22.35 36.89
CA GLN B 2953 -17.98 22.59 36.56
C GLN B 2953 -18.32 24.06 36.69
N ASN B 2954 -17.79 24.72 37.73
CA ASN B 2954 -18.07 26.14 37.97
C ASN B 2954 -16.93 27.05 37.51
N PHE B 2955 -16.16 26.61 36.50
CA PHE B 2955 -15.06 27.43 35.97
C PHE B 2955 -14.95 27.12 34.48
N GLN B 2956 -15.56 27.98 33.64
CA GLN B 2956 -15.50 27.67 32.23
C GLN B 2956 -14.33 28.36 31.54
N PRO B 2957 -13.75 27.71 30.53
CA PRO B 2957 -12.62 28.33 29.82
C PRO B 2957 -13.01 29.67 29.19
N VAL B 2958 -12.03 30.58 29.18
CA VAL B 2958 -12.27 31.94 28.68
C VAL B 2958 -11.14 32.32 27.73
N PHE B 2959 -10.12 31.47 27.62
CA PHE B 2959 -8.93 31.81 26.84
C PHE B 2959 -9.22 31.94 25.35
N ARG B 2960 -10.38 31.45 24.88
CA ARG B 2960 -10.72 31.54 23.47
C ARG B 2960 -10.94 32.96 22.99
N TYR B 2961 -11.08 33.93 23.89
CA TYR B 2961 -11.34 35.31 23.52
C TYR B 2961 -10.08 36.15 23.35
N PHE B 2962 -8.89 35.55 23.49
CA PHE B 2962 -7.66 36.32 23.33
C PHE B 2962 -7.52 36.86 21.91
N CYS B 2963 -7.68 35.98 20.91
CA CYS B 2963 -7.58 36.44 19.54
C CYS B 2963 -8.83 37.22 19.13
N MET B 2964 -9.96 36.91 19.77
CA MET B 2964 -11.19 37.65 19.46
C MET B 2964 -11.05 39.11 19.86
N GLU B 2965 -10.47 39.37 21.03
CA GLU B 2965 -10.34 40.73 21.54
C GLU B 2965 -9.06 41.41 21.10
N LYS B 2966 -8.13 40.69 20.45
CA LYS B 2966 -6.89 41.32 20.00
C LYS B 2966 -6.76 41.40 18.49
N PHE B 2967 -7.59 40.68 17.73
CA PHE B 2967 -7.51 40.69 16.26
C PHE B 2967 -8.94 40.77 15.72
N LEU B 2968 -9.39 42.00 15.46
CA LEU B 2968 -10.77 42.19 15.00
C LEU B 2968 -10.96 41.71 13.57
N ASP B 2969 -9.92 41.79 12.75
CA ASP B 2969 -10.02 41.34 11.37
C ASP B 2969 -10.12 39.81 11.35
N PRO B 2970 -11.14 39.23 10.72
CA PRO B 2970 -11.26 37.75 10.74
C PRO B 2970 -10.07 37.03 10.13
N ALA B 2971 -9.47 37.56 9.07
CA ALA B 2971 -8.33 36.90 8.45
C ALA B 2971 -7.13 36.86 9.40
N ILE B 2972 -6.84 37.98 10.05
CA ILE B 2972 -5.74 38.00 11.01
C ILE B 2972 -6.08 37.14 12.22
N TRP B 2973 -7.36 37.13 12.61
CA TRP B 2973 -7.78 36.35 13.77
C TRP B 2973 -7.53 34.87 13.53
N PHE B 2974 -7.91 34.38 12.34
CA PHE B 2974 -7.71 32.97 12.04
C PHE B 2974 -6.23 32.66 11.83
N GLU B 2975 -5.48 33.58 11.22
CA GLU B 2975 -4.05 33.32 11.04
C GLU B 2975 -3.34 33.19 12.39
N LYS B 2976 -3.66 34.09 13.33
CA LYS B 2976 -3.08 34.01 14.66
C LYS B 2976 -3.55 32.76 15.40
N ARG B 2977 -4.82 32.39 15.26
CA ARG B 2977 -5.29 31.17 15.92
C ARG B 2977 -4.60 29.93 15.37
N LEU B 2978 -4.41 29.86 14.05
CA LEU B 2978 -3.72 28.73 13.45
C LEU B 2978 -2.26 28.68 13.90
N ALA B 2979 -1.60 29.83 13.96
CA ALA B 2979 -0.22 29.86 14.45
C ALA B 2979 -0.16 29.44 15.91
N TYR B 2980 -1.15 29.85 16.70
CA TYR B 2980 -1.19 29.46 18.11
C TYR B 2980 -1.36 27.95 18.25
N THR B 2981 -2.25 27.35 17.46
CA THR B 2981 -2.46 25.91 17.53
C THR B 2981 -1.22 25.15 17.10
N ARG B 2982 -0.57 25.59 16.02
CA ARG B 2982 0.63 24.89 15.57
C ARG B 2982 1.77 25.03 16.57
N SER B 2983 1.91 26.22 17.16
CA SER B 2983 2.95 26.41 18.17
C SER B 2983 2.67 25.55 19.40
N VAL B 2984 1.40 25.44 19.79
CA VAL B 2984 1.05 24.63 20.95
C VAL B 2984 1.39 23.17 20.68
N ALA B 2985 1.02 22.68 19.50
CA ALA B 2985 1.25 21.27 19.18
C ALA B 2985 2.75 20.96 19.14
N THR B 2986 3.53 21.80 18.46
CA THR B 2986 4.96 21.56 18.36
C THR B 2986 5.64 21.66 19.72
N SER B 2987 5.27 22.68 20.51
CA SER B 2987 5.88 22.85 21.83
C SER B 2987 5.52 21.70 22.75
N SER B 2988 4.26 21.24 22.71
CA SER B 2988 3.86 20.13 23.56
C SER B 2988 4.60 18.85 23.18
N ILE B 2989 4.76 18.59 21.88
CA ILE B 2989 5.45 17.38 21.46
C ILE B 2989 6.91 17.41 21.88
N VAL B 2990 7.58 18.54 21.66
CA VAL B 2990 8.99 18.63 22.04
C VAL B 2990 9.14 18.58 23.56
N GLY B 2991 8.22 19.21 24.30
CA GLY B 2991 8.28 19.14 25.74
C GLY B 2991 8.09 17.75 26.27
N TYR B 2992 7.19 16.97 25.65
CA TYR B 2992 7.01 15.59 26.06
C TYR B 2992 8.26 14.77 25.77
N ILE B 2993 8.88 15.00 24.61
CA ILE B 2993 10.09 14.25 24.27
C ILE B 2993 11.22 14.57 25.25
N LEU B 2994 11.36 15.85 25.61
CA LEU B 2994 12.41 16.29 26.53
C LEU B 2994 12.03 16.15 28.00
N GLY B 2995 10.82 15.68 28.29
CA GLY B 2995 10.39 15.50 29.67
C GLY B 2995 10.26 16.78 30.47
N LEU B 2996 9.72 17.83 29.85
CA LEU B 2996 9.55 19.12 30.51
C LEU B 2996 8.31 19.07 31.40
N GLY B 2997 8.48 19.38 32.69
CA GLY B 2997 7.39 19.23 33.64
C GLY B 2997 6.88 20.51 34.28
N ASP B 2998 7.76 21.49 34.48
CA ASP B 2998 7.37 22.75 35.11
C ASP B 2998 6.69 23.63 34.08
N ARG B 2999 5.38 23.48 33.95
CA ARG B 2999 4.60 24.14 32.91
C ARG B 2999 3.36 24.81 33.49
N HIS B 3000 3.53 25.57 34.57
CA HIS B 3000 2.42 26.31 35.13
C HIS B 3000 2.21 27.60 34.32
N VAL B 3001 1.29 28.45 34.78
CA VAL B 3001 0.88 29.61 33.98
C VAL B 3001 2.02 30.62 33.83
N GLN B 3002 2.92 30.71 34.81
CA GLN B 3002 3.97 31.71 34.77
C GLN B 3002 5.17 31.30 33.91
N ASN B 3003 5.26 30.03 33.51
CA ASN B 3003 6.36 29.57 32.67
C ASN B 3003 6.06 29.63 31.19
N ILE B 3004 4.85 30.06 30.80
CA ILE B 3004 4.45 30.12 29.40
C ILE B 3004 4.13 31.57 29.05
N LEU B 3005 4.75 32.07 27.99
CA LEU B 3005 4.56 33.43 27.52
C LEU B 3005 3.94 33.40 26.13
N ILE B 3006 2.91 34.20 25.92
CA ILE B 3006 2.23 34.31 24.63
C ILE B 3006 2.56 35.67 24.02
N ASN B 3007 2.90 35.66 22.73
CA ASN B 3007 3.24 36.88 22.03
C ASN B 3007 1.98 37.69 21.73
N GLU B 3008 2.09 39.01 21.86
CA GLU B 3008 0.96 39.89 21.58
C GLU B 3008 0.78 40.19 20.10
N GLN B 3009 1.74 39.79 19.25
CA GLN B 3009 1.67 40.01 17.81
C GLN B 3009 1.54 38.73 17.00
N SER B 3010 2.25 37.67 17.38
CA SER B 3010 2.19 36.41 16.67
C SER B 3010 1.33 35.36 17.37
N ALA B 3011 0.97 35.59 18.63
CA ALA B 3011 0.13 34.68 19.39
C ALA B 3011 0.72 33.27 19.45
N GLU B 3012 2.03 33.19 19.63
CA GLU B 3012 2.74 31.92 19.74
C GLU B 3012 3.28 31.77 21.15
N LEU B 3013 3.00 30.63 21.78
CA LEU B 3013 3.47 30.39 23.14
C LEU B 3013 4.98 30.20 23.15
N VAL B 3014 5.63 30.76 24.17
CA VAL B 3014 7.07 30.68 24.34
C VAL B 3014 7.35 30.07 25.71
N HIS B 3015 8.22 29.06 25.73
CA HIS B 3015 8.63 28.42 26.97
C HIS B 3015 9.91 29.07 27.46
N ILE B 3016 9.88 29.62 28.68
CA ILE B 3016 10.95 30.47 29.18
C ILE B 3016 11.67 29.84 30.36
N ASP B 3017 10.94 29.15 31.25
CA ASP B 3017 11.54 28.68 32.50
C ASP B 3017 12.56 27.57 32.23
N LEU B 3018 12.09 26.44 31.70
CA LEU B 3018 12.94 25.28 31.41
C LEU B 3018 13.76 24.85 32.62
N GLY B 3019 13.32 25.23 33.83
CA GLY B 3019 14.14 25.00 35.02
C GLY B 3019 14.35 23.53 35.30
N VAL B 3020 13.27 22.74 35.25
CA VAL B 3020 13.34 21.30 35.47
C VAL B 3020 12.78 20.61 34.23
N ALA B 3021 13.43 19.52 33.84
CA ALA B 3021 13.05 18.76 32.66
C ALA B 3021 13.62 17.35 32.81
N PHE B 3022 13.62 16.60 31.71
CA PHE B 3022 14.18 15.24 31.68
C PHE B 3022 13.50 14.34 32.72
N GLU B 3023 12.19 14.46 32.83
CA GLU B 3023 11.38 13.68 33.79
C GLU B 3023 11.86 13.93 35.22
N GLN B 3024 11.76 15.18 35.64
CA GLN B 3024 12.09 15.56 37.00
C GLN B 3024 10.86 15.80 37.87
N GLY B 3025 9.70 16.02 37.26
CA GLY B 3025 8.50 16.26 38.03
C GLY B 3025 8.10 15.09 38.90
N LYS B 3026 8.44 13.86 38.47
CA LYS B 3026 8.17 12.69 39.31
C LYS B 3026 8.99 12.73 40.60
N ILE B 3027 10.18 13.32 40.55
CA ILE B 3027 10.99 13.45 41.75
C ILE B 3027 10.35 14.40 42.74
N LEU B 3028 9.57 15.36 42.26
CA LEU B 3028 8.92 16.32 43.14
C LEU B 3028 7.91 15.60 44.03
N PRO B 3029 7.62 16.16 45.22
CA PRO B 3029 6.64 15.51 46.11
C PRO B 3029 5.28 15.32 45.48
N THR B 3030 4.86 16.23 44.60
CA THR B 3030 3.63 16.03 43.84
C THR B 3030 4.01 15.62 42.43
N PRO B 3031 3.80 14.36 42.05
CA PRO B 3031 4.25 13.90 40.72
C PRO B 3031 3.50 14.61 39.60
N GLU B 3032 4.19 14.80 38.48
CA GLU B 3032 3.59 15.37 37.28
C GLU B 3032 3.03 14.24 36.43
N THR B 3033 1.71 14.13 36.39
CA THR B 3033 1.04 13.02 35.72
C THR B 3033 0.73 13.31 34.25
N VAL B 3034 1.13 14.46 33.73
CA VAL B 3034 0.86 14.81 32.34
C VAL B 3034 2.19 15.06 31.62
N PRO B 3035 2.27 14.81 30.31
CA PRO B 3035 3.51 15.08 29.59
C PRO B 3035 3.64 16.56 29.20
N PHE B 3036 2.51 17.22 29.00
CA PHE B 3036 2.50 18.63 28.62
C PHE B 3036 1.18 19.24 29.05
N ARG B 3037 1.15 20.58 29.07
CA ARG B 3037 -0.04 21.31 29.51
C ARG B 3037 -1.05 21.37 28.37
N LEU B 3038 -2.18 20.70 28.56
CA LEU B 3038 -3.29 20.70 27.61
C LEU B 3038 -4.60 20.95 28.34
N THR B 3039 -4.60 21.97 29.20
CA THR B 3039 -5.75 22.27 30.04
C THR B 3039 -6.92 22.76 29.20
N ARG B 3040 -8.03 23.05 29.90
CA ARG B 3040 -9.26 23.45 29.23
C ARG B 3040 -9.08 24.79 28.50
N ASP B 3041 -8.35 25.73 29.11
CA ASP B 3041 -8.12 27.01 28.45
C ASP B 3041 -7.34 26.84 27.16
N ILE B 3042 -6.31 25.99 27.18
CA ILE B 3042 -5.50 25.74 25.99
C ILE B 3042 -6.35 25.06 24.92
N VAL B 3043 -7.16 24.08 25.31
CA VAL B 3043 -7.97 23.38 24.32
C VAL B 3043 -9.02 24.32 23.72
N ASP B 3044 -9.67 25.13 24.56
CA ASP B 3044 -10.71 26.03 24.09
C ASP B 3044 -10.13 27.08 23.15
N GLY B 3045 -8.95 27.62 23.48
CA GLY B 3045 -8.35 28.62 22.62
C GLY B 3045 -7.94 28.11 21.25
N MET B 3046 -7.93 26.80 21.04
CA MET B 3046 -7.55 26.22 19.75
C MET B 3046 -8.69 26.27 18.73
N GLY B 3047 -9.91 26.55 19.16
CA GLY B 3047 -11.06 26.60 18.27
C GLY B 3047 -12.14 25.62 18.69
N ILE B 3048 -13.20 25.60 17.89
CA ILE B 3048 -14.33 24.70 18.17
C ILE B 3048 -13.92 23.25 18.00
N THR B 3049 -13.03 22.97 17.04
CA THR B 3049 -12.61 21.59 16.79
C THR B 3049 -11.84 21.01 17.96
N GLY B 3050 -11.23 21.85 18.80
CA GLY B 3050 -10.51 21.34 19.96
C GLY B 3050 -9.21 20.67 19.57
N VAL B 3051 -8.87 19.60 20.30
CA VAL B 3051 -7.62 18.89 20.05
C VAL B 3051 -7.65 18.20 18.70
N GLU B 3052 -8.81 17.69 18.28
CA GLU B 3052 -8.91 17.03 16.98
C GLU B 3052 -8.74 18.04 15.86
N GLY B 3053 -7.98 17.65 14.84
CA GLY B 3053 -7.76 18.51 13.69
C GLY B 3053 -6.34 19.02 13.55
N VAL B 3054 -6.17 20.33 13.70
CA VAL B 3054 -4.86 20.95 13.50
C VAL B 3054 -3.88 20.44 14.55
N PHE B 3055 -4.32 20.36 15.80
CA PHE B 3055 -3.42 19.96 16.87
C PHE B 3055 -2.94 18.53 16.67
N ARG B 3056 -3.88 17.61 16.38
CA ARG B 3056 -3.52 16.21 16.23
C ARG B 3056 -2.63 16.00 15.01
N ARG B 3057 -2.97 16.64 13.88
CA ARG B 3057 -2.15 16.45 12.69
C ARG B 3057 -0.76 17.04 12.86
N CYS B 3058 -0.66 18.22 13.49
CA CYS B 3058 0.66 18.80 13.73
C CYS B 3058 1.47 17.95 14.69
N CYS B 3059 0.83 17.39 15.71
CA CYS B 3059 1.54 16.49 16.63
C CYS B 3059 2.05 15.26 15.91
N GLU B 3060 1.23 14.69 15.02
CA GLU B 3060 1.67 13.52 14.26
C GLU B 3060 2.85 13.86 13.35
N LYS B 3061 2.80 15.02 12.69
CA LYS B 3061 3.90 15.42 11.81
C LYS B 3061 5.17 15.65 12.61
N THR B 3062 5.07 16.31 13.77
CA THR B 3062 6.24 16.53 14.60
C THR B 3062 6.82 15.22 15.12
N MET B 3063 5.96 14.28 15.51
CA MET B 3063 6.44 12.99 15.97
C MET B 3063 7.15 12.25 14.85
N GLU B 3064 6.60 12.31 13.62
CA GLU B 3064 7.26 11.66 12.49
C GLU B 3064 8.62 12.29 12.21
N VAL B 3065 8.70 13.62 12.26
CA VAL B 3065 9.97 14.31 12.02
C VAL B 3065 11.00 13.93 13.08
N MET B 3066 10.59 13.91 14.35
CA MET B 3066 11.51 13.54 15.42
C MET B 3066 11.95 12.09 15.28
N ARG B 3067 11.04 11.20 14.91
CA ARG B 3067 11.37 9.79 14.76
C ARG B 3067 12.27 9.54 13.56
N ASN B 3068 12.24 10.43 12.56
CA ASN B 3068 13.07 10.25 11.39
C ASN B 3068 14.49 10.79 11.57
N SER B 3069 14.77 11.46 12.68
CA SER B 3069 16.09 12.05 12.94
C SER B 3069 16.55 11.74 14.35
N GLN B 3070 16.41 10.46 14.74
CA GLN B 3070 16.82 10.06 16.08
C GLN B 3070 18.32 10.16 16.25
N GLU B 3071 19.08 9.92 15.18
CA GLU B 3071 20.54 10.02 15.29
C GLU B 3071 20.95 11.45 15.61
N THR B 3072 20.34 12.43 14.94
CA THR B 3072 20.66 13.83 15.21
C THR B 3072 20.21 14.24 16.60
N LEU B 3073 19.01 13.80 17.01
CA LEU B 3073 18.55 14.17 18.34
C LEU B 3073 19.45 13.58 19.42
N LEU B 3074 19.82 12.31 19.28
CA LEU B 3074 20.71 11.70 20.26
C LEU B 3074 22.06 12.37 20.26
N THR B 3075 22.58 12.73 19.08
CA THR B 3075 23.86 13.42 19.02
C THR B 3075 23.82 14.75 19.76
N ILE B 3076 22.72 15.49 19.62
CA ILE B 3076 22.57 16.74 20.35
C ILE B 3076 22.50 16.47 21.85
N VAL B 3077 21.73 15.47 22.26
CA VAL B 3077 21.59 15.18 23.68
C VAL B 3077 22.81 14.47 24.27
N GLU B 3078 23.61 13.77 23.44
CA GLU B 3078 24.79 13.05 23.92
C GLU B 3078 25.92 13.96 24.36
N VAL B 3079 25.74 15.28 24.45
CA VAL B 3079 26.77 16.15 25.00
C VAL B 3079 27.06 15.81 26.46
N LEU B 3080 26.12 15.19 27.15
CA LEU B 3080 26.33 14.74 28.52
C LEU B 3080 27.28 13.54 28.54
N LEU B 3081 27.48 13.00 29.75
CA LEU B 3081 28.41 11.91 30.06
C LEU B 3081 29.87 12.32 29.93
N TYR B 3082 30.17 13.56 29.55
CA TYR B 3082 31.53 14.06 29.48
C TYR B 3082 31.76 15.29 30.33
N ASP B 3083 30.77 16.19 30.40
CA ASP B 3083 30.81 17.35 31.29
C ASP B 3083 29.50 17.41 32.06
N PRO B 3084 29.32 16.55 33.06
CA PRO B 3084 28.07 16.55 33.82
C PRO B 3084 27.82 17.90 34.48
N LEU B 3085 26.56 18.32 34.49
CA LEU B 3085 26.19 19.61 35.05
C LEU B 3085 26.03 19.52 36.57
N PHE B 3086 25.78 20.67 37.19
CA PHE B 3086 25.60 20.73 38.63
C PHE B 3086 24.29 20.04 39.03
N ASP B 3087 24.18 19.72 40.31
CA ASP B 3087 23.10 19.01 40.99
C ASP B 3087 23.16 17.51 40.72
N TRP B 3088 24.06 17.03 39.85
CA TRP B 3088 24.30 15.61 39.66
C TRP B 3088 25.71 15.26 40.11
N THR B 3089 26.01 13.96 40.09
CA THR B 3089 27.30 13.37 40.44
C THR B 3089 27.90 13.96 41.71
N MET B 3090 27.05 14.42 42.63
CA MET B 3090 27.49 14.96 43.91
C MET B 3090 27.37 13.89 44.99
N ASN B 3091 27.76 14.28 46.22
CA ASN B 3091 27.75 13.41 47.39
C ASN B 3091 28.50 12.11 47.11
N PRO B 3092 29.83 12.15 47.02
CA PRO B 3092 30.63 10.96 46.74
C PRO B 3092 30.66 9.98 47.92
N PHE B 3130 29.81 8.30 31.54
CA PHE B 3130 28.97 7.19 31.96
C PHE B 3130 28.25 7.52 33.26
N ASN B 3131 27.75 8.75 33.36
CA ASN B 3131 27.04 9.17 34.56
C ASN B 3131 25.74 8.40 34.71
N LYS B 3132 25.34 8.17 35.96
CA LYS B 3132 24.18 7.34 36.27
C LYS B 3132 22.90 7.92 35.69
N VAL B 3133 22.51 9.12 36.17
CA VAL B 3133 21.24 9.69 35.75
C VAL B 3133 21.34 10.23 34.33
N ALA B 3134 22.53 10.58 33.86
CA ALA B 3134 22.66 11.02 32.47
C ALA B 3134 22.46 9.85 31.52
N GLU B 3135 22.88 8.65 31.91
CA GLU B 3135 22.59 7.49 31.10
C GLU B 3135 21.14 7.10 31.22
N ARG B 3136 20.54 7.30 32.39
CA ARG B 3136 19.13 6.97 32.55
C ARG B 3136 18.28 7.87 31.66
N VAL B 3137 18.59 9.17 31.63
CA VAL B 3137 17.80 10.09 30.82
C VAL B 3137 18.05 9.82 29.33
N LEU B 3138 19.28 9.46 28.95
CA LEU B 3138 19.50 9.10 27.55
C LEU B 3138 18.69 7.87 27.16
N MET B 3139 18.63 6.87 28.05
CA MET B 3139 17.81 5.69 27.79
C MET B 3139 16.34 6.05 27.66
N ARG B 3140 15.84 6.92 28.54
CA ARG B 3140 14.43 7.31 28.48
C ARG B 3140 14.14 8.09 27.21
N LEU B 3141 15.04 8.99 26.82
CA LEU B 3141 14.83 9.77 25.60
C LEU B 3141 14.86 8.87 24.38
N GLN B 3142 15.76 7.89 24.35
CA GLN B 3142 15.80 6.95 23.23
C GLN B 3142 14.53 6.13 23.17
N GLU B 3143 14.01 5.71 24.33
CA GLU B 3143 12.77 4.94 24.35
C GLU B 3143 11.61 5.79 23.83
N LYS B 3144 11.54 7.06 24.23
CA LYS B 3144 10.49 7.94 23.75
C LYS B 3144 10.60 8.15 22.24
N LEU B 3145 11.82 8.36 21.74
CA LEU B 3145 12.00 8.59 20.31
C LEU B 3145 11.64 7.37 19.49
N LYS B 3146 12.06 6.18 19.93
CA LYS B 3146 11.76 4.95 19.19
C LYS B 3146 10.33 4.51 19.37
N GLY B 3147 9.64 4.98 20.41
CA GLY B 3147 8.28 4.52 20.67
C GLY B 3147 8.20 3.06 21.03
N VAL B 3148 9.15 2.57 21.82
CA VAL B 3148 9.20 1.17 22.22
C VAL B 3148 8.74 0.98 23.66
N GLU B 3149 9.12 1.89 24.55
CA GLU B 3149 8.75 1.84 25.98
C GLU B 3149 9.21 0.48 26.51
N GLU B 3150 8.33 -0.31 27.11
CA GLU B 3150 8.70 -1.64 27.60
C GLU B 3150 8.43 -2.71 26.57
N GLY B 3151 8.96 -2.52 25.35
CA GLY B 3151 8.85 -3.50 24.30
C GLY B 3151 7.63 -3.39 23.41
N THR B 3152 6.69 -2.49 23.71
CA THR B 3152 5.48 -2.34 22.93
C THR B 3152 5.66 -1.25 21.87
N VAL B 3153 5.49 -1.63 20.61
CA VAL B 3153 5.64 -0.68 19.50
C VAL B 3153 4.37 0.15 19.37
N LEU B 3154 4.53 1.46 19.26
CA LEU B 3154 3.40 2.39 19.12
C LEU B 3154 3.62 3.27 17.91
N SER B 3155 2.59 3.39 17.08
CA SER B 3155 2.66 4.27 15.92
C SER B 3155 2.57 5.72 16.37
N VAL B 3156 2.86 6.64 15.44
CA VAL B 3156 2.81 8.06 15.77
C VAL B 3156 1.39 8.47 16.13
N GLY B 3157 0.40 7.93 15.43
CA GLY B 3157 -0.99 8.24 15.75
C GLY B 3157 -1.40 7.71 17.12
N GLY B 3158 -1.00 6.48 17.44
CA GLY B 3158 -1.34 5.92 18.74
C GLY B 3158 -0.65 6.67 19.86
N GLN B 3159 0.62 7.02 19.67
CA GLN B 3159 1.34 7.77 20.69
C GLN B 3159 0.70 9.15 20.90
N VAL B 3160 0.33 9.83 19.81
CA VAL B 3160 -0.31 11.13 19.95
C VAL B 3160 -1.65 11.01 20.67
N ASN B 3161 -2.44 9.99 20.32
CA ASN B 3161 -3.73 9.80 20.98
C ASN B 3161 -3.55 9.51 22.47
N LEU B 3162 -2.56 8.68 22.80
CA LEU B 3162 -2.31 8.35 24.20
C LEU B 3162 -1.86 9.58 24.98
N LEU B 3163 -1.00 10.41 24.37
CA LEU B 3163 -0.55 11.62 25.03
C LEU B 3163 -1.71 12.59 25.25
N ILE B 3164 -2.59 12.71 24.25
CA ILE B 3164 -3.74 13.60 24.40
C ILE B 3164 -4.65 13.10 25.51
N GLN B 3165 -4.89 11.79 25.56
CA GLN B 3165 -5.75 11.22 26.59
C GLN B 3165 -5.16 11.45 27.98
N GLN B 3166 -3.86 11.24 28.13
CA GLN B 3166 -3.23 11.46 29.43
C GLN B 3166 -3.27 12.93 29.83
N ALA B 3167 -3.02 13.83 28.87
CA ALA B 3167 -2.97 15.26 29.20
C ALA B 3167 -4.35 15.79 29.58
N ILE B 3168 -5.40 15.35 28.88
CA ILE B 3168 -6.74 15.87 29.13
C ILE B 3168 -7.52 15.05 30.16
N ASP B 3169 -6.91 14.03 30.74
CA ASP B 3169 -7.62 13.20 31.72
C ASP B 3169 -7.80 13.94 33.03
N PRO B 3170 -9.04 14.14 33.49
CA PRO B 3170 -9.23 14.79 34.81
C PRO B 3170 -8.64 13.97 35.95
N LYS B 3171 -8.51 12.66 35.78
CA LYS B 3171 -7.89 11.84 36.82
C LYS B 3171 -6.44 12.25 37.02
N ASN B 3172 -5.71 12.46 35.92
CA ASN B 3172 -4.32 12.91 36.03
C ASN B 3172 -4.26 14.37 36.47
N LEU B 3173 -5.22 15.19 36.04
CA LEU B 3173 -5.19 16.61 36.41
C LEU B 3173 -5.48 16.81 37.90
N SER B 3174 -6.27 15.92 38.51
CA SER B 3174 -6.64 16.09 39.92
C SER B 3174 -5.43 15.98 40.83
N ARG B 3175 -4.51 15.05 40.55
CA ARG B 3175 -3.37 14.80 41.42
C ARG B 3175 -2.24 15.80 41.22
N LEU B 3176 -2.34 16.71 40.26
CA LEU B 3176 -1.26 17.65 40.01
C LEU B 3176 -1.17 18.69 41.12
N PHE B 3177 -0.05 19.40 41.15
CA PHE B 3177 0.19 20.38 42.18
C PHE B 3177 -0.84 21.51 42.09
N PRO B 3178 -1.42 21.94 43.22
CA PRO B 3178 -2.41 23.03 43.15
C PRO B 3178 -1.89 24.31 42.56
N GLY B 3179 -0.60 24.61 42.74
CA GLY B 3179 -0.02 25.80 42.14
C GLY B 3179 0.19 25.70 40.64
N TRP B 3180 0.08 24.49 40.08
CA TRP B 3180 0.20 24.33 38.63
C TRP B 3180 -1.04 24.86 37.90
N LYS B 3181 -2.14 25.09 38.62
CA LYS B 3181 -3.38 25.61 38.05
C LYS B 3181 -3.91 24.70 36.95
N ALA B 3182 -4.24 23.48 37.33
CA ALA B 3182 -4.77 22.51 36.37
C ALA B 3182 -6.12 22.95 35.83
N TRP B 3183 -6.99 23.50 36.69
CA TRP B 3183 -8.29 23.96 36.24
C TRP B 3183 -8.15 25.13 35.27
N VAL B 3184 -7.21 26.02 35.52
CA VAL B 3184 -6.94 27.13 34.61
C VAL B 3184 -6.36 26.61 33.31
N PRO C 2 33.24 -46.40 -6.86
CA PRO C 2 33.52 -45.38 -5.84
C PRO C 2 32.27 -44.96 -5.08
N PRO C 3 32.39 -44.80 -3.76
CA PRO C 3 31.25 -44.37 -2.96
C PRO C 3 30.74 -43.00 -3.41
N LEU C 4 29.42 -42.84 -3.37
CA LEU C 4 28.79 -41.57 -3.76
C LEU C 4 28.84 -40.52 -2.66
N SER C 5 29.16 -40.90 -1.42
CA SER C 5 29.17 -39.98 -0.30
C SER C 5 30.54 -40.01 0.38
N GLN C 6 30.87 -38.91 1.05
CA GLN C 6 32.13 -38.82 1.77
C GLN C 6 32.14 -39.80 2.93
N GLU C 7 33.21 -40.60 3.03
CA GLU C 7 33.39 -41.54 4.14
C GLU C 7 34.05 -40.79 5.30
N THR C 8 33.21 -40.27 6.19
CA THR C 8 33.65 -39.49 7.35
C THR C 8 34.76 -38.50 7.03
CA ALA D 1590 -25.64 -63.96 -32.66
C ALA D 1590 -25.52 -62.75 -33.59
N PHE D 1591 -24.67 -62.89 -34.60
CA PHE D 1591 -24.49 -61.79 -35.54
C PHE D 1591 -25.76 -61.51 -36.32
N VAL D 1592 -26.46 -62.57 -36.75
CA VAL D 1592 -27.71 -62.36 -37.47
C VAL D 1592 -28.76 -61.77 -36.55
N LEU D 1593 -28.75 -62.18 -35.28
CA LEU D 1593 -29.71 -61.65 -34.32
C LEU D 1593 -29.49 -60.16 -34.10
N ARG D 1594 -28.24 -59.74 -33.99
CA ARG D 1594 -27.97 -58.32 -33.77
C ARG D 1594 -28.24 -57.53 -35.04
N ASP D 1595 -27.97 -58.12 -36.20
CA ASP D 1595 -28.22 -57.40 -37.46
C ASP D 1595 -29.72 -57.16 -37.63
N VAL D 1596 -30.53 -58.19 -37.36
CA VAL D 1596 -31.97 -58.03 -37.56
C VAL D 1596 -32.55 -57.09 -36.51
N ILE D 1597 -32.08 -57.18 -35.25
CA ILE D 1597 -32.66 -56.34 -34.21
C ILE D 1597 -32.28 -54.88 -34.45
N TYR D 1598 -31.07 -54.62 -34.95
CA TYR D 1598 -30.68 -53.24 -35.22
C TYR D 1598 -31.38 -52.71 -36.47
N THR D 1599 -31.59 -53.56 -37.48
CA THR D 1599 -32.34 -53.10 -38.65
C THR D 1599 -33.78 -52.77 -38.26
N LEU D 1600 -34.40 -53.60 -37.42
CA LEU D 1600 -35.76 -53.36 -36.98
C LEU D 1600 -35.85 -52.09 -36.13
N ILE D 1601 -34.88 -51.89 -35.23
CA ILE D 1601 -34.94 -50.69 -34.40
C ILE D 1601 -34.64 -49.46 -35.24
N HIS D 1602 -33.88 -49.61 -36.34
CA HIS D 1602 -33.68 -48.50 -37.25
C HIS D 1602 -34.98 -48.13 -37.96
N TYR D 1603 -35.75 -49.13 -38.37
CA TYR D 1603 -37.04 -48.85 -38.99
C TYR D 1603 -37.99 -48.21 -37.99
N ILE D 1604 -37.95 -48.65 -36.73
CA ILE D 1604 -38.78 -48.02 -35.71
C ILE D 1604 -38.37 -46.57 -35.48
N ASN D 1605 -37.05 -46.31 -35.43
CA ASN D 1605 -36.56 -44.96 -35.16
C ASN D 1605 -36.70 -44.04 -36.36
N GLN D 1606 -36.90 -44.57 -37.56
CA GLN D 1606 -37.00 -43.71 -38.73
C GLN D 1606 -38.31 -42.93 -38.78
N ARG D 1607 -39.30 -43.31 -37.97
CA ARG D 1607 -40.57 -42.61 -37.95
C ARG D 1607 -40.45 -41.25 -37.26
N SER D 1618 -46.92 -50.90 -40.64
CA SER D 1618 -45.81 -51.85 -40.57
C SER D 1618 -45.16 -51.83 -39.19
N PHE D 1619 -45.52 -50.83 -38.39
CA PHE D 1619 -44.97 -50.75 -37.04
C PHE D 1619 -45.41 -51.92 -36.17
N SER D 1620 -46.66 -52.35 -36.32
CA SER D 1620 -47.13 -53.52 -35.57
C SER D 1620 -46.39 -54.77 -36.01
N LEU D 1621 -46.14 -54.92 -37.31
CA LEU D 1621 -45.38 -56.07 -37.79
C LEU D 1621 -43.96 -56.04 -37.26
N CYS D 1622 -43.34 -54.86 -37.23
CA CYS D 1622 -41.98 -54.75 -36.70
C CYS D 1622 -41.94 -55.09 -35.22
N CYS D 1623 -42.94 -54.64 -34.45
CA CYS D 1623 -42.99 -54.97 -33.03
C CYS D 1623 -43.20 -56.46 -32.82
N ASP D 1624 -44.03 -57.10 -33.67
CA ASP D 1624 -44.23 -58.53 -33.55
C ASP D 1624 -42.95 -59.29 -33.86
N LEU D 1625 -42.22 -58.87 -34.89
CA LEU D 1625 -40.98 -59.55 -35.24
C LEU D 1625 -39.92 -59.39 -34.15
N LEU D 1626 -39.80 -58.19 -33.59
CA LEU D 1626 -38.80 -58.02 -32.52
C LEU D 1626 -39.22 -58.76 -31.26
N SER D 1627 -40.53 -58.91 -31.02
CA SER D 1627 -40.96 -59.68 -29.87
C SER D 1627 -40.68 -61.16 -30.09
N GLN D 1628 -40.81 -61.64 -31.33
CA GLN D 1628 -40.55 -63.04 -31.60
C GLN D 1628 -39.06 -63.32 -31.49
N VAL D 1629 -38.22 -62.42 -32.00
CA VAL D 1629 -36.78 -62.68 -31.96
C VAL D 1629 -36.27 -62.62 -30.53
N CYS D 1630 -36.80 -61.70 -29.71
CA CYS D 1630 -36.32 -61.66 -28.33
C CYS D 1630 -36.87 -62.84 -27.53
N GLN D 1631 -38.09 -63.30 -27.85
CA GLN D 1631 -38.62 -64.49 -27.18
C GLN D 1631 -37.76 -65.70 -27.51
N THR D 1632 -37.36 -65.85 -28.78
CA THR D 1632 -36.51 -66.98 -29.13
C THR D 1632 -35.13 -66.84 -28.53
N ALA D 1633 -34.60 -65.61 -28.44
CA ALA D 1633 -33.29 -65.43 -27.83
C ALA D 1633 -33.30 -65.83 -26.37
N VAL D 1634 -34.34 -65.42 -25.63
CA VAL D 1634 -34.42 -65.74 -24.21
C VAL D 1634 -34.91 -67.15 -23.95
N THR D 1635 -35.40 -67.84 -24.98
CA THR D 1635 -35.84 -69.22 -24.81
C THR D 1635 -34.73 -70.20 -25.15
N TYR D 1636 -34.05 -69.99 -26.28
CA TYR D 1636 -32.97 -70.87 -26.72
C TYR D 1636 -31.59 -70.43 -26.22
N CYS D 1637 -31.49 -69.32 -25.48
CA CYS D 1637 -30.19 -68.89 -24.99
C CYS D 1637 -30.36 -68.11 -23.71
N LYS D 1638 -29.26 -68.01 -22.96
CA LYS D 1638 -29.23 -67.27 -21.71
C LYS D 1638 -28.38 -66.01 -21.76
N ASP D 1639 -27.58 -65.82 -22.81
CA ASP D 1639 -26.73 -64.64 -22.94
C ASP D 1639 -26.84 -64.00 -24.31
N ALA D 1640 -27.87 -64.36 -25.09
CA ALA D 1640 -28.06 -63.74 -26.40
C ALA D 1640 -28.39 -62.26 -26.27
N LEU D 1641 -29.21 -61.91 -25.27
CA LEU D 1641 -29.61 -60.53 -25.03
C LEU D 1641 -28.85 -59.88 -23.89
N GLU D 1642 -27.64 -60.37 -23.60
CA GLU D 1642 -26.89 -59.84 -22.47
C GLU D 1642 -26.28 -58.47 -22.76
N ASN D 1643 -26.03 -58.16 -24.03
CA ASN D 1643 -25.40 -56.90 -24.40
C ASN D 1643 -26.28 -56.02 -25.28
N HIS D 1644 -26.87 -56.58 -26.33
CA HIS D 1644 -27.70 -55.81 -27.26
C HIS D 1644 -29.17 -55.85 -26.81
N LEU D 1645 -29.41 -55.33 -25.61
CA LEU D 1645 -30.75 -55.24 -25.05
C LEU D 1645 -31.05 -53.83 -24.57
N HIS D 1646 -30.03 -53.12 -24.10
CA HIS D 1646 -30.23 -51.82 -23.49
C HIS D 1646 -30.79 -50.82 -24.50
N VAL D 1647 -30.34 -50.90 -25.76
CA VAL D 1647 -30.90 -50.05 -26.80
C VAL D 1647 -32.40 -50.32 -26.94
N ILE D 1648 -32.78 -51.59 -27.19
CA ILE D 1648 -34.18 -51.95 -27.36
C ILE D 1648 -35.00 -51.35 -26.22
N VAL D 1649 -34.62 -51.69 -24.98
CA VAL D 1649 -35.34 -51.21 -23.80
C VAL D 1649 -35.48 -49.70 -23.82
N GLY D 1650 -34.35 -48.99 -23.89
CA GLY D 1650 -34.41 -47.55 -23.79
C GLY D 1650 -34.93 -46.83 -25.01
N THR D 1651 -35.32 -47.56 -26.05
CA THR D 1651 -35.77 -46.91 -27.28
C THR D 1651 -37.29 -46.74 -27.34
N LEU D 1652 -38.06 -47.73 -26.92
CA LEU D 1652 -39.50 -47.67 -27.05
C LEU D 1652 -40.19 -46.91 -25.92
N ILE D 1653 -39.43 -46.45 -24.93
CA ILE D 1653 -40.05 -45.68 -23.83
C ILE D 1653 -40.69 -44.38 -24.32
N PRO D 1654 -40.03 -43.55 -25.14
CA PRO D 1654 -40.71 -42.34 -25.64
C PRO D 1654 -41.85 -42.63 -26.61
N LEU D 1655 -42.09 -43.88 -26.97
CA LEU D 1655 -43.18 -44.27 -27.86
C LEU D 1655 -44.50 -44.47 -27.12
N VAL D 1656 -44.52 -44.25 -25.80
CA VAL D 1656 -45.76 -44.40 -25.04
C VAL D 1656 -46.77 -43.35 -25.47
N TYR D 1657 -46.32 -42.15 -25.82
CA TYR D 1657 -47.21 -41.09 -26.28
C TYR D 1657 -47.49 -41.23 -27.77
N GLU D 1658 -48.15 -42.34 -28.10
CA GLU D 1658 -48.48 -42.70 -29.48
C GLU D 1658 -49.87 -43.31 -29.48
N GLN D 1659 -50.22 -43.97 -30.58
CA GLN D 1659 -51.52 -44.59 -30.71
C GLN D 1659 -51.72 -45.65 -29.62
N VAL D 1660 -52.99 -46.01 -29.39
CA VAL D 1660 -53.30 -46.95 -28.31
C VAL D 1660 -52.70 -48.33 -28.60
N GLU D 1661 -52.67 -48.73 -29.87
CA GLU D 1661 -52.05 -50.01 -30.22
C GLU D 1661 -50.55 -49.99 -29.92
N VAL D 1662 -49.88 -48.88 -30.24
CA VAL D 1662 -48.45 -48.78 -29.96
C VAL D 1662 -48.22 -48.79 -28.46
N GLN D 1663 -49.02 -48.04 -27.70
CA GLN D 1663 -48.83 -47.98 -26.26
C GLN D 1663 -49.06 -49.36 -25.63
N LYS D 1664 -50.08 -50.08 -26.09
CA LYS D 1664 -50.35 -51.41 -25.56
C LYS D 1664 -49.21 -52.36 -25.87
N GLN D 1665 -48.66 -52.29 -27.09
CA GLN D 1665 -47.55 -53.18 -27.43
C GLN D 1665 -46.30 -52.82 -26.62
N VAL D 1666 -46.06 -51.52 -26.41
CA VAL D 1666 -44.91 -51.08 -25.63
C VAL D 1666 -45.01 -51.60 -24.20
N LEU D 1667 -46.18 -51.46 -23.59
CA LEU D 1667 -46.35 -51.95 -22.22
C LEU D 1667 -46.29 -53.47 -22.17
N ASP D 1668 -46.79 -54.15 -23.20
CA ASP D 1668 -46.74 -55.62 -23.22
C ASP D 1668 -45.31 -56.10 -23.26
N LEU D 1669 -44.48 -55.47 -24.10
CA LEU D 1669 -43.07 -55.87 -24.19
C LEU D 1669 -42.34 -55.51 -22.90
N LEU D 1670 -42.64 -54.35 -22.31
CA LEU D 1670 -41.95 -53.96 -21.09
C LEU D 1670 -42.28 -54.91 -19.96
N LYS D 1671 -43.56 -55.27 -19.78
CA LYS D 1671 -43.92 -56.20 -18.73
C LYS D 1671 -43.41 -57.60 -19.02
N TYR D 1672 -43.25 -57.96 -20.31
CA TYR D 1672 -42.64 -59.24 -20.63
C TYR D 1672 -41.18 -59.26 -20.20
N LEU D 1673 -40.45 -58.17 -20.46
CA LEU D 1673 -39.02 -58.15 -20.18
C LEU D 1673 -38.71 -57.97 -18.70
N VAL D 1674 -39.56 -57.25 -17.95
CA VAL D 1674 -39.24 -56.95 -16.55
C VAL D 1674 -39.87 -57.93 -15.57
N ILE D 1675 -40.69 -58.87 -16.04
CA ILE D 1675 -41.36 -59.83 -15.19
C ILE D 1675 -41.02 -61.27 -15.58
N ASP D 1676 -41.25 -61.62 -16.84
CA ASP D 1676 -41.03 -62.99 -17.29
C ASP D 1676 -39.55 -63.34 -17.46
N ASN D 1677 -38.66 -62.35 -17.45
CA ASN D 1677 -37.24 -62.60 -17.60
C ASN D 1677 -36.42 -62.06 -16.44
N LYS D 1678 -37.07 -61.63 -15.35
CA LYS D 1678 -36.33 -61.14 -14.20
C LYS D 1678 -35.68 -62.25 -13.37
N ASP D 1679 -36.08 -63.50 -13.58
CA ASP D 1679 -35.53 -64.62 -12.84
C ASP D 1679 -34.26 -65.18 -13.45
N ASN D 1680 -33.87 -64.72 -14.64
CA ASN D 1680 -32.67 -65.24 -15.29
C ASN D 1680 -31.43 -64.78 -14.54
N GLU D 1681 -30.53 -65.72 -14.23
CA GLU D 1681 -29.31 -65.38 -13.52
C GLU D 1681 -28.41 -64.49 -14.36
N ASN D 1682 -28.28 -64.79 -15.65
CA ASN D 1682 -27.42 -63.99 -16.52
C ASN D 1682 -28.03 -62.63 -16.80
N LEU D 1683 -29.36 -62.57 -16.93
CA LEU D 1683 -30.04 -61.31 -17.20
C LEU D 1683 -30.31 -60.49 -15.94
N TYR D 1684 -29.97 -61.01 -14.76
CA TYR D 1684 -30.19 -60.24 -13.54
C TYR D 1684 -29.37 -58.97 -13.52
N ILE D 1685 -28.11 -59.05 -13.98
CA ILE D 1685 -27.27 -57.86 -14.02
C ILE D 1685 -27.80 -56.87 -15.06
N THR D 1686 -28.24 -57.38 -16.21
CA THR D 1686 -28.73 -56.51 -17.26
C THR D 1686 -29.98 -55.77 -16.81
N ILE D 1687 -30.92 -56.47 -16.18
CA ILE D 1687 -32.13 -55.81 -15.71
C ILE D 1687 -31.82 -54.87 -14.55
N LYS D 1688 -30.81 -55.18 -13.74
CA LYS D 1688 -30.44 -54.28 -12.66
C LYS D 1688 -29.78 -53.02 -13.18
N LEU D 1689 -29.11 -53.10 -14.33
CA LEU D 1689 -28.35 -51.98 -14.90
C LEU D 1689 -29.11 -51.46 -16.13
N LEU D 1690 -30.04 -50.55 -15.89
CA LEU D 1690 -30.74 -49.88 -16.98
C LEU D 1690 -31.40 -48.61 -16.43
N ASP D 1691 -31.77 -47.73 -17.35
CA ASP D 1691 -32.30 -46.43 -16.97
C ASP D 1691 -33.70 -46.57 -16.36
N PRO D 1692 -34.03 -45.77 -15.35
CA PRO D 1692 -35.39 -45.79 -14.80
C PRO D 1692 -36.38 -45.12 -15.75
N PHE D 1693 -37.66 -45.29 -15.43
CA PHE D 1693 -38.77 -44.83 -16.27
C PHE D 1693 -39.71 -43.94 -15.45
N PRO D 1694 -39.30 -42.70 -15.15
CA PRO D 1694 -40.19 -41.81 -14.39
C PRO D 1694 -41.23 -41.11 -15.27
N ASP D 1695 -41.43 -41.59 -16.49
CA ASP D 1695 -42.20 -40.84 -17.48
C ASP D 1695 -43.67 -40.70 -17.08
N HIS D 1696 -44.38 -41.82 -16.96
CA HIS D 1696 -45.82 -41.79 -16.79
C HIS D 1696 -46.23 -42.56 -15.55
N VAL D 1697 -47.40 -42.19 -15.01
CA VAL D 1697 -47.93 -42.85 -13.83
C VAL D 1697 -48.31 -44.30 -14.13
N VAL D 1698 -48.75 -44.58 -15.37
CA VAL D 1698 -49.20 -45.92 -15.73
C VAL D 1698 -48.08 -46.95 -15.66
N PHE D 1699 -46.85 -46.53 -15.39
CA PHE D 1699 -45.72 -47.43 -15.25
C PHE D 1699 -45.43 -47.78 -13.79
N LYS D 1700 -46.48 -47.83 -12.94
CA LYS D 1700 -46.28 -48.15 -11.54
C LYS D 1700 -45.69 -49.55 -11.36
N ASP D 1701 -46.20 -50.52 -12.13
CA ASP D 1701 -45.66 -51.88 -12.06
C ASP D 1701 -44.20 -51.92 -12.48
N LEU D 1702 -43.85 -51.18 -13.52
CA LEU D 1702 -42.46 -51.13 -13.95
C LEU D 1702 -41.59 -50.48 -12.88
N ARG D 1703 -42.09 -49.42 -12.25
CA ARG D 1703 -41.30 -48.72 -11.24
C ARG D 1703 -41.05 -49.63 -10.05
N ILE D 1704 -42.09 -50.35 -9.59
CA ILE D 1704 -41.92 -51.17 -8.41
C ILE D 1704 -41.02 -52.37 -8.71
N THR D 1705 -41.17 -52.97 -9.89
CA THR D 1705 -40.32 -54.12 -10.19
C THR D 1705 -38.89 -53.69 -10.46
N GLN D 1706 -38.70 -52.44 -10.92
CA GLN D 1706 -37.35 -51.96 -11.12
C GLN D 1706 -36.69 -51.66 -9.78
N GLN D 1707 -37.43 -51.04 -8.86
CA GLN D 1707 -36.84 -50.65 -7.58
C GLN D 1707 -36.59 -51.84 -6.68
N LYS D 1708 -37.30 -52.96 -6.89
CA LYS D 1708 -37.03 -54.13 -6.03
C LYS D 1708 -35.62 -54.66 -6.28
N ILE D 1709 -35.27 -54.87 -7.54
CA ILE D 1709 -33.93 -55.34 -7.88
C ILE D 1709 -32.90 -54.24 -7.67
N LYS D 1710 -33.23 -53.00 -8.05
CA LYS D 1710 -32.27 -51.90 -7.94
C LYS D 1710 -31.87 -51.63 -6.49
N TYR D 1711 -32.85 -51.63 -5.59
CA TYR D 1711 -32.61 -51.35 -4.17
C TYR D 1711 -32.73 -52.63 -3.33
N SER D 1712 -32.28 -53.75 -3.88
CA SER D 1712 -32.31 -55.00 -3.13
C SER D 1712 -31.41 -54.94 -1.91
N ARG D 1713 -30.22 -54.38 -2.07
CA ARG D 1713 -29.27 -54.27 -0.97
C ARG D 1713 -29.52 -53.06 -0.08
N GLY D 1714 -30.47 -52.20 -0.44
CA GLY D 1714 -30.77 -51.02 0.34
C GLY D 1714 -30.94 -49.79 -0.53
N PRO D 1715 -31.11 -48.63 0.09
CA PRO D 1715 -31.27 -47.39 -0.67
C PRO D 1715 -29.91 -46.84 -1.09
N PHE D 1716 -29.72 -46.67 -2.40
CA PHE D 1716 -28.47 -46.16 -2.92
C PHE D 1716 -28.25 -44.71 -2.52
N SER D 1717 -27.02 -44.39 -2.14
CA SER D 1717 -26.65 -43.03 -1.79
C SER D 1717 -26.28 -42.26 -3.06
N LEU D 1718 -25.82 -41.02 -2.87
CA LEU D 1718 -25.41 -40.21 -4.03
C LEU D 1718 -24.21 -40.83 -4.74
N LEU D 1719 -23.23 -41.30 -3.96
CA LEU D 1719 -22.05 -41.91 -4.57
C LEU D 1719 -22.42 -43.17 -5.33
N GLU D 1720 -23.33 -43.97 -4.77
CA GLU D 1720 -23.78 -45.18 -5.46
C GLU D 1720 -24.54 -44.82 -6.73
N GLU D 1721 -25.32 -43.74 -6.71
CA GLU D 1721 -26.02 -43.31 -7.90
C GLU D 1721 -25.04 -42.87 -8.98
N ILE D 1722 -23.98 -42.16 -8.58
CA ILE D 1722 -22.96 -41.74 -9.55
C ILE D 1722 -22.26 -42.94 -10.15
N ASN D 1723 -21.91 -43.92 -9.31
CA ASN D 1723 -21.23 -45.11 -9.82
C ASN D 1723 -22.14 -45.89 -10.76
N HIS D 1724 -23.42 -46.02 -10.43
CA HIS D 1724 -24.36 -46.70 -11.31
C HIS D 1724 -24.51 -45.96 -12.64
N PHE D 1725 -24.57 -44.62 -12.58
CA PHE D 1725 -24.70 -43.84 -13.81
C PHE D 1725 -23.48 -43.98 -14.68
N LEU D 1726 -22.28 -44.01 -14.08
CA LEU D 1726 -21.08 -44.18 -14.90
C LEU D 1726 -21.00 -45.59 -15.48
N SER D 1727 -21.44 -46.58 -14.70
CA SER D 1727 -21.41 -47.96 -15.18
C SER D 1727 -22.34 -48.13 -16.37
N VAL D 1728 -23.54 -47.54 -16.31
CA VAL D 1728 -24.43 -47.67 -17.46
C VAL D 1728 -23.98 -46.75 -18.58
N SER D 1729 -23.27 -45.67 -18.26
CA SER D 1729 -22.78 -44.76 -19.28
C SER D 1729 -21.76 -45.44 -20.18
N VAL D 1730 -20.84 -46.20 -19.58
CA VAL D 1730 -19.87 -46.92 -20.40
C VAL D 1730 -20.47 -48.18 -21.02
N TYR D 1731 -21.56 -48.70 -20.43
CA TYR D 1731 -22.16 -49.93 -20.95
C TYR D 1731 -22.91 -49.69 -22.25
N ASP D 1732 -23.39 -48.47 -22.48
CA ASP D 1732 -24.16 -48.13 -23.67
C ASP D 1732 -23.49 -46.98 -24.42
N ALA D 1733 -23.48 -47.09 -25.74
CA ALA D 1733 -22.86 -46.10 -26.60
C ALA D 1733 -23.85 -45.13 -27.24
N LEU D 1734 -25.13 -45.23 -26.90
CA LEU D 1734 -26.14 -44.34 -27.47
C LEU D 1734 -26.63 -43.36 -26.42
N PRO D 1735 -26.25 -42.08 -26.52
CA PRO D 1735 -26.70 -41.11 -25.50
C PRO D 1735 -28.18 -40.80 -25.53
N LEU D 1736 -28.88 -41.06 -26.65
CA LEU D 1736 -30.29 -40.74 -26.73
C LEU D 1736 -31.12 -41.57 -25.76
N THR D 1737 -30.78 -42.86 -25.62
CA THR D 1737 -31.49 -43.73 -24.71
C THR D 1737 -31.22 -43.44 -23.24
N ARG D 1738 -30.26 -42.57 -22.95
CA ARG D 1738 -29.89 -42.25 -21.57
C ARG D 1738 -30.52 -40.98 -21.05
N LEU D 1739 -31.52 -40.44 -21.74
CA LEU D 1739 -32.13 -39.18 -21.29
C LEU D 1739 -32.77 -39.34 -19.92
N GLU D 1740 -33.44 -40.48 -19.68
CA GLU D 1740 -34.05 -40.71 -18.38
C GLU D 1740 -32.99 -40.85 -17.30
N GLY D 1741 -31.86 -41.47 -17.65
CA GLY D 1741 -30.76 -41.57 -16.70
C GLY D 1741 -30.20 -40.21 -16.35
N LEU D 1742 -30.11 -39.31 -17.33
CA LEU D 1742 -29.67 -37.95 -17.04
C LEU D 1742 -30.67 -37.23 -16.16
N LYS D 1743 -31.97 -37.43 -16.41
CA LYS D 1743 -32.99 -36.77 -15.59
C LYS D 1743 -32.91 -37.24 -14.14
N ASP D 1744 -32.76 -38.56 -13.94
CA ASP D 1744 -32.66 -39.05 -12.58
C ASP D 1744 -31.34 -38.63 -11.93
N LEU D 1745 -30.27 -38.49 -12.72
CA LEU D 1745 -29.02 -37.98 -12.18
C LEU D 1745 -29.20 -36.54 -11.72
N ARG D 1746 -29.95 -35.75 -12.49
CA ARG D 1746 -30.23 -34.37 -12.12
C ARG D 1746 -31.00 -34.31 -10.81
N ARG D 1747 -32.02 -35.16 -10.67
CA ARG D 1747 -32.78 -35.17 -9.43
C ARG D 1747 -31.92 -35.62 -8.25
N GLN D 1748 -31.05 -36.61 -8.47
CA GLN D 1748 -30.20 -37.09 -7.39
C GLN D 1748 -29.23 -36.00 -6.93
N LEU D 1749 -28.63 -35.27 -7.88
CA LEU D 1749 -27.72 -34.19 -7.50
C LEU D 1749 -28.46 -33.06 -6.81
N GLU D 1750 -29.63 -32.68 -7.33
CA GLU D 1750 -30.36 -31.55 -6.75
C GLU D 1750 -30.83 -31.88 -5.33
N LEU D 1751 -31.38 -33.07 -5.12
CA LEU D 1751 -31.91 -33.42 -3.80
C LEU D 1751 -30.82 -33.74 -2.80
N HIS D 1752 -29.68 -34.27 -3.25
CA HIS D 1752 -28.61 -34.71 -2.36
C HIS D 1752 -27.37 -33.82 -2.49
N LYS D 1753 -27.58 -32.51 -2.60
CA LYS D 1753 -26.46 -31.58 -2.67
C LYS D 1753 -25.60 -31.61 -1.41
N ASP D 1754 -26.15 -32.04 -0.28
CA ASP D 1754 -25.38 -32.10 0.95
C ASP D 1754 -24.29 -33.17 0.90
N GLN D 1755 -24.48 -34.22 0.10
CA GLN D 1755 -23.56 -35.34 0.06
C GLN D 1755 -22.35 -35.11 -0.83
N MET D 1756 -22.28 -34.00 -1.55
CA MET D 1756 -21.11 -33.72 -2.37
C MET D 1756 -19.96 -33.10 -1.60
N VAL D 1757 -20.17 -32.76 -0.32
CA VAL D 1757 -19.10 -32.14 0.47
C VAL D 1757 -18.13 -33.19 0.97
N ASP D 1758 -18.65 -34.24 1.63
CA ASP D 1758 -17.77 -35.25 2.20
C ASP D 1758 -17.16 -36.15 1.13
N ILE D 1759 -17.80 -36.28 -0.03
CA ILE D 1759 -17.22 -37.06 -1.11
C ILE D 1759 -15.92 -36.41 -1.59
N MET D 1760 -15.95 -35.10 -1.80
CA MET D 1760 -14.74 -34.41 -2.22
C MET D 1760 -13.77 -34.26 -1.07
N ARG D 1761 -14.26 -34.21 0.17
CA ARG D 1761 -13.35 -34.18 1.32
C ARG D 1761 -12.54 -35.47 1.39
N ALA D 1762 -13.19 -36.61 1.17
CA ALA D 1762 -12.51 -37.90 1.14
C ALA D 1762 -11.71 -38.09 -0.15
N SER D 1763 -12.00 -37.31 -1.19
CA SER D 1763 -11.27 -37.42 -2.45
C SER D 1763 -10.09 -36.47 -2.54
N GLN D 1764 -9.80 -35.71 -1.48
CA GLN D 1764 -8.67 -34.79 -1.50
C GLN D 1764 -7.33 -35.53 -1.57
N ASP D 1765 -7.26 -36.73 -1.00
CA ASP D 1765 -6.01 -37.49 -1.02
C ASP D 1765 -5.63 -37.88 -2.44
N ASN D 1766 -6.60 -38.23 -3.28
CA ASN D 1766 -6.35 -38.65 -4.66
C ASN D 1766 -7.22 -37.81 -5.59
N PRO D 1767 -6.83 -36.55 -5.83
CA PRO D 1767 -7.66 -35.68 -6.68
C PRO D 1767 -7.67 -36.08 -8.14
N GLN D 1768 -6.66 -36.83 -8.61
CA GLN D 1768 -6.61 -37.22 -10.02
C GLN D 1768 -7.63 -38.28 -10.38
N ASP D 1769 -8.28 -38.90 -9.39
CA ASP D 1769 -9.33 -39.88 -9.62
C ASP D 1769 -10.68 -39.38 -9.11
N GLY D 1770 -10.92 -38.07 -9.23
CA GLY D 1770 -12.16 -37.47 -8.76
C GLY D 1770 -13.41 -38.02 -9.41
N ILE D 1771 -14.40 -38.34 -8.57
CA ILE D 1771 -15.66 -38.87 -9.07
C ILE D 1771 -16.43 -37.78 -9.81
N MET D 1772 -16.47 -36.57 -9.24
CA MET D 1772 -17.23 -35.50 -9.88
C MET D 1772 -16.62 -35.12 -11.22
N VAL D 1773 -15.29 -35.01 -11.29
CA VAL D 1773 -14.67 -34.68 -12.56
C VAL D 1773 -14.81 -35.83 -13.55
N LYS D 1774 -14.85 -37.07 -13.04
CA LYS D 1774 -15.07 -38.20 -13.93
C LYS D 1774 -16.47 -38.15 -14.53
N LEU D 1775 -17.45 -37.73 -13.74
CA LEU D 1775 -18.81 -37.59 -14.28
C LEU D 1775 -18.88 -36.42 -15.26
N VAL D 1776 -18.14 -35.35 -15.00
CA VAL D 1776 -18.15 -34.19 -15.88
C VAL D 1776 -17.59 -34.57 -17.24
N VAL D 1777 -16.45 -35.28 -17.24
CA VAL D 1777 -15.86 -35.69 -18.52
C VAL D 1777 -16.71 -36.76 -19.19
N ASN D 1778 -17.40 -37.59 -18.40
CA ASN D 1778 -18.28 -38.59 -19.00
C ASN D 1778 -19.44 -37.93 -19.73
N LEU D 1779 -20.06 -36.92 -19.11
CA LEU D 1779 -21.12 -36.17 -19.79
C LEU D 1779 -20.58 -35.43 -21.00
N LEU D 1780 -19.38 -34.87 -20.91
CA LEU D 1780 -18.78 -34.20 -22.05
C LEU D 1780 -18.57 -35.18 -23.21
N GLN D 1781 -18.08 -36.38 -22.91
CA GLN D 1781 -17.90 -37.40 -23.94
C GLN D 1781 -19.23 -37.83 -24.54
N LEU D 1782 -20.27 -37.95 -23.71
CA LEU D 1782 -21.59 -38.32 -24.23
C LEU D 1782 -22.12 -37.23 -25.16
N SER D 1783 -21.91 -35.96 -24.80
CA SER D 1783 -22.35 -34.87 -25.66
C SER D 1783 -21.58 -34.89 -26.97
N LYS D 1784 -20.28 -35.19 -26.92
CA LYS D 1784 -19.51 -35.24 -28.15
C LYS D 1784 -19.97 -36.39 -29.03
N MET D 1785 -20.41 -37.51 -28.42
CA MET D 1785 -20.96 -38.60 -29.22
C MET D 1785 -22.27 -38.20 -29.87
N ALA D 1786 -23.13 -37.49 -29.13
CA ALA D 1786 -24.43 -37.09 -29.65
C ALA D 1786 -24.42 -35.69 -30.25
N ILE D 1787 -23.26 -35.20 -30.70
CA ILE D 1787 -23.20 -33.88 -31.31
C ILE D 1787 -23.77 -33.88 -32.73
N ASN D 1788 -23.82 -35.02 -33.39
CA ASN D 1788 -24.30 -35.12 -34.77
C ASN D 1788 -25.28 -36.28 -34.92
N HIS D 1789 -26.24 -36.36 -34.00
CA HIS D 1789 -27.24 -37.42 -34.01
C HIS D 1789 -28.62 -36.80 -33.85
N THR D 1790 -29.64 -37.57 -34.23
CA THR D 1790 -31.01 -37.08 -34.14
C THR D 1790 -31.42 -36.90 -32.68
N GLY D 1791 -32.37 -35.99 -32.46
CA GLY D 1791 -32.80 -35.68 -31.11
C GLY D 1791 -31.71 -35.10 -30.25
N GLU D 1792 -30.82 -34.29 -30.84
CA GLU D 1792 -29.71 -33.71 -30.09
C GLU D 1792 -30.14 -32.58 -29.19
N LYS D 1793 -31.21 -31.86 -29.54
CA LYS D 1793 -31.63 -30.71 -28.74
C LYS D 1793 -32.14 -31.12 -27.37
N GLU D 1794 -32.55 -32.38 -27.20
CA GLU D 1794 -33.01 -32.84 -25.90
C GLU D 1794 -31.87 -33.38 -25.05
N VAL D 1795 -30.97 -34.15 -25.64
CA VAL D 1795 -29.84 -34.69 -24.89
C VAL D 1795 -28.87 -33.58 -24.48
N LEU D 1796 -28.66 -32.60 -25.37
CA LEU D 1796 -27.78 -31.49 -25.03
C LEU D 1796 -28.37 -30.66 -23.90
N GLU D 1797 -29.70 -30.45 -23.92
CA GLU D 1797 -30.33 -29.73 -22.83
C GLU D 1797 -30.24 -30.52 -21.53
N ALA D 1798 -30.39 -31.84 -21.59
CA ALA D 1798 -30.34 -32.65 -20.38
C ALA D 1798 -28.94 -32.62 -19.76
N VAL D 1799 -27.91 -32.79 -20.59
CA VAL D 1799 -26.55 -32.77 -20.06
C VAL D 1799 -26.19 -31.36 -19.58
N GLY D 1800 -26.67 -30.33 -20.27
CA GLY D 1800 -26.43 -28.98 -19.80
C GLY D 1800 -27.07 -28.70 -18.46
N SER D 1801 -28.30 -29.18 -18.26
CA SER D 1801 -28.94 -29.03 -16.95
C SER D 1801 -28.21 -29.82 -15.88
N CYS D 1802 -27.73 -31.02 -16.21
CA CYS D 1802 -26.95 -31.80 -15.25
C CYS D 1802 -25.68 -31.07 -14.84
N LEU D 1803 -24.96 -30.48 -15.81
CA LEU D 1803 -23.81 -29.66 -15.46
C LEU D 1803 -24.19 -28.34 -14.81
N GLY D 1804 -25.43 -27.88 -15.01
CA GLY D 1804 -25.92 -26.70 -14.33
C GLY D 1804 -26.30 -26.92 -12.89
N GLU D 1805 -26.53 -28.17 -12.51
CA GLU D 1805 -26.84 -28.49 -11.12
C GLU D 1805 -25.60 -28.48 -10.24
N VAL D 1806 -24.40 -28.45 -10.84
CA VAL D 1806 -23.14 -28.39 -10.13
C VAL D 1806 -22.38 -27.16 -10.61
N GLY D 1807 -21.86 -26.38 -9.67
CA GLY D 1807 -21.15 -25.17 -10.02
C GLY D 1807 -19.72 -25.45 -10.43
N PRO D 1808 -19.00 -24.38 -10.76
CA PRO D 1808 -17.59 -24.53 -11.14
C PRO D 1808 -16.71 -24.85 -9.93
N ILE D 1809 -16.87 -26.04 -9.38
CA ILE D 1809 -16.11 -26.43 -8.19
C ILE D 1809 -14.65 -26.67 -8.58
N ASP D 1810 -13.74 -26.10 -7.80
CA ASP D 1810 -12.31 -26.30 -8.04
C ASP D 1810 -11.94 -27.75 -7.74
N PHE D 1811 -11.68 -28.52 -8.80
CA PHE D 1811 -11.33 -29.93 -8.66
C PHE D 1811 -9.85 -30.15 -8.37
N SER D 1812 -9.05 -29.08 -8.32
CA SER D 1812 -7.61 -29.17 -8.05
C SER D 1812 -6.90 -30.03 -9.10
N THR D 1813 -7.43 -30.06 -10.32
CA THR D 1813 -6.81 -30.77 -11.42
C THR D 1813 -6.88 -29.91 -12.68
N ILE D 1814 -5.92 -30.13 -13.58
CA ILE D 1814 -5.81 -29.32 -14.79
C ILE D 1814 -5.96 -30.21 -16.02
N ALA D 1815 -5.58 -31.48 -15.88
CA ALA D 1815 -5.58 -32.41 -17.00
C ALA D 1815 -6.91 -33.16 -17.08
N ILE D 1816 -7.33 -33.43 -18.32
CA ILE D 1816 -8.53 -34.20 -18.61
C ILE D 1816 -8.12 -35.57 -19.12
N GLN D 1817 -8.59 -36.62 -18.46
CA GLN D 1817 -8.31 -38.00 -18.85
C GLN D 1817 -9.55 -38.61 -19.48
N HIS D 1818 -9.41 -39.13 -20.70
CA HIS D 1818 -10.50 -39.75 -21.43
C HIS D 1818 -10.53 -41.25 -21.11
N SER D 1819 -11.53 -41.66 -20.33
CA SER D 1819 -11.65 -43.07 -19.96
C SER D 1819 -11.94 -43.92 -21.17
N LYS D 1820 -11.28 -45.08 -21.26
CA LYS D 1820 -11.43 -46.01 -22.35
C LYS D 1820 -11.76 -47.39 -21.81
N ASP D 1821 -12.49 -48.17 -22.60
CA ASP D 1821 -12.86 -49.52 -22.17
C ASP D 1821 -11.62 -50.38 -22.01
N ALA D 1822 -11.61 -51.19 -20.95
CA ALA D 1822 -10.44 -52.02 -20.65
C ALA D 1822 -10.23 -53.12 -21.67
N SER D 1823 -11.29 -53.58 -22.34
CA SER D 1823 -11.12 -54.66 -23.32
C SER D 1823 -10.25 -54.24 -24.49
N TYR D 1824 -10.44 -53.02 -25.00
CA TYR D 1824 -9.64 -52.53 -26.11
C TYR D 1824 -8.19 -52.34 -25.69
N THR D 1825 -7.98 -51.84 -24.47
CA THR D 1825 -6.61 -51.60 -24.01
C THR D 1825 -5.89 -52.91 -23.78
N LYS D 1826 -6.56 -53.91 -23.19
CA LYS D 1826 -5.90 -55.18 -22.95
C LYS D 1826 -5.64 -55.92 -24.25
N ALA D 1827 -6.54 -55.77 -25.24
CA ALA D 1827 -6.32 -56.40 -26.54
C ALA D 1827 -5.10 -55.79 -27.22
N LEU D 1828 -4.97 -54.47 -27.17
CA LEU D 1828 -3.79 -53.87 -27.79
C LEU D 1828 -2.54 -54.16 -26.97
N LYS D 1829 -2.70 -54.37 -25.65
CA LYS D 1829 -1.55 -54.69 -24.83
C LYS D 1829 -1.01 -56.06 -25.19
N LEU D 1830 -1.90 -57.03 -25.41
CA LEU D 1830 -1.48 -58.38 -25.73
C LEU D 1830 -1.21 -58.57 -27.21
N PHE D 1831 -1.46 -57.55 -28.04
CA PHE D 1831 -1.09 -57.60 -29.45
C PHE D 1831 0.33 -57.06 -29.57
N GLU D 1832 1.28 -57.97 -29.82
CA GLU D 1832 2.69 -57.61 -29.90
C GLU D 1832 3.14 -57.16 -31.30
N ASP D 1833 2.26 -57.19 -32.29
CA ASP D 1833 2.61 -56.80 -33.64
C ASP D 1833 1.78 -55.60 -34.09
N LYS D 1834 2.44 -54.65 -34.77
CA LYS D 1834 1.74 -53.49 -35.28
C LYS D 1834 0.73 -53.90 -36.36
N GLU D 1835 1.04 -54.94 -37.14
CA GLU D 1835 0.08 -55.44 -38.11
C GLU D 1835 -1.17 -55.95 -37.43
N LEU D 1836 -1.00 -56.70 -36.34
CA LEU D 1836 -2.13 -57.22 -35.59
C LEU D 1836 -2.94 -56.08 -34.98
N GLN D 1837 -2.26 -55.05 -34.47
CA GLN D 1837 -2.96 -53.92 -33.88
C GLN D 1837 -3.78 -53.19 -34.95
N TRP D 1838 -3.20 -53.01 -36.14
CA TRP D 1838 -3.92 -52.34 -37.21
C TRP D 1838 -5.13 -53.15 -37.65
N THR D 1839 -4.97 -54.48 -37.74
CA THR D 1839 -6.10 -55.32 -38.13
C THR D 1839 -7.20 -55.26 -37.09
N PHE D 1840 -6.83 -55.25 -35.80
CA PHE D 1840 -7.83 -55.23 -34.75
C PHE D 1840 -8.59 -53.91 -34.76
N ILE D 1841 -7.87 -52.79 -34.86
CA ILE D 1841 -8.55 -51.50 -34.80
C ILE D 1841 -9.43 -51.31 -36.04
N MET D 1842 -8.98 -51.78 -37.20
CA MET D 1842 -9.79 -51.65 -38.41
C MET D 1842 -11.03 -52.54 -38.32
N LEU D 1843 -10.88 -53.79 -37.89
CA LEU D 1843 -12.03 -54.68 -37.82
C LEU D 1843 -13.03 -54.18 -36.78
N THR D 1844 -12.55 -53.66 -35.65
CA THR D 1844 -13.46 -53.09 -34.65
C THR D 1844 -14.22 -51.89 -35.21
N TYR D 1845 -13.53 -51.01 -35.94
CA TYR D 1845 -14.24 -49.89 -36.52
C TYR D 1845 -15.24 -50.35 -37.58
N LEU D 1846 -14.88 -51.37 -38.35
CA LEU D 1846 -15.81 -51.93 -39.34
C LEU D 1846 -17.06 -52.48 -38.66
N ASN D 1847 -16.89 -53.17 -37.53
CA ASN D 1847 -18.05 -53.66 -36.80
C ASN D 1847 -18.90 -52.52 -36.28
N ASN D 1848 -18.26 -51.44 -35.80
CA ASN D 1848 -19.02 -50.31 -35.30
C ASN D 1848 -19.79 -49.62 -36.42
N THR D 1849 -19.18 -49.53 -37.61
CA THR D 1849 -19.82 -48.87 -38.75
C THR D 1849 -20.73 -49.81 -39.53
N LEU D 1850 -20.85 -51.06 -39.12
CA LEU D 1850 -21.70 -52.03 -39.77
C LEU D 1850 -23.13 -52.03 -39.23
N VAL D 1851 -23.40 -51.28 -38.17
CA VAL D 1851 -24.70 -51.35 -37.50
C VAL D 1851 -25.44 -50.02 -37.62
N GLU D 1852 -25.21 -49.31 -38.71
CA GLU D 1852 -25.90 -48.05 -38.98
C GLU D 1852 -27.06 -48.27 -39.95
N ASP D 1853 -27.93 -47.26 -40.04
CA ASP D 1853 -29.14 -47.37 -40.86
C ASP D 1853 -28.82 -47.37 -42.35
N CYS D 1854 -27.77 -46.66 -42.77
CA CYS D 1854 -27.44 -46.56 -44.18
C CYS D 1854 -27.05 -47.93 -44.74
N VAL D 1855 -27.57 -48.25 -45.94
CA VAL D 1855 -27.31 -49.55 -46.54
C VAL D 1855 -25.97 -49.57 -47.27
N LYS D 1856 -25.57 -48.45 -47.86
CA LYS D 1856 -24.32 -48.43 -48.61
C LYS D 1856 -23.12 -48.67 -47.69
N VAL D 1857 -23.15 -48.05 -46.50
CA VAL D 1857 -22.01 -48.18 -45.60
C VAL D 1857 -21.90 -49.60 -45.07
N ARG D 1858 -23.04 -50.25 -44.81
CA ARG D 1858 -22.96 -51.62 -44.31
C ARG D 1858 -22.62 -52.60 -45.42
N SER D 1859 -23.04 -52.33 -46.66
CA SER D 1859 -22.64 -53.18 -47.78
C SER D 1859 -21.13 -53.10 -48.01
N ALA D 1860 -20.56 -51.89 -47.90
CA ALA D 1860 -19.13 -51.76 -48.04
C ALA D 1860 -18.42 -52.36 -46.84
N ALA D 1861 -19.02 -52.26 -45.65
CA ALA D 1861 -18.39 -52.83 -44.47
C ALA D 1861 -18.33 -54.34 -44.56
N VAL D 1862 -19.43 -54.98 -44.99
CA VAL D 1862 -19.45 -56.44 -45.09
C VAL D 1862 -18.49 -56.91 -46.19
N THR D 1863 -18.37 -56.14 -47.28
CA THR D 1863 -17.40 -56.52 -48.29
C THR D 1863 -15.98 -56.40 -47.73
N CYS D 1864 -15.71 -55.37 -46.94
CA CYS D 1864 -14.38 -55.25 -46.35
C CYS D 1864 -14.14 -56.37 -45.34
N LEU D 1865 -15.19 -56.79 -44.64
CA LEU D 1865 -15.04 -57.89 -43.69
C LEU D 1865 -14.61 -59.15 -44.41
N LYS D 1866 -15.22 -59.43 -45.57
CA LYS D 1866 -14.79 -60.61 -46.31
C LYS D 1866 -13.41 -60.41 -46.91
N ASN D 1867 -13.05 -59.17 -47.25
CA ASN D 1867 -11.75 -58.91 -47.86
C ASN D 1867 -10.61 -59.19 -46.88
N ILE D 1868 -10.69 -58.61 -45.68
CA ILE D 1868 -9.64 -58.85 -44.69
C ILE D 1868 -9.72 -60.28 -44.15
N LEU D 1869 -10.92 -60.78 -43.86
CA LEU D 1869 -11.02 -62.12 -43.29
C LEU D 1869 -10.59 -63.20 -44.26
N ALA D 1870 -10.57 -62.92 -45.57
CA ALA D 1870 -10.15 -63.91 -46.55
C ALA D 1870 -8.64 -63.95 -46.77
N THR D 1871 -7.87 -63.03 -46.18
CA THR D 1871 -6.43 -63.00 -46.37
C THR D 1871 -5.68 -63.67 -45.23
N LYS D 1872 -4.39 -63.92 -45.48
CA LYS D 1872 -3.53 -64.54 -44.46
C LYS D 1872 -3.36 -63.63 -43.25
N THR D 1873 -3.49 -62.31 -43.43
CA THR D 1873 -3.44 -61.41 -42.29
C THR D 1873 -4.65 -61.67 -41.39
N GLY D 1874 -5.82 -61.87 -41.99
CA GLY D 1874 -7.00 -62.20 -41.21
C GLY D 1874 -6.87 -63.55 -40.53
N HIS D 1875 -6.31 -64.53 -41.24
CA HIS D 1875 -6.12 -65.84 -40.63
C HIS D 1875 -5.17 -65.79 -39.44
N SER D 1876 -4.06 -65.05 -39.56
CA SER D 1876 -3.15 -64.88 -38.42
C SER D 1876 -3.82 -64.12 -37.29
N PHE D 1877 -4.66 -63.13 -37.65
CA PHE D 1877 -5.38 -62.39 -36.62
C PHE D 1877 -6.27 -63.32 -35.84
N TRP D 1878 -6.99 -64.21 -36.53
CA TRP D 1878 -7.87 -65.11 -35.81
C TRP D 1878 -7.08 -66.11 -34.99
N GLU D 1879 -5.91 -66.54 -35.49
CA GLU D 1879 -5.05 -67.42 -34.68
C GLU D 1879 -4.77 -66.78 -33.34
N ILE D 1880 -4.31 -65.52 -33.37
CA ILE D 1880 -3.91 -64.87 -32.12
C ILE D 1880 -5.15 -64.59 -31.27
N TYR D 1881 -6.18 -64.04 -31.90
CA TYR D 1881 -7.44 -63.57 -31.33
C TYR D 1881 -8.32 -64.69 -30.78
N LYS D 1882 -7.94 -65.96 -30.97
CA LYS D 1882 -8.79 -67.10 -30.60
C LYS D 1882 -8.73 -67.47 -29.12
N MET D 1883 -7.93 -66.80 -28.30
CA MET D 1883 -7.95 -67.06 -26.87
C MET D 1883 -8.77 -66.08 -26.06
N THR D 1884 -8.98 -64.85 -26.53
CA THR D 1884 -9.71 -63.87 -25.74
C THR D 1884 -11.21 -64.21 -25.69
N THR D 1885 -11.87 -63.71 -24.63
CA THR D 1885 -13.30 -63.92 -24.41
C THR D 1885 -14.08 -62.69 -24.88
N ASP D 1886 -14.24 -62.59 -26.20
CA ASP D 1886 -14.92 -61.46 -26.84
C ASP D 1886 -15.96 -62.00 -27.81
N PRO D 1887 -17.23 -61.56 -27.71
CA PRO D 1887 -18.25 -62.03 -28.68
C PRO D 1887 -17.99 -61.59 -30.12
N MET D 1888 -16.91 -60.84 -30.33
CA MET D 1888 -16.54 -60.45 -31.68
C MET D 1888 -16.25 -61.68 -32.52
N LEU D 1889 -15.77 -62.76 -31.87
CA LEU D 1889 -15.52 -64.01 -32.59
C LEU D 1889 -16.82 -64.55 -33.15
N ALA D 1890 -17.88 -64.53 -32.35
CA ALA D 1890 -19.17 -65.02 -32.81
C ALA D 1890 -19.71 -64.11 -33.91
N TYR D 1891 -19.52 -62.81 -33.78
CA TYR D 1891 -20.03 -61.88 -34.80
C TYR D 1891 -19.32 -62.10 -36.13
N LEU D 1892 -18.00 -62.31 -36.10
CA LEU D 1892 -17.20 -62.49 -37.30
C LEU D 1892 -17.03 -63.95 -37.71
N GLN D 1893 -17.59 -64.89 -36.96
CA GLN D 1893 -17.46 -66.31 -37.30
C GLN D 1893 -18.04 -66.66 -38.66
N PRO D 1894 -19.25 -66.24 -39.03
CA PRO D 1894 -19.77 -66.61 -40.36
C PRO D 1894 -18.97 -66.05 -41.52
N PHE D 1895 -18.16 -65.01 -41.30
CA PHE D 1895 -17.41 -64.36 -42.37
C PHE D 1895 -16.06 -65.01 -42.62
N ARG D 1896 -15.88 -66.27 -42.26
CA ARG D 1896 -14.62 -66.96 -42.49
C ARG D 1896 -14.80 -68.08 -43.51
N PRO D 1913 5.20 -43.10 -58.46
CA PRO D 1913 4.24 -42.95 -57.36
C PRO D 1913 4.21 -41.52 -56.81
N PHE D 1914 5.34 -40.83 -56.89
CA PHE D 1914 5.42 -39.46 -56.38
C PHE D 1914 4.69 -38.46 -57.27
N GLU D 1915 4.40 -38.84 -58.52
CA GLU D 1915 3.76 -37.91 -59.45
C GLU D 1915 2.35 -37.55 -59.00
N GLY D 1916 1.62 -38.51 -58.43
CA GLY D 1916 0.25 -38.30 -58.05
C GLY D 1916 0.02 -37.62 -56.71
N LEU D 1917 1.09 -37.24 -56.01
CA LEU D 1917 0.95 -36.62 -54.70
C LEU D 1917 1.43 -35.17 -54.64
N ASP D 1918 2.24 -34.71 -55.59
CA ASP D 1918 2.74 -33.35 -55.58
C ASP D 1918 1.71 -32.44 -56.26
N ASP D 1919 0.96 -31.70 -55.44
CA ASP D 1919 -0.04 -30.77 -55.94
C ASP D 1919 -0.40 -29.81 -54.82
N ILE D 1920 -0.11 -28.52 -55.02
CA ILE D 1920 -0.37 -27.53 -53.98
C ILE D 1920 -1.86 -27.41 -53.71
N ASN D 1921 -2.69 -27.54 -54.76
CA ASN D 1921 -4.14 -27.42 -54.57
C ASN D 1921 -4.72 -28.66 -53.90
N LEU D 1922 -4.09 -29.81 -54.08
CA LEU D 1922 -4.62 -31.05 -53.49
C LEU D 1922 -4.56 -31.03 -51.98
N TRP D 1923 -3.50 -30.44 -51.42
CA TRP D 1923 -3.34 -30.42 -49.97
C TRP D 1923 -4.25 -29.41 -49.28
N ILE D 1924 -4.51 -28.26 -49.91
CA ILE D 1924 -5.40 -27.28 -49.29
C ILE D 1924 -6.47 -26.85 -50.30
N PRO D 1925 -7.43 -27.73 -50.65
CA PRO D 1925 -8.65 -27.29 -51.34
C PRO D 1925 -9.76 -26.97 -50.34
N LEU D 1926 -9.44 -26.18 -49.32
CA LEU D 1926 -10.29 -26.03 -48.15
C LEU D 1926 -11.09 -24.74 -48.27
N SER D 1927 -12.23 -24.83 -48.97
CA SER D 1927 -13.26 -23.79 -48.98
C SER D 1927 -14.57 -24.51 -48.68
N GLU D 1928 -14.83 -24.73 -47.39
CA GLU D 1928 -15.99 -25.49 -46.94
C GLU D 1928 -16.07 -26.85 -47.61
N ASN D 1929 -14.90 -27.48 -47.80
CA ASN D 1929 -14.79 -28.77 -48.49
C ASN D 1929 -13.87 -29.70 -47.71
N HIS D 1930 -14.07 -29.78 -46.40
CA HIS D 1930 -13.24 -30.65 -45.57
C HIS D 1930 -13.43 -32.13 -45.94
N ASP D 1931 -14.68 -32.53 -46.17
CA ASP D 1931 -14.96 -33.93 -46.51
C ASP D 1931 -14.31 -34.29 -47.83
N ILE D 1932 -14.37 -33.39 -48.81
CA ILE D 1932 -13.77 -33.66 -50.11
C ILE D 1932 -12.26 -33.71 -49.96
N TRP D 1933 -11.69 -32.82 -49.13
CA TRP D 1933 -10.25 -32.76 -48.97
C TRP D 1933 -9.72 -34.05 -48.36
N ILE D 1934 -10.37 -34.54 -47.31
CA ILE D 1934 -9.91 -35.78 -46.69
C ILE D 1934 -10.14 -36.97 -47.63
N LYS D 1935 -11.26 -36.96 -48.37
CA LYS D 1935 -11.53 -38.07 -49.27
C LYS D 1935 -10.48 -38.13 -50.37
N THR D 1936 -10.13 -36.97 -50.95
CA THR D 1936 -9.17 -36.99 -52.05
C THR D 1936 -7.77 -37.27 -51.53
N LEU D 1937 -7.47 -36.93 -50.28
CA LEU D 1937 -6.16 -37.27 -49.74
C LEU D 1937 -6.07 -38.78 -49.55
N THR D 1938 -7.09 -39.39 -48.96
CA THR D 1938 -7.06 -40.83 -48.74
C THR D 1938 -6.99 -41.58 -50.07
N CYS D 1939 -7.79 -41.15 -51.06
CA CYS D 1939 -7.75 -41.82 -52.36
C CYS D 1939 -6.38 -41.65 -53.03
N ALA D 1940 -5.80 -40.45 -52.95
CA ALA D 1940 -4.50 -40.22 -53.59
C ALA D 1940 -3.41 -41.03 -52.90
N PHE D 1941 -3.52 -41.21 -51.59
CA PHE D 1941 -2.49 -41.98 -50.88
C PHE D 1941 -2.66 -43.47 -51.15
N LEU D 1942 -3.91 -43.95 -51.25
CA LEU D 1942 -4.11 -45.39 -51.42
C LEU D 1942 -3.81 -45.84 -52.85
N ASP D 1943 -4.12 -45.01 -53.86
CA ASP D 1943 -3.87 -45.44 -55.23
C ASP D 1943 -2.39 -45.50 -55.56
N SER D 1944 -1.56 -44.79 -54.81
CA SER D 1944 -0.13 -44.81 -55.05
C SER D 1944 0.48 -46.13 -54.56
N GLY D 1945 1.72 -46.36 -54.97
CA GLY D 1945 2.44 -47.56 -54.60
C GLY D 1945 3.03 -47.59 -53.21
N GLY D 1946 2.87 -46.50 -52.45
CA GLY D 1946 3.41 -46.47 -51.10
C GLY D 1946 2.73 -47.48 -50.18
N THR D 1947 1.42 -47.63 -50.30
CA THR D 1947 0.70 -48.59 -49.47
C THR D 1947 1.11 -50.01 -49.84
N LYS D 1948 1.31 -50.83 -48.82
CA LYS D 1948 1.74 -52.21 -49.00
C LYS D 1948 0.79 -53.24 -48.39
N CYS D 1949 0.26 -52.96 -47.20
CA CYS D 1949 -0.62 -53.91 -46.53
C CYS D 1949 -1.94 -54.07 -47.26
N GLU D 1950 -2.43 -55.32 -47.28
CA GLU D 1950 -3.71 -55.60 -47.93
C GLU D 1950 -4.84 -54.86 -47.21
N ILE D 1951 -4.83 -54.86 -45.88
CA ILE D 1951 -5.87 -54.15 -45.15
C ILE D 1951 -5.73 -52.64 -45.37
N LEU D 1952 -4.49 -52.17 -45.56
CA LEU D 1952 -4.24 -50.76 -45.88
C LEU D 1952 -4.37 -50.47 -47.36
N GLN D 1953 -4.90 -51.40 -48.15
CA GLN D 1953 -5.05 -51.18 -49.60
C GLN D 1953 -6.48 -51.41 -50.05
N LEU D 1954 -7.18 -52.34 -49.40
CA LEU D 1954 -8.52 -52.77 -49.80
C LEU D 1954 -9.63 -52.01 -49.08
N LEU D 1955 -9.29 -50.97 -48.32
CA LEU D 1955 -10.27 -50.17 -47.61
C LEU D 1955 -10.83 -49.01 -48.43
N LYS D 1956 -10.43 -48.90 -49.69
CA LYS D 1956 -10.90 -47.80 -50.54
C LYS D 1956 -12.41 -47.76 -50.72
N PRO D 1957 -13.09 -48.87 -51.09
CA PRO D 1957 -14.54 -48.76 -51.35
C PRO D 1957 -15.33 -48.30 -50.15
N MET D 1958 -14.91 -48.68 -48.94
CA MET D 1958 -15.68 -48.31 -47.77
C MET D 1958 -15.30 -46.91 -47.31
N CYS D 1959 -14.00 -46.57 -47.35
CA CYS D 1959 -13.61 -45.25 -46.89
C CYS D 1959 -14.07 -44.16 -47.85
N GLU D 1960 -14.49 -44.51 -49.07
CA GLU D 1960 -14.93 -43.49 -50.00
C GLU D 1960 -16.24 -42.85 -49.54
N VAL D 1961 -17.05 -43.55 -48.76
CA VAL D 1961 -18.34 -43.04 -48.34
C VAL D 1961 -18.40 -42.66 -46.86
N LYS D 1962 -17.45 -43.11 -46.05
CA LYS D 1962 -17.43 -42.81 -44.62
C LYS D 1962 -16.46 -41.67 -44.34
N THR D 1963 -16.98 -40.58 -43.77
CA THR D 1963 -16.15 -39.41 -43.49
C THR D 1963 -15.18 -39.67 -42.35
N ASP D 1964 -15.65 -40.30 -41.28
CA ASP D 1964 -14.80 -40.50 -40.10
C ASP D 1964 -13.69 -41.50 -40.39
N PHE D 1965 -13.92 -42.44 -41.30
CA PHE D 1965 -12.90 -43.44 -41.60
C PHE D 1965 -11.66 -42.79 -42.21
N CYS D 1966 -11.85 -41.80 -43.09
CA CYS D 1966 -10.69 -41.14 -43.68
C CYS D 1966 -9.88 -40.43 -42.61
N GLN D 1967 -10.56 -39.78 -41.67
CA GLN D 1967 -9.88 -39.07 -40.60
C GLN D 1967 -9.10 -40.04 -39.73
N THR D 1968 -9.70 -41.19 -39.39
CA THR D 1968 -9.05 -42.10 -38.46
C THR D 1968 -7.98 -42.96 -39.11
N VAL D 1969 -8.03 -43.16 -40.44
CA VAL D 1969 -7.03 -43.99 -41.11
C VAL D 1969 -5.93 -43.19 -41.78
N LEU D 1970 -6.07 -41.86 -41.90
CA LEU D 1970 -5.01 -41.08 -42.51
C LEU D 1970 -3.67 -41.22 -41.77
N PRO D 1971 -3.60 -41.10 -40.43
CA PRO D 1971 -2.31 -41.34 -39.77
C PRO D 1971 -1.80 -42.75 -39.97
N TYR D 1972 -2.69 -43.74 -40.05
CA TYR D 1972 -2.23 -45.11 -40.24
C TYR D 1972 -1.59 -45.30 -41.61
N LEU D 1973 -2.23 -44.77 -42.65
CA LEU D 1973 -1.66 -44.92 -43.99
C LEU D 1973 -0.39 -44.09 -44.13
N ILE D 1974 -0.30 -42.95 -43.45
CA ILE D 1974 0.93 -42.17 -43.47
C ILE D 1974 2.07 -42.95 -42.83
N HIS D 1975 1.80 -43.58 -41.68
CA HIS D 1975 2.85 -44.37 -41.03
C HIS D 1975 3.21 -45.59 -41.87
N ASP D 1976 2.22 -46.20 -42.52
CA ASP D 1976 2.49 -47.37 -43.36
C ASP D 1976 3.40 -46.99 -44.51
N ILE D 1977 3.14 -45.85 -45.15
CA ILE D 1977 3.95 -45.43 -46.28
C ILE D 1977 5.36 -45.07 -45.80
N LEU D 1978 5.46 -44.35 -44.68
CA LEU D 1978 6.76 -43.92 -44.18
C LEU D 1978 7.61 -45.08 -43.68
N LEU D 1979 7.00 -46.21 -43.29
CA LEU D 1979 7.79 -47.35 -42.86
C LEU D 1979 8.65 -47.90 -43.99
N GLN D 1980 8.09 -47.97 -45.21
CA GLN D 1980 8.81 -48.49 -46.36
C GLN D 1980 9.57 -47.43 -47.13
N ASP D 1981 9.59 -46.19 -46.64
CA ASP D 1981 10.31 -45.11 -47.32
C ASP D 1981 11.81 -45.41 -47.36
N THR D 1982 12.43 -45.08 -48.48
CA THR D 1982 13.86 -45.30 -48.70
C THR D 1982 14.52 -43.98 -49.03
N ASN D 1983 15.65 -43.70 -48.36
CA ASN D 1983 16.42 -42.46 -48.56
C ASN D 1983 15.59 -41.22 -48.29
N GLU D 1984 14.60 -41.35 -47.40
CA GLU D 1984 13.70 -40.26 -47.01
C GLU D 1984 13.04 -39.62 -48.22
N SER D 1985 12.72 -40.45 -49.22
CA SER D 1985 12.08 -39.95 -50.43
C SER D 1985 10.66 -39.48 -50.12
N TRP D 1986 9.89 -40.30 -49.42
CA TRP D 1986 8.56 -39.90 -49.01
C TRP D 1986 8.63 -38.93 -47.84
N ARG D 1987 9.67 -39.07 -47.00
CA ARG D 1987 9.77 -38.24 -45.81
C ARG D 1987 9.94 -36.77 -46.17
N ASN D 1988 10.80 -36.45 -47.14
CA ASN D 1988 11.00 -35.04 -47.48
C ASN D 1988 9.76 -34.44 -48.12
N LEU D 1989 9.10 -35.19 -49.00
CA LEU D 1989 7.93 -34.67 -49.68
C LEU D 1989 6.79 -34.46 -48.70
N LEU D 1990 6.55 -35.44 -47.81
CA LEU D 1990 5.48 -35.30 -46.85
C LEU D 1990 5.76 -34.17 -45.87
N SER D 1991 7.01 -34.04 -45.42
CA SER D 1991 7.34 -32.98 -44.48
C SER D 1991 7.13 -31.61 -45.12
N THR D 1992 7.55 -31.45 -46.37
CA THR D 1992 7.35 -30.17 -47.05
C THR D 1992 5.87 -29.88 -47.26
N HIS D 1993 5.08 -30.89 -47.62
CA HIS D 1993 3.67 -30.66 -47.88
C HIS D 1993 2.93 -30.34 -46.58
N VAL D 1994 3.25 -31.03 -45.50
CA VAL D 1994 2.61 -30.77 -44.21
C VAL D 1994 2.98 -29.38 -43.72
N GLN D 1995 4.25 -28.98 -43.88
CA GLN D 1995 4.65 -27.63 -43.49
C GLN D 1995 3.92 -26.60 -44.33
N GLY D 1996 3.72 -26.88 -45.63
CA GLY D 1996 2.96 -25.97 -46.46
C GLY D 1996 1.52 -25.86 -45.99
N PHE D 1997 0.96 -26.97 -45.52
CA PHE D 1997 -0.41 -26.95 -45.01
C PHE D 1997 -0.50 -26.06 -43.77
N PHE D 1998 0.46 -26.21 -42.85
CA PHE D 1998 0.42 -25.38 -41.65
C PHE D 1998 0.64 -23.91 -41.97
N THR D 1999 1.51 -23.59 -42.93
CA THR D 1999 1.66 -22.20 -43.34
C THR D 1999 0.37 -21.67 -43.95
N SER D 2000 -0.34 -22.52 -44.70
CA SER D 2000 -1.62 -22.10 -45.26
C SER D 2000 -2.64 -21.83 -44.16
N CYS D 2001 -2.63 -22.66 -43.11
CA CYS D 2001 -3.53 -22.42 -41.99
C CYS D 2001 -3.16 -21.12 -41.26
N LEU D 2002 -1.85 -20.86 -41.11
CA LEU D 2002 -1.41 -19.66 -40.41
C LEU D 2002 -1.57 -18.40 -41.25
N ARG D 2003 -1.89 -18.52 -42.54
CA ARG D 2003 -2.10 -17.35 -43.36
C ARG D 2003 -3.22 -16.49 -42.77
N HIS D 2004 -2.86 -15.30 -42.28
CA HIS D 2004 -3.77 -14.37 -41.58
C HIS D 2004 -4.79 -15.07 -40.69
N CYS D 2027 -5.78 -20.16 -44.36
CA CYS D 2027 -6.60 -18.97 -44.51
C CYS D 2027 -8.05 -19.24 -44.12
N CYS D 2028 -8.39 -18.95 -42.87
CA CYS D 2028 -9.74 -19.11 -42.35
C CYS D 2028 -10.24 -20.54 -42.51
N LEU D 2029 -9.33 -21.50 -42.43
CA LEU D 2029 -9.65 -22.90 -42.63
C LEU D 2029 -10.49 -23.43 -41.46
N ASP D 2030 -11.39 -24.36 -41.77
CA ASP D 2030 -12.26 -24.93 -40.75
C ASP D 2030 -11.45 -25.73 -39.73
N LYS D 2031 -11.91 -25.68 -38.48
CA LYS D 2031 -11.20 -26.31 -37.37
C LYS D 2031 -11.11 -27.83 -37.50
N LYS D 2032 -11.98 -28.45 -38.28
CA LYS D 2032 -11.91 -29.90 -38.44
C LYS D 2032 -10.62 -30.32 -39.14
N SER D 2033 -10.12 -29.49 -40.06
CA SER D 2033 -8.88 -29.85 -40.75
C SER D 2033 -7.69 -29.72 -39.81
N GLN D 2034 -7.67 -28.65 -39.02
CA GLN D 2034 -6.57 -28.46 -38.08
C GLN D 2034 -6.56 -29.57 -37.04
N ARG D 2035 -7.73 -29.90 -36.47
CA ARG D 2035 -7.74 -30.95 -35.46
C ARG D 2035 -7.43 -32.31 -36.07
N THR D 2036 -7.73 -32.51 -37.37
CA THR D 2036 -7.39 -33.76 -38.02
C THR D 2036 -5.88 -33.89 -38.16
N MET D 2037 -5.22 -32.81 -38.62
CA MET D 2037 -3.77 -32.88 -38.77
C MET D 2037 -3.08 -32.94 -37.41
N LEU D 2038 -3.63 -32.27 -36.40
CA LEU D 2038 -3.07 -32.38 -35.05
C LEU D 2038 -3.18 -33.79 -34.52
N ALA D 2039 -4.31 -34.47 -34.79
CA ALA D 2039 -4.43 -35.87 -34.40
C ALA D 2039 -3.43 -36.74 -35.14
N VAL D 2040 -3.20 -36.45 -36.43
CA VAL D 2040 -2.21 -37.21 -37.20
C VAL D 2040 -0.82 -37.02 -36.60
N VAL D 2041 -0.47 -35.78 -36.28
CA VAL D 2041 0.84 -35.49 -35.69
C VAL D 2041 0.98 -36.18 -34.34
N ASP D 2042 -0.07 -36.15 -33.52
CA ASP D 2042 -0.03 -36.81 -32.22
C ASP D 2042 0.17 -38.31 -32.38
N TYR D 2043 -0.52 -38.93 -33.33
CA TYR D 2043 -0.35 -40.36 -33.53
C TYR D 2043 1.05 -40.69 -34.03
N MET D 2044 1.57 -39.90 -34.98
CA MET D 2044 2.90 -40.16 -35.52
C MET D 2044 4.00 -39.90 -34.50
N ARG D 2045 3.74 -39.05 -33.50
CA ARG D 2045 4.75 -38.82 -32.48
C ARG D 2045 4.97 -40.04 -31.60
N ARG D 2046 3.96 -40.89 -31.47
CA ARG D 2046 4.03 -42.08 -30.62
C ARG D 2046 4.53 -43.32 -31.35
N GLN D 2047 4.91 -43.20 -32.62
CA GLN D 2047 5.38 -44.34 -33.39
C GLN D 2047 6.90 -44.46 -33.26
N LYS D 2048 7.36 -45.66 -32.94
CA LYS D 2048 8.79 -45.89 -32.75
C LYS D 2048 9.53 -45.87 -34.08
N ARG D 2049 10.67 -45.18 -34.10
CA ARG D 2049 11.49 -45.14 -35.30
C ARG D 2049 12.11 -46.51 -35.54
N PRO D 2050 12.10 -47.01 -36.78
CA PRO D 2050 12.73 -48.31 -37.04
C PRO D 2050 14.20 -48.37 -36.66
N SER D 2051 14.93 -47.27 -36.86
CA SER D 2051 16.33 -47.21 -36.45
C SER D 2051 16.42 -46.91 -34.96
N SER D 2052 17.61 -47.11 -34.41
CA SER D 2052 17.84 -46.84 -33.00
C SER D 2052 17.68 -45.35 -32.70
N GLY D 2053 16.97 -45.04 -31.63
CA GLY D 2053 16.73 -43.66 -31.26
C GLY D 2053 15.92 -43.59 -29.99
N THR D 2054 15.64 -42.35 -29.58
CA THR D 2054 14.89 -42.06 -28.36
C THR D 2054 13.55 -41.41 -28.73
N ILE D 2055 12.81 -40.99 -27.69
CA ILE D 2055 11.53 -40.34 -27.91
C ILE D 2055 11.72 -39.00 -28.61
N PHE D 2056 12.88 -38.35 -28.38
CA PHE D 2056 13.15 -37.10 -29.08
C PHE D 2056 13.23 -37.31 -30.57
N ASN D 2057 13.91 -38.37 -31.01
CA ASN D 2057 13.93 -38.70 -32.43
C ASN D 2057 12.57 -39.18 -32.90
N ASP D 2058 11.79 -39.82 -32.01
CA ASP D 2058 10.45 -40.27 -32.38
C ASP D 2058 9.55 -39.10 -32.71
N ALA D 2059 9.64 -38.02 -31.94
CA ALA D 2059 8.84 -36.82 -32.17
C ALA D 2059 9.20 -36.11 -33.47
N PHE D 2060 10.32 -36.44 -34.09
CA PHE D 2060 10.76 -35.84 -35.35
C PHE D 2060 10.65 -36.83 -36.50
N TRP D 2061 9.56 -37.61 -36.52
CA TRP D 2061 9.32 -38.54 -37.62
C TRP D 2061 9.33 -37.83 -38.97
N LEU D 2062 8.81 -36.60 -39.01
CA LEU D 2062 8.86 -35.78 -40.21
C LEU D 2062 9.67 -34.52 -39.94
N ASP D 2063 10.28 -33.99 -41.00
CA ASP D 2063 11.11 -32.80 -40.88
C ASP D 2063 10.24 -31.56 -40.71
N LEU D 2064 9.85 -31.26 -39.48
CA LEU D 2064 8.94 -30.18 -39.18
C LEU D 2064 9.48 -29.32 -38.04
N ASN D 2065 9.14 -28.04 -38.07
CA ASN D 2065 9.38 -27.14 -36.95
C ASN D 2065 8.06 -26.99 -36.21
N TYR D 2066 8.08 -27.26 -34.91
CA TYR D 2066 6.87 -27.42 -34.13
C TYR D 2066 6.27 -26.11 -33.62
N LEU D 2067 6.92 -24.97 -33.84
CA LEU D 2067 6.34 -23.71 -33.41
C LEU D 2067 5.04 -23.41 -34.15
N GLU D 2068 5.01 -23.65 -35.47
CA GLU D 2068 3.79 -23.43 -36.24
C GLU D 2068 2.68 -24.37 -35.80
N VAL D 2069 3.02 -25.63 -35.53
CA VAL D 2069 2.02 -26.57 -35.06
C VAL D 2069 1.52 -26.15 -33.68
N ALA D 2070 2.41 -25.59 -32.85
CA ALA D 2070 2.01 -25.10 -31.54
C ALA D 2070 1.02 -23.95 -31.66
N LYS D 2071 1.27 -23.02 -32.59
CA LYS D 2071 0.32 -21.93 -32.77
C LYS D 2071 -1.00 -22.43 -33.34
N VAL D 2072 -0.96 -23.47 -34.18
CA VAL D 2072 -2.21 -24.07 -34.66
C VAL D 2072 -2.99 -24.68 -33.50
N ALA D 2073 -2.30 -25.39 -32.61
CA ALA D 2073 -2.97 -25.95 -31.44
C ALA D 2073 -3.48 -24.85 -30.51
N GLN D 2074 -2.78 -23.71 -30.48
CA GLN D 2074 -3.27 -22.56 -29.71
C GLN D 2074 -4.58 -22.07 -30.28
N SER D 2075 -4.66 -21.97 -31.61
CA SER D 2075 -5.90 -21.55 -32.26
C SER D 2075 -6.98 -22.62 -32.12
N CYS D 2076 -6.59 -23.86 -31.82
CA CYS D 2076 -7.52 -24.96 -31.63
C CYS D 2076 -7.80 -25.25 -30.15
N ALA D 2077 -7.38 -24.35 -29.25
CA ALA D 2077 -7.57 -24.50 -27.81
C ALA D 2077 -6.88 -25.73 -27.24
N ALA D 2078 -5.90 -26.29 -27.96
CA ALA D 2078 -5.11 -27.41 -27.47
C ALA D 2078 -3.82 -26.89 -26.86
N HIS D 2079 -3.98 -26.29 -25.68
CA HIS D 2079 -2.86 -25.62 -25.02
C HIS D 2079 -1.76 -26.59 -24.61
N PHE D 2080 -2.14 -27.77 -24.09
CA PHE D 2080 -1.14 -28.72 -23.64
C PHE D 2080 -0.26 -29.21 -24.79
N THR D 2081 -0.90 -29.54 -25.92
CA THR D 2081 -0.15 -29.97 -27.10
C THR D 2081 0.70 -28.82 -27.63
N ALA D 2082 0.16 -27.60 -27.63
CA ALA D 2082 0.92 -26.46 -28.10
C ALA D 2082 2.16 -26.22 -27.25
N LEU D 2083 2.02 -26.33 -25.93
CA LEU D 2083 3.16 -26.17 -25.04
C LEU D 2083 4.20 -27.25 -25.26
N LEU D 2084 3.75 -28.51 -25.43
CA LEU D 2084 4.69 -29.59 -25.67
C LEU D 2084 5.43 -29.38 -27.00
N TYR D 2085 4.71 -28.93 -28.04
CA TYR D 2085 5.34 -28.70 -29.33
C TYR D 2085 6.32 -27.53 -29.24
N ALA D 2086 5.98 -26.49 -28.48
CA ALA D 2086 6.90 -25.37 -28.31
C ALA D 2086 8.17 -25.81 -27.61
N GLU D 2087 8.05 -26.67 -26.58
CA GLU D 2087 9.24 -27.18 -25.92
C GLU D 2087 10.06 -28.04 -26.88
N ILE D 2088 9.39 -28.83 -27.71
CA ILE D 2088 10.11 -29.67 -28.68
C ILE D 2088 10.87 -28.82 -29.68
N TYR D 2089 10.22 -27.77 -30.18
CA TYR D 2089 10.88 -26.88 -31.14
C TYR D 2089 12.05 -26.15 -30.51
N ALA D 2090 11.90 -25.70 -29.25
CA ALA D 2090 13.01 -25.04 -28.58
C ALA D 2090 14.18 -26.01 -28.38
N ASP D 2091 13.88 -27.26 -28.04
CA ASP D 2091 14.93 -28.26 -27.90
C ASP D 2091 15.64 -28.49 -29.23
N LYS D 2092 14.86 -28.55 -30.32
CA LYS D 2092 15.45 -28.74 -31.64
C LYS D 2092 16.36 -27.58 -32.02
N LYS D 2093 15.92 -26.35 -31.73
CA LYS D 2093 16.74 -25.18 -32.02
C LYS D 2093 18.02 -25.19 -31.21
N SER D 2094 17.93 -25.57 -29.93
CA SER D 2094 19.12 -25.64 -29.10
C SER D 2094 20.09 -26.70 -29.60
N MET D 2095 19.57 -27.86 -30.02
CA MET D 2095 20.43 -28.90 -30.56
C MET D 2095 21.10 -28.46 -31.86
N ASP D 2096 20.34 -27.77 -32.72
CA ASP D 2096 20.91 -27.27 -33.98
C ASP D 2096 22.00 -26.25 -33.71
N ASP D 2097 21.78 -25.36 -32.74
CA ASP D 2097 22.82 -24.38 -32.41
C ASP D 2097 24.05 -25.08 -31.83
N GLN D 2098 23.84 -26.10 -31.00
CA GLN D 2098 24.97 -26.81 -30.40
C GLN D 2098 25.79 -27.51 -31.47
N GLU D 2099 25.12 -28.16 -32.43
CA GLU D 2099 25.88 -28.85 -33.46
C GLU D 2099 26.51 -27.88 -34.44
N LYS D 2100 25.90 -26.70 -34.63
CA LYS D 2100 26.54 -25.70 -35.48
C LYS D 2100 27.82 -25.18 -34.81
N ARG D 2101 27.76 -24.96 -33.49
CA ARG D 2101 28.94 -24.52 -32.77
C ARG D 2101 30.01 -25.60 -32.74
N SER D 2102 29.59 -26.87 -32.75
CA SER D 2102 30.54 -27.98 -32.74
C SER D 2102 31.02 -28.31 -34.14
N THR D 2112 21.64 -18.03 -25.77
CA THR D 2112 20.48 -18.83 -26.16
C THR D 2112 19.35 -18.68 -25.15
N THR D 2113 19.06 -17.43 -24.78
CA THR D 2113 18.01 -17.16 -23.81
C THR D 2113 16.64 -17.20 -24.50
N ILE D 2114 15.59 -17.02 -23.70
CA ILE D 2114 14.24 -17.04 -24.25
C ILE D 2114 14.04 -15.85 -25.19
N SER D 2115 14.65 -14.70 -24.86
CA SER D 2115 14.55 -13.54 -25.75
C SER D 2115 15.24 -13.82 -27.08
N SER D 2116 16.41 -14.47 -27.04
CA SER D 2116 17.12 -14.80 -28.26
C SER D 2116 16.33 -15.78 -29.11
N LEU D 2117 15.72 -16.79 -28.48
CA LEU D 2117 14.90 -17.72 -29.24
C LEU D 2117 13.68 -17.02 -29.83
N SER D 2118 13.07 -16.12 -29.06
CA SER D 2118 11.88 -15.42 -29.55
C SER D 2118 12.21 -14.54 -30.75
N GLU D 2119 13.33 -13.81 -30.69
CA GLU D 2119 13.69 -12.95 -31.81
C GLU D 2119 14.15 -13.78 -33.01
N LYS D 2120 14.81 -14.91 -32.79
CA LYS D 2120 15.17 -15.78 -33.91
C LYS D 2120 13.94 -16.35 -34.59
N SER D 2121 12.95 -16.78 -33.80
CA SER D 2121 11.71 -17.27 -34.39
C SER D 2121 10.96 -16.15 -35.11
N LYS D 2122 10.97 -14.94 -34.55
CA LYS D 2122 10.31 -13.83 -35.22
C LYS D 2122 10.98 -13.51 -36.56
N GLU D 2123 12.32 -13.59 -36.60
CA GLU D 2123 13.04 -13.28 -37.83
C GLU D 2123 12.82 -14.36 -38.88
N GLU D 2124 12.95 -15.63 -38.51
CA GLU D 2124 12.84 -16.70 -39.50
C GLU D 2124 11.39 -17.08 -39.77
N THR D 2125 10.70 -17.60 -38.76
CA THR D 2125 9.33 -18.07 -38.94
C THR D 2125 8.34 -16.91 -39.05
N GLY D 2126 8.51 -15.87 -38.23
CA GLY D 2126 7.58 -14.77 -38.18
C GLY D 2126 6.62 -14.79 -37.01
N ILE D 2127 6.72 -15.78 -36.13
CA ILE D 2127 5.88 -15.90 -34.94
C ILE D 2127 6.79 -15.93 -33.73
N SER D 2128 6.49 -15.09 -32.74
CA SER D 2128 7.33 -15.01 -31.55
C SER D 2128 7.02 -16.11 -30.55
N LEU D 2129 8.07 -16.84 -30.16
CA LEU D 2129 7.91 -17.94 -29.21
C LEU D 2129 7.55 -17.42 -27.82
N GLN D 2130 8.11 -16.28 -27.42
CA GLN D 2130 7.84 -15.76 -26.09
C GLN D 2130 6.36 -15.40 -25.95
N ASP D 2131 5.80 -14.74 -26.98
CA ASP D 2131 4.38 -14.41 -26.93
C ASP D 2131 3.52 -15.67 -27.00
N LEU D 2132 3.91 -16.65 -27.81
CA LEU D 2132 3.13 -17.88 -27.88
C LEU D 2132 3.12 -18.59 -26.53
N LEU D 2133 4.28 -18.66 -25.86
CA LEU D 2133 4.36 -19.29 -24.55
C LEU D 2133 3.56 -18.50 -23.52
N LEU D 2134 3.59 -17.17 -23.60
CA LEU D 2134 2.80 -16.36 -22.67
C LEU D 2134 1.32 -16.61 -22.85
N GLU D 2135 0.87 -16.71 -24.10
CA GLU D 2135 -0.54 -17.00 -24.36
C GLU D 2135 -0.92 -18.37 -23.84
N ILE D 2136 -0.06 -19.36 -24.03
CA ILE D 2136 -0.35 -20.71 -23.54
C ILE D 2136 -0.43 -20.71 -22.02
N TYR D 2137 0.54 -20.07 -21.36
CA TYR D 2137 0.59 -20.06 -19.91
C TYR D 2137 -0.48 -19.19 -19.30
N ARG D 2138 -1.13 -18.34 -20.09
CA ARG D 2138 -2.23 -17.55 -19.59
C ARG D 2138 -3.55 -18.30 -19.76
N SER D 2139 -3.81 -18.80 -20.96
CA SER D 2139 -5.05 -19.52 -21.22
C SER D 2139 -5.10 -20.87 -20.50
N ILE D 2140 -3.96 -21.40 -20.05
CA ILE D 2140 -4.00 -22.69 -19.36
C ILE D 2140 -4.51 -22.56 -17.93
N GLY D 2141 -4.46 -21.36 -17.34
CA GLY D 2141 -4.98 -21.14 -16.01
C GLY D 2141 -4.05 -21.51 -14.88
N GLU D 2142 -2.82 -21.91 -15.17
CA GLU D 2142 -1.88 -22.26 -14.11
C GLU D 2142 -1.54 -21.01 -13.29
N PRO D 2143 -1.48 -21.13 -11.96
CA PRO D 2143 -1.30 -19.93 -11.11
C PRO D 2143 -0.08 -19.08 -11.44
N ASP D 2144 1.12 -19.65 -11.35
CA ASP D 2144 2.36 -18.89 -11.52
C ASP D 2144 3.17 -19.49 -12.66
N SER D 2145 2.83 -19.11 -13.88
CA SER D 2145 3.57 -19.54 -15.07
C SER D 2145 3.89 -18.41 -16.04
N LEU D 2146 3.16 -17.30 -16.01
CA LEU D 2146 3.43 -16.20 -16.92
C LEU D 2146 4.67 -15.41 -16.53
N TYR D 2147 5.06 -15.46 -15.24
CA TYR D 2147 6.23 -14.71 -14.80
C TYR D 2147 7.52 -15.28 -15.39
N GLY D 2148 7.55 -16.58 -15.66
CA GLY D 2148 8.75 -17.18 -16.22
C GLY D 2148 9.07 -16.67 -17.62
N CYS D 2149 8.04 -16.42 -18.42
CA CYS D 2149 8.23 -15.96 -19.78
C CYS D 2149 8.52 -14.47 -19.88
N GLY D 2150 8.44 -13.74 -18.77
CA GLY D 2150 8.72 -12.31 -18.80
C GLY D 2150 7.72 -11.49 -18.01
N GLY D 2151 6.78 -12.17 -17.34
CA GLY D 2151 5.79 -11.50 -16.53
C GLY D 2151 6.39 -10.72 -15.38
N GLY D 2152 6.06 -9.42 -15.31
CA GLY D 2152 6.61 -8.55 -14.29
C GLY D 2152 7.99 -8.01 -14.60
N LYS D 2153 8.59 -8.39 -15.74
CA LYS D 2153 9.91 -7.91 -16.11
C LYS D 2153 9.99 -7.49 -17.57
N MET D 2154 8.85 -7.39 -18.26
CA MET D 2154 8.84 -7.06 -19.69
C MET D 2154 8.19 -5.69 -19.89
N LEU D 2155 8.86 -4.84 -20.68
CA LEU D 2155 8.42 -3.48 -20.91
C LEU D 2155 7.25 -3.38 -21.88
N GLN D 2156 7.02 -4.40 -22.70
CA GLN D 2156 5.97 -4.30 -23.72
C GLN D 2156 4.60 -4.15 -23.07
N PRO D 2157 3.76 -3.25 -23.61
CA PRO D 2157 2.43 -3.03 -23.01
C PRO D 2157 1.57 -4.25 -23.02
N ILE D 2158 1.71 -5.15 -24.01
CA ILE D 2158 0.88 -6.34 -24.05
C ILE D 2158 1.16 -7.21 -22.82
N THR D 2159 2.44 -7.41 -22.52
CA THR D 2159 2.81 -8.18 -21.34
C THR D 2159 2.38 -7.47 -20.06
N ARG D 2160 2.51 -6.14 -20.03
CA ARG D 2160 2.11 -5.42 -18.82
C ARG D 2160 0.62 -5.57 -18.57
N LEU D 2161 -0.19 -5.49 -19.64
CA LEU D 2161 -1.63 -5.68 -19.50
C LEU D 2161 -1.96 -7.10 -19.06
N ARG D 2162 -1.26 -8.09 -19.60
CA ARG D 2162 -1.53 -9.47 -19.21
C ARG D 2162 -1.20 -9.69 -17.74
N THR D 2163 -0.09 -9.12 -17.27
CA THR D 2163 0.25 -9.24 -15.85
C THR D 2163 -0.76 -8.52 -14.97
N TYR D 2164 -1.21 -7.34 -15.42
CA TYR D 2164 -2.20 -6.58 -14.64
C TYR D 2164 -3.50 -7.35 -14.51
N GLU D 2165 -3.95 -7.97 -15.61
CA GLU D 2165 -5.18 -8.76 -15.55
C GLU D 2165 -4.98 -10.03 -14.72
N HIS D 2166 -3.79 -10.62 -14.80
CA HIS D 2166 -3.52 -11.83 -14.02
C HIS D 2166 -3.54 -11.54 -12.52
N GLU D 2167 -3.00 -10.39 -12.11
CA GLU D 2167 -2.93 -10.03 -10.71
C GLU D 2167 -4.18 -9.30 -10.21
N ALA D 2168 -5.21 -9.19 -11.05
CA ALA D 2168 -6.45 -8.51 -10.71
C ALA D 2168 -6.23 -7.05 -10.33
N MET D 2169 -5.18 -6.44 -10.89
CA MET D 2169 -4.90 -5.02 -10.66
C MET D 2169 -5.64 -4.19 -11.70
N TRP D 2170 -6.96 -4.19 -11.56
CA TRP D 2170 -7.82 -3.56 -12.56
C TRP D 2170 -7.69 -2.04 -12.55
N GLY D 2171 -7.30 -1.46 -11.42
CA GLY D 2171 -7.16 -0.01 -11.36
C GLY D 2171 -6.09 0.49 -12.30
N LYS D 2172 -4.93 -0.17 -12.28
CA LYS D 2172 -3.86 0.21 -13.20
C LYS D 2172 -4.07 -0.41 -14.59
N ALA D 2173 -4.80 -1.52 -14.66
CA ALA D 2173 -5.08 -2.13 -15.96
C ALA D 2173 -5.94 -1.22 -16.82
N LEU D 2174 -6.96 -0.59 -16.24
CA LEU D 2174 -7.79 0.34 -16.99
C LEU D 2174 -6.98 1.54 -17.46
N VAL D 2175 -6.10 2.05 -16.59
CA VAL D 2175 -5.27 3.19 -16.96
C VAL D 2175 -4.35 2.82 -18.11
N THR D 2176 -3.73 1.64 -18.05
CA THR D 2176 -2.84 1.21 -19.13
C THR D 2176 -3.61 0.98 -20.42
N TYR D 2177 -4.82 0.42 -20.33
CA TYR D 2177 -5.63 0.20 -21.51
C TYR D 2177 -5.98 1.52 -22.20
N ASP D 2178 -6.34 2.54 -21.43
CA ASP D 2178 -6.61 3.84 -22.04
C ASP D 2178 -5.33 4.47 -22.58
N LEU D 2179 -4.25 4.40 -21.80
CA LEU D 2179 -3.02 5.09 -22.15
C LEU D 2179 -2.39 4.52 -23.41
N GLU D 2180 -2.40 3.21 -23.57
CA GLU D 2180 -1.82 2.57 -24.76
C GLU D 2180 -2.88 2.41 -25.84
N THR D 2181 -2.58 2.93 -27.02
CA THR D 2181 -3.49 2.87 -28.17
C THR D 2181 -3.02 1.89 -29.24
N ALA D 2182 -1.87 1.26 -29.07
CA ALA D 2182 -1.38 0.31 -30.06
C ALA D 2182 -2.20 -0.98 -30.08
N ILE D 2183 -2.87 -1.30 -28.99
CA ILE D 2183 -3.69 -2.51 -28.93
C ILE D 2183 -4.87 -2.36 -29.88
N PRO D 2184 -5.19 -3.37 -30.70
CA PRO D 2184 -6.35 -3.26 -31.58
C PRO D 2184 -7.64 -3.07 -30.80
N SER D 2185 -8.56 -2.33 -31.40
CA SER D 2185 -9.83 -2.02 -30.74
C SER D 2185 -10.71 -3.24 -30.56
N SER D 2186 -10.40 -4.35 -31.23
CA SER D 2186 -11.19 -5.57 -31.06
C SER D 2186 -11.14 -6.06 -29.62
N THR D 2187 -9.95 -6.05 -29.01
CA THR D 2187 -9.79 -6.48 -27.64
C THR D 2187 -9.51 -5.34 -26.67
N ARG D 2188 -9.12 -4.16 -27.15
CA ARG D 2188 -8.90 -3.04 -26.25
C ARG D 2188 -10.20 -2.60 -25.58
N GLN D 2189 -11.28 -2.53 -26.35
CA GLN D 2189 -12.56 -2.14 -25.77
C GLN D 2189 -13.07 -3.20 -24.81
N ALA D 2190 -12.85 -4.48 -25.13
CA ALA D 2190 -13.26 -5.55 -24.23
C ALA D 2190 -12.49 -5.48 -22.92
N GLY D 2191 -11.19 -5.20 -22.99
CA GLY D 2191 -10.40 -5.07 -21.78
C GLY D 2191 -10.83 -3.88 -20.94
N ILE D 2192 -11.15 -2.75 -21.60
CA ILE D 2192 -11.60 -1.57 -20.88
C ILE D 2192 -12.92 -1.85 -20.18
N ILE D 2193 -13.85 -2.49 -20.89
CA ILE D 2193 -15.16 -2.80 -20.31
C ILE D 2193 -15.01 -3.77 -19.14
N GLN D 2194 -14.16 -4.80 -19.30
CA GLN D 2194 -13.95 -5.75 -18.22
C GLN D 2194 -13.33 -5.07 -17.00
N ALA D 2195 -12.37 -4.16 -17.22
CA ALA D 2195 -11.77 -3.45 -16.11
C ALA D 2195 -12.79 -2.58 -15.39
N LEU D 2196 -13.65 -1.91 -16.16
CA LEU D 2196 -14.70 -1.09 -15.53
C LEU D 2196 -15.69 -1.95 -14.76
N GLN D 2197 -16.03 -3.12 -15.30
CA GLN D 2197 -16.93 -4.03 -14.59
C GLN D 2197 -16.32 -4.50 -13.28
N ASN D 2198 -15.04 -4.84 -13.29
CA ASN D 2198 -14.36 -5.29 -12.08
C ASN D 2198 -14.00 -4.16 -11.14
N LEU D 2199 -14.08 -2.90 -11.59
CA LEU D 2199 -13.80 -1.76 -10.75
C LEU D 2199 -15.04 -1.19 -10.07
N GLY D 2200 -16.20 -1.83 -10.24
CA GLY D 2200 -17.41 -1.36 -9.60
C GLY D 2200 -18.10 -0.20 -10.28
N LEU D 2201 -17.62 0.21 -11.45
CA LEU D 2201 -18.19 1.34 -12.17
C LEU D 2201 -19.26 0.81 -13.13
N CYS D 2202 -20.52 1.15 -12.86
CA CYS D 2202 -21.65 0.71 -13.67
C CYS D 2202 -22.22 1.83 -14.53
N HIS D 2203 -22.58 2.97 -13.92
CA HIS D 2203 -23.11 4.08 -14.70
C HIS D 2203 -22.06 4.65 -15.64
N ILE D 2204 -20.80 4.71 -15.18
CA ILE D 2204 -19.72 5.18 -16.03
C ILE D 2204 -19.54 4.25 -17.23
N LEU D 2205 -19.61 2.94 -17.00
CA LEU D 2205 -19.52 1.98 -18.10
C LEU D 2205 -20.69 2.14 -19.05
N SER D 2206 -21.90 2.35 -18.52
CA SER D 2206 -23.07 2.51 -19.38
C SER D 2206 -22.94 3.73 -20.28
N VAL D 2207 -22.46 4.85 -19.72
CA VAL D 2207 -22.28 6.05 -20.51
C VAL D 2207 -21.15 5.86 -21.53
N TYR D 2208 -20.06 5.22 -21.11
CA TYR D 2208 -18.95 4.98 -22.03
C TYR D 2208 -19.40 4.10 -23.21
N LEU D 2209 -20.18 3.06 -22.92
CA LEU D 2209 -20.70 2.20 -23.98
C LEU D 2209 -21.70 2.95 -24.85
N LYS D 2210 -22.46 3.89 -24.29
CA LYS D 2210 -23.33 4.71 -25.12
C LYS D 2210 -22.50 5.59 -26.06
N GLY D 2211 -21.37 6.12 -25.57
CA GLY D 2211 -20.48 6.86 -26.43
C GLY D 2211 -19.88 6.00 -27.52
N LEU D 2212 -19.61 4.73 -27.20
CA LEU D 2212 -19.15 3.79 -28.22
C LEU D 2212 -20.22 3.58 -29.27
N ASP D 2213 -21.48 3.48 -28.84
CA ASP D 2213 -22.57 3.31 -29.79
C ASP D 2213 -22.72 4.54 -30.67
N TYR D 2214 -22.49 5.73 -30.09
CA TYR D 2214 -22.58 6.97 -30.86
C TYR D 2214 -21.48 7.06 -31.91
N GLU D 2215 -20.22 6.82 -31.51
CA GLU D 2215 -19.11 7.00 -32.44
C GLU D 2215 -18.99 5.84 -33.43
N ASN D 2216 -19.34 4.62 -33.04
CA ASN D 2216 -19.25 3.45 -33.89
C ASN D 2216 -20.65 2.90 -34.12
N LYS D 2217 -21.04 2.76 -35.39
CA LYS D 2217 -22.40 2.35 -35.71
C LYS D 2217 -22.59 0.85 -35.56
N ASP D 2218 -21.86 0.05 -36.33
CA ASP D 2218 -22.02 -1.39 -36.28
C ASP D 2218 -21.44 -1.96 -35.00
N TRP D 2219 -22.01 -3.08 -34.56
CA TRP D 2219 -21.60 -3.76 -33.33
C TRP D 2219 -21.02 -5.12 -33.65
N CYS D 2220 -19.80 -5.36 -33.18
CA CYS D 2220 -19.20 -6.68 -33.29
C CYS D 2220 -19.82 -7.61 -32.24
N PRO D 2221 -19.77 -8.93 -32.47
CA PRO D 2221 -20.37 -9.85 -31.49
C PRO D 2221 -19.83 -9.69 -30.08
N GLU D 2222 -18.53 -9.41 -29.93
CA GLU D 2222 -17.94 -9.30 -28.59
C GLU D 2222 -18.50 -8.10 -27.84
N LEU D 2223 -18.53 -6.94 -28.47
CA LEU D 2223 -19.04 -5.76 -27.78
C LEU D 2223 -20.55 -5.80 -27.64
N GLU D 2224 -21.25 -6.48 -28.56
CA GLU D 2224 -22.69 -6.64 -28.39
C GLU D 2224 -22.99 -7.53 -27.18
N GLU D 2225 -22.21 -8.59 -27.01
CA GLU D 2225 -22.36 -9.46 -25.84
C GLU D 2225 -22.05 -8.71 -24.57
N LEU D 2226 -21.01 -7.88 -24.58
CA LEU D 2226 -20.71 -7.09 -23.38
C LEU D 2226 -21.81 -6.05 -23.13
N HIS D 2227 -22.44 -5.56 -24.20
CA HIS D 2227 -23.55 -4.61 -24.06
C HIS D 2227 -24.72 -5.27 -23.36
N TYR D 2228 -25.04 -6.51 -23.75
CA TYR D 2228 -26.17 -7.17 -23.11
C TYR D 2228 -25.81 -7.62 -21.69
N GLN D 2229 -24.53 -7.94 -21.45
CA GLN D 2229 -24.11 -8.30 -20.10
C GLN D 2229 -24.26 -7.11 -19.17
N ALA D 2230 -23.84 -5.93 -19.61
CA ALA D 2230 -23.98 -4.75 -18.77
C ALA D 2230 -25.44 -4.32 -18.67
N ALA D 2231 -26.23 -4.65 -19.69
CA ALA D 2231 -27.64 -4.29 -19.68
C ALA D 2231 -28.38 -5.07 -18.59
N TRP D 2232 -28.16 -6.39 -18.54
CA TRP D 2232 -28.86 -7.16 -17.51
C TRP D 2232 -28.23 -6.97 -16.14
N ARG D 2233 -26.91 -6.78 -16.07
CA ARG D 2233 -26.26 -6.58 -14.77
C ARG D 2233 -26.67 -5.25 -14.15
N ASN D 2234 -26.80 -4.20 -14.95
CA ASN D 2234 -27.19 -2.88 -14.45
C ASN D 2234 -28.69 -2.66 -14.45
N MET D 2235 -29.48 -3.67 -14.83
CA MET D 2235 -30.94 -3.57 -14.89
C MET D 2235 -31.37 -2.44 -15.82
N GLN D 2236 -30.66 -2.27 -16.93
CA GLN D 2236 -31.00 -1.26 -17.93
C GLN D 2236 -32.03 -1.85 -18.88
N TRP D 2237 -33.27 -1.91 -18.40
CA TRP D 2237 -34.36 -2.50 -19.17
C TRP D 2237 -34.80 -1.62 -20.34
N ASP D 2238 -34.41 -0.34 -20.35
CA ASP D 2238 -34.78 0.53 -21.46
C ASP D 2238 -34.14 0.06 -22.76
N HIS D 2239 -32.88 -0.36 -22.71
CA HIS D 2239 -32.19 -0.85 -23.89
C HIS D 2239 -32.84 -2.13 -24.40
N CYS D 2240 -32.94 -2.25 -25.73
CA CYS D 2240 -33.54 -3.42 -26.35
C CYS D 2240 -32.61 -4.64 -26.24
N GLY D 2249 -26.48 -16.92 -33.80
CA GLY D 2249 -27.63 -16.66 -32.94
C GLY D 2249 -27.31 -15.75 -31.78
N THR D 2250 -28.25 -15.63 -30.85
CA THR D 2250 -28.06 -14.80 -29.68
C THR D 2250 -27.00 -15.40 -28.76
N SER D 2251 -26.24 -14.52 -28.12
CA SER D 2251 -25.20 -14.95 -27.19
C SER D 2251 -25.82 -15.34 -25.84
N TYR D 2252 -24.96 -15.85 -24.95
CA TYR D 2252 -25.44 -16.25 -23.64
C TYR D 2252 -25.96 -15.07 -22.84
N HIS D 2253 -25.25 -13.95 -22.88
CA HIS D 2253 -25.69 -12.76 -22.15
C HIS D 2253 -26.98 -12.20 -22.75
N GLU D 2254 -27.10 -12.22 -24.08
CA GLU D 2254 -28.34 -11.78 -24.72
C GLU D 2254 -29.51 -12.65 -24.31
N SER D 2255 -29.30 -13.97 -24.28
CA SER D 2255 -30.35 -14.88 -23.86
C SER D 2255 -30.72 -14.67 -22.40
N LEU D 2256 -29.72 -14.44 -21.54
CA LEU D 2256 -29.99 -14.20 -20.13
C LEU D 2256 -30.78 -12.91 -19.93
N TYR D 2257 -30.41 -11.85 -20.65
CA TYR D 2257 -31.16 -10.60 -20.55
C TYR D 2257 -32.59 -10.76 -21.06
N ASN D 2258 -32.75 -11.49 -22.17
CA ASN D 2258 -34.10 -11.72 -22.70
C ASN D 2258 -34.94 -12.52 -21.71
N ALA D 2259 -34.35 -13.53 -21.08
CA ALA D 2259 -35.07 -14.32 -20.09
C ALA D 2259 -35.45 -13.46 -18.88
N LEU D 2260 -34.54 -12.59 -18.45
CA LEU D 2260 -34.84 -11.71 -17.32
C LEU D 2260 -35.99 -10.76 -17.67
N GLN D 2261 -35.98 -10.21 -18.88
CA GLN D 2261 -37.06 -9.33 -19.30
C GLN D 2261 -38.38 -10.09 -19.42
N SER D 2262 -38.34 -11.33 -19.92
CA SER D 2262 -39.55 -12.14 -20.01
C SER D 2262 -40.09 -12.46 -18.63
N LEU D 2263 -39.21 -12.74 -17.67
CA LEU D 2263 -39.65 -12.98 -16.30
C LEU D 2263 -40.27 -11.73 -15.71
N ARG D 2264 -39.69 -10.56 -15.99
CA ARG D 2264 -40.28 -9.32 -15.52
C ARG D 2264 -41.61 -9.03 -16.20
N ASP D 2265 -41.82 -9.59 -17.40
CA ASP D 2265 -43.06 -9.42 -18.14
C ASP D 2265 -44.02 -10.59 -17.94
N ARG D 2266 -43.71 -11.50 -17.02
CA ARG D 2266 -44.55 -12.66 -16.73
C ARG D 2266 -44.79 -13.53 -17.97
N GLU D 2267 -43.75 -13.71 -18.79
CA GLU D 2267 -43.86 -14.53 -19.99
C GLU D 2267 -42.90 -15.72 -19.82
N PHE D 2268 -43.44 -16.81 -19.27
CA PHE D 2268 -42.61 -17.97 -19.02
C PHE D 2268 -42.40 -18.82 -20.26
N SER D 2269 -43.23 -18.64 -21.30
CA SER D 2269 -43.02 -19.39 -22.53
C SER D 2269 -41.71 -18.98 -23.19
N THR D 2270 -41.51 -17.66 -23.35
CA THR D 2270 -40.25 -17.21 -23.90
C THR D 2270 -39.14 -17.29 -22.86
N PHE D 2271 -39.48 -17.23 -21.57
CA PHE D 2271 -38.43 -17.35 -20.56
C PHE D 2271 -37.79 -18.75 -20.64
N TYR D 2272 -38.63 -19.79 -20.76
CA TYR D 2272 -38.11 -21.15 -20.82
C TYR D 2272 -37.47 -21.42 -22.18
N GLU D 2273 -38.03 -20.88 -23.26
CA GLU D 2273 -37.41 -21.08 -24.56
C GLU D 2273 -36.03 -20.43 -24.62
N SER D 2274 -35.90 -19.22 -24.05
CA SER D 2274 -34.61 -18.54 -24.03
C SER D 2274 -33.59 -19.32 -23.19
N LEU D 2275 -34.02 -19.82 -22.02
CA LEU D 2275 -33.08 -20.58 -21.20
C LEU D 2275 -32.67 -21.89 -21.88
N LYS D 2276 -33.60 -22.57 -22.53
CA LYS D 2276 -33.25 -23.79 -23.25
C LYS D 2276 -32.29 -23.51 -24.39
N TYR D 2277 -32.52 -22.42 -25.13
CA TYR D 2277 -31.62 -22.05 -26.21
C TYR D 2277 -30.23 -21.70 -25.67
N ALA D 2278 -30.18 -21.00 -24.55
CA ALA D 2278 -28.88 -20.65 -23.96
C ALA D 2278 -28.13 -21.90 -23.52
N ARG D 2279 -28.84 -22.86 -22.92
CA ARG D 2279 -28.19 -24.10 -22.51
C ARG D 2279 -27.66 -24.87 -23.70
N VAL D 2280 -28.45 -24.95 -24.78
CA VAL D 2280 -28.01 -25.68 -25.96
C VAL D 2280 -26.80 -25.00 -26.58
N LYS D 2281 -26.84 -23.66 -26.68
CA LYS D 2281 -25.74 -22.94 -27.29
C LYS D 2281 -24.47 -23.11 -26.48
N GLU D 2282 -24.57 -23.02 -25.16
CA GLU D 2282 -23.38 -23.15 -24.32
C GLU D 2282 -22.81 -24.56 -24.41
N VAL D 2283 -23.68 -25.58 -24.40
CA VAL D 2283 -23.19 -26.95 -24.43
C VAL D 2283 -22.49 -27.23 -25.76
N GLU D 2284 -23.11 -26.82 -26.87
CA GLU D 2284 -22.50 -27.11 -28.16
C GLU D 2284 -21.21 -26.32 -28.37
N GLU D 2285 -21.18 -25.07 -27.91
CA GLU D 2285 -19.95 -24.28 -28.03
C GLU D 2285 -18.84 -24.89 -27.17
N MET D 2286 -19.17 -25.36 -25.97
CA MET D 2286 -18.16 -25.95 -25.11
C MET D 2286 -17.61 -27.23 -25.72
N CYS D 2287 -18.49 -28.08 -26.26
CA CYS D 2287 -18.05 -29.39 -26.73
C CYS D 2287 -17.44 -29.35 -28.13
N LYS D 2288 -17.59 -28.27 -28.89
CA LYS D 2288 -17.02 -28.25 -30.23
C LYS D 2288 -15.50 -28.11 -30.20
N ARG D 2289 -14.94 -27.50 -29.16
CA ARG D 2289 -13.50 -27.26 -29.10
C ARG D 2289 -12.77 -28.55 -28.73
N SER D 2290 -11.45 -28.45 -28.61
CA SER D 2290 -10.59 -29.60 -28.34
C SER D 2290 -10.56 -29.97 -26.86
N LEU D 2291 -11.04 -29.10 -25.97
CA LEU D 2291 -11.11 -29.34 -24.52
C LEU D 2291 -9.69 -29.56 -24.01
N GLU D 2292 -9.39 -30.69 -23.37
CA GLU D 2292 -8.08 -31.07 -22.85
C GLU D 2292 -7.63 -30.22 -21.66
N SER D 2293 -8.40 -29.22 -21.25
CA SER D 2293 -8.04 -28.36 -20.14
C SER D 2293 -9.22 -28.25 -19.18
N VAL D 2294 -8.97 -28.52 -17.90
CA VAL D 2294 -10.03 -28.44 -16.90
C VAL D 2294 -10.45 -27.00 -16.67
N TYR D 2295 -9.47 -26.07 -16.70
CA TYR D 2295 -9.76 -24.68 -16.39
C TYR D 2295 -10.78 -24.07 -17.36
N SER D 2296 -10.81 -24.56 -18.61
CA SER D 2296 -11.78 -24.06 -19.56
C SER D 2296 -13.21 -24.46 -19.21
N LEU D 2297 -13.38 -25.54 -18.43
CA LEU D 2297 -14.72 -25.99 -18.08
C LEU D 2297 -15.39 -25.06 -17.06
N TYR D 2298 -14.59 -24.35 -16.25
CA TYR D 2298 -15.16 -23.53 -15.19
C TYR D 2298 -16.10 -22.43 -15.69
N PRO D 2299 -15.76 -21.63 -16.72
CA PRO D 2299 -16.73 -20.64 -17.20
C PRO D 2299 -18.04 -21.25 -17.68
N THR D 2300 -17.97 -22.41 -18.34
CA THR D 2300 -19.18 -23.04 -18.82
C THR D 2300 -20.02 -23.56 -17.65
N LEU D 2301 -19.36 -24.16 -16.65
CA LEU D 2301 -20.08 -24.66 -15.49
C LEU D 2301 -20.74 -23.50 -14.74
N SER D 2302 -20.05 -22.37 -14.63
CA SER D 2302 -20.62 -21.21 -13.97
C SER D 2302 -21.83 -20.67 -14.72
N ARG D 2303 -21.75 -20.60 -16.06
CA ARG D 2303 -22.88 -20.12 -16.84
C ARG D 2303 -24.07 -21.07 -16.71
N LEU D 2304 -23.81 -22.38 -16.75
CA LEU D 2304 -24.88 -23.35 -16.60
C LEU D 2304 -25.49 -23.28 -15.21
N GLN D 2305 -24.66 -23.06 -14.19
CA GLN D 2305 -25.18 -22.92 -12.83
C GLN D 2305 -26.08 -21.70 -12.72
N ALA D 2306 -25.69 -20.60 -13.35
CA ALA D 2306 -26.53 -19.41 -13.35
C ALA D 2306 -27.86 -19.67 -14.06
N ILE D 2307 -27.81 -20.41 -15.17
CA ILE D 2307 -29.05 -20.74 -15.88
C ILE D 2307 -29.93 -21.62 -15.01
N GLY D 2308 -29.35 -22.60 -14.32
CA GLY D 2308 -30.13 -23.47 -13.46
C GLY D 2308 -30.76 -22.72 -12.31
N GLU D 2309 -30.02 -21.77 -11.73
CA GLU D 2309 -30.58 -20.96 -10.65
C GLU D 2309 -31.72 -20.10 -11.17
N LEU D 2310 -31.59 -19.57 -12.38
CA LEU D 2310 -32.69 -18.79 -12.95
C LEU D 2310 -33.89 -19.69 -13.24
N GLU D 2311 -33.66 -20.95 -13.61
CA GLU D 2311 -34.75 -21.88 -13.81
C GLU D 2311 -35.47 -22.14 -12.49
N SER D 2312 -34.71 -22.30 -11.40
CA SER D 2312 -35.32 -22.52 -10.10
C SER D 2312 -36.14 -21.30 -9.68
N ILE D 2313 -35.62 -20.10 -9.95
CA ILE D 2313 -36.37 -18.90 -9.61
C ILE D 2313 -37.65 -18.80 -10.43
N GLY D 2314 -37.57 -19.15 -11.72
CA GLY D 2314 -38.77 -19.11 -12.54
C GLY D 2314 -39.82 -20.10 -12.05
N GLU D 2315 -39.38 -21.28 -11.63
CA GLU D 2315 -40.30 -22.27 -11.08
C GLU D 2315 -40.96 -21.74 -9.80
N LEU D 2316 -40.17 -21.10 -8.93
CA LEU D 2316 -40.74 -20.54 -7.71
C LEU D 2316 -41.71 -19.40 -8.02
N PHE D 2317 -41.35 -18.51 -8.95
CA PHE D 2317 -42.15 -17.35 -9.31
C PHE D 2317 -43.26 -17.69 -10.29
N SER D 2318 -43.47 -18.97 -10.60
CA SER D 2318 -44.48 -19.34 -11.58
C SER D 2318 -45.89 -18.95 -11.11
N ARG D 2319 -46.22 -19.28 -9.87
CA ARG D 2319 -47.59 -19.01 -9.42
C ARG D 2319 -47.66 -18.20 -8.13
N SER D 2320 -46.76 -18.43 -7.19
CA SER D 2320 -46.79 -17.73 -5.91
C SER D 2320 -45.47 -17.94 -5.19
N VAL D 2321 -45.23 -17.12 -4.18
CA VAL D 2321 -44.02 -17.19 -3.36
C VAL D 2321 -44.43 -17.30 -1.90
N THR D 2322 -43.81 -18.21 -1.17
CA THR D 2322 -44.08 -18.40 0.24
C THR D 2322 -42.77 -18.31 1.03
N HIS D 2323 -42.91 -18.08 2.33
CA HIS D 2323 -41.74 -17.94 3.19
C HIS D 2323 -40.93 -19.22 3.23
N ARG D 2324 -41.60 -20.38 3.28
CA ARG D 2324 -40.89 -21.65 3.32
C ARG D 2324 -40.13 -21.90 2.03
N GLN D 2325 -40.72 -21.56 0.88
CA GLN D 2325 -40.03 -21.76 -0.39
C GLN D 2325 -38.84 -20.81 -0.51
N LEU D 2326 -39.00 -19.56 -0.08
CA LEU D 2326 -37.86 -18.64 -0.12
C LEU D 2326 -36.75 -19.10 0.81
N SER D 2327 -37.12 -19.60 2.00
CA SER D 2327 -36.11 -20.10 2.92
C SER D 2327 -35.36 -21.31 2.36
N GLU D 2328 -36.09 -22.24 1.73
CA GLU D 2328 -35.42 -23.42 1.20
C GLU D 2328 -34.59 -23.07 -0.03
N VAL D 2329 -34.99 -22.04 -0.78
CA VAL D 2329 -34.17 -21.61 -1.90
C VAL D 2329 -32.90 -20.96 -1.39
N TYR D 2330 -33.00 -20.13 -0.36
CA TYR D 2330 -31.82 -19.47 0.17
C TYR D 2330 -30.86 -20.48 0.78
N ILE D 2331 -31.37 -21.46 1.54
CA ILE D 2331 -30.46 -22.44 2.14
C ILE D 2331 -29.82 -23.30 1.06
N LYS D 2332 -30.55 -23.62 -0.01
CA LYS D 2332 -29.94 -24.33 -1.12
C LYS D 2332 -28.82 -23.51 -1.76
N TRP D 2333 -29.07 -22.21 -1.94
CA TRP D 2333 -28.05 -21.33 -2.51
C TRP D 2333 -26.82 -21.25 -1.60
N GLN D 2334 -27.04 -21.12 -0.29
CA GLN D 2334 -25.92 -21.04 0.64
C GLN D 2334 -25.12 -22.33 0.65
N LYS D 2335 -25.79 -23.48 0.62
CA LYS D 2335 -25.08 -24.75 0.60
C LYS D 2335 -24.26 -24.90 -0.68
N HIS D 2336 -24.83 -24.51 -1.81
CA HIS D 2336 -24.07 -24.61 -3.04
C HIS D 2336 -22.92 -23.60 -3.07
N SER D 2337 -23.11 -22.41 -2.51
CA SER D 2337 -22.00 -21.47 -2.43
C SER D 2337 -20.91 -22.00 -1.51
N GLN D 2338 -21.30 -22.78 -0.49
CA GLN D 2338 -20.29 -23.41 0.35
C GLN D 2338 -19.48 -24.41 -0.46
N LEU D 2339 -20.14 -25.08 -1.41
CA LEU D 2339 -19.40 -25.99 -2.29
C LEU D 2339 -18.47 -25.23 -3.23
N LEU D 2340 -18.64 -23.91 -3.37
CA LEU D 2340 -17.85 -23.09 -4.27
C LEU D 2340 -16.80 -22.25 -3.52
N LYS D 2341 -16.47 -22.62 -2.28
CA LYS D 2341 -15.48 -21.86 -1.52
C LYS D 2341 -14.12 -21.89 -2.19
N ASP D 2342 -13.72 -23.04 -2.73
CA ASP D 2342 -12.42 -23.17 -3.39
C ASP D 2342 -12.43 -22.64 -4.82
N SER D 2343 -13.59 -22.30 -5.37
CA SER D 2343 -13.66 -21.81 -6.73
C SER D 2343 -13.13 -20.38 -6.81
N ASP D 2344 -12.77 -19.98 -8.03
CA ASP D 2344 -12.23 -18.64 -8.26
C ASP D 2344 -13.32 -17.59 -8.19
N PHE D 2345 -12.90 -16.36 -7.86
CA PHE D 2345 -13.84 -15.26 -7.79
C PHE D 2345 -14.34 -14.88 -9.18
N SER D 2346 -13.52 -15.12 -10.20
CA SER D 2346 -13.94 -14.83 -11.56
C SER D 2346 -15.11 -15.71 -11.95
N PHE D 2347 -15.09 -16.98 -11.52
CA PHE D 2347 -16.18 -17.91 -11.79
C PHE D 2347 -17.33 -17.79 -10.79
N GLN D 2348 -17.14 -17.06 -9.69
CA GLN D 2348 -18.23 -16.90 -8.73
C GLN D 2348 -18.97 -15.57 -8.84
N GLU D 2349 -18.31 -14.53 -9.36
CA GLU D 2349 -18.94 -13.21 -9.45
C GLU D 2349 -20.21 -13.19 -10.29
N PRO D 2350 -20.27 -13.80 -11.49
CA PRO D 2350 -21.54 -13.81 -12.22
C PRO D 2350 -22.68 -14.47 -11.46
N ILE D 2351 -22.41 -15.51 -10.67
CA ILE D 2351 -23.46 -16.16 -9.90
C ILE D 2351 -24.02 -15.19 -8.86
N MET D 2352 -23.15 -14.49 -8.14
CA MET D 2352 -23.59 -13.54 -7.14
C MET D 2352 -24.34 -12.37 -7.78
N ALA D 2353 -23.85 -11.90 -8.93
CA ALA D 2353 -24.51 -10.79 -9.61
C ALA D 2353 -25.92 -11.20 -10.07
N LEU D 2354 -26.06 -12.42 -10.60
CA LEU D 2354 -27.38 -12.88 -11.01
C LEU D 2354 -28.30 -13.04 -9.81
N ARG D 2355 -27.76 -13.54 -8.69
CA ARG D 2355 -28.59 -13.68 -7.50
C ARG D 2355 -29.07 -12.31 -7.00
N THR D 2356 -28.19 -11.32 -7.04
CA THR D 2356 -28.57 -9.97 -6.65
C THR D 2356 -29.65 -9.41 -7.57
N VAL D 2357 -29.51 -9.64 -8.88
CA VAL D 2357 -30.52 -9.15 -9.82
C VAL D 2357 -31.85 -9.83 -9.57
N ILE D 2358 -31.82 -11.14 -9.31
CA ILE D 2358 -33.05 -11.89 -9.05
C ILE D 2358 -33.74 -11.35 -7.81
N LEU D 2359 -32.98 -11.13 -6.75
CA LEU D 2359 -33.57 -10.62 -5.51
C LEU D 2359 -34.12 -9.22 -5.71
N GLU D 2360 -33.45 -8.39 -6.52
CA GLU D 2360 -33.97 -7.05 -6.79
C GLU D 2360 -35.26 -7.11 -7.60
N ILE D 2361 -35.36 -8.06 -8.54
CA ILE D 2361 -36.61 -8.22 -9.28
C ILE D 2361 -37.73 -8.68 -8.35
N LEU D 2362 -37.43 -9.61 -7.44
CA LEU D 2362 -38.43 -10.06 -6.49
C LEU D 2362 -38.90 -8.92 -5.60
N MET D 2363 -37.97 -8.08 -5.13
CA MET D 2363 -38.37 -6.93 -4.33
C MET D 2363 -39.21 -5.95 -5.15
N GLU D 2364 -38.85 -5.76 -6.42
CA GLU D 2364 -39.58 -4.83 -7.27
C GLU D 2364 -41.01 -5.29 -7.50
N LYS D 2365 -41.22 -6.59 -7.70
CA LYS D 2365 -42.52 -7.14 -8.05
C LYS D 2365 -43.14 -7.90 -6.88
N GLU D 2366 -42.99 -7.38 -5.67
CA GLU D 2366 -43.57 -7.97 -4.47
C GLU D 2366 -44.63 -7.04 -3.90
N MET D 2367 -45.83 -7.56 -3.70
CA MET D 2367 -46.89 -6.78 -3.07
C MET D 2367 -46.59 -6.59 -1.59
N ASP D 2368 -47.05 -5.47 -1.05
CA ASP D 2368 -46.75 -5.09 0.33
C ASP D 2368 -47.40 -6.07 1.29
N ASN D 2369 -46.59 -6.91 1.94
CA ASN D 2369 -47.07 -7.88 2.91
C ASN D 2369 -45.86 -8.33 3.74
N SER D 2370 -46.07 -9.34 4.59
CA SER D 2370 -44.98 -9.88 5.39
C SER D 2370 -43.93 -10.58 4.53
N GLN D 2371 -44.30 -11.01 3.32
CA GLN D 2371 -43.34 -11.65 2.43
C GLN D 2371 -42.27 -10.67 1.97
N ARG D 2372 -42.62 -9.40 1.78
CA ARG D 2372 -41.65 -8.40 1.36
C ARG D 2372 -40.53 -8.26 2.38
N GLU D 2373 -40.87 -8.28 3.67
CA GLU D 2373 -39.83 -8.21 4.69
C GLU D 2373 -38.90 -9.41 4.64
N CYS D 2374 -39.45 -10.60 4.41
CA CYS D 2374 -38.62 -11.80 4.30
C CYS D 2374 -37.69 -11.72 3.10
N ILE D 2375 -38.21 -11.24 1.96
CA ILE D 2375 -37.38 -11.10 0.78
C ILE D 2375 -36.29 -10.05 1.00
N LYS D 2376 -36.62 -8.96 1.68
CA LYS D 2376 -35.64 -7.93 1.98
C LYS D 2376 -34.53 -8.47 2.89
N ASP D 2377 -34.91 -9.26 3.90
CA ASP D 2377 -33.91 -9.88 4.76
C ASP D 2377 -33.03 -10.86 4.00
N ILE D 2378 -33.64 -11.64 3.09
CA ILE D 2378 -32.85 -12.57 2.28
C ILE D 2378 -31.88 -11.81 1.38
N LEU D 2379 -32.34 -10.70 0.78
CA LEU D 2379 -31.49 -9.87 -0.05
C LEU D 2379 -30.33 -9.29 0.75
N THR D 2380 -30.60 -8.81 1.97
CA THR D 2380 -29.51 -8.30 2.81
C THR D 2380 -28.52 -9.40 3.16
N LYS D 2381 -29.00 -10.59 3.49
CA LYS D 2381 -28.09 -11.69 3.79
C LYS D 2381 -27.26 -12.07 2.57
N HIS D 2382 -27.87 -12.06 1.39
CA HIS D 2382 -27.12 -12.38 0.18
C HIS D 2382 -26.05 -11.32 -0.06
N LEU D 2383 -26.39 -10.05 0.19
CA LEU D 2383 -25.43 -8.99 -0.09
C LEU D 2383 -24.27 -9.05 0.89
N VAL D 2384 -24.53 -9.40 2.15
CA VAL D 2384 -23.43 -9.49 3.11
C VAL D 2384 -22.53 -10.68 2.77
N GLU D 2385 -23.12 -11.81 2.36
CA GLU D 2385 -22.26 -12.93 1.96
C GLU D 2385 -21.44 -12.58 0.72
N LEU D 2386 -22.02 -11.78 -0.19
CA LEU D 2386 -21.22 -11.30 -1.32
C LEU D 2386 -20.13 -10.35 -0.85
N SER D 2387 -20.39 -9.60 0.22
CA SER D 2387 -19.39 -8.67 0.73
C SER D 2387 -18.18 -9.43 1.27
N ILE D 2388 -18.41 -10.46 2.10
CA ILE D 2388 -17.28 -11.25 2.58
C ILE D 2388 -16.61 -11.99 1.42
N LEU D 2389 -17.40 -12.51 0.47
CA LEU D 2389 -16.82 -13.25 -0.64
C LEU D 2389 -15.87 -12.37 -1.45
N ALA D 2390 -16.27 -11.13 -1.73
CA ALA D 2390 -15.40 -10.22 -2.46
C ALA D 2390 -14.26 -9.69 -1.59
N ARG D 2391 -14.48 -9.55 -0.28
CA ARG D 2391 -13.43 -9.07 0.60
C ARG D 2391 -12.28 -10.05 0.68
N THR D 2392 -12.59 -11.35 0.74
CA THR D 2392 -11.52 -12.35 0.84
C THR D 2392 -10.69 -12.45 -0.44
N PHE D 2393 -11.18 -11.88 -1.55
CA PHE D 2393 -10.44 -11.88 -2.81
C PHE D 2393 -9.79 -10.54 -3.10
N LYS D 2394 -9.51 -9.74 -2.05
CA LYS D 2394 -8.82 -8.46 -2.17
C LYS D 2394 -9.58 -7.51 -3.11
N ASN D 2395 -10.89 -7.46 -2.96
CA ASN D 2395 -11.75 -6.57 -3.73
C ASN D 2395 -12.56 -5.71 -2.77
N THR D 2396 -12.57 -4.39 -3.01
CA THR D 2396 -13.26 -3.45 -2.14
C THR D 2396 -14.36 -2.64 -2.83
N GLN D 2397 -14.49 -2.74 -4.16
CA GLN D 2397 -15.50 -1.96 -4.87
C GLN D 2397 -16.86 -2.64 -4.80
N LEU D 2398 -16.92 -3.92 -5.18
CA LEU D 2398 -18.17 -4.66 -5.08
C LEU D 2398 -18.70 -4.72 -3.65
N PRO D 2399 -17.89 -4.95 -2.60
CA PRO D 2399 -18.47 -4.91 -1.25
C PRO D 2399 -19.07 -3.56 -0.91
N GLU D 2400 -18.45 -2.47 -1.37
CA GLU D 2400 -19.02 -1.14 -1.13
C GLU D 2400 -20.35 -0.98 -1.87
N ARG D 2401 -20.43 -1.54 -3.08
CA ARG D 2401 -21.70 -1.49 -3.82
C ARG D 2401 -22.77 -2.27 -3.08
N ALA D 2402 -22.40 -3.43 -2.52
CA ALA D 2402 -23.37 -4.23 -1.77
C ALA D 2402 -23.85 -3.47 -0.54
N ILE D 2403 -22.93 -2.80 0.17
CA ILE D 2403 -23.33 -2.01 1.33
C ILE D 2403 -24.22 -0.85 0.90
N PHE D 2404 -23.96 -0.27 -0.27
CA PHE D 2404 -24.81 0.81 -0.76
C PHE D 2404 -26.22 0.31 -1.02
N GLN D 2405 -26.35 -0.89 -1.61
CA GLN D 2405 -27.68 -1.45 -1.83
C GLN D 2405 -28.36 -1.78 -0.51
N ILE D 2406 -27.58 -2.24 0.48
CA ILE D 2406 -28.14 -2.52 1.80
C ILE D 2406 -28.68 -1.24 2.42
N LYS D 2407 -27.92 -0.15 2.34
CA LYS D 2407 -28.42 1.12 2.88
C LYS D 2407 -29.58 1.65 2.05
N GLN D 2408 -29.64 1.29 0.76
CA GLN D 2408 -30.75 1.69 -0.08
C GLN D 2408 -32.06 1.03 0.34
N TYR D 2409 -32.01 -0.24 0.71
CA TYR D 2409 -33.24 -0.94 1.10
C TYR D 2409 -33.49 -0.87 2.60
N ASN D 2410 -32.56 -1.37 3.40
CA ASN D 2410 -32.68 -1.35 4.85
C ASN D 2410 -32.41 0.06 5.37
N SER D 2411 -32.95 0.34 6.56
CA SER D 2411 -32.78 1.64 7.19
C SER D 2411 -32.32 1.46 8.63
N VAL D 2412 -31.53 2.43 9.10
CA VAL D 2412 -31.00 2.38 10.47
C VAL D 2412 -32.12 2.66 11.47
N SER D 2413 -31.91 2.15 12.68
CA SER D 2413 -32.86 2.32 13.77
C SER D 2413 -32.10 2.30 15.09
N CYS D 2414 -32.83 2.18 16.20
CA CYS D 2414 -32.20 2.12 17.51
C CYS D 2414 -31.33 0.87 17.63
N GLY D 2415 -31.81 -0.26 17.12
CA GLY D 2415 -31.04 -1.49 17.14
C GLY D 2415 -30.33 -1.74 15.83
N VAL D 2416 -29.01 -1.57 15.81
CA VAL D 2416 -28.24 -1.76 14.59
C VAL D 2416 -28.22 -3.24 14.22
N SER D 2417 -28.31 -3.51 12.92
CA SER D 2417 -28.33 -4.87 12.43
C SER D 2417 -26.89 -5.38 12.26
N GLU D 2418 -26.74 -6.53 11.60
CA GLU D 2418 -25.43 -7.12 11.41
C GLU D 2418 -24.67 -6.54 10.22
N TRP D 2419 -25.33 -5.78 9.35
CA TRP D 2419 -24.66 -5.25 8.18
C TRP D 2419 -23.84 -3.99 8.48
N GLN D 2420 -24.08 -3.34 9.62
CA GLN D 2420 -23.20 -2.24 10.02
C GLN D 2420 -21.80 -2.77 10.32
N LEU D 2421 -21.71 -3.94 10.95
CA LEU D 2421 -20.40 -4.55 11.19
C LEU D 2421 -19.70 -4.87 9.87
N GLU D 2422 -20.44 -5.37 8.89
CA GLU D 2422 -19.84 -5.65 7.59
C GLU D 2422 -19.41 -4.36 6.89
N GLU D 2423 -20.16 -3.27 7.09
CA GLU D 2423 -19.73 -1.98 6.55
C GLU D 2423 -18.43 -1.53 7.19
N ALA D 2424 -18.30 -1.73 8.50
CA ALA D 2424 -17.06 -1.39 9.18
C ALA D 2424 -15.90 -2.24 8.68
N GLN D 2425 -16.16 -3.53 8.42
CA GLN D 2425 -15.12 -4.40 7.89
C GLN D 2425 -14.71 -3.97 6.48
N VAL D 2426 -15.68 -3.55 5.66
CA VAL D 2426 -15.37 -3.08 4.32
C VAL D 2426 -14.52 -1.81 4.39
N PHE D 2427 -14.88 -0.89 5.27
CA PHE D 2427 -14.08 0.33 5.40
C PHE D 2427 -12.71 0.02 5.95
N TRP D 2428 -12.59 -1.02 6.79
CA TRP D 2428 -11.28 -1.44 7.28
C TRP D 2428 -10.44 -1.97 6.14
N ALA D 2429 -11.05 -2.76 5.26
CA ALA D 2429 -10.35 -3.29 4.09
C ALA D 2429 -9.99 -2.18 3.10
N LYS D 2430 -10.70 -1.06 3.14
CA LYS D 2430 -10.41 0.08 2.30
C LYS D 2430 -9.35 1.00 2.90
N LYS D 2431 -8.58 0.52 3.87
CA LYS D 2431 -7.54 1.26 4.58
C LYS D 2431 -8.10 2.48 5.32
N GLU D 2432 -9.41 2.52 5.56
CA GLU D 2432 -10.02 3.59 6.33
C GLU D 2432 -10.20 3.12 7.78
N GLN D 2433 -9.07 2.97 8.45
CA GLN D 2433 -9.07 2.45 9.82
C GLN D 2433 -9.80 3.39 10.76
N SER D 2434 -9.59 4.70 10.63
CA SER D 2434 -10.23 5.64 11.54
C SER D 2434 -11.75 5.60 11.39
N LEU D 2435 -12.25 5.54 10.15
CA LEU D 2435 -13.69 5.48 9.94
C LEU D 2435 -14.25 4.16 10.42
N ALA D 2436 -13.54 3.05 10.17
CA ALA D 2436 -14.04 1.75 10.61
C ALA D 2436 -14.10 1.70 12.14
N LEU D 2437 -13.07 2.22 12.80
CA LEU D 2437 -13.06 2.21 14.26
C LEU D 2437 -14.16 3.09 14.81
N SER D 2438 -14.39 4.27 14.22
CA SER D 2438 -15.44 5.15 14.70
C SER D 2438 -16.81 4.50 14.54
N ILE D 2439 -17.05 3.85 13.39
CA ILE D 2439 -18.32 3.20 13.15
C ILE D 2439 -18.53 2.06 14.14
N LEU D 2440 -17.49 1.26 14.38
CA LEU D 2440 -17.65 0.12 15.28
C LEU D 2440 -17.81 0.58 16.72
N LYS D 2441 -17.12 1.66 17.11
CA LYS D 2441 -17.29 2.20 18.45
C LYS D 2441 -18.70 2.74 18.64
N GLN D 2442 -19.26 3.38 17.61
CA GLN D 2442 -20.64 3.85 17.69
C GLN D 2442 -21.60 2.67 17.82
N MET D 2443 -21.29 1.57 17.10
CA MET D 2443 -22.12 0.38 17.22
C MET D 2443 -22.08 -0.18 18.64
N ILE D 2444 -20.88 -0.20 19.24
CA ILE D 2444 -20.75 -0.69 20.61
C ILE D 2444 -21.52 0.21 21.57
N LYS D 2445 -21.42 1.52 21.37
CA LYS D 2445 -22.11 2.47 22.24
C LYS D 2445 -23.62 2.31 22.14
N LYS D 2446 -24.12 1.98 20.94
CA LYS D 2446 -25.57 1.77 20.80
C LYS D 2446 -25.98 0.44 21.41
N LEU D 2447 -25.17 -0.61 21.20
CA LEU D 2447 -25.55 -1.94 21.65
C LEU D 2447 -25.55 -2.03 23.18
N ASP D 2448 -24.47 -1.58 23.82
CA ASP D 2448 -24.39 -1.72 25.26
C ASP D 2448 -25.37 -0.82 25.99
N ALA D 2449 -25.94 0.17 25.29
CA ALA D 2449 -26.91 1.08 25.87
C ALA D 2449 -28.35 0.69 25.59
N SER D 2450 -28.61 -0.07 24.52
CA SER D 2450 -29.97 -0.46 24.19
C SER D 2450 -30.02 -1.92 23.78
N CYS D 2451 -29.30 -2.78 24.51
CA CYS D 2451 -29.31 -4.21 24.21
C CYS D 2451 -30.59 -4.86 24.75
N ALA D 2452 -30.77 -4.84 26.06
CA ALA D 2452 -31.96 -5.36 26.74
C ALA D 2452 -32.23 -6.83 26.43
N ALA D 2453 -31.21 -7.55 25.95
CA ALA D 2453 -31.34 -8.96 25.59
C ALA D 2453 -32.50 -9.18 24.62
N ASN D 2454 -32.64 -8.27 23.65
CA ASN D 2454 -33.76 -8.33 22.74
C ASN D 2454 -33.66 -9.50 21.76
N ASN D 2455 -32.45 -9.85 21.33
CA ASN D 2455 -32.32 -10.90 20.33
C ASN D 2455 -30.99 -11.64 20.46
N PRO D 2456 -31.00 -12.98 20.42
CA PRO D 2456 -29.74 -13.72 20.41
C PRO D 2456 -28.86 -13.37 19.22
N SER D 2457 -29.45 -13.01 18.08
CA SER D 2457 -28.65 -12.55 16.95
C SER D 2457 -27.94 -11.24 17.30
N LEU D 2458 -28.62 -10.35 18.00
CA LEU D 2458 -27.97 -9.13 18.47
C LEU D 2458 -26.89 -9.45 19.49
N LYS D 2459 -27.07 -10.51 20.27
CA LYS D 2459 -26.05 -10.89 21.25
C LYS D 2459 -24.80 -11.39 20.55
N LEU D 2460 -24.98 -12.25 19.54
CA LEU D 2460 -23.82 -12.81 18.85
C LEU D 2460 -23.13 -11.73 18.02
N THR D 2461 -23.88 -10.80 17.44
CA THR D 2461 -23.22 -9.74 16.70
C THR D 2461 -22.57 -8.73 17.63
N TYR D 2462 -23.06 -8.60 18.87
CA TYR D 2462 -22.36 -7.77 19.85
C TYR D 2462 -21.03 -8.41 20.24
N THR D 2463 -21.03 -9.73 20.42
CA THR D 2463 -19.78 -10.43 20.73
C THR D 2463 -18.80 -10.31 19.57
N GLU D 2464 -19.30 -10.47 18.33
CA GLU D 2464 -18.43 -10.34 17.17
C GLU D 2464 -17.86 -8.94 17.05
N CYS D 2465 -18.69 -7.92 17.29
CA CYS D 2465 -18.23 -6.54 17.21
C CYS D 2465 -17.17 -6.26 18.28
N LEU D 2466 -17.37 -6.76 19.49
CA LEU D 2466 -16.37 -6.56 20.54
C LEU D 2466 -15.06 -7.26 20.19
N ARG D 2467 -15.15 -8.49 19.65
CA ARG D 2467 -13.94 -9.20 19.28
C ARG D 2467 -13.20 -8.48 18.15
N VAL D 2468 -13.94 -7.98 17.16
CA VAL D 2468 -13.32 -7.27 16.05
C VAL D 2468 -12.66 -5.99 16.54
N CYS D 2469 -13.35 -5.25 17.43
CA CYS D 2469 -12.77 -4.02 17.96
C CYS D 2469 -11.50 -4.30 18.75
N GLY D 2470 -11.52 -5.36 19.56
CA GLY D 2470 -10.32 -5.71 20.31
C GLY D 2470 -9.16 -6.09 19.41
N ASN D 2471 -9.45 -6.85 18.35
CA ASN D 2471 -8.39 -7.23 17.41
C ASN D 2471 -7.85 -6.00 16.69
N TRP D 2472 -8.73 -5.09 16.28
CA TRP D 2472 -8.28 -3.89 15.57
C TRP D 2472 -7.42 -3.02 16.47
N LEU D 2473 -7.83 -2.85 17.73
CA LEU D 2473 -7.03 -2.07 18.68
C LEU D 2473 -5.69 -2.75 18.93
N ALA D 2474 -5.68 -4.07 19.03
CA ALA D 2474 -4.43 -4.78 19.29
C ALA D 2474 -3.47 -4.63 18.11
N GLU D 2475 -4.00 -4.71 16.89
CA GLU D 2475 -3.14 -4.65 15.71
C GLU D 2475 -2.63 -3.23 15.47
N THR D 2476 -3.49 -2.22 15.58
CA THR D 2476 -3.05 -0.85 15.29
C THR D 2476 -2.32 -0.17 16.43
N CYS D 2477 -2.55 -0.60 17.68
CA CYS D 2477 -1.83 -0.09 18.85
C CYS D 2477 -2.04 1.41 19.03
N LEU D 2478 -3.31 1.83 19.02
CA LEU D 2478 -3.66 3.19 19.42
C LEU D 2478 -3.87 3.35 20.91
N GLU D 2479 -3.95 2.25 21.64
CA GLU D 2479 -4.14 2.28 23.08
C GLU D 2479 -3.37 1.11 23.70
N ASN D 2480 -3.01 1.26 24.97
CA ASN D 2480 -2.29 0.20 25.65
C ASN D 2480 -3.19 -1.02 25.84
N PRO D 2481 -2.62 -2.22 25.90
CA PRO D 2481 -3.47 -3.42 26.03
C PRO D 2481 -4.25 -3.48 27.33
N ALA D 2482 -3.85 -2.71 28.34
CA ALA D 2482 -4.47 -2.82 29.66
C ALA D 2482 -5.95 -2.48 29.62
N VAL D 2483 -6.33 -1.46 28.87
CA VAL D 2483 -7.72 -1.01 28.87
C VAL D 2483 -8.52 -1.70 27.77
N ILE D 2484 -7.91 -1.90 26.60
CA ILE D 2484 -8.64 -2.52 25.50
C ILE D 2484 -8.98 -3.97 25.80
N MET D 2485 -8.07 -4.68 26.50
CA MET D 2485 -8.35 -6.07 26.84
C MET D 2485 -9.57 -6.17 27.72
N GLN D 2486 -9.59 -5.40 28.81
CA GLN D 2486 -10.71 -5.47 29.75
C GLN D 2486 -11.99 -4.96 29.12
N THR D 2487 -11.90 -3.91 28.29
CA THR D 2487 -13.10 -3.31 27.74
C THR D 2487 -13.74 -4.18 26.66
N TYR D 2488 -12.95 -4.94 25.90
CA TYR D 2488 -13.55 -5.65 24.78
C TYR D 2488 -13.46 -7.17 24.86
N LEU D 2489 -12.31 -7.74 25.25
CA LEU D 2489 -12.13 -9.17 25.14
C LEU D 2489 -12.90 -9.92 26.23
N GLU D 2490 -12.59 -9.62 27.50
CA GLU D 2490 -13.34 -10.26 28.58
C GLU D 2490 -14.82 -9.88 28.55
N LYS D 2491 -15.13 -8.70 28.05
CA LYS D 2491 -16.54 -8.33 27.89
C LYS D 2491 -17.24 -9.24 26.89
N ALA D 2492 -16.60 -9.51 25.75
CA ALA D 2492 -17.20 -10.42 24.77
C ALA D 2492 -17.28 -11.83 25.32
N VAL D 2493 -16.25 -12.26 26.07
CA VAL D 2493 -16.25 -13.61 26.62
C VAL D 2493 -17.39 -13.77 27.61
N GLU D 2494 -17.58 -12.80 28.49
CA GLU D 2494 -18.64 -12.93 29.50
C GLU D 2494 -20.01 -12.78 28.86
N VAL D 2495 -20.13 -11.98 27.80
CA VAL D 2495 -21.41 -11.84 27.13
C VAL D 2495 -21.80 -13.15 26.46
N ALA D 2496 -20.85 -13.78 25.76
CA ALA D 2496 -21.14 -15.05 25.12
C ALA D 2496 -21.42 -16.15 26.14
N GLY D 2497 -20.65 -16.18 27.24
CA GLY D 2497 -20.80 -17.22 28.24
C GLY D 2497 -22.00 -17.07 29.15
N ASN D 2498 -22.57 -15.87 29.26
CA ASN D 2498 -23.70 -15.69 30.16
C ASN D 2498 -25.02 -16.11 29.56
N TYR D 2499 -25.10 -16.30 28.25
CA TYR D 2499 -26.36 -16.65 27.58
C TYR D 2499 -26.14 -17.78 26.58
N ASP D 2500 -25.44 -18.82 27.02
CA ASP D 2500 -25.17 -19.98 26.18
C ASP D 2500 -26.10 -21.15 26.48
N GLY D 2501 -27.35 -20.86 26.83
CA GLY D 2501 -28.31 -21.91 27.16
C GLY D 2501 -28.87 -22.67 25.99
N GLU D 2502 -28.62 -22.21 24.76
CA GLU D 2502 -29.11 -22.89 23.57
C GLU D 2502 -28.08 -23.81 22.93
N SER D 2503 -26.79 -23.54 23.15
CA SER D 2503 -25.70 -24.38 22.63
C SER D 2503 -25.79 -24.53 21.11
N SER D 2504 -26.16 -23.46 20.43
CA SER D 2504 -26.26 -23.49 18.98
C SER D 2504 -24.87 -23.40 18.35
N ASP D 2505 -24.78 -23.86 17.09
CA ASP D 2505 -23.51 -23.79 16.39
C ASP D 2505 -23.10 -22.34 16.12
N GLU D 2506 -24.08 -21.48 15.82
CA GLU D 2506 -23.81 -20.07 15.56
C GLU D 2506 -23.39 -19.32 16.81
N LEU D 2507 -23.55 -19.91 17.99
CA LEU D 2507 -23.10 -19.30 19.23
C LEU D 2507 -21.79 -19.92 19.70
N ARG D 2508 -21.63 -21.23 19.51
CA ARG D 2508 -20.40 -21.88 19.94
C ARG D 2508 -19.23 -21.46 19.07
N ASN D 2509 -19.45 -21.27 17.76
CA ASN D 2509 -18.34 -20.83 16.92
C ASN D 2509 -17.91 -19.41 17.27
N GLY D 2510 -18.87 -18.54 17.57
CA GLY D 2510 -18.54 -17.19 18.02
C GLY D 2510 -17.80 -17.18 19.34
N LYS D 2511 -18.22 -18.04 20.28
CA LYS D 2511 -17.50 -18.14 21.55
C LYS D 2511 -16.09 -18.66 21.34
N MET D 2512 -15.92 -19.63 20.45
CA MET D 2512 -14.59 -20.14 20.14
C MET D 2512 -13.71 -19.07 19.52
N LYS D 2513 -14.27 -18.27 18.61
CA LYS D 2513 -13.50 -17.20 17.99
C LYS D 2513 -13.11 -16.13 19.03
N ALA D 2514 -14.02 -15.79 19.94
CA ALA D 2514 -13.68 -14.84 20.99
C ALA D 2514 -12.59 -15.39 21.90
N PHE D 2515 -12.67 -16.67 22.26
CA PHE D 2515 -11.65 -17.29 23.08
C PHE D 2515 -10.31 -17.28 22.37
N LEU D 2516 -10.32 -17.59 21.07
CA LEU D 2516 -9.07 -17.63 20.32
C LEU D 2516 -8.45 -16.24 20.21
N SER D 2517 -9.28 -15.21 19.95
CA SER D 2517 -8.73 -13.87 19.84
C SER D 2517 -8.14 -13.40 21.16
N LEU D 2518 -8.83 -13.66 22.27
CA LEU D 2518 -8.28 -13.31 23.57
C LEU D 2518 -6.99 -14.07 23.86
N ALA D 2519 -6.96 -15.36 23.52
CA ALA D 2519 -5.76 -16.17 23.77
C ALA D 2519 -4.59 -15.68 22.93
N ARG D 2520 -4.84 -15.36 21.66
CA ARG D 2520 -3.77 -14.90 20.78
C ARG D 2520 -3.23 -13.56 21.25
N PHE D 2521 -4.11 -12.65 21.68
CA PHE D 2521 -3.63 -11.37 22.18
C PHE D 2521 -2.80 -11.53 23.45
N SER D 2522 -3.26 -12.39 24.37
CA SER D 2522 -2.49 -12.63 25.59
C SER D 2522 -1.14 -13.27 25.28
N ASP D 2523 -1.12 -14.23 24.35
CA ASP D 2523 0.14 -14.87 23.98
C ASP D 2523 1.09 -13.88 23.32
N THR D 2524 0.56 -13.00 22.46
CA THR D 2524 1.41 -12.01 21.81
C THR D 2524 1.99 -11.04 22.83
N GLN D 2525 1.17 -10.59 23.79
CA GLN D 2525 1.69 -9.68 24.81
C GLN D 2525 2.72 -10.36 25.69
N TYR D 2526 2.49 -11.63 26.04
CA TYR D 2526 3.48 -12.35 26.85
C TYR D 2526 4.79 -12.53 26.09
N GLN D 2527 4.71 -12.86 24.80
CA GLN D 2527 5.93 -13.01 24.01
C GLN D 2527 6.66 -11.69 23.88
N ARG D 2528 5.92 -10.58 23.69
CA ARG D 2528 6.54 -9.27 23.60
C ARG D 2528 7.25 -8.91 24.89
N ILE D 2529 6.61 -9.19 26.04
CA ILE D 2529 7.24 -8.88 27.32
C ILE D 2529 8.48 -9.74 27.53
N GLU D 2530 8.40 -11.03 27.19
CA GLU D 2530 9.55 -11.91 27.37
C GLU D 2530 10.72 -11.47 26.48
N ASN D 2531 10.42 -11.08 25.24
CA ASN D 2531 11.47 -10.60 24.35
C ASN D 2531 12.09 -9.31 24.87
N TYR D 2532 11.27 -8.41 25.41
CA TYR D 2532 11.81 -7.19 26.00
C TYR D 2532 12.71 -7.50 27.19
N MET D 2533 12.28 -8.44 28.03
CA MET D 2533 13.06 -8.81 29.20
C MET D 2533 14.36 -9.50 28.81
N LYS D 2534 14.40 -10.17 27.66
CA LYS D 2534 15.61 -10.83 27.21
C LYS D 2534 16.49 -9.93 26.35
N SER D 2535 16.07 -8.70 26.09
CA SER D 2535 16.86 -7.78 25.27
C SER D 2535 18.02 -7.21 26.09
N SER D 2536 18.99 -6.63 25.36
CA SER D 2536 20.14 -6.03 26.02
C SER D 2536 19.76 -4.76 26.78
N GLU D 2537 18.72 -4.06 26.35
CA GLU D 2537 18.28 -2.86 27.05
C GLU D 2537 17.81 -3.21 28.46
N PHE D 2538 17.10 -4.32 28.61
CA PHE D 2538 16.66 -4.75 29.93
C PHE D 2538 17.85 -5.07 30.82
N GLU D 2539 18.89 -5.71 30.26
CA GLU D 2539 20.08 -6.00 31.03
C GLU D 2539 20.79 -4.72 31.47
N ASN D 2540 20.87 -3.73 30.58
CA ASN D 2540 21.47 -2.44 30.96
C ASN D 2540 20.66 -1.77 32.06
N LYS D 2541 19.33 -1.81 31.96
CA LYS D 2541 18.49 -1.23 33.00
C LYS D 2541 18.68 -1.95 34.33
N GLN D 2542 18.79 -3.28 34.28
CA GLN D 2542 19.03 -4.05 35.50
C GLN D 2542 20.38 -3.70 36.12
N ALA D 2543 21.41 -3.52 35.30
CA ALA D 2543 22.72 -3.13 35.82
C ALA D 2543 22.66 -1.74 36.46
N LEU D 2544 21.96 -0.80 35.83
CA LEU D 2544 21.80 0.52 36.42
C LEU D 2544 21.02 0.44 37.73
N LEU D 2545 19.99 -0.40 37.77
CA LEU D 2545 19.22 -0.58 39.00
C LEU D 2545 20.09 -1.18 40.11
N LYS D 2546 20.94 -2.14 39.77
CA LYS D 2546 21.83 -2.73 40.77
C LYS D 2546 22.82 -1.69 41.30
N ARG D 2547 23.33 -0.83 40.40
CA ARG D 2547 24.21 0.24 40.85
C ARG D 2547 23.48 1.18 41.79
N ALA D 2548 22.22 1.51 41.47
CA ALA D 2548 21.44 2.38 42.34
C ALA D 2548 21.20 1.71 43.69
N LYS D 2549 20.93 0.41 43.68
CA LYS D 2549 20.68 -0.31 44.93
C LYS D 2549 21.91 -0.29 45.82
N GLU D 2550 23.08 -0.54 45.23
CA GLU D 2550 24.29 -0.58 46.04
C GLU D 2550 24.67 0.81 46.53
N GLU D 2551 24.37 1.84 45.74
CA GLU D 2551 24.72 3.19 46.20
C GLU D 2551 23.76 3.65 47.29
N VAL D 2552 22.49 3.27 47.20
CA VAL D 2552 21.55 3.58 48.28
C VAL D 2552 21.95 2.82 49.53
N GLY D 2553 22.37 1.57 49.39
CA GLY D 2553 22.84 0.82 50.55
C GLY D 2553 24.03 1.47 51.22
N LEU D 2554 24.98 1.97 50.43
CA LEU D 2554 26.11 2.70 51.01
C LEU D 2554 25.66 3.99 51.66
N LEU D 2555 24.73 4.72 51.04
CA LEU D 2555 24.21 5.96 51.63
C LEU D 2555 23.40 5.71 52.90
N ARG D 2556 22.90 4.50 53.11
CA ARG D 2556 22.15 4.19 54.32
C ARG D 2556 23.04 3.63 55.42
N GLU D 2557 24.01 2.79 55.07
CA GLU D 2557 24.95 2.29 56.07
C GLU D 2557 25.77 3.42 56.67
N HIS D 2558 26.21 4.36 55.83
CA HIS D 2558 26.95 5.53 56.30
C HIS D 2558 25.98 6.67 56.54
N LYS D 2559 26.04 7.26 57.73
CA LYS D 2559 25.12 8.33 58.11
C LYS D 2559 25.44 9.58 57.31
N ILE D 2560 24.62 9.84 56.29
CA ILE D 2560 24.77 10.99 55.41
C ILE D 2560 23.43 11.70 55.34
N GLN D 2561 23.45 13.03 55.49
CA GLN D 2561 22.22 13.81 55.43
C GLN D 2561 21.58 13.70 54.05
N THR D 2562 20.25 13.74 54.03
CA THR D 2562 19.48 13.55 52.80
C THR D 2562 19.40 14.89 52.06
N ASN D 2563 20.16 15.01 50.98
CA ASN D 2563 20.12 16.18 50.13
C ASN D 2563 19.18 15.93 48.96
N ARG D 2564 19.18 16.85 47.98
CA ARG D 2564 18.33 16.70 46.81
C ARG D 2564 18.77 15.53 45.94
N TYR D 2565 20.06 15.21 45.92
CA TYR D 2565 20.54 14.08 45.12
C TYR D 2565 20.11 12.74 45.72
N THR D 2566 20.22 12.60 47.05
CA THR D 2566 19.82 11.36 47.69
C THR D 2566 18.33 11.11 47.54
N VAL D 2567 17.52 12.16 47.72
CA VAL D 2567 16.07 12.01 47.58
C VAL D 2567 15.72 11.62 46.14
N LYS D 2568 16.36 12.27 45.17
CA LYS D 2568 16.08 11.96 43.76
C LYS D 2568 16.46 10.52 43.45
N VAL D 2569 17.62 10.07 43.92
CA VAL D 2569 18.06 8.71 43.65
C VAL D 2569 17.11 7.70 44.29
N GLN D 2570 16.70 7.96 45.54
CA GLN D 2570 15.79 7.04 46.21
C GLN D 2570 14.45 6.99 45.51
N ARG D 2571 13.94 8.13 45.06
CA ARG D 2571 12.62 8.15 44.43
C ARG D 2571 12.66 7.48 43.06
N GLU D 2572 13.70 7.74 42.26
CA GLU D 2572 13.78 7.07 40.98
C GLU D 2572 14.01 5.57 41.14
N LEU D 2573 14.68 5.16 42.22
CA LEU D 2573 14.82 3.73 42.50
C LEU D 2573 13.49 3.12 42.86
N GLU D 2574 12.68 3.83 43.65
CA GLU D 2574 11.36 3.32 44.02
C GLU D 2574 10.47 3.19 42.79
N LEU D 2575 10.51 4.18 41.90
CA LEU D 2575 9.73 4.11 40.67
C LEU D 2575 10.19 2.96 39.77
N ASP D 2576 11.51 2.76 39.67
CA ASP D 2576 12.02 1.66 38.86
C ASP D 2576 11.59 0.31 39.43
N GLU D 2577 11.65 0.16 40.76
CA GLU D 2577 11.22 -1.09 41.38
C GLU D 2577 9.72 -1.32 41.17
N LEU D 2578 8.91 -0.26 41.29
CA LEU D 2578 7.48 -0.40 41.08
C LEU D 2578 7.17 -0.78 39.63
N ALA D 2579 7.89 -0.17 38.68
CA ALA D 2579 7.68 -0.50 37.27
C ALA D 2579 8.06 -1.95 36.98
N LEU D 2580 9.19 -2.42 37.54
CA LEU D 2580 9.60 -3.79 37.32
C LEU D 2580 8.60 -4.77 37.93
N ARG D 2581 8.11 -4.48 39.15
CA ARG D 2581 7.13 -5.37 39.77
C ARG D 2581 5.83 -5.39 38.98
N ALA D 2582 5.39 -4.22 38.49
CA ALA D 2582 4.16 -4.18 37.69
C ALA D 2582 4.34 -4.94 36.39
N LEU D 2583 5.50 -4.82 35.76
CA LEU D 2583 5.75 -5.54 34.51
C LEU D 2583 5.73 -7.05 34.74
N LYS D 2584 6.37 -7.51 35.81
CA LYS D 2584 6.37 -8.94 36.09
C LYS D 2584 4.96 -9.46 36.39
N GLU D 2585 4.19 -8.71 37.18
CA GLU D 2585 2.82 -9.14 37.47
C GLU D 2585 1.96 -9.15 36.21
N ASP D 2586 2.12 -8.14 35.35
CA ASP D 2586 1.35 -8.09 34.12
C ASP D 2586 1.72 -9.25 33.19
N ARG D 2587 3.01 -9.58 33.14
CA ARG D 2587 3.44 -10.72 32.32
C ARG D 2587 2.85 -12.01 32.84
N LYS D 2588 2.83 -12.18 34.16
CA LYS D 2588 2.24 -13.39 34.72
C LYS D 2588 0.74 -13.46 34.43
N ARG D 2589 0.06 -12.31 34.50
CA ARG D 2589 -1.38 -12.31 34.22
C ARG D 2589 -1.66 -12.58 32.75
N PHE D 2590 -0.76 -12.18 31.85
CA PHE D 2590 -0.95 -12.53 30.45
C PHE D 2590 -0.68 -14.00 30.21
N LEU D 2591 0.32 -14.57 30.91
CA LEU D 2591 0.58 -15.99 30.75
C LEU D 2591 -0.60 -16.81 31.23
N CYS D 2592 -1.17 -16.44 32.38
CA CYS D 2592 -2.32 -17.15 32.92
C CYS D 2592 -3.53 -17.00 32.00
N LYS D 2593 -3.77 -15.80 31.47
CA LYS D 2593 -4.91 -15.60 30.58
C LYS D 2593 -4.74 -16.41 29.29
N ALA D 2594 -3.53 -16.41 28.73
CA ALA D 2594 -3.30 -17.14 27.48
C ALA D 2594 -3.49 -18.64 27.68
N VAL D 2595 -2.99 -19.18 28.79
CA VAL D 2595 -3.12 -20.62 29.01
C VAL D 2595 -4.59 -20.97 29.27
N GLU D 2596 -5.27 -20.16 30.08
CA GLU D 2596 -6.67 -20.44 30.39
C GLU D 2596 -7.53 -20.38 29.14
N ASN D 2597 -7.30 -19.39 28.28
CA ASN D 2597 -8.11 -19.27 27.07
C ASN D 2597 -7.76 -20.34 26.05
N TYR D 2598 -6.51 -20.82 26.02
CA TYR D 2598 -6.20 -21.99 25.20
C TYR D 2598 -6.96 -23.21 25.70
N ILE D 2599 -7.03 -23.38 27.01
CA ILE D 2599 -7.76 -24.52 27.57
C ILE D 2599 -9.24 -24.42 27.19
N ASN D 2600 -9.82 -23.23 27.33
CA ASN D 2600 -11.24 -23.05 27.03
C ASN D 2600 -11.51 -23.28 25.54
N CYS D 2601 -10.61 -22.81 24.68
CA CYS D 2601 -10.80 -22.99 23.24
C CYS D 2601 -10.69 -24.47 22.86
N LEU D 2602 -9.78 -25.21 23.49
CA LEU D 2602 -9.56 -26.60 23.14
C LEU D 2602 -10.49 -27.58 23.86
N LEU D 2603 -11.25 -27.12 24.85
CA LEU D 2603 -12.14 -28.04 25.57
C LEU D 2603 -13.25 -28.55 24.65
N SER D 2604 -13.89 -27.66 23.91
CA SER D 2604 -15.00 -28.02 23.03
C SER D 2604 -14.82 -27.36 21.66
N GLY D 2605 -13.61 -27.44 21.13
CA GLY D 2605 -13.33 -26.88 19.82
C GLY D 2605 -12.60 -27.89 18.95
N GLU D 2606 -12.88 -27.81 17.64
CA GLU D 2606 -12.27 -28.69 16.65
C GLU D 2606 -11.54 -27.94 15.55
N GLU D 2607 -12.08 -26.81 15.10
CA GLU D 2607 -11.43 -26.04 14.05
C GLU D 2607 -10.21 -25.27 14.54
N HIS D 2608 -9.98 -25.23 15.85
CA HIS D 2608 -8.85 -24.51 16.43
C HIS D 2608 -7.90 -25.48 17.13
N ASP D 2609 -7.72 -26.65 16.55
CA ASP D 2609 -6.87 -27.69 17.13
C ASP D 2609 -5.39 -27.48 16.85
N MET D 2610 -5.02 -26.51 16.03
CA MET D 2610 -3.61 -26.28 15.71
C MET D 2610 -2.88 -25.45 16.77
N TRP D 2611 -3.58 -24.96 17.79
CA TRP D 2611 -2.96 -24.15 18.83
C TRP D 2611 -2.49 -24.98 20.02
N VAL D 2612 -2.59 -26.31 19.94
CA VAL D 2612 -2.10 -27.15 21.01
C VAL D 2612 -0.60 -27.02 21.14
N PHE D 2613 0.09 -26.75 20.02
CA PHE D 2613 1.54 -26.58 20.07
C PHE D 2613 1.91 -25.34 20.85
N ARG D 2614 1.18 -24.23 20.63
CA ARG D 2614 1.43 -23.02 21.39
C ARG D 2614 1.09 -23.23 22.87
N LEU D 2615 0.00 -23.94 23.16
CA LEU D 2615 -0.36 -24.20 24.55
C LEU D 2615 0.72 -25.03 25.25
N CYS D 2616 1.22 -26.06 24.57
CA CYS D 2616 2.24 -26.91 25.18
C CYS D 2616 3.56 -26.16 25.32
N SER D 2617 3.91 -25.32 24.34
CA SER D 2617 5.14 -24.54 24.46
C SER D 2617 5.07 -23.58 25.64
N LEU D 2618 3.93 -22.91 25.81
CA LEU D 2618 3.77 -22.00 26.95
C LEU D 2618 3.80 -22.77 28.27
N TRP D 2619 3.15 -23.92 28.33
CA TRP D 2619 3.11 -24.68 29.58
C TRP D 2619 4.48 -25.24 29.95
N LEU D 2620 5.19 -25.80 28.96
CA LEU D 2620 6.48 -26.42 29.24
C LEU D 2620 7.56 -25.38 29.54
N GLU D 2621 7.56 -24.26 28.80
CA GLU D 2621 8.56 -23.23 29.04
C GLU D 2621 8.34 -22.51 30.37
N ASN D 2622 7.16 -22.64 30.96
CA ASN D 2622 6.84 -22.01 32.24
C ASN D 2622 6.39 -23.05 33.26
N SER D 2623 7.10 -24.18 33.29
CA SER D 2623 6.76 -25.25 34.22
C SER D 2623 7.05 -24.89 35.67
N GLY D 2624 7.88 -23.87 35.91
CA GLY D 2624 8.20 -23.49 37.28
C GLY D 2624 7.07 -22.83 38.02
N VAL D 2625 6.09 -22.28 37.30
CA VAL D 2625 4.95 -21.64 37.94
C VAL D 2625 3.94 -22.72 38.34
N SER D 2626 3.61 -22.76 39.63
CA SER D 2626 2.66 -23.75 40.11
C SER D 2626 1.22 -23.42 39.71
N GLU D 2627 0.92 -22.15 39.50
CA GLU D 2627 -0.45 -21.75 39.17
C GLU D 2627 -0.88 -22.31 37.82
N VAL D 2628 0.00 -22.21 36.81
CA VAL D 2628 -0.35 -22.70 35.48
C VAL D 2628 -0.44 -24.23 35.50
N ASN D 2629 0.44 -24.89 36.25
CA ASN D 2629 0.39 -26.35 36.34
C ASN D 2629 -0.90 -26.81 37.00
N GLY D 2630 -1.31 -26.13 38.08
CA GLY D 2630 -2.56 -26.49 38.74
C GLY D 2630 -3.77 -26.23 37.87
N MET D 2631 -3.79 -25.11 37.14
CA MET D 2631 -4.91 -24.86 36.24
C MET D 2631 -4.92 -25.86 35.09
N MET D 2632 -3.74 -26.27 34.61
CA MET D 2632 -3.66 -27.28 33.57
C MET D 2632 -4.21 -28.62 34.06
N LYS D 2633 -3.89 -29.00 35.30
CA LYS D 2633 -4.37 -30.25 35.84
C LYS D 2633 -5.80 -30.19 36.35
N ARG D 2634 -6.37 -28.99 36.46
CA ARG D 2634 -7.75 -28.82 36.91
C ARG D 2634 -8.73 -28.68 35.77
N ASP D 2635 -8.47 -27.76 34.83
CA ASP D 2635 -9.36 -27.52 33.70
C ASP D 2635 -8.92 -28.24 32.44
N GLY D 2636 -7.62 -28.27 32.16
CA GLY D 2636 -7.10 -28.92 30.98
C GLY D 2636 -6.94 -30.42 31.08
N MET D 2637 -7.27 -31.01 32.22
CA MET D 2637 -7.18 -32.45 32.38
C MET D 2637 -8.23 -33.20 31.56
N LYS D 2638 -9.34 -32.53 31.22
CA LYS D 2638 -10.41 -33.13 30.44
C LYS D 2638 -10.24 -32.92 28.94
N ILE D 2639 -9.13 -32.33 28.50
CA ILE D 2639 -8.90 -32.10 27.06
C ILE D 2639 -8.78 -33.44 26.37
N PRO D 2640 -9.38 -33.62 25.19
CA PRO D 2640 -9.24 -34.90 24.48
C PRO D 2640 -7.78 -35.22 24.19
N THR D 2641 -7.45 -36.51 24.29
CA THR D 2641 -6.06 -36.97 24.18
C THR D 2641 -5.57 -37.12 22.75
N TYR D 2642 -6.45 -36.98 21.76
CA TYR D 2642 -6.03 -37.15 20.37
C TYR D 2642 -5.45 -35.87 19.77
N LYS D 2643 -5.44 -34.76 20.51
CA LYS D 2643 -4.89 -33.52 20.02
C LYS D 2643 -3.42 -33.34 20.34
N PHE D 2644 -2.82 -34.25 21.12
CA PHE D 2644 -1.43 -34.17 21.50
C PHE D 2644 -0.54 -35.16 20.75
N LEU D 2645 -1.11 -35.94 19.83
CA LEU D 2645 -0.32 -36.95 19.12
C LEU D 2645 0.82 -36.36 18.29
N PRO D 2646 0.64 -35.29 17.51
CA PRO D 2646 1.80 -34.73 16.80
C PRO D 2646 2.91 -34.26 17.71
N LEU D 2647 2.58 -33.80 18.92
CA LEU D 2647 3.56 -33.38 19.91
C LEU D 2647 3.79 -34.42 21.00
N MET D 2648 3.39 -35.67 20.74
CA MET D 2648 3.56 -36.73 21.73
C MET D 2648 5.03 -36.96 22.03
N TYR D 2649 5.88 -36.91 21.00
CA TYR D 2649 7.32 -37.08 21.23
C TYR D 2649 7.86 -35.94 22.08
N GLN D 2650 7.38 -34.71 21.83
CA GLN D 2650 7.83 -33.57 22.61
C GLN D 2650 7.45 -33.74 24.07
N LEU D 2651 6.24 -34.22 24.34
CA LEU D 2651 5.86 -34.48 25.72
C LEU D 2651 6.71 -35.61 26.31
N ALA D 2652 6.99 -36.64 25.51
CA ALA D 2652 7.77 -37.79 25.94
C ALA D 2652 9.22 -37.45 26.21
N ALA D 2653 9.70 -36.29 25.76
CA ALA D 2653 11.08 -35.90 26.01
C ALA D 2653 11.22 -34.92 27.18
N ARG D 2654 10.14 -34.69 27.94
CA ARG D 2654 10.14 -33.70 29.01
C ARG D 2654 10.12 -34.31 30.41
N MET D 2655 10.36 -35.62 30.55
CA MET D 2655 10.43 -36.21 31.88
C MET D 2655 11.78 -36.03 32.55
N GLY D 2656 12.75 -35.39 31.90
CA GLY D 2656 14.00 -35.10 32.57
C GLY D 2656 13.82 -34.12 33.72
N THR D 2657 14.70 -34.22 34.71
CA THR D 2657 14.61 -33.40 35.91
C THR D 2657 15.36 -32.08 35.79
N LYS D 2658 15.92 -31.78 34.62
CA LYS D 2658 16.64 -30.53 34.45
C LYS D 2658 15.71 -29.33 34.57
N MET D 2659 14.43 -29.50 34.24
CA MET D 2659 13.44 -28.45 34.40
C MET D 2659 12.72 -28.62 35.73
N MET D 2660 13.43 -28.28 36.80
CA MET D 2660 12.91 -28.45 38.16
C MET D 2660 11.83 -27.40 38.41
N GLY D 2661 10.57 -27.82 38.28
CA GLY D 2661 9.44 -26.94 38.54
C GLY D 2661 8.48 -27.54 39.54
N GLY D 2662 8.99 -28.38 40.44
CA GLY D 2662 8.18 -29.06 41.41
C GLY D 2662 7.68 -30.41 40.91
N LEU D 2663 7.30 -31.26 41.87
CA LEU D 2663 6.80 -32.59 41.53
C LEU D 2663 5.41 -32.54 40.89
N GLY D 2664 4.69 -31.42 41.02
CA GLY D 2664 3.38 -31.33 40.42
C GLY D 2664 3.42 -31.37 38.90
N PHE D 2665 4.41 -30.71 38.30
CA PHE D 2665 4.51 -30.71 36.84
C PHE D 2665 4.86 -32.09 36.32
N HIS D 2666 5.71 -32.82 37.05
CA HIS D 2666 6.09 -34.14 36.59
C HIS D 2666 4.92 -35.11 36.71
N GLU D 2667 4.17 -35.03 37.80
CA GLU D 2667 3.06 -35.96 37.98
C GLU D 2667 1.94 -35.67 36.98
N VAL D 2668 1.65 -34.39 36.70
CA VAL D 2668 0.60 -34.10 35.73
C VAL D 2668 1.06 -34.51 34.32
N LEU D 2669 2.33 -34.29 34.00
CA LEU D 2669 2.83 -34.71 32.69
C LEU D 2669 2.77 -36.21 32.53
N ASN D 2670 3.16 -36.96 33.57
CA ASN D 2670 3.09 -38.41 33.51
C ASN D 2670 1.66 -38.91 33.40
N ASN D 2671 0.73 -38.29 34.14
CA ASN D 2671 -0.67 -38.70 34.05
C ASN D 2671 -1.24 -38.42 32.66
N LEU D 2672 -0.93 -37.26 32.09
CA LEU D 2672 -1.41 -36.95 30.75
C LEU D 2672 -0.83 -37.91 29.72
N ILE D 2673 0.46 -38.22 29.83
CA ILE D 2673 1.08 -39.15 28.89
C ILE D 2673 0.47 -40.54 29.04
N SER D 2674 0.23 -40.98 30.29
CA SER D 2674 -0.37 -42.28 30.51
C SER D 2674 -1.76 -42.36 29.91
N ARG D 2675 -2.57 -41.32 30.08
CA ARG D 2675 -3.90 -41.31 29.49
C ARG D 2675 -3.85 -41.31 27.97
N ILE D 2676 -2.91 -40.54 27.40
CA ILE D 2676 -2.77 -40.52 25.94
C ILE D 2676 -2.38 -41.89 25.42
N SER D 2677 -1.42 -42.54 26.10
CA SER D 2677 -0.97 -43.87 25.68
C SER D 2677 -2.10 -44.89 25.80
N MET D 2678 -2.90 -44.80 26.88
CA MET D 2678 -4.02 -45.70 27.02
C MET D 2678 -5.04 -45.50 25.90
N ASP D 2679 -5.32 -44.24 25.55
CA ASP D 2679 -6.30 -43.97 24.52
C ASP D 2679 -5.79 -44.37 23.13
N HIS D 2680 -4.53 -44.07 22.83
CA HIS D 2680 -3.93 -44.34 21.52
C HIS D 2680 -2.60 -45.05 21.72
N PRO D 2681 -2.62 -46.35 22.06
CA PRO D 2681 -1.37 -47.08 22.26
C PRO D 2681 -0.51 -47.22 21.01
N HIS D 2682 -1.12 -47.13 19.82
CA HIS D 2682 -0.39 -47.37 18.58
C HIS D 2682 0.66 -46.29 18.32
N HIS D 2683 0.34 -45.05 18.66
CA HIS D 2683 1.22 -43.93 18.39
C HIS D 2683 2.10 -43.57 19.57
N THR D 2684 2.05 -44.35 20.65
CA THR D 2684 2.76 -44.04 21.88
C THR D 2684 3.69 -45.14 22.34
N LEU D 2685 3.31 -46.41 22.18
CA LEU D 2685 4.12 -47.49 22.72
C LEU D 2685 5.49 -47.54 22.08
N PHE D 2686 5.56 -47.34 20.75
CA PHE D 2686 6.84 -47.40 20.08
C PHE D 2686 7.77 -46.30 20.58
N ILE D 2687 7.22 -45.10 20.79
CA ILE D 2687 8.04 -43.99 21.28
C ILE D 2687 8.56 -44.27 22.69
N ILE D 2688 7.69 -44.77 23.57
CA ILE D 2688 8.12 -44.98 24.95
C ILE D 2688 9.16 -46.11 25.00
N LEU D 2689 8.91 -47.20 24.27
CA LEU D 2689 9.88 -48.30 24.28
C LEU D 2689 11.20 -47.88 23.66
N ALA D 2690 11.17 -47.06 22.60
CA ALA D 2690 12.41 -46.57 22.01
C ALA D 2690 13.17 -45.71 23.00
N LEU D 2691 12.47 -44.87 23.75
CA LEU D 2691 13.14 -44.05 24.76
C LEU D 2691 13.73 -44.91 25.86
N ALA D 2692 13.00 -45.94 26.29
CA ALA D 2692 13.45 -46.84 27.36
C ALA D 2692 14.51 -47.84 26.90
N ASN D 2693 14.74 -47.97 25.60
CA ASN D 2693 15.71 -48.92 25.06
C ASN D 2693 16.98 -48.22 24.57
N ALA D 2694 17.41 -47.18 25.28
CA ALA D 2694 18.62 -46.47 24.90
C ALA D 2694 19.85 -47.36 25.01
N ASN D 2695 19.92 -48.17 26.07
CA ASN D 2695 21.03 -49.08 26.30
C ASN D 2695 20.68 -50.52 25.99
N ARG D 2696 19.57 -50.75 25.27
CA ARG D 2696 19.17 -52.12 24.96
C ARG D 2696 20.16 -52.81 24.04
N ASP D 2697 20.81 -52.05 23.14
CA ASP D 2697 21.78 -52.67 22.25
C ASP D 2697 22.96 -53.20 23.05
N GLU D 2698 23.44 -52.43 24.02
CA GLU D 2698 24.56 -52.87 24.85
C GLU D 2698 24.13 -54.02 25.76
N PHE D 2699 22.89 -53.97 26.27
CA PHE D 2699 22.43 -55.05 27.13
C PHE D 2699 22.33 -56.37 26.36
N LEU D 2700 21.80 -56.31 25.13
CA LEU D 2700 21.66 -57.51 24.31
C LEU D 2700 22.97 -57.92 23.64
N THR D 2701 23.99 -57.08 23.66
CA THR D 2701 25.27 -57.41 23.05
C THR D 2701 26.39 -57.41 24.10
N SER D 2719 24.32 -41.95 29.48
CA SER D 2719 24.00 -42.73 30.67
C SER D 2719 24.19 -41.91 31.93
N SER D 2720 23.86 -40.63 31.86
CA SER D 2720 23.98 -39.74 33.00
C SER D 2720 22.75 -39.87 33.90
N GLN D 2721 22.66 -39.03 34.92
CA GLN D 2721 21.52 -39.08 35.82
C GLN D 2721 20.23 -38.69 35.11
N LEU D 2722 20.30 -37.74 34.17
CA LEU D 2722 19.13 -37.36 33.41
C LEU D 2722 18.64 -38.53 32.56
N ASP D 2723 19.57 -39.25 31.93
CA ASP D 2723 19.20 -40.42 31.12
C ASP D 2723 18.60 -41.51 32.00
N GLU D 2724 19.20 -41.76 33.17
CA GLU D 2724 18.66 -42.79 34.06
C GLU D 2724 17.26 -42.42 34.55
N ASP D 2725 17.04 -41.15 34.89
CA ASP D 2725 15.72 -40.72 35.34
C ASP D 2725 14.69 -40.85 34.24
N ARG D 2726 15.06 -40.46 33.02
CA ARG D 2726 14.13 -40.60 31.89
C ARG D 2726 13.83 -42.07 31.60
N THR D 2727 14.84 -42.93 31.69
CA THR D 2727 14.62 -44.35 31.49
C THR D 2727 13.70 -44.93 32.56
N GLU D 2728 13.89 -44.52 33.81
CA GLU D 2728 13.00 -45.00 34.88
C GLU D 2728 11.58 -44.52 34.69
N ALA D 2729 11.40 -43.26 34.25
CA ALA D 2729 10.06 -42.76 33.98
C ALA D 2729 9.42 -43.52 32.82
N ALA D 2730 10.21 -43.82 31.79
CA ALA D 2730 9.69 -44.61 30.67
C ALA D 2730 9.30 -46.01 31.12
N ASN D 2731 10.09 -46.62 32.00
CA ASN D 2731 9.74 -47.93 32.51
C ASN D 2731 8.46 -47.89 33.34
N ARG D 2732 8.25 -46.79 34.09
CA ARG D 2732 7.00 -46.64 34.81
C ARG D 2732 5.82 -46.52 33.85
N ILE D 2733 6.02 -45.80 32.74
CA ILE D 2733 4.95 -45.69 31.75
C ILE D 2733 4.66 -47.05 31.13
N ILE D 2734 5.72 -47.81 30.82
CA ILE D 2734 5.54 -49.11 30.17
C ILE D 2734 4.80 -50.07 31.10
N CYS D 2735 5.19 -50.12 32.37
CA CYS D 2735 4.51 -51.02 33.29
C CYS D 2735 3.08 -50.58 33.55
N THR D 2736 2.82 -49.27 33.59
CA THR D 2736 1.45 -48.80 33.77
C THR D 2736 0.59 -49.21 32.58
N ILE D 2737 1.12 -49.07 31.36
CA ILE D 2737 0.35 -49.48 30.18
C ILE D 2737 0.15 -50.98 30.16
N ARG D 2738 1.20 -51.75 30.49
CA ARG D 2738 1.11 -53.21 30.48
C ARG D 2738 0.16 -53.72 31.56
N SER D 2739 -0.13 -52.89 32.58
CA SER D 2739 -1.11 -53.30 33.57
C SER D 2739 -2.50 -53.42 32.96
N ARG D 2740 -2.79 -52.62 31.94
CA ARG D 2740 -4.08 -52.67 31.26
C ARG D 2740 -4.06 -53.47 29.98
N ARG D 2741 -2.96 -53.47 29.23
CA ARG D 2741 -2.84 -54.20 27.97
C ARG D 2741 -1.58 -55.06 28.01
N PRO D 2742 -1.61 -56.17 28.77
CA PRO D 2742 -0.40 -56.99 28.93
C PRO D 2742 0.00 -57.68 27.64
N GLN D 2743 -0.97 -58.29 26.95
CA GLN D 2743 -0.64 -59.01 25.73
C GLN D 2743 -0.11 -58.06 24.65
N MET D 2744 -0.75 -56.90 24.50
CA MET D 2744 -0.31 -55.96 23.49
C MET D 2744 1.08 -55.43 23.81
N VAL D 2745 1.32 -55.11 25.09
CA VAL D 2745 2.62 -54.56 25.45
C VAL D 2745 3.72 -55.59 25.25
N ARG D 2746 3.49 -56.82 25.71
CA ARG D 2746 4.53 -57.84 25.58
C ARG D 2746 4.77 -58.21 24.12
N SER D 2747 3.73 -58.14 23.27
CA SER D 2747 3.95 -58.46 21.87
C SER D 2747 4.72 -57.34 21.17
N VAL D 2748 4.39 -56.08 21.49
CA VAL D 2748 5.10 -54.97 20.87
C VAL D 2748 6.56 -54.97 21.29
N GLU D 2749 6.83 -55.18 22.58
CA GLU D 2749 8.23 -55.20 23.02
C GLU D 2749 8.97 -56.42 22.48
N ALA D 2750 8.28 -57.55 22.29
CA ALA D 2750 8.94 -58.71 21.66
C ALA D 2750 9.32 -58.40 20.23
N LEU D 2751 8.44 -57.74 19.48
CA LEU D 2751 8.76 -57.34 18.11
C LEU D 2751 9.92 -56.34 18.10
N CYS D 2752 9.91 -55.40 19.04
CA CYS D 2752 10.98 -54.42 19.12
C CYS D 2752 12.31 -55.09 19.41
N ASP D 2753 12.34 -56.05 20.34
CA ASP D 2753 13.56 -56.77 20.63
C ASP D 2753 14.03 -57.60 19.44
N ALA D 2754 13.08 -58.16 18.68
CA ALA D 2754 13.47 -58.88 17.47
C ALA D 2754 14.12 -57.95 16.47
N TYR D 2755 13.59 -56.74 16.32
CA TYR D 2755 14.20 -55.77 15.43
C TYR D 2755 15.58 -55.36 15.94
N ILE D 2756 15.73 -55.20 17.26
CA ILE D 2756 17.01 -54.79 17.82
C ILE D 2756 18.07 -55.85 17.55
N ILE D 2757 17.74 -57.12 17.83
CA ILE D 2757 18.72 -58.19 17.62
C ILE D 2757 19.01 -58.36 16.13
N LEU D 2758 18.01 -58.16 15.26
CA LEU D 2758 18.27 -58.23 13.82
C LEU D 2758 19.21 -57.12 13.39
N ALA D 2759 19.03 -55.91 13.93
CA ALA D 2759 19.94 -54.82 13.60
C ALA D 2759 21.35 -55.10 14.11
N ASN D 2760 21.46 -55.65 15.33
CA ASN D 2760 22.76 -55.95 15.89
C ASN D 2760 23.41 -57.18 15.25
N LEU D 2761 22.67 -57.92 14.41
CA LEU D 2761 23.27 -59.06 13.74
C LEU D 2761 24.40 -58.59 12.82
N ASP D 2762 25.51 -59.31 12.84
CA ASP D 2762 26.68 -58.98 12.03
C ASP D 2762 26.56 -59.65 10.67
N ALA D 2763 26.43 -58.84 9.62
CA ALA D 2763 26.32 -59.33 8.25
C ALA D 2763 27.58 -59.04 7.42
N THR D 2764 28.72 -58.81 8.09
CA THR D 2764 29.95 -58.48 7.37
C THR D 2764 30.45 -59.64 6.52
N GLN D 2765 30.01 -60.87 6.80
CA GLN D 2765 30.40 -62.01 5.99
C GLN D 2765 29.54 -62.17 4.74
N TRP D 2766 28.44 -61.43 4.63
CA TRP D 2766 27.55 -61.51 3.47
C TRP D 2766 27.66 -60.28 2.57
N LYS D 2767 28.73 -59.50 2.72
CA LYS D 2767 28.88 -58.29 1.92
C LYS D 2767 29.06 -58.58 0.43
N THR D 2768 29.47 -59.80 0.07
CA THR D 2768 29.69 -60.16 -1.32
C THR D 2768 28.45 -60.80 -1.96
N GLN D 2769 27.36 -60.92 -1.22
CA GLN D 2769 26.13 -61.52 -1.73
C GLN D 2769 25.06 -60.44 -1.90
N ARG D 2770 24.45 -60.39 -3.08
CA ARG D 2770 23.42 -59.42 -3.38
C ARG D 2770 22.06 -60.03 -3.67
N LYS D 2771 21.99 -61.30 -4.09
CA LYS D 2771 20.72 -61.92 -4.41
C LYS D 2771 19.84 -62.05 -3.17
N GLY D 2772 20.43 -62.44 -2.04
CA GLY D 2772 19.67 -62.60 -0.81
C GLY D 2772 20.27 -63.64 0.11
N ILE D 2773 20.21 -63.39 1.41
CA ILE D 2773 20.76 -64.29 2.43
C ILE D 2773 19.64 -64.65 3.40
N ASN D 2774 19.52 -65.94 3.71
CA ASN D 2774 18.50 -66.40 4.65
C ASN D 2774 18.86 -66.00 6.07
N ILE D 2775 17.89 -65.46 6.80
CA ILE D 2775 18.12 -65.11 8.20
C ILE D 2775 18.31 -66.39 9.01
N PRO D 2776 19.31 -66.47 9.89
CA PRO D 2776 19.50 -67.67 10.70
C PRO D 2776 18.30 -67.92 11.61
N ALA D 2777 18.03 -69.20 11.87
CA ALA D 2777 16.86 -69.59 12.64
C ALA D 2777 16.94 -69.16 14.10
N ASP D 2778 18.14 -68.86 14.61
CA ASP D 2778 18.27 -68.46 16.00
C ASP D 2778 17.63 -67.11 16.30
N GLN D 2779 17.44 -66.28 15.27
CA GLN D 2779 16.83 -64.97 15.48
C GLN D 2779 15.35 -65.12 15.84
N PRO D 2780 14.87 -64.43 16.87
CA PRO D 2780 13.45 -64.56 17.24
C PRO D 2780 12.49 -64.03 16.19
N ILE D 2781 12.96 -63.20 15.25
CA ILE D 2781 12.08 -62.65 14.23
C ILE D 2781 11.52 -63.74 13.34
N THR D 2782 12.32 -64.77 13.06
CA THR D 2782 11.84 -65.88 12.23
C THR D 2782 10.70 -66.63 12.92
N LYS D 2783 10.80 -66.85 14.22
CA LYS D 2783 9.77 -67.55 14.97
C LYS D 2783 8.67 -66.62 15.45
N LEU D 2784 8.77 -65.33 15.19
CA LEU D 2784 7.77 -64.36 15.62
C LEU D 2784 6.75 -64.18 14.50
N LYS D 2785 5.54 -64.71 14.69
CA LYS D 2785 4.51 -64.67 13.67
C LYS D 2785 3.14 -64.56 14.33
N ASN D 2786 2.14 -64.19 13.53
CA ASN D 2786 0.74 -64.17 13.94
C ASN D 2786 0.52 -63.22 15.12
N LEU D 2787 0.76 -61.93 14.86
CA LEU D 2787 0.48 -60.88 15.82
C LEU D 2787 -0.87 -60.25 15.50
N GLU D 2788 -1.73 -60.13 16.52
CA GLU D 2788 -3.06 -59.58 16.35
C GLU D 2788 -3.19 -58.16 16.91
N ASP D 2789 -2.53 -57.87 18.03
CA ASP D 2789 -2.59 -56.56 18.66
C ASP D 2789 -1.44 -55.64 18.25
N VAL D 2790 -0.60 -56.08 17.32
CA VAL D 2790 0.57 -55.32 16.88
C VAL D 2790 0.29 -54.79 15.48
N VAL D 2791 0.47 -53.48 15.30
CA VAL D 2791 0.28 -52.80 14.03
C VAL D 2791 1.65 -52.52 13.44
N VAL D 2792 1.76 -52.65 12.11
CA VAL D 2792 3.04 -52.42 11.44
C VAL D 2792 3.49 -50.98 11.67
N PRO D 2793 4.73 -50.74 12.09
CA PRO D 2793 5.18 -49.38 12.39
C PRO D 2793 5.43 -48.53 11.15
N THR D 2794 5.88 -49.18 10.07
CA THR D 2794 6.29 -48.45 8.87
C THR D 2794 5.12 -47.83 8.12
N MET D 2795 3.88 -48.19 8.45
CA MET D 2795 2.69 -47.66 7.79
C MET D 2795 1.99 -46.69 8.72
N GLU D 2796 1.68 -45.50 8.20
CA GLU D 2796 0.95 -44.51 8.99
C GLU D 2796 -0.48 -45.00 9.24
N ILE D 2797 -1.00 -44.63 10.41
CA ILE D 2797 -2.34 -45.04 10.84
C ILE D 2797 -3.21 -43.80 10.94
N LYS D 2798 -4.35 -43.82 10.25
CA LYS D 2798 -5.31 -42.72 10.30
C LYS D 2798 -6.01 -42.77 11.66
N VAL D 2799 -5.63 -41.87 12.55
CA VAL D 2799 -6.17 -41.86 13.90
C VAL D 2799 -7.59 -41.31 13.89
N ASP D 2800 -8.48 -41.95 14.63
CA ASP D 2800 -9.86 -41.52 14.79
C ASP D 2800 -10.08 -40.95 16.18
N HIS D 2801 -11.32 -40.59 16.47
CA HIS D 2801 -11.69 -40.05 17.77
C HIS D 2801 -12.14 -41.11 18.76
N THR D 2802 -12.13 -42.38 18.37
CA THR D 2802 -12.50 -43.48 19.24
C THR D 2802 -11.27 -44.21 19.73
N GLY D 2803 -11.35 -44.70 20.96
CA GLY D 2803 -10.24 -45.40 21.59
C GLY D 2803 -10.11 -46.86 21.25
N GLU D 2804 -10.98 -47.39 20.39
CA GLU D 2804 -10.95 -48.80 20.00
C GLU D 2804 -10.63 -48.90 18.52
N TYR D 2805 -9.68 -49.78 18.19
CA TYR D 2805 -9.27 -50.02 16.81
C TYR D 2805 -9.50 -51.48 16.47
N GLY D 2806 -10.18 -51.73 15.35
CA GLY D 2806 -10.48 -53.08 14.93
C GLY D 2806 -10.35 -53.31 13.44
N ASN D 2807 -9.91 -52.28 12.72
CA ASN D 2807 -9.76 -52.34 11.26
C ASN D 2807 -8.37 -51.86 10.85
N LEU D 2808 -7.35 -52.35 11.56
CA LEU D 2808 -5.97 -52.00 11.28
C LEU D 2808 -5.20 -53.22 10.82
N VAL D 2809 -4.31 -53.01 9.85
CA VAL D 2809 -3.48 -54.11 9.35
C VAL D 2809 -2.46 -54.49 10.40
N THR D 2810 -2.38 -55.79 10.70
CA THR D 2810 -1.48 -56.31 11.73
C THR D 2810 -0.34 -57.07 11.08
N ILE D 2811 0.50 -57.66 11.92
CA ILE D 2811 1.66 -58.42 11.46
C ILE D 2811 1.27 -59.89 11.35
N GLN D 2812 1.49 -60.46 10.17
CA GLN D 2812 1.17 -61.86 9.91
C GLN D 2812 2.39 -62.76 9.87
N SER D 2813 3.38 -62.42 9.04
CA SER D 2813 4.57 -63.25 8.92
C SER D 2813 5.71 -62.39 8.39
N PHE D 2814 6.93 -62.89 8.56
CA PHE D 2814 8.14 -62.23 8.10
C PHE D 2814 8.83 -63.10 7.06
N LYS D 2815 9.36 -62.47 6.02
CA LYS D 2815 10.06 -63.20 4.97
C LYS D 2815 11.35 -63.80 5.51
N ALA D 2816 11.78 -64.91 4.89
CA ALA D 2816 12.95 -65.65 5.33
C ALA D 2816 14.23 -65.17 4.66
N GLU D 2817 14.18 -64.13 3.83
CA GLU D 2817 15.34 -63.61 3.13
C GLU D 2817 15.43 -62.11 3.30
N PHE D 2818 16.66 -61.60 3.40
CA PHE D 2818 16.91 -60.18 3.49
C PHE D 2818 18.04 -59.80 2.56
N ARG D 2819 18.05 -58.55 2.12
CA ARG D 2819 19.01 -58.05 1.14
C ARG D 2819 19.82 -56.90 1.72
N LEU D 2820 21.03 -56.73 1.20
CA LEU D 2820 21.92 -55.66 1.63
C LEU D 2820 21.80 -54.48 0.68
N ALA D 2821 21.68 -53.28 1.24
CA ALA D 2821 21.56 -52.05 0.46
C ALA D 2821 22.89 -51.40 0.16
N GLY D 2822 23.99 -51.95 0.68
CA GLY D 2822 25.30 -51.39 0.44
C GLY D 2822 25.67 -50.31 1.45
N GLY D 2823 26.96 -50.01 1.51
CA GLY D 2823 27.49 -49.03 2.42
C GLY D 2823 28.35 -49.67 3.51
N VAL D 2824 29.03 -48.79 4.25
CA VAL D 2824 29.91 -49.26 5.32
C VAL D 2824 29.10 -49.87 6.46
N ASN D 2825 27.92 -49.34 6.75
CA ASN D 2825 27.11 -49.83 7.85
C ASN D 2825 26.32 -51.10 7.51
N LEU D 2826 26.21 -51.43 6.23
CA LEU D 2826 25.49 -52.61 5.75
C LEU D 2826 24.06 -52.64 6.29
N PRO D 2827 23.18 -51.76 5.83
CA PRO D 2827 21.78 -51.83 6.27
C PRO D 2827 21.10 -53.08 5.75
N LYS D 2828 20.11 -53.55 6.50
CA LYS D 2828 19.37 -54.76 6.17
C LYS D 2828 17.98 -54.40 5.70
N ILE D 2829 17.56 -54.97 4.58
CA ILE D 2829 16.23 -54.76 4.01
C ILE D 2829 15.42 -56.02 4.23
N ILE D 2830 14.28 -55.89 4.90
CA ILE D 2830 13.40 -57.03 5.18
C ILE D 2830 12.00 -56.70 4.67
N ASP D 2831 11.24 -57.77 4.41
CA ASP D 2831 9.88 -57.66 3.92
C ASP D 2831 8.94 -58.32 4.93
N CYS D 2832 7.86 -57.63 5.27
CA CYS D 2832 6.87 -58.13 6.22
C CYS D 2832 5.52 -58.26 5.55
N VAL D 2833 4.82 -59.36 5.85
CA VAL D 2833 3.51 -59.64 5.29
C VAL D 2833 2.45 -59.23 6.31
N GLY D 2834 1.53 -58.38 5.89
CA GLY D 2834 0.46 -57.91 6.75
C GLY D 2834 -0.73 -58.86 6.78
N SER D 2835 -1.78 -58.42 7.47
CA SER D 2835 -3.00 -59.21 7.54
C SER D 2835 -3.64 -59.35 6.17
N ASP D 2836 -3.65 -58.28 5.38
CA ASP D 2836 -4.22 -58.33 4.03
C ASP D 2836 -3.37 -59.13 3.05
N GLY D 2837 -2.15 -59.53 3.44
CA GLY D 2837 -1.29 -60.30 2.57
C GLY D 2837 -0.38 -59.49 1.67
N LYS D 2838 -0.47 -58.16 1.72
CA LYS D 2838 0.38 -57.32 0.90
C LYS D 2838 1.75 -57.17 1.54
N GLU D 2839 2.80 -57.44 0.76
CA GLU D 2839 4.16 -57.33 1.28
C GLU D 2839 4.56 -55.87 1.41
N ARG D 2840 5.14 -55.51 2.55
CA ARG D 2840 5.60 -54.16 2.82
C ARG D 2840 7.08 -54.20 3.15
N ARG D 2841 7.89 -53.55 2.31
CA ARG D 2841 9.33 -53.55 2.50
C ARG D 2841 9.73 -52.63 3.64
N GLN D 2842 10.69 -53.07 4.45
CA GLN D 2842 11.19 -52.30 5.58
C GLN D 2842 12.72 -52.28 5.54
N LEU D 2843 13.30 -51.22 6.10
CA LEU D 2843 14.75 -51.05 6.16
C LEU D 2843 15.16 -50.93 7.63
N VAL D 2844 15.87 -51.92 8.12
CA VAL D 2844 16.37 -51.93 9.50
C VAL D 2844 17.81 -51.41 9.43
N LYS D 2845 17.96 -50.11 9.68
CA LYS D 2845 19.27 -49.46 9.61
C LYS D 2845 19.97 -49.63 10.95
N GLY D 2846 20.87 -50.60 11.04
CA GLY D 2846 21.61 -50.83 12.26
C GLY D 2846 22.84 -49.96 12.39
N ARG D 2847 23.30 -49.81 13.63
CA ARG D 2847 24.50 -49.03 13.96
C ARG D 2847 24.37 -47.58 13.50
N ASP D 2848 23.15 -47.08 13.40
CA ASP D 2848 22.90 -45.70 13.00
C ASP D 2848 21.84 -45.09 13.89
N ASP D 2849 21.88 -43.77 14.02
CA ASP D 2849 20.95 -43.02 14.85
C ASP D 2849 19.86 -42.47 13.95
N LEU D 2850 18.66 -43.06 14.02
CA LEU D 2850 17.52 -42.62 13.23
C LEU D 2850 16.65 -41.61 13.96
N ARG D 2851 17.02 -41.20 15.18
CA ARG D 2851 16.26 -40.18 15.88
C ARG D 2851 16.29 -38.85 15.14
N GLN D 2852 17.42 -38.54 14.51
CA GLN D 2852 17.49 -37.34 13.68
C GLN D 2852 16.53 -37.45 12.50
N ASP D 2853 16.45 -38.64 11.89
CA ASP D 2853 15.53 -38.82 10.77
C ASP D 2853 14.09 -38.71 11.24
N ALA D 2854 13.79 -39.19 12.45
CA ALA D 2854 12.45 -39.05 13.00
C ALA D 2854 12.09 -37.58 13.19
N VAL D 2855 13.02 -36.78 13.71
CA VAL D 2855 12.78 -35.35 13.85
C VAL D 2855 12.59 -34.70 12.47
N MET D 2856 13.40 -35.11 11.49
CA MET D 2856 13.27 -34.58 10.14
C MET D 2856 11.90 -34.92 9.54
N GLN D 2857 11.41 -36.13 9.79
CA GLN D 2857 10.11 -36.50 9.26
C GLN D 2857 8.99 -35.78 9.99
N GLN D 2858 9.15 -35.55 11.30
CA GLN D 2858 8.13 -34.83 12.05
C GLN D 2858 8.03 -33.38 11.55
N VAL D 2859 9.17 -32.73 11.33
CA VAL D 2859 9.11 -31.36 10.80
C VAL D 2859 8.65 -31.38 9.35
N PHE D 2860 8.92 -32.45 8.60
CA PHE D 2860 8.38 -32.55 7.25
C PHE D 2860 6.86 -32.60 7.26
N GLN D 2861 6.28 -33.39 8.18
CA GLN D 2861 4.84 -33.43 8.32
C GLN D 2861 4.28 -32.10 8.79
N MET D 2862 5.00 -31.42 9.69
CA MET D 2862 4.56 -30.08 10.11
C MET D 2862 4.53 -29.12 8.94
N CYS D 2863 5.57 -29.15 8.09
CA CYS D 2863 5.61 -28.27 6.93
C CYS D 2863 4.48 -28.59 5.97
N ASN D 2864 4.22 -29.88 5.74
CA ASN D 2864 3.12 -30.26 4.84
C ASN D 2864 1.79 -29.80 5.38
N THR D 2865 1.57 -29.95 6.69
CA THR D 2865 0.31 -29.52 7.29
C THR D 2865 0.15 -28.01 7.20
N LEU D 2866 1.23 -27.27 7.46
CA LEU D 2866 1.15 -25.81 7.38
C LEU D 2866 0.89 -25.36 5.95
N LEU D 2867 1.52 -26.01 4.97
CA LEU D 2867 1.26 -25.66 3.57
C LEU D 2867 -0.18 -25.95 3.19
N GLN D 2868 -0.73 -27.07 3.67
CA GLN D 2868 -2.14 -27.37 3.40
C GLN D 2868 -3.06 -26.36 4.06
N ARG D 2869 -2.72 -25.94 5.29
CA ARG D 2869 -3.57 -24.99 6.00
C ARG D 2869 -3.64 -23.64 5.29
N ASN D 2870 -2.52 -23.15 4.79
CA ASN D 2870 -2.50 -21.85 4.12
C ASN D 2870 -3.23 -21.94 2.79
N THR D 2871 -4.11 -20.96 2.54
CA THR D 2871 -4.92 -20.97 1.33
C THR D 2871 -4.11 -20.66 0.09
N GLU D 2872 -2.99 -19.94 0.22
CA GLU D 2872 -2.17 -19.63 -0.94
C GLU D 2872 -1.47 -20.88 -1.48
N THR D 2873 -0.97 -21.73 -0.58
CA THR D 2873 -0.27 -22.95 -0.98
C THR D 2873 -1.20 -24.14 -1.14
N ARG D 2874 -2.41 -24.09 -0.55
CA ARG D 2874 -3.36 -25.19 -0.74
C ARG D 2874 -3.79 -25.29 -2.20
N LYS D 2875 -4.03 -24.15 -2.85
CA LYS D 2875 -4.38 -24.15 -4.26
C LYS D 2875 -3.23 -24.70 -5.10
N ARG D 2876 -1.99 -24.34 -4.75
CA ARG D 2876 -0.82 -24.81 -5.47
C ARG D 2876 -0.50 -26.27 -5.19
N LYS D 2877 -1.16 -26.89 -4.21
CA LYS D 2877 -0.96 -28.29 -3.86
C LYS D 2877 0.51 -28.58 -3.53
N LEU D 2878 1.09 -27.72 -2.69
CA LEU D 2878 2.48 -27.89 -2.26
C LEU D 2878 2.53 -28.91 -1.14
N THR D 2879 3.17 -30.05 -1.40
CA THR D 2879 3.26 -31.14 -0.44
C THR D 2879 4.68 -31.66 -0.38
N ILE D 2880 5.02 -32.30 0.74
CA ILE D 2880 6.33 -32.90 0.96
C ILE D 2880 6.15 -34.41 1.04
N CYS D 2881 6.89 -35.13 0.21
CA CYS D 2881 6.85 -36.59 0.24
C CYS D 2881 7.55 -37.09 1.49
N THR D 2882 6.83 -37.84 2.32
CA THR D 2882 7.34 -38.30 3.60
C THR D 2882 7.21 -39.82 3.71
N TYR D 2883 8.16 -40.42 4.41
CA TYR D 2883 8.13 -41.85 4.72
C TYR D 2883 8.29 -42.03 6.21
N LYS D 2884 7.53 -42.96 6.77
CA LYS D 2884 7.50 -43.16 8.22
C LYS D 2884 8.85 -43.67 8.73
N VAL D 2885 9.31 -43.07 9.82
CA VAL D 2885 10.53 -43.50 10.51
C VAL D 2885 10.16 -43.79 11.95
N VAL D 2886 10.44 -45.01 12.41
CA VAL D 2886 10.11 -45.46 13.75
C VAL D 2886 11.40 -45.84 14.46
N PRO D 2887 11.99 -44.92 15.22
CA PRO D 2887 13.17 -45.28 16.01
C PRO D 2887 12.88 -46.37 17.02
N LEU D 2888 13.85 -47.25 17.22
CA LEU D 2888 13.72 -48.35 18.16
C LEU D 2888 14.74 -48.32 19.30
N SER D 2889 15.87 -47.63 19.11
CA SER D 2889 16.89 -47.53 20.14
C SER D 2889 17.78 -46.34 19.81
N GLN D 2890 18.75 -46.08 20.69
CA GLN D 2890 19.68 -44.97 20.44
C GLN D 2890 20.56 -45.24 19.23
N ARG D 2891 21.02 -46.48 19.06
CA ARG D 2891 21.96 -46.84 18.01
C ARG D 2891 21.32 -47.67 16.89
N SER D 2892 20.00 -47.81 16.89
CA SER D 2892 19.34 -48.62 15.87
C SER D 2892 17.89 -48.18 15.75
N GLY D 2893 17.26 -48.60 14.65
CA GLY D 2893 15.87 -48.28 14.41
C GLY D 2893 15.41 -48.88 13.10
N VAL D 2894 14.17 -48.55 12.73
CA VAL D 2894 13.57 -49.03 11.50
C VAL D 2894 12.90 -47.84 10.80
N LEU D 2895 12.77 -47.97 9.47
CA LEU D 2895 12.15 -46.92 8.68
C LEU D 2895 11.40 -47.57 7.52
N GLU D 2896 10.46 -46.82 6.96
CA GLU D 2896 9.63 -47.31 5.87
C GLU D 2896 10.36 -47.20 4.54
N TRP D 2897 10.34 -48.28 3.76
CA TRP D 2897 10.94 -48.28 2.44
C TRP D 2897 9.99 -47.65 1.42
N CYS D 2898 10.55 -46.86 0.52
CA CYS D 2898 9.76 -46.17 -0.51
C CYS D 2898 9.69 -47.04 -1.75
N THR D 2899 8.46 -47.32 -2.19
CA THR D 2899 8.21 -48.15 -3.37
C THR D 2899 7.73 -47.30 -4.53
N GLY D 2900 7.90 -47.84 -5.74
CA GLY D 2900 7.49 -47.13 -6.92
C GLY D 2900 8.36 -45.95 -7.31
N THR D 2901 9.61 -45.95 -6.86
CA THR D 2901 10.54 -44.86 -7.13
C THR D 2901 11.82 -45.41 -7.72
N VAL D 2902 12.47 -44.59 -8.55
CA VAL D 2902 13.72 -44.98 -9.21
C VAL D 2902 14.78 -43.94 -8.88
N PRO D 2903 16.02 -44.34 -8.58
CA PRO D 2903 17.07 -43.36 -8.29
C PRO D 2903 17.35 -42.46 -9.48
N ILE D 2904 17.69 -41.20 -9.17
CA ILE D 2904 18.02 -40.24 -10.21
C ILE D 2904 19.28 -40.65 -10.95
N GLY D 2905 20.32 -41.06 -10.20
CA GLY D 2905 21.56 -41.46 -10.85
C GLY D 2905 21.40 -42.70 -11.70
N GLU D 2906 20.60 -43.66 -11.24
CA GLU D 2906 20.37 -44.89 -12.00
C GLU D 2906 19.64 -44.61 -13.31
N PHE D 2907 18.96 -43.47 -13.40
CA PHE D 2907 18.25 -43.10 -14.61
C PHE D 2907 19.07 -42.21 -15.52
N LEU D 2908 19.95 -41.37 -14.96
CA LEU D 2908 20.69 -40.41 -15.75
C LEU D 2908 22.09 -40.88 -16.14
N VAL D 2909 22.88 -41.41 -15.19
CA VAL D 2909 24.27 -41.72 -15.46
C VAL D 2909 24.51 -43.22 -15.36
N ASN D 2910 23.50 -44.01 -15.70
CA ASN D 2910 23.66 -45.46 -15.73
C ASN D 2910 24.66 -45.84 -16.82
N ASN D 2911 25.55 -46.78 -16.48
CA ASN D 2911 26.58 -47.20 -17.43
C ASN D 2911 25.96 -47.92 -18.63
N GLU D 2912 24.94 -48.74 -18.41
CA GLU D 2912 24.37 -49.53 -19.49
C GLU D 2912 23.38 -48.74 -20.32
N ASP D 2913 22.31 -48.25 -19.69
CA ASP D 2913 21.23 -47.57 -20.39
C ASP D 2913 20.95 -46.21 -19.76
N GLY D 2914 22.00 -45.44 -19.52
CA GLY D 2914 21.83 -44.11 -18.97
C GLY D 2914 21.22 -43.15 -19.97
N ALA D 2915 20.52 -42.14 -19.45
CA ALA D 2915 19.90 -41.15 -20.32
C ALA D 2915 20.95 -40.33 -21.07
N HIS D 2916 22.05 -39.98 -20.38
CA HIS D 2916 23.10 -39.21 -21.03
C HIS D 2916 23.73 -40.00 -22.17
N LYS D 2917 24.00 -41.28 -21.94
CA LYS D 2917 24.59 -42.11 -22.99
C LYS D 2917 23.60 -42.31 -24.14
N ARG D 2918 22.33 -42.53 -23.82
CA ARG D 2918 21.34 -42.79 -24.85
C ARG D 2918 21.11 -41.57 -25.74
N TYR D 2919 21.08 -40.37 -25.15
CA TYR D 2919 20.73 -39.19 -25.92
C TYR D 2919 21.93 -38.46 -26.52
N ARG D 2920 23.07 -38.43 -25.81
CA ARG D 2920 24.26 -37.70 -26.26
C ARG D 2920 25.46 -38.62 -26.23
N PRO D 2921 25.57 -39.53 -27.20
CA PRO D 2921 26.75 -40.41 -27.26
C PRO D 2921 28.05 -39.65 -27.45
N ASN D 2922 28.03 -38.53 -28.17
CA ASN D 2922 29.25 -37.77 -28.44
C ASN D 2922 29.80 -37.07 -27.21
N ASP D 2923 28.96 -36.81 -26.21
CA ASP D 2923 29.43 -36.11 -25.02
C ASP D 2923 30.30 -37.04 -24.17
N PHE D 2924 31.00 -36.44 -23.22
CA PHE D 2924 31.86 -37.22 -22.32
C PHE D 2924 31.03 -38.16 -21.46
N SER D 2925 31.54 -39.37 -21.27
CA SER D 2925 30.85 -40.36 -20.47
C SER D 2925 31.01 -40.07 -18.98
N ALA D 2926 30.18 -40.75 -18.18
CA ALA D 2926 30.24 -40.59 -16.73
C ALA D 2926 31.58 -41.07 -16.20
N PHE D 2927 32.11 -42.15 -16.77
CA PHE D 2927 33.42 -42.64 -16.35
C PHE D 2927 34.50 -41.60 -16.65
N GLN D 2928 34.41 -40.95 -17.81
CA GLN D 2928 35.40 -39.92 -18.15
C GLN D 2928 35.31 -38.75 -17.19
N CYS D 2929 34.08 -38.32 -16.84
CA CYS D 2929 33.93 -37.22 -15.89
C CYS D 2929 34.46 -37.61 -14.51
N GLN D 2930 34.22 -38.86 -14.08
CA GLN D 2930 34.75 -39.31 -12.80
C GLN D 2930 36.27 -39.34 -12.82
N LYS D 2931 36.86 -39.79 -13.94
CA LYS D 2931 38.32 -39.83 -14.03
C LYS D 2931 38.91 -38.44 -13.97
N LYS D 2932 38.28 -37.48 -14.66
CA LYS D 2932 38.78 -36.11 -14.62
C LYS D 2932 38.66 -35.53 -13.21
N MET D 2933 37.55 -35.81 -12.52
CA MET D 2933 37.38 -35.28 -11.18
C MET D 2933 38.38 -35.92 -10.22
N MET D 2934 38.68 -37.20 -10.41
CA MET D 2934 39.69 -37.85 -9.57
C MET D 2934 41.05 -37.23 -9.81
N GLU D 2935 41.36 -36.93 -11.08
CA GLU D 2935 42.68 -36.40 -11.42
C GLU D 2935 42.82 -34.91 -11.12
N VAL D 2936 41.74 -34.22 -10.78
CA VAL D 2936 41.82 -32.78 -10.53
C VAL D 2936 41.68 -32.43 -9.04
N GLN D 2937 41.21 -33.35 -8.20
CA GLN D 2937 41.05 -33.04 -6.78
C GLN D 2937 42.36 -32.68 -6.11
N LYS D 2938 43.50 -33.09 -6.68
CA LYS D 2938 44.80 -32.72 -6.14
C LYS D 2938 45.35 -31.44 -6.75
N LYS D 2939 44.58 -30.79 -7.63
CA LYS D 2939 45.02 -29.55 -8.26
C LYS D 2939 44.50 -28.36 -7.44
N SER D 2940 44.68 -27.16 -7.97
CA SER D 2940 44.29 -25.95 -7.25
C SER D 2940 42.90 -25.48 -7.70
N PHE D 2941 42.53 -24.29 -7.22
CA PHE D 2941 41.20 -23.73 -7.52
C PHE D 2941 41.06 -23.43 -9.00
N GLU D 2942 42.09 -22.86 -9.62
CA GLU D 2942 41.97 -22.48 -11.03
C GLU D 2942 41.80 -23.71 -11.91
N GLU D 2943 42.58 -24.75 -11.65
CA GLU D 2943 42.46 -25.97 -12.44
C GLU D 2943 41.11 -26.64 -12.20
N LYS D 2944 40.64 -26.63 -10.95
CA LYS D 2944 39.35 -27.26 -10.67
C LYS D 2944 38.23 -26.53 -11.39
N TYR D 2945 38.27 -25.19 -11.38
CA TYR D 2945 37.23 -24.41 -12.06
C TYR D 2945 37.29 -24.62 -13.56
N GLU D 2946 38.50 -24.66 -14.13
CA GLU D 2946 38.64 -24.82 -15.58
C GLU D 2946 38.13 -26.19 -16.01
N VAL D 2947 38.49 -27.25 -15.27
CA VAL D 2947 38.04 -28.58 -15.67
C VAL D 2947 36.53 -28.71 -15.46
N PHE D 2948 35.99 -28.08 -14.42
CA PHE D 2948 34.55 -28.14 -14.20
C PHE D 2948 33.80 -27.44 -15.32
N MET D 2949 34.29 -26.27 -15.75
CA MET D 2949 33.66 -25.56 -16.84
C MET D 2949 33.76 -26.34 -18.15
N ASP D 2950 34.90 -26.98 -18.40
CA ASP D 2950 35.04 -27.79 -19.61
C ASP D 2950 34.09 -28.99 -19.57
N VAL D 2951 33.97 -29.63 -18.41
CA VAL D 2951 33.08 -30.78 -18.27
C VAL D 2951 31.64 -30.35 -18.51
N CYS D 2952 31.23 -29.23 -17.92
CA CYS D 2952 29.87 -28.74 -18.15
C CYS D 2952 29.67 -28.33 -19.61
N GLN D 2953 30.75 -27.88 -20.27
CA GLN D 2953 30.66 -27.55 -21.68
C GLN D 2953 30.39 -28.78 -22.53
N ASN D 2954 31.04 -29.90 -22.19
CA ASN D 2954 30.88 -31.14 -22.93
C ASN D 2954 29.94 -32.13 -22.24
N PHE D 2955 28.97 -31.63 -21.47
CA PHE D 2955 28.01 -32.49 -20.79
C PHE D 2955 26.69 -31.72 -20.70
N GLN D 2956 25.77 -31.99 -21.65
CA GLN D 2956 24.55 -31.21 -21.60
C GLN D 2956 23.46 -31.94 -20.82
N PRO D 2957 22.60 -31.19 -20.14
CA PRO D 2957 21.51 -31.81 -19.37
C PRO D 2957 20.60 -32.64 -20.27
N VAL D 2958 20.11 -33.74 -19.71
CA VAL D 2958 19.26 -34.68 -20.46
C VAL D 2958 18.02 -35.02 -19.65
N PHE D 2959 17.98 -34.56 -18.40
CA PHE D 2959 16.91 -34.94 -17.49
C PHE D 2959 15.54 -34.43 -17.94
N ARG D 2960 15.50 -33.47 -18.86
CA ARG D 2960 14.23 -32.93 -19.34
C ARG D 2960 13.39 -33.94 -20.10
N TYR D 2961 13.96 -35.08 -20.50
CA TYR D 2961 13.25 -36.08 -21.28
C TYR D 2961 12.56 -37.14 -20.41
N PHE D 2962 12.64 -37.03 -19.09
CA PHE D 2962 12.01 -38.03 -18.23
C PHE D 2962 10.49 -38.04 -18.42
N CYS D 2963 9.87 -36.87 -18.35
CA CYS D 2963 8.43 -36.80 -18.56
C CYS D 2963 8.06 -36.92 -20.02
N MET D 2964 9.02 -36.67 -20.92
CA MET D 2964 8.75 -36.79 -22.35
C MET D 2964 8.65 -38.26 -22.72
N GLU D 2965 9.54 -39.09 -22.17
CA GLU D 2965 9.56 -40.52 -22.48
C GLU D 2965 8.67 -41.33 -21.56
N LYS D 2966 8.11 -40.72 -20.50
CA LYS D 2966 7.22 -41.46 -19.61
C LYS D 2966 5.77 -41.00 -19.67
N PHE D 2967 5.49 -39.83 -20.25
CA PHE D 2967 4.10 -39.32 -20.32
C PHE D 2967 3.89 -38.75 -21.72
N LEU D 2968 3.37 -39.59 -22.62
CA LEU D 2968 3.17 -39.17 -24.00
C LEU D 2968 2.02 -38.18 -24.13
N ASP D 2969 1.03 -38.27 -23.24
CA ASP D 2969 -0.10 -37.35 -23.29
C ASP D 2969 0.36 -35.97 -22.83
N PRO D 2970 0.17 -34.92 -23.62
CA PRO D 2970 0.64 -33.59 -23.18
C PRO D 2970 0.05 -33.10 -21.87
N ALA D 2971 -1.23 -33.39 -21.60
CA ALA D 2971 -1.84 -32.94 -20.36
C ALA D 2971 -1.19 -33.61 -19.16
N ILE D 2972 -0.97 -34.93 -19.23
CA ILE D 2972 -0.33 -35.61 -18.12
C ILE D 2972 1.13 -35.19 -18.03
N TRP D 2973 1.76 -34.91 -19.18
CA TRP D 2973 3.15 -34.52 -19.18
C TRP D 2973 3.33 -33.20 -18.44
N PHE D 2974 2.45 -32.24 -18.71
CA PHE D 2974 2.57 -30.96 -18.02
C PHE D 2974 2.16 -31.07 -16.56
N GLU D 2975 1.15 -31.90 -16.25
CA GLU D 2975 0.76 -32.06 -14.86
C GLU D 2975 1.91 -32.65 -14.04
N LYS D 2976 2.59 -33.67 -14.58
CA LYS D 2976 3.73 -34.26 -13.89
C LYS D 2976 4.90 -33.30 -13.81
N ARG D 2977 5.14 -32.52 -14.86
CA ARG D 2977 6.22 -31.54 -14.81
C ARG D 2977 5.96 -30.47 -13.76
N LEU D 2978 4.71 -29.97 -13.68
CA LEU D 2978 4.37 -28.98 -12.66
C LEU D 2978 4.49 -29.55 -11.26
N ALA D 2979 4.05 -30.80 -11.07
CA ALA D 2979 4.22 -31.44 -9.77
C ALA D 2979 5.69 -31.61 -9.43
N TYR D 2980 6.52 -31.96 -10.42
CA TYR D 2980 7.95 -32.09 -10.19
C TYR D 2980 8.57 -30.77 -9.78
N THR D 2981 8.20 -29.68 -10.47
CA THR D 2981 8.75 -28.37 -10.14
C THR D 2981 8.34 -27.93 -8.74
N ARG D 2982 7.06 -28.14 -8.39
CA ARG D 2982 6.61 -27.72 -7.07
C ARG D 2982 7.26 -28.57 -5.98
N SER D 2983 7.43 -29.87 -6.22
CA SER D 2983 8.09 -30.73 -5.24
C SER D 2983 9.54 -30.32 -5.08
N VAL D 2984 10.20 -29.97 -6.18
CA VAL D 2984 11.61 -29.56 -6.11
C VAL D 2984 11.73 -28.28 -5.30
N ALA D 2985 10.84 -27.32 -5.55
CA ALA D 2985 10.94 -26.03 -4.85
C ALA D 2985 10.69 -26.21 -3.35
N THR D 2986 9.64 -26.96 -3.00
CA THR D 2986 9.32 -27.15 -1.59
C THR D 2986 10.42 -27.94 -0.88
N SER D 2987 10.91 -29.00 -1.53
CA SER D 2987 11.95 -29.82 -0.92
C SER D 2987 13.24 -29.03 -0.75
N SER D 2988 13.60 -28.22 -1.75
CA SER D 2988 14.82 -27.43 -1.65
C SER D 2988 14.71 -26.40 -0.53
N ILE D 2989 13.55 -25.75 -0.40
CA ILE D 2989 13.39 -24.73 0.64
C ILE D 2989 13.48 -25.37 2.02
N VAL D 2990 12.78 -26.49 2.21
CA VAL D 2990 12.82 -27.14 3.53
C VAL D 2990 14.20 -27.70 3.81
N GLY D 2991 14.88 -28.23 2.78
CA GLY D 2991 16.23 -28.73 2.98
C GLY D 2991 17.20 -27.62 3.37
N TYR D 2992 17.05 -26.45 2.76
CA TYR D 2992 17.90 -25.32 3.13
C TYR D 2992 17.63 -24.89 4.56
N ILE D 2993 16.36 -24.85 4.95
CA ILE D 2993 16.03 -24.46 6.32
C ILE D 2993 16.60 -25.44 7.33
N LEU D 2994 16.50 -26.74 7.04
CA LEU D 2994 17.00 -27.78 7.93
C LEU D 2994 18.49 -28.07 7.75
N GLY D 2995 19.16 -27.40 6.81
CA GLY D 2995 20.58 -27.60 6.60
C GLY D 2995 20.95 -28.97 6.08
N LEU D 2996 20.16 -29.52 5.16
CA LEU D 2996 20.41 -30.83 4.59
C LEU D 2996 21.51 -30.73 3.53
N GLY D 2997 22.57 -31.53 3.69
CA GLY D 2997 23.73 -31.40 2.83
C GLY D 2997 24.03 -32.60 1.95
N ASP D 2998 23.73 -33.81 2.42
CA ASP D 2998 24.00 -35.03 1.66
C ASP D 2998 22.92 -35.21 0.61
N ARG D 2999 23.13 -34.63 -0.57
CA ARG D 2999 22.12 -34.59 -1.62
C ARG D 2999 22.70 -35.02 -2.96
N HIS D 3000 23.43 -36.13 -2.98
CA HIS D 3000 23.96 -36.65 -4.23
C HIS D 3000 22.85 -37.42 -4.95
N VAL D 3001 23.20 -38.06 -6.07
CA VAL D 3001 22.18 -38.66 -6.94
C VAL D 3001 21.49 -39.84 -6.25
N GLN D 3002 22.19 -40.54 -5.36
CA GLN D 3002 21.62 -41.74 -4.74
C GLN D 3002 20.71 -41.43 -3.57
N ASN D 3003 20.70 -40.20 -3.05
CA ASN D 3003 19.84 -39.83 -1.94
C ASN D 3003 18.51 -39.24 -2.39
N ILE D 3004 18.27 -39.12 -3.69
CA ILE D 3004 17.05 -38.54 -4.21
C ILE D 3004 16.34 -39.59 -5.05
N LEU D 3005 15.07 -39.83 -4.76
CA LEU D 3005 14.25 -40.80 -5.48
C LEU D 3005 13.09 -40.07 -6.15
N ILE D 3006 12.86 -40.38 -7.42
CA ILE D 3006 11.77 -39.79 -8.20
C ILE D 3006 10.72 -40.87 -8.44
N ASN D 3007 9.45 -40.50 -8.24
CA ASN D 3007 8.35 -41.42 -8.44
C ASN D 3007 8.09 -41.63 -9.93
N GLU D 3008 7.77 -42.87 -10.30
CA GLU D 3008 7.48 -43.19 -11.69
C GLU D 3008 6.06 -42.86 -12.08
N GLN D 3009 5.20 -42.50 -11.12
CA GLN D 3009 3.81 -42.15 -11.40
C GLN D 3009 3.48 -40.69 -11.13
N SER D 3010 3.98 -40.13 -10.03
CA SER D 3010 3.73 -38.74 -9.68
C SER D 3010 4.88 -37.81 -10.04
N ALA D 3011 6.05 -38.35 -10.36
CA ALA D 3011 7.23 -37.57 -10.76
C ALA D 3011 7.59 -36.53 -9.70
N GLU D 3012 7.51 -36.93 -8.43
CA GLU D 3012 7.87 -36.07 -7.31
C GLU D 3012 9.11 -36.62 -6.63
N LEU D 3013 10.11 -35.76 -6.43
CA LEU D 3013 11.35 -36.17 -5.78
C LEU D 3013 11.10 -36.48 -4.32
N VAL D 3014 11.71 -37.55 -3.83
CA VAL D 3014 11.60 -37.99 -2.44
C VAL D 3014 13.00 -38.02 -1.84
N HIS D 3015 13.15 -37.38 -0.69
CA HIS D 3015 14.41 -37.38 0.04
C HIS D 3015 14.41 -38.53 1.05
N ILE D 3016 15.34 -39.46 0.90
CA ILE D 3016 15.31 -40.72 1.62
C ILE D 3016 16.45 -40.82 2.63
N ASP D 3017 17.62 -40.27 2.32
CA ASP D 3017 18.79 -40.50 3.17
C ASP D 3017 18.66 -39.75 4.50
N LEU D 3018 18.64 -38.42 4.42
CA LEU D 3018 18.56 -37.56 5.61
C LEU D 3018 19.64 -37.88 6.64
N GLY D 3019 20.73 -38.52 6.20
CA GLY D 3019 21.73 -39.00 7.15
C GLY D 3019 22.42 -37.87 7.90
N VAL D 3020 22.84 -36.84 7.17
CA VAL D 3020 23.49 -35.68 7.76
C VAL D 3020 22.70 -34.44 7.39
N ALA D 3021 22.52 -33.55 8.36
CA ALA D 3021 21.76 -32.32 8.17
C ALA D 3021 22.22 -31.33 9.22
N PHE D 3022 21.45 -30.25 9.39
CA PHE D 3022 21.73 -29.22 10.40
C PHE D 3022 23.11 -28.61 10.19
N GLU D 3023 23.45 -28.34 8.93
CA GLU D 3023 24.75 -27.77 8.54
C GLU D 3023 25.91 -28.66 9.02
N GLN D 3024 25.91 -29.90 8.52
CA GLN D 3024 26.98 -30.83 8.82
C GLN D 3024 27.96 -30.99 7.65
N GLY D 3025 27.56 -30.61 6.44
CA GLY D 3025 28.45 -30.75 5.29
C GLY D 3025 29.71 -29.92 5.42
N LYS D 3026 29.64 -28.79 6.12
CA LYS D 3026 30.84 -28.00 6.37
C LYS D 3026 31.85 -28.75 7.22
N ILE D 3027 31.37 -29.61 8.12
CA ILE D 3027 32.27 -30.41 8.94
C ILE D 3027 33.02 -31.43 8.08
N LEU D 3028 32.43 -31.86 6.98
CA LEU D 3028 33.08 -32.83 6.11
C LEU D 3028 34.37 -32.24 5.52
N PRO D 3029 35.34 -33.08 5.18
CA PRO D 3029 36.58 -32.56 4.60
C PRO D 3029 36.36 -31.75 3.34
N THR D 3030 35.35 -32.09 2.53
CA THR D 3030 34.98 -31.27 1.39
C THR D 3030 33.73 -30.48 1.76
N PRO D 3031 33.82 -29.18 1.98
CA PRO D 3031 32.65 -28.42 2.43
C PRO D 3031 31.55 -28.40 1.37
N GLU D 3032 30.31 -28.34 1.86
CA GLU D 3032 29.13 -28.21 1.00
C GLU D 3032 28.84 -26.73 0.82
N THR D 3033 29.06 -26.22 -0.38
CA THR D 3033 28.94 -24.79 -0.67
C THR D 3033 27.56 -24.40 -1.18
N VAL D 3034 26.62 -25.34 -1.26
CA VAL D 3034 25.28 -25.05 -1.75
C VAL D 3034 24.26 -25.41 -0.67
N PRO D 3035 23.12 -24.72 -0.61
CA PRO D 3035 22.08 -25.08 0.37
C PRO D 3035 21.24 -26.27 -0.06
N PHE D 3036 21.08 -26.43 -1.38
CA PHE D 3036 20.28 -27.51 -1.93
C PHE D 3036 20.77 -27.81 -3.34
N ARG D 3037 20.37 -28.97 -3.85
CA ARG D 3037 20.79 -29.42 -5.17
C ARG D 3037 19.93 -28.75 -6.23
N LEU D 3038 20.54 -27.87 -7.03
CA LEU D 3038 19.89 -27.17 -8.13
C LEU D 3038 20.76 -27.24 -9.37
N THR D 3039 21.23 -28.45 -9.68
CA THR D 3039 22.17 -28.65 -10.77
C THR D 3039 21.49 -28.43 -12.12
N ARG D 3040 22.28 -28.60 -13.19
CA ARG D 3040 21.77 -28.34 -14.54
C ARG D 3040 20.65 -29.30 -14.91
N ASP D 3041 20.76 -30.57 -14.52
CA ASP D 3041 19.70 -31.52 -14.83
C ASP D 3041 18.39 -31.13 -14.15
N ILE D 3042 18.48 -30.72 -12.88
CA ILE D 3042 17.29 -30.31 -12.15
C ILE D 3042 16.68 -29.07 -12.78
N VAL D 3043 17.51 -28.10 -13.16
CA VAL D 3043 16.97 -26.87 -13.76
C VAL D 3043 16.35 -27.17 -15.11
N ASP D 3044 17.01 -28.01 -15.92
CA ASP D 3044 16.52 -28.32 -17.25
C ASP D 3044 15.19 -29.07 -17.18
N GLY D 3045 15.05 -29.99 -16.22
CA GLY D 3045 13.81 -30.73 -16.12
C GLY D 3045 12.63 -29.92 -15.66
N MET D 3046 12.84 -28.66 -15.26
CA MET D 3046 11.76 -27.80 -14.82
C MET D 3046 11.04 -27.09 -15.97
N GLY D 3047 11.56 -27.20 -17.19
CA GLY D 3047 10.96 -26.56 -18.34
C GLY D 3047 11.88 -25.52 -18.94
N ILE D 3048 11.38 -24.88 -20.00
CA ILE D 3048 12.16 -23.84 -20.69
C ILE D 3048 12.32 -22.62 -19.80
N THR D 3049 11.28 -22.28 -19.03
CA THR D 3049 11.34 -21.10 -18.16
C THR D 3049 12.40 -21.26 -17.07
N GLY D 3050 12.66 -22.50 -16.63
CA GLY D 3050 13.67 -22.72 -15.63
C GLY D 3050 13.23 -22.25 -14.25
N VAL D 3051 14.22 -21.79 -13.47
CA VAL D 3051 13.95 -21.36 -12.09
C VAL D 3051 13.14 -20.07 -12.04
N GLU D 3052 13.13 -19.29 -13.12
CA GLU D 3052 12.43 -18.01 -13.12
C GLU D 3052 10.91 -18.16 -13.12
N GLY D 3053 10.39 -19.36 -13.35
CA GLY D 3053 8.96 -19.56 -13.44
C GLY D 3053 8.32 -20.04 -12.16
N VAL D 3054 7.87 -21.30 -12.16
CA VAL D 3054 7.16 -21.86 -11.02
C VAL D 3054 8.07 -21.98 -9.80
N PHE D 3055 9.35 -22.28 -10.02
CA PHE D 3055 10.27 -22.57 -8.92
C PHE D 3055 10.40 -21.38 -7.98
N ARG D 3056 10.60 -20.18 -8.54
CA ARG D 3056 10.82 -19.00 -7.71
C ARG D 3056 9.58 -18.65 -6.91
N ARG D 3057 8.41 -18.71 -7.55
CA ARG D 3057 7.18 -18.36 -6.84
C ARG D 3057 6.86 -19.37 -5.75
N CYS D 3058 7.07 -20.66 -6.04
CA CYS D 3058 6.81 -21.68 -5.03
C CYS D 3058 7.79 -21.54 -3.87
N CYS D 3059 9.05 -21.22 -4.16
CA CYS D 3059 10.03 -21.00 -3.10
C CYS D 3059 9.63 -19.81 -2.23
N GLU D 3060 9.16 -18.73 -2.86
CA GLU D 3060 8.72 -17.57 -2.09
C GLU D 3060 7.52 -17.91 -1.20
N LYS D 3061 6.56 -18.67 -1.74
CA LYS D 3061 5.39 -19.04 -0.95
C LYS D 3061 5.79 -19.94 0.22
N THR D 3062 6.69 -20.90 -0.01
CA THR D 3062 7.14 -21.77 1.07
C THR D 3062 7.90 -20.98 2.13
N MET D 3063 8.74 -20.03 1.70
CA MET D 3063 9.46 -19.21 2.66
C MET D 3063 8.50 -18.38 3.50
N GLU D 3064 7.46 -17.83 2.86
CA GLU D 3064 6.48 -17.05 3.61
C GLU D 3064 5.74 -17.92 4.61
N VAL D 3065 5.37 -19.14 4.21
CA VAL D 3065 4.66 -20.04 5.13
C VAL D 3065 5.55 -20.42 6.30
N MET D 3066 6.82 -20.73 6.04
CA MET D 3066 7.74 -21.07 7.12
C MET D 3066 7.96 -19.89 8.04
N ARG D 3067 8.08 -18.68 7.48
CA ARG D 3067 8.31 -17.49 8.28
C ARG D 3067 7.09 -17.11 9.10
N ASN D 3068 5.90 -17.53 8.68
CA ASN D 3068 4.69 -17.22 9.42
C ASN D 3068 4.39 -18.20 10.56
N SER D 3069 5.16 -19.27 10.68
CA SER D 3069 4.95 -20.29 11.71
C SER D 3069 6.28 -20.64 12.38
N GLN D 3070 7.05 -19.62 12.72
CA GLN D 3070 8.34 -19.84 13.36
C GLN D 3070 8.17 -20.48 14.74
N GLU D 3071 7.11 -20.11 15.46
CA GLU D 3071 6.89 -20.69 16.79
C GLU D 3071 6.65 -22.18 16.68
N THR D 3072 5.84 -22.61 15.72
CA THR D 3072 5.58 -24.04 15.53
C THR D 3072 6.84 -24.77 15.08
N LEU D 3073 7.60 -24.18 14.15
CA LEU D 3073 8.82 -24.85 13.69
C LEU D 3073 9.82 -24.99 14.83
N LEU D 3074 10.01 -23.93 15.62
CA LEU D 3074 10.93 -24.01 16.74
C LEU D 3074 10.46 -25.03 17.76
N THR D 3075 9.14 -25.08 18.01
CA THR D 3075 8.61 -26.05 18.97
C THR D 3075 8.89 -27.47 18.52
N ILE D 3076 8.74 -27.73 17.21
CA ILE D 3076 9.06 -29.05 16.69
C ILE D 3076 10.56 -29.34 16.85
N VAL D 3077 11.41 -28.37 16.51
CA VAL D 3077 12.85 -28.59 16.61
C VAL D 3077 13.33 -28.57 18.06
N GLU D 3078 12.60 -27.88 18.95
CA GLU D 3078 13.01 -27.80 20.37
C GLU D 3078 12.89 -29.13 21.12
N VAL D 3079 12.57 -30.25 20.47
CA VAL D 3079 12.60 -31.54 21.15
C VAL D 3079 13.98 -31.88 21.67
N LEU D 3080 15.03 -31.29 21.09
CA LEU D 3080 16.40 -31.50 21.56
C LEU D 3080 16.59 -30.74 22.89
N LEU D 3081 17.84 -30.73 23.37
CA LEU D 3081 18.25 -30.17 24.65
C LEU D 3081 17.70 -30.92 25.85
N TYR D 3082 16.94 -31.98 25.64
CA TYR D 3082 16.45 -32.81 26.74
C TYR D 3082 16.82 -34.27 26.57
N ASP D 3083 16.83 -34.79 25.33
CA ASP D 3083 17.28 -36.14 25.03
C ASP D 3083 18.26 -36.06 23.86
N PRO D 3084 19.50 -35.63 24.12
CA PRO D 3084 20.48 -35.52 23.03
C PRO D 3084 20.72 -36.87 22.37
N LEU D 3085 20.90 -36.84 21.06
CA LEU D 3085 21.07 -38.06 20.28
C LEU D 3085 22.54 -38.50 20.29
N PHE D 3086 22.81 -39.62 19.65
CA PHE D 3086 24.16 -40.17 19.59
C PHE D 3086 25.03 -39.30 18.68
N ASP D 3087 26.35 -39.52 18.78
CA ASP D 3087 27.42 -38.79 18.10
C ASP D 3087 27.69 -37.44 18.74
N TRP D 3088 26.89 -37.02 19.73
CA TRP D 3088 27.12 -35.79 20.47
C TRP D 3088 27.33 -36.13 21.95
N THR D 3089 27.43 -35.09 22.77
CA THR D 3089 27.56 -35.14 24.23
C THR D 3089 28.44 -36.32 24.69
N MET D 3090 29.68 -36.32 24.19
CA MET D 3090 30.65 -37.31 24.63
C MET D 3090 31.98 -36.64 24.97
N ASN D 3091 33.01 -37.45 25.21
CA ASN D 3091 34.35 -36.98 25.58
C ASN D 3091 34.31 -36.12 26.83
N PRO D 3092 34.04 -36.70 28.02
CA PRO D 3092 33.96 -35.94 29.27
C PRO D 3092 35.26 -35.20 29.59
N PHE D 3130 20.48 -27.88 27.36
CA PHE D 3130 21.42 -26.80 27.03
C PHE D 3130 22.68 -27.35 26.37
N ASN D 3131 22.49 -28.31 25.46
CA ASN D 3131 23.62 -28.90 24.76
C ASN D 3131 24.31 -27.87 23.86
N LYS D 3132 25.61 -28.05 23.68
CA LYS D 3132 26.42 -27.08 22.94
C LYS D 3132 25.96 -26.96 21.49
N VAL D 3133 26.06 -28.06 20.74
CA VAL D 3133 25.74 -28.00 19.31
C VAL D 3133 24.24 -28.01 19.08
N ALA D 3134 23.44 -28.54 20.02
CA ALA D 3134 22.00 -28.47 19.85
C ALA D 3134 21.52 -27.03 20.01
N GLU D 3135 22.18 -26.25 20.87
CA GLU D 3135 21.84 -24.85 20.95
C GLU D 3135 22.39 -24.10 19.75
N ARG D 3136 23.55 -24.53 19.23
CA ARG D 3136 24.09 -23.85 18.06
C ARG D 3136 23.15 -24.05 16.86
N VAL D 3137 22.65 -25.28 16.68
CA VAL D 3137 21.77 -25.54 15.55
C VAL D 3137 20.43 -24.83 15.74
N LEU D 3138 19.93 -24.75 16.98
CA LEU D 3138 18.70 -23.99 17.19
C LEU D 3138 18.90 -22.52 16.86
N MET D 3139 20.05 -21.96 17.24
CA MET D 3139 20.36 -20.57 16.88
C MET D 3139 20.43 -20.39 15.37
N ARG D 3140 21.07 -21.32 14.67
CA ARG D 3140 21.18 -21.20 13.22
C ARG D 3140 19.82 -21.34 12.55
N LEU D 3141 18.99 -22.27 13.02
CA LEU D 3141 17.67 -22.45 12.44
C LEU D 3141 16.81 -21.22 12.68
N GLN D 3142 16.91 -20.62 13.88
CA GLN D 3142 16.15 -19.41 14.16
C GLN D 3142 16.61 -18.27 13.27
N GLU D 3143 17.92 -18.16 13.04
CA GLU D 3143 18.43 -17.11 12.17
C GLU D 3143 17.93 -17.30 10.74
N LYS D 3144 17.92 -18.55 10.26
CA LYS D 3144 17.42 -18.82 8.92
C LYS D 3144 15.93 -18.50 8.81
N LEU D 3145 15.15 -18.87 9.82
CA LEU D 3145 13.71 -18.62 9.78
C LEU D 3145 13.40 -17.13 9.82
N LYS D 3146 14.10 -16.38 10.68
CA LYS D 3146 13.86 -14.95 10.78
C LYS D 3146 14.46 -14.17 9.62
N GLY D 3147 15.40 -14.75 8.89
CA GLY D 3147 16.06 -14.02 7.82
C GLY D 3147 16.87 -12.85 8.30
N VAL D 3148 17.57 -13.00 9.42
CA VAL D 3148 18.35 -11.93 10.02
C VAL D 3148 19.84 -12.14 9.80
N GLU D 3149 20.31 -13.38 9.90
CA GLU D 3149 21.72 -13.73 9.72
C GLU D 3149 22.55 -12.88 10.67
N GLU D 3150 23.53 -12.13 10.20
CA GLU D 3150 24.32 -11.25 11.07
C GLU D 3150 23.75 -9.83 11.11
N GLY D 3151 22.45 -9.74 11.43
CA GLY D 3151 21.79 -8.46 11.59
C GLY D 3151 21.19 -7.86 10.33
N THR D 3152 21.38 -8.49 9.17
CA THR D 3152 20.87 -7.96 7.91
C THR D 3152 19.50 -8.57 7.60
N VAL D 3153 18.49 -7.73 7.46
CA VAL D 3153 17.14 -8.20 7.18
C VAL D 3153 17.02 -8.48 5.68
N LEU D 3154 16.51 -9.65 5.35
CA LEU D 3154 16.33 -10.07 3.96
C LEU D 3154 14.89 -10.49 3.74
N SER D 3155 14.28 -9.97 2.67
CA SER D 3155 12.92 -10.35 2.34
C SER D 3155 12.90 -11.77 1.77
N VAL D 3156 11.70 -12.32 1.62
CA VAL D 3156 11.58 -13.68 1.08
C VAL D 3156 12.06 -13.73 -0.36
N GLY D 3157 11.78 -12.69 -1.14
CA GLY D 3157 12.28 -12.65 -2.51
C GLY D 3157 13.79 -12.56 -2.58
N GLY D 3158 14.38 -11.71 -1.74
CA GLY D 3158 15.83 -11.59 -1.74
C GLY D 3158 16.51 -12.86 -1.29
N GLN D 3159 15.96 -13.50 -0.25
CA GLN D 3159 16.53 -14.75 0.23
C GLN D 3159 16.43 -15.84 -0.82
N VAL D 3160 15.29 -15.92 -1.52
CA VAL D 3160 15.14 -16.92 -2.58
C VAL D 3160 16.12 -16.67 -3.70
N ASN D 3161 16.27 -15.41 -4.11
CA ASN D 3161 17.21 -15.09 -5.18
C ASN D 3161 18.64 -15.41 -4.78
N LEU D 3162 19.01 -15.09 -3.54
CA LEU D 3162 20.36 -15.39 -3.07
C LEU D 3162 20.60 -16.90 -3.03
N LEU D 3163 19.61 -17.66 -2.57
CA LEU D 3163 19.76 -19.12 -2.53
C LEU D 3163 19.90 -19.68 -3.93
N ILE D 3164 19.12 -19.17 -4.89
CA ILE D 3164 19.21 -19.65 -6.26
C ILE D 3164 20.59 -19.34 -6.82
N GLN D 3165 21.09 -18.13 -6.57
CA GLN D 3165 22.40 -17.74 -7.09
C GLN D 3165 23.50 -18.61 -6.50
N GLN D 3166 23.43 -18.89 -5.19
CA GLN D 3166 24.44 -19.75 -4.58
C GLN D 3166 24.36 -21.17 -5.12
N ALA D 3167 23.15 -21.70 -5.29
CA ALA D 3167 23.00 -23.08 -5.73
C ALA D 3167 23.47 -23.27 -7.17
N ILE D 3168 23.17 -22.31 -8.05
CA ILE D 3168 23.53 -22.44 -9.45
C ILE D 3168 24.90 -21.86 -9.79
N ASP D 3169 25.63 -21.35 -8.81
CA ASP D 3169 26.93 -20.76 -9.07
C ASP D 3169 27.97 -21.83 -9.40
N PRO D 3170 28.59 -21.80 -10.58
CA PRO D 3170 29.65 -22.77 -10.87
C PRO D 3170 30.83 -22.65 -9.94
N LYS D 3171 31.06 -21.47 -9.36
CA LYS D 3171 32.14 -21.33 -8.39
C LYS D 3171 31.91 -22.21 -7.18
N ASN D 3172 30.67 -22.22 -6.67
CA ASN D 3172 30.35 -23.08 -5.55
C ASN D 3172 30.30 -24.54 -5.97
N LEU D 3173 29.84 -24.82 -7.20
CA LEU D 3173 29.75 -26.20 -7.65
C LEU D 3173 31.13 -26.83 -7.87
N SER D 3174 32.13 -26.01 -8.21
CA SER D 3174 33.46 -26.55 -8.49
C SER D 3174 34.10 -27.18 -7.25
N ARG D 3175 33.91 -26.56 -6.09
CA ARG D 3175 34.56 -27.02 -4.87
C ARG D 3175 33.83 -28.17 -4.18
N LEU D 3176 32.68 -28.60 -4.71
CA LEU D 3176 31.93 -29.66 -4.07
C LEU D 3176 32.64 -31.01 -4.27
N PHE D 3177 32.18 -32.00 -3.51
CA PHE D 3177 32.79 -33.32 -3.56
C PHE D 3177 32.56 -33.96 -4.93
N PRO D 3178 33.59 -34.57 -5.53
CA PRO D 3178 33.41 -35.18 -6.85
C PRO D 3178 32.35 -36.27 -6.88
N GLY D 3179 32.16 -36.98 -5.77
CA GLY D 3179 31.10 -37.98 -5.70
C GLY D 3179 29.71 -37.41 -5.60
N TRP D 3180 29.59 -36.11 -5.33
CA TRP D 3180 28.28 -35.47 -5.29
C TRP D 3180 27.69 -35.29 -6.68
N LYS D 3181 28.51 -35.40 -7.73
CA LYS D 3181 28.09 -35.27 -9.12
C LYS D 3181 27.44 -33.89 -9.37
N ALA D 3182 28.26 -32.85 -9.18
CA ALA D 3182 27.78 -31.48 -9.40
C ALA D 3182 27.42 -31.26 -10.86
N TRP D 3183 28.24 -31.76 -11.78
CA TRP D 3183 27.96 -31.59 -13.21
C TRP D 3183 26.68 -32.31 -13.60
N VAL D 3184 26.42 -33.48 -13.02
CA VAL D 3184 25.17 -34.20 -13.27
C VAL D 3184 24.01 -33.45 -12.68
PG ANP E . 10.72 29.06 39.19
O1G ANP E . 11.54 27.92 38.75
O2G ANP E . 9.61 29.31 38.25
O3G ANP E . 10.24 28.85 40.58
PB ANP E . 13.14 30.78 38.87
O1B ANP E . 13.92 29.56 38.60
O2B ANP E . 13.61 31.55 40.05
N3B ANP E . 11.58 30.44 39.15
PA ANP E . 12.38 31.92 36.23
O1A ANP E . 11.01 31.40 36.37
O2A ANP E . 13.27 31.34 35.19
O3A ANP E . 13.12 31.85 37.64
O5' ANP E . 12.28 33.50 36.01
C5' ANP E . 11.79 34.35 37.06
C4' ANP E . 10.72 35.26 36.52
O4' ANP E . 11.17 35.83 35.26
C3' ANP E . 9.37 34.63 36.24
O3' ANP E . 8.31 35.55 36.49
C2' ANP E . 9.47 34.26 34.76
O2' ANP E . 8.18 34.25 34.14
C1' ANP E . 10.31 35.41 34.21
N9 ANP E . 11.14 35.04 33.06
C8 ANP E . 12.09 34.06 33.01
N7 ANP E . 12.68 33.94 31.84
C5 ANP E . 12.08 34.93 31.08
C6 ANP E . 12.26 35.33 29.73
N6 ANP E . 13.14 34.76 28.90
N1 ANP E . 11.50 36.34 29.28
C2 ANP E . 10.61 36.91 30.10
N3 ANP E . 10.36 36.63 31.39
C4 ANP E . 11.13 35.62 31.81
MG MG F . 9.69 29.75 36.21
ZN ZN G . -34.04 33.18 -5.99
PG ANP H . 25.17 -43.19 2.66
O1G ANP H . 24.06 -42.58 3.43
O2G ANP H . 24.99 -42.95 1.22
O3G ANP H . 26.47 -42.70 3.17
PB ANP H . 24.51 -45.82 3.92
O1B ANP H . 24.79 -45.32 5.28
O2B ANP H . 25.13 -47.14 3.64
N3B ANP H . 25.13 -44.82 2.79
PA ANP H . 21.74 -45.09 3.01
O1A ANP H . 22.26 -44.17 1.97
O2A ANP H . 21.00 -44.52 4.17
O3A ANP H . 22.94 -45.98 3.56
O5' ANP H . 20.84 -46.18 2.28
C5' ANP H . 21.47 -47.30 1.63
C4' ANP H . 20.81 -47.54 0.29
O4' ANP H . 19.38 -47.67 0.47
C3' ANP H . 21.01 -46.45 -0.76
O3' ANP H . 21.12 -47.02 -2.07
C2' ANP H . 19.75 -45.60 -0.61
O2' ANP H . 19.42 -44.95 -1.83
C1' ANP H . 18.71 -46.65 -0.24
N9 ANP H . 17.61 -46.14 0.58
C8 ANP H . 17.74 -45.51 1.80
N7 ANP H . 16.59 -45.16 2.33
C5 ANP H . 15.65 -45.59 1.40
C6 ANP H . 14.24 -45.52 1.36
N6 ANP H . 13.51 -44.95 2.33
N1 ANP H . 13.61 -46.03 0.29
C2 ANP H . 14.35 -46.59 -0.68
N3 ANP H . 15.67 -46.72 -0.76
C4 ANP H . 16.27 -46.19 0.32
MG MG I . 22.76 -42.21 1.51
ZN ZN J . -8.64 -16.33 -44.29
#